data_7SVV
#
_entry.id   7SVV
#
loop_
_entity.id
_entity.type
_entity.pdbx_description
1 polymer "DNA (5'-D(P*TP*TP*TP*TP*TP*TP*TP*TP*TP*TP*TP*TP*TP*TP*TP*TP*TP*TP*T)-3')"
2 polymer "DNA (5'-D(P*AP*AP*AP*AP*AP*AP*AP*AP*AP*AP*AP*AP*AP*AP*AP*AP*AP*AP*A)-3')"
3 polymer 'TnsC filament'
4 polymer TnsBctd
5 non-polymer 'PHOSPHOAMINOPHOSPHONIC ACID-ADENYLATE ESTER'
6 non-polymer 'MAGNESIUM ION'
#
loop_
_entity_poly.entity_id
_entity_poly.type
_entity_poly.pdbx_seq_one_letter_code
_entity_poly.pdbx_strand_id
1 'polydeoxyribonucleotide' (DT)(DT)(DT)(DT)(DT)(DT)(DT)(DT)(DT)(DT)(DT)(DT)(DT)(DT)(DT)(DT)(DT)(DT)(DT) 1
2 'polydeoxyribonucleotide'
;(DA)(DA)(DA)(DA)(DA)(DA)(DA)(DA)(DA)(DA)(DA)(DA)(DA)(DA)(DA)(DA)(DA)(DA)(DA)(DA)
(DA)(DA)
;
2
3 'polypeptide(L)'
;MTEAQAIAKQLGGVKPDDEWLQAEIARLKGKSIVPLQQVKTLHDWLDGKRKARKSCRVVGESRTGKTVACDAYRYRHKPQ
QEAGRPPTVPVVYIRPHQKCGPKDLFKKITEYLKYRVTKGTVSDFRDRTIEVLKGCGVEMLIIDEADRLKPETFADVRDI
AEDLGIAVVLVGTDRLDAVIKRDEQVLERFRAHLRFGKLSGEDFKNTVEMWEQMVLKLPVSSNLKSKEMLRILTSATEGY
IGRLDEILREAAIRSLSRGLKKIDKAVLQEVAKEYK
;
A,B,C,D,E,F,G,H,I,J
4 'polypeptide(L)' IEVWDYEQLREEYGF a,b,c,d,e,f,g,h,i,j
#
# COMPACT_ATOMS: atom_id res chain seq x y z
N GLU C 19 26.93 -38.42 -51.95
CA GLU C 19 26.67 -39.82 -51.71
C GLU C 19 25.18 -40.13 -51.75
N TRP C 20 24.77 -40.99 -52.69
CA TRP C 20 23.37 -41.35 -52.88
C TRP C 20 22.77 -41.95 -51.64
N LEU C 21 23.50 -42.84 -50.99
CA LEU C 21 22.96 -43.53 -49.85
C LEU C 21 22.60 -42.55 -48.76
N GLN C 22 23.45 -41.60 -48.39
CA GLN C 22 23.08 -40.62 -47.38
C GLN C 22 21.97 -39.66 -47.81
N ALA C 23 21.91 -39.34 -49.09
CA ALA C 23 20.89 -38.42 -49.58
C ALA C 23 19.51 -38.94 -49.28
N GLU C 24 19.36 -40.25 -49.47
CA GLU C 24 18.18 -41.05 -49.21
C GLU C 24 17.91 -41.35 -47.81
N ILE C 25 18.92 -41.72 -47.05
CA ILE C 25 18.67 -41.92 -45.65
C ILE C 25 18.16 -40.67 -44.95
N ALA C 26 18.72 -39.52 -45.28
CA ALA C 26 18.28 -38.24 -44.74
C ALA C 26 16.81 -38.00 -45.06
N ARG C 27 16.28 -38.60 -46.12
CA ARG C 27 14.90 -38.36 -46.49
C ARG C 27 13.95 -39.26 -45.76
N LEU C 28 14.33 -40.51 -45.64
CA LEU C 28 13.47 -41.52 -45.07
C LEU C 28 13.39 -41.25 -43.61
N LYS C 29 14.39 -40.65 -43.04
CA LYS C 29 14.38 -40.45 -41.62
C LYS C 29 13.57 -39.18 -41.30
N GLY C 30 13.00 -38.51 -42.29
CA GLY C 30 12.17 -37.34 -42.05
C GLY C 30 10.69 -37.47 -41.78
N LYS C 31 9.93 -36.37 -41.86
CA LYS C 31 8.50 -36.45 -41.57
C LYS C 31 7.65 -35.84 -42.68
N SER C 32 6.48 -36.43 -42.91
CA SER C 32 5.58 -35.92 -43.94
C SER C 32 4.13 -36.23 -43.61
N ILE C 33 3.19 -35.53 -44.25
CA ILE C 33 1.78 -35.77 -44.05
C ILE C 33 1.15 -36.39 -45.28
N VAL C 34 0.63 -37.60 -45.15
CA VAL C 34 -0.01 -38.28 -46.26
C VAL C 34 -1.50 -38.05 -46.21
N PRO C 35 -2.09 -37.60 -47.31
CA PRO C 35 -3.55 -37.43 -47.31
C PRO C 35 -4.21 -38.77 -47.05
N LEU C 36 -5.17 -38.81 -46.15
CA LEU C 36 -5.92 -40.01 -45.85
C LEU C 36 -7.37 -39.63 -45.67
N GLN C 37 -8.26 -40.60 -45.70
CA GLN C 37 -9.68 -40.31 -45.58
C GLN C 37 -10.08 -39.69 -44.24
N GLN C 38 -9.38 -40.04 -43.19
CA GLN C 38 -9.70 -39.58 -41.88
C GLN C 38 -9.37 -38.18 -41.86
N VAL C 39 -8.27 -37.84 -42.52
CA VAL C 39 -7.78 -36.47 -42.51
C VAL C 39 -8.68 -35.58 -43.30
N LYS C 40 -9.05 -35.99 -44.50
CA LYS C 40 -10.00 -35.21 -45.26
C LYS C 40 -11.31 -35.05 -44.54
N THR C 41 -11.81 -36.10 -43.91
CA THR C 41 -13.09 -36.01 -43.19
C THR C 41 -13.05 -34.95 -42.13
N LEU C 42 -11.98 -34.93 -41.35
CA LEU C 42 -11.86 -33.97 -40.28
C LEU C 42 -11.83 -32.57 -40.82
N HIS C 43 -11.10 -32.33 -41.90
CA HIS C 43 -11.01 -30.98 -42.40
C HIS C 43 -12.36 -30.44 -42.80
N ASP C 44 -13.16 -31.24 -43.48
CA ASP C 44 -14.51 -30.81 -43.84
C ASP C 44 -15.45 -30.66 -42.67
N TRP C 45 -15.35 -31.55 -41.69
CA TRP C 45 -16.16 -31.46 -40.48
C TRP C 45 -15.84 -30.23 -39.66
N LEU C 46 -14.57 -29.97 -39.42
CA LEU C 46 -14.18 -28.83 -38.65
C LEU C 46 -14.55 -27.62 -39.40
N ASP C 47 -14.41 -27.57 -40.70
CA ASP C 47 -14.72 -26.35 -41.40
C ASP C 47 -16.15 -26.05 -41.36
N GLY C 48 -16.97 -27.07 -41.30
CA GLY C 48 -18.38 -26.86 -41.19
C GLY C 48 -18.52 -26.14 -39.85
N LYS C 49 -17.99 -26.72 -38.80
CA LYS C 49 -18.14 -26.19 -37.53
C LYS C 49 -17.57 -24.85 -37.39
N ARG C 50 -16.47 -24.54 -38.00
CA ARG C 50 -15.97 -23.21 -37.89
C ARG C 50 -16.82 -22.12 -38.36
N LYS C 51 -17.61 -22.32 -39.39
CA LYS C 51 -18.37 -21.23 -39.98
C LYS C 51 -19.70 -21.10 -39.31
N ALA C 52 -20.05 -22.06 -38.48
CA ALA C 52 -21.31 -22.07 -37.82
C ALA C 52 -21.00 -21.62 -36.43
N ARG C 53 -19.73 -21.42 -36.13
CA ARG C 53 -19.26 -21.09 -34.82
C ARG C 53 -19.73 -22.03 -33.76
N LYS C 54 -19.65 -23.34 -33.92
CA LYS C 54 -20.07 -24.22 -32.85
C LYS C 54 -18.90 -24.97 -32.24
N SER C 55 -18.86 -25.27 -30.95
CA SER C 55 -17.81 -26.01 -30.26
C SER C 55 -18.12 -27.50 -30.40
N CYS C 56 -17.08 -28.32 -30.30
CA CYS C 56 -17.18 -29.75 -30.48
C CYS C 56 -15.94 -30.42 -29.96
N ARG C 57 -15.90 -31.74 -29.97
CA ARG C 57 -14.66 -32.40 -29.57
C ARG C 57 -14.26 -33.51 -30.51
N VAL C 58 -12.98 -33.86 -30.53
CA VAL C 58 -12.51 -34.96 -31.36
C VAL C 58 -11.84 -36.01 -30.50
N VAL C 59 -12.23 -37.26 -30.63
CA VAL C 59 -11.66 -38.30 -29.78
C VAL C 59 -11.16 -39.42 -30.66
N GLY C 60 -10.28 -40.24 -30.12
CA GLY C 60 -9.84 -41.44 -30.79
C GLY C 60 -8.64 -42.02 -30.09
N GLU C 61 -8.20 -43.19 -30.52
CA GLU C 61 -7.14 -43.94 -29.85
C GLU C 61 -5.78 -43.27 -30.03
N SER C 62 -4.84 -43.58 -29.16
CA SER C 62 -3.61 -42.80 -29.10
C SER C 62 -2.65 -42.74 -30.27
N ARG C 63 -2.76 -43.64 -31.24
CA ARG C 63 -1.90 -43.55 -32.41
C ARG C 63 -2.59 -43.44 -33.75
N THR C 64 -3.79 -42.89 -33.79
CA THR C 64 -4.51 -42.71 -35.03
C THR C 64 -4.14 -41.50 -35.86
N GLY C 65 -3.38 -40.56 -35.30
CA GLY C 65 -2.88 -39.45 -36.11
C GLY C 65 -3.77 -38.24 -36.03
N LYS C 66 -4.27 -37.97 -34.84
CA LYS C 66 -5.12 -36.85 -34.50
C LYS C 66 -4.39 -35.52 -34.52
N THR C 67 -3.26 -35.42 -33.84
CA THR C 67 -2.49 -34.19 -33.82
C THR C 67 -2.07 -33.72 -35.20
N VAL C 68 -1.51 -34.62 -35.98
CA VAL C 68 -1.19 -34.38 -37.39
C VAL C 68 -2.34 -33.96 -38.29
N ALA C 69 -3.49 -34.59 -38.17
CA ALA C 69 -4.66 -34.14 -38.93
C ALA C 69 -5.05 -32.68 -38.68
N CYS C 70 -4.89 -32.26 -37.43
CA CYS C 70 -5.14 -30.90 -36.90
C CYS C 70 -4.10 -29.91 -37.45
N ASP C 71 -2.82 -30.30 -37.46
CA ASP C 71 -1.75 -29.46 -38.06
C ASP C 71 -2.00 -29.29 -39.55
N ALA C 72 -2.42 -30.35 -40.22
CA ALA C 72 -2.63 -30.29 -41.63
C ALA C 72 -3.68 -29.24 -41.84
N TYR C 73 -4.68 -29.20 -40.97
CA TYR C 73 -5.68 -28.16 -41.09
C TYR C 73 -5.17 -26.78 -40.80
N ARG C 74 -4.45 -26.61 -39.71
CA ARG C 74 -3.96 -25.30 -39.35
C ARG C 74 -3.20 -24.68 -40.50
N TYR C 75 -2.36 -25.48 -41.14
CA TYR C 75 -1.49 -25.02 -42.20
C TYR C 75 -2.18 -24.63 -43.48
N ARG C 76 -3.46 -24.92 -43.60
CA ARG C 76 -4.13 -24.53 -44.82
C ARG C 76 -4.74 -23.14 -44.63
N HIS C 77 -4.62 -22.58 -43.43
CA HIS C 77 -5.22 -21.27 -43.13
C HIS C 77 -4.23 -20.33 -42.48
N LYS C 78 -3.34 -19.77 -43.29
CA LYS C 78 -2.24 -19.00 -42.74
C LYS C 78 -2.70 -17.65 -42.25
N PRO C 79 -2.00 -17.11 -41.25
CA PRO C 79 -2.25 -15.77 -40.73
C PRO C 79 -2.23 -14.77 -41.86
N GLN C 80 -3.07 -13.77 -41.90
CA GLN C 80 -2.93 -12.79 -42.97
C GLN C 80 -2.46 -11.42 -42.54
N GLN C 81 -1.74 -10.71 -43.41
CA GLN C 81 -1.15 -9.44 -42.99
C GLN C 81 -1.22 -8.28 -43.95
N GLU C 82 -1.69 -7.16 -43.41
CA GLU C 82 -1.84 -5.90 -44.13
C GLU C 82 -0.71 -4.97 -43.74
N ALA C 83 -0.67 -3.78 -44.31
CA ALA C 83 0.39 -2.86 -43.92
C ALA C 83 0.38 -2.38 -42.46
N GLY C 84 -0.79 -2.25 -41.85
CA GLY C 84 -0.79 -1.71 -40.51
C GLY C 84 -1.11 -2.59 -39.34
N ARG C 85 -2.36 -3.02 -39.26
CA ARG C 85 -2.89 -3.79 -38.14
C ARG C 85 -2.32 -5.18 -37.97
N PRO C 86 -2.45 -5.75 -36.78
CA PRO C 86 -2.05 -7.10 -36.36
C PRO C 86 -2.53 -8.14 -37.35
N PRO C 87 -1.88 -9.31 -37.40
CA PRO C 87 -2.15 -10.45 -38.22
C PRO C 87 -3.54 -10.87 -38.02
N THR C 88 -4.24 -11.33 -39.04
CA THR C 88 -5.55 -11.88 -38.83
C THR C 88 -5.25 -13.33 -38.69
N VAL C 89 -5.78 -14.00 -37.67
CA VAL C 89 -5.41 -15.39 -37.41
C VAL C 89 -6.63 -16.27 -37.20
N PRO C 90 -7.24 -16.73 -38.29
CA PRO C 90 -8.42 -17.57 -38.23
C PRO C 90 -8.33 -18.77 -37.30
N VAL C 91 -7.22 -19.50 -37.22
CA VAL C 91 -7.13 -20.67 -36.36
C VAL C 91 -6.00 -20.61 -35.34
N VAL C 92 -6.29 -20.80 -34.07
CA VAL C 92 -5.26 -20.85 -33.05
C VAL C 92 -5.10 -22.25 -32.49
N TYR C 93 -3.89 -22.79 -32.44
CA TYR C 93 -3.69 -24.15 -31.96
C TYR C 93 -2.73 -24.15 -30.80
N ILE C 94 -3.14 -24.69 -29.65
CA ILE C 94 -2.27 -24.73 -28.48
C ILE C 94 -2.20 -26.12 -27.85
N ARG C 95 -1.17 -26.41 -27.06
CA ARG C 95 -1.19 -27.65 -26.28
C ARG C 95 -0.80 -27.27 -24.86
N PRO C 96 -1.67 -27.55 -23.88
CA PRO C 96 -1.42 -27.24 -22.48
C PRO C 96 -0.40 -28.17 -21.84
N HIS C 97 0.28 -27.69 -20.80
CA HIS C 97 1.20 -28.52 -19.96
C HIS C 97 0.36 -29.31 -18.95
N GLN C 98 1.01 -30.15 -18.14
CA GLN C 98 0.27 -31.00 -17.17
C GLN C 98 -0.31 -30.17 -16.04
N LYS C 99 -1.54 -30.49 -15.62
CA LYS C 99 -2.25 -29.75 -14.55
C LYS C 99 -2.19 -28.26 -14.89
N CYS C 100 -2.64 -27.93 -16.10
CA CYS C 100 -2.64 -26.53 -16.64
C CYS C 100 -3.62 -25.65 -15.88
N GLY C 101 -3.26 -24.47 -15.44
CA GLY C 101 -4.21 -23.68 -14.70
C GLY C 101 -4.66 -22.51 -15.53
N PRO C 102 -5.52 -21.67 -14.99
CA PRO C 102 -6.05 -20.50 -15.63
C PRO C 102 -5.03 -19.50 -15.95
N LYS C 103 -3.90 -19.45 -15.27
CA LYS C 103 -2.95 -18.43 -15.63
C LYS C 103 -2.17 -18.80 -16.82
N ASP C 104 -2.13 -20.10 -17.10
CA ASP C 104 -1.25 -20.71 -18.11
C ASP C 104 -1.72 -20.70 -19.52
N LEU C 105 -3.02 -20.87 -19.64
CA LEU C 105 -3.79 -20.67 -20.85
C LEU C 105 -3.82 -19.32 -21.43
N PHE C 106 -3.91 -18.27 -20.65
CA PHE C 106 -3.92 -16.96 -21.22
C PHE C 106 -2.56 -16.66 -21.76
N LYS C 107 -1.49 -17.13 -21.11
CA LYS C 107 -0.18 -16.85 -21.55
C LYS C 107 -0.04 -17.50 -22.91
N LYS C 108 -0.42 -18.78 -23.08
CA LYS C 108 -0.15 -19.44 -24.39
C LYS C 108 -0.96 -18.78 -25.51
N ILE C 109 -2.21 -18.38 -25.23
CA ILE C 109 -3.05 -17.74 -26.30
C ILE C 109 -2.39 -16.45 -26.78
N THR C 110 -1.90 -15.66 -25.81
CA THR C 110 -1.24 -14.35 -26.03
C THR C 110 0.06 -14.54 -26.81
N GLU C 111 0.87 -15.55 -26.48
CA GLU C 111 2.15 -15.81 -27.18
C GLU C 111 1.87 -16.26 -28.62
N TYR C 112 0.88 -17.12 -28.73
CA TYR C 112 0.59 -17.66 -29.99
C TYR C 112 0.30 -16.51 -30.91
N LEU C 113 -0.45 -15.53 -30.50
CA LEU C 113 -0.76 -14.44 -31.41
C LEU C 113 0.30 -13.39 -31.56
N LYS C 114 1.46 -13.68 -31.01
CA LYS C 114 2.65 -12.84 -31.02
C LYS C 114 2.62 -11.54 -30.28
N TYR C 115 2.03 -11.53 -29.10
CA TYR C 115 2.07 -10.36 -28.24
C TYR C 115 2.98 -10.67 -27.07
N ARG C 116 3.65 -9.68 -26.52
CA ARG C 116 4.41 -9.92 -25.30
C ARG C 116 3.56 -10.05 -24.05
N VAL C 117 3.83 -11.06 -23.25
CA VAL C 117 3.18 -11.21 -21.98
C VAL C 117 3.91 -10.54 -20.84
N THR C 118 3.25 -9.61 -20.15
CA THR C 118 3.91 -8.90 -19.07
C THR C 118 3.41 -9.41 -17.71
N LYS C 119 4.08 -9.03 -16.63
CA LYS C 119 3.65 -9.42 -15.29
C LYS C 119 2.36 -8.77 -14.78
N GLY C 120 1.51 -9.59 -14.15
CA GLY C 120 0.26 -9.13 -13.54
C GLY C 120 -0.40 -10.32 -12.82
N THR C 121 -1.70 -10.22 -12.51
CA THR C 121 -2.39 -11.38 -11.88
C THR C 121 -3.37 -12.00 -12.88
N VAL C 122 -4.17 -13.00 -12.48
CA VAL C 122 -5.06 -13.69 -13.40
C VAL C 122 -6.03 -12.82 -14.09
N SER C 123 -6.62 -11.88 -13.41
CA SER C 123 -7.53 -11.01 -14.07
C SER C 123 -6.81 -10.16 -15.05
N ASP C 124 -5.53 -9.96 -14.91
CA ASP C 124 -4.90 -9.16 -15.93
C ASP C 124 -4.60 -9.97 -17.13
N PHE C 125 -4.23 -11.24 -16.97
CA PHE C 125 -4.00 -11.98 -18.20
C PHE C 125 -5.32 -12.14 -18.97
N ARG C 126 -6.40 -12.37 -18.25
CA ARG C 126 -7.72 -12.51 -18.84
C ARG C 126 -8.18 -11.29 -19.58
N ASP C 127 -8.06 -10.12 -19.03
CA ASP C 127 -8.54 -8.94 -19.70
C ASP C 127 -7.76 -8.74 -20.98
N ARG C 128 -6.45 -9.01 -20.93
CA ARG C 128 -5.54 -8.91 -22.08
C ARG C 128 -5.77 -9.94 -23.15
N THR C 129 -6.09 -11.17 -22.75
CA THR C 129 -6.44 -12.22 -23.70
C THR C 129 -7.65 -11.87 -24.47
N ILE C 130 -8.72 -11.38 -23.87
CA ILE C 130 -9.85 -10.97 -24.61
C ILE C 130 -9.49 -9.78 -25.51
N GLU C 131 -8.74 -8.75 -25.10
CA GLU C 131 -8.32 -7.76 -26.08
C GLU C 131 -7.51 -8.31 -27.27
N VAL C 132 -6.63 -9.31 -27.14
CA VAL C 132 -5.91 -9.69 -28.36
C VAL C 132 -6.77 -10.61 -29.23
N LEU C 133 -7.67 -11.37 -28.61
CA LEU C 133 -8.59 -12.25 -29.34
C LEU C 133 -9.55 -11.41 -30.19
N LYS C 134 -9.93 -10.22 -29.69
CA LYS C 134 -10.72 -9.26 -30.46
C LYS C 134 -9.77 -8.47 -31.38
N GLY C 135 -10.33 -7.97 -32.48
CA GLY C 135 -9.62 -7.14 -33.42
C GLY C 135 -8.89 -8.08 -34.35
N CYS C 136 -8.01 -8.88 -33.76
CA CYS C 136 -7.34 -9.92 -34.49
C CYS C 136 -8.40 -10.96 -34.79
N GLY C 137 -8.74 -11.21 -36.04
CA GLY C 137 -9.87 -12.08 -36.28
C GLY C 137 -9.37 -13.44 -35.79
N VAL C 138 -10.11 -14.06 -34.89
CA VAL C 138 -9.88 -15.44 -34.52
C VAL C 138 -11.26 -16.04 -34.59
N GLU C 139 -11.32 -17.15 -35.34
CA GLU C 139 -12.57 -17.88 -35.54
C GLU C 139 -12.59 -19.22 -34.81
N MET C 140 -11.46 -19.92 -34.74
CA MET C 140 -11.43 -21.20 -34.04
C MET C 140 -10.22 -21.40 -33.13
N LEU C 141 -10.45 -22.00 -31.96
CA LEU C 141 -9.38 -22.34 -31.03
C LEU C 141 -9.32 -23.87 -30.92
N ILE C 142 -8.15 -24.49 -31.18
CA ILE C 142 -8.05 -25.93 -31.00
C ILE C 142 -7.18 -26.31 -29.83
N ILE C 143 -7.69 -27.06 -28.88
CA ILE C 143 -6.88 -27.41 -27.72
C ILE C 143 -6.52 -28.86 -27.78
N ASP C 144 -5.24 -29.15 -27.96
CA ASP C 144 -4.75 -30.53 -27.99
C ASP C 144 -4.60 -31.05 -26.61
N GLU C 145 -4.54 -32.37 -26.46
CA GLU C 145 -4.48 -33.02 -25.15
C GLU C 145 -5.41 -32.34 -24.18
N ALA C 146 -6.69 -32.24 -24.50
CA ALA C 146 -7.59 -31.42 -23.70
C ALA C 146 -7.65 -31.81 -22.25
N ASP C 147 -7.47 -33.09 -21.95
CA ASP C 147 -7.51 -33.54 -20.58
C ASP C 147 -6.33 -33.18 -19.67
N ARG C 148 -5.39 -32.34 -20.11
CA ARG C 148 -4.44 -31.85 -19.19
C ARG C 148 -4.95 -30.69 -18.38
N LEU C 149 -6.11 -30.17 -18.73
CA LEU C 149 -6.64 -28.97 -18.10
C LEU C 149 -7.15 -29.32 -16.71
N LYS C 150 -6.94 -28.42 -15.77
CA LYS C 150 -7.54 -28.49 -14.47
C LYS C 150 -8.96 -28.17 -14.65
N PRO C 151 -9.88 -28.82 -13.92
CA PRO C 151 -11.28 -28.46 -13.94
C PRO C 151 -11.62 -27.01 -13.76
N GLU C 152 -10.91 -26.24 -12.99
CA GLU C 152 -11.27 -24.85 -12.87
C GLU C 152 -11.09 -24.08 -14.15
N THR C 153 -10.35 -24.59 -15.12
CA THR C 153 -10.08 -23.77 -16.30
C THR C 153 -11.23 -23.78 -17.22
N PHE C 154 -12.09 -24.76 -17.04
CA PHE C 154 -13.16 -24.95 -17.97
C PHE C 154 -14.13 -23.80 -17.87
N ALA C 155 -14.17 -23.14 -16.73
CA ALA C 155 -15.01 -21.98 -16.60
C ALA C 155 -14.55 -20.90 -17.57
N ASP C 156 -13.24 -20.77 -17.72
CA ASP C 156 -12.69 -19.74 -18.59
C ASP C 156 -12.80 -20.09 -20.07
N VAL C 157 -12.64 -21.37 -20.38
CA VAL C 157 -12.88 -21.85 -21.73
C VAL C 157 -14.31 -21.68 -22.21
N ARG C 158 -15.30 -22.00 -21.38
CA ARG C 158 -16.70 -21.86 -21.77
C ARG C 158 -17.06 -20.41 -21.97
N ASP C 159 -16.57 -19.55 -21.08
CA ASP C 159 -16.88 -18.13 -21.12
C ASP C 159 -16.43 -17.49 -22.42
N ILE C 160 -15.23 -17.85 -22.86
CA ILE C 160 -14.70 -17.39 -24.13
C ILE C 160 -15.56 -17.90 -25.29
N ALA C 161 -15.91 -19.18 -25.26
CA ALA C 161 -16.68 -19.76 -26.31
C ALA C 161 -17.99 -19.05 -26.35
N GLU C 162 -18.54 -18.63 -25.21
CA GLU C 162 -19.88 -17.99 -25.28
C GLU C 162 -19.78 -16.50 -25.63
N ASP C 163 -18.77 -15.82 -25.07
CA ASP C 163 -18.63 -14.33 -25.13
C ASP C 163 -18.16 -13.89 -26.52
N LEU C 164 -17.24 -14.65 -27.12
CA LEU C 164 -16.64 -14.30 -28.43
C LEU C 164 -17.11 -15.31 -29.49
N GLY C 165 -17.23 -14.91 -30.74
CA GLY C 165 -17.69 -15.85 -31.75
C GLY C 165 -16.56 -16.77 -32.11
N ILE C 166 -16.13 -17.57 -31.15
CA ILE C 166 -15.02 -18.48 -31.35
C ILE C 166 -15.47 -19.91 -31.13
N ALA C 167 -15.18 -20.80 -32.06
CA ALA C 167 -15.50 -22.20 -31.89
C ALA C 167 -14.33 -22.75 -31.12
N VAL C 168 -14.59 -23.60 -30.14
CA VAL C 168 -13.53 -24.23 -29.39
C VAL C 168 -13.63 -25.70 -29.63
N VAL C 169 -12.52 -26.32 -30.03
CA VAL C 169 -12.47 -27.75 -30.29
C VAL C 169 -11.57 -28.44 -29.29
N LEU C 170 -12.07 -29.46 -28.60
CA LEU C 170 -11.25 -30.22 -27.65
C LEU C 170 -10.80 -31.52 -28.27
N VAL C 171 -9.51 -31.76 -28.35
CA VAL C 171 -8.98 -32.97 -28.97
C VAL C 171 -8.42 -33.91 -27.93
N GLY C 172 -8.76 -35.18 -27.96
CA GLY C 172 -8.13 -36.11 -27.00
C GLY C 172 -8.43 -37.60 -27.09
N THR C 173 -8.02 -38.39 -26.08
CA THR C 173 -8.25 -39.82 -25.96
C THR C 173 -9.54 -40.11 -25.14
N ASP C 174 -9.87 -41.40 -24.94
CA ASP C 174 -11.09 -41.81 -24.25
C ASP C 174 -11.16 -41.38 -22.78
N ARG C 175 -10.03 -41.10 -22.20
CA ARG C 175 -10.07 -40.53 -20.91
C ARG C 175 -10.71 -39.19 -20.94
N LEU C 176 -10.68 -38.48 -22.05
CA LEU C 176 -11.22 -37.12 -22.08
C LEU C 176 -12.66 -37.20 -21.73
N ASP C 177 -13.38 -38.12 -22.34
CA ASP C 177 -14.77 -38.22 -22.02
C ASP C 177 -15.03 -38.61 -20.61
N ALA C 178 -14.20 -39.44 -20.02
CA ALA C 178 -14.38 -39.67 -18.61
C ALA C 178 -14.22 -38.39 -17.84
N VAL C 179 -13.34 -37.49 -18.22
CA VAL C 179 -13.27 -36.25 -17.47
C VAL C 179 -14.42 -35.33 -17.77
N ILE C 180 -14.76 -35.18 -19.04
CA ILE C 180 -15.82 -34.26 -19.42
C ILE C 180 -17.15 -34.61 -18.80
N LYS C 181 -17.51 -35.87 -18.71
CA LYS C 181 -18.81 -36.25 -18.15
C LYS C 181 -18.94 -36.03 -16.66
N ARG C 182 -17.90 -35.51 -16.06
CA ARG C 182 -17.95 -35.18 -14.65
C ARG C 182 -18.69 -33.88 -14.44
N ASP C 183 -18.89 -33.08 -15.49
CA ASP C 183 -19.52 -31.79 -15.30
C ASP C 183 -20.58 -31.50 -16.30
N GLU C 184 -21.81 -31.40 -15.88
CA GLU C 184 -22.86 -31.18 -16.82
C GLU C 184 -22.69 -29.99 -17.66
N GLN C 185 -22.18 -28.89 -17.17
CA GLN C 185 -22.16 -27.70 -18.00
C GLN C 185 -21.27 -27.83 -19.14
N VAL C 186 -20.13 -28.44 -18.98
CA VAL C 186 -19.19 -28.70 -20.05
C VAL C 186 -19.60 -29.75 -20.97
N LEU C 187 -20.15 -30.82 -20.48
CA LEU C 187 -20.58 -31.87 -21.35
C LEU C 187 -21.49 -31.38 -22.38
N GLU C 188 -22.42 -30.50 -22.03
CA GLU C 188 -23.32 -29.82 -22.94
C GLU C 188 -22.78 -28.83 -23.90
N ARG C 189 -21.75 -28.07 -23.57
CA ARG C 189 -21.22 -27.17 -24.57
C ARG C 189 -20.61 -28.02 -25.66
N PHE C 190 -19.94 -29.11 -25.27
CA PHE C 190 -19.14 -29.91 -26.20
C PHE C 190 -19.72 -31.25 -26.56
N ARG C 191 -21.03 -31.30 -26.67
CA ARG C 191 -21.75 -32.52 -27.02
C ARG C 191 -21.46 -33.21 -28.35
N ALA C 192 -21.37 -32.47 -29.45
CA ALA C 192 -21.03 -33.05 -30.76
C ALA C 192 -19.61 -33.51 -30.86
N HIS C 193 -19.37 -34.61 -31.56
CA HIS C 193 -18.03 -35.17 -31.58
C HIS C 193 -17.73 -35.89 -32.86
N LEU C 194 -16.46 -36.03 -33.20
CA LEU C 194 -16.04 -36.90 -34.29
C LEU C 194 -15.04 -37.87 -33.73
N ARG C 195 -15.05 -39.12 -34.19
CA ARG C 195 -14.12 -40.12 -33.71
C ARG C 195 -13.17 -40.72 -34.73
N PHE C 196 -11.89 -40.83 -34.37
CA PHE C 196 -10.89 -41.49 -35.19
C PHE C 196 -10.71 -42.92 -34.72
N GLY C 197 -10.48 -43.84 -35.64
CA GLY C 197 -10.20 -45.20 -35.23
C GLY C 197 -9.12 -45.90 -36.02
N LYS C 198 -9.04 -47.21 -35.87
CA LYS C 198 -8.03 -48.01 -36.54
C LYS C 198 -8.35 -48.26 -37.99
N LEU C 199 -7.33 -48.58 -38.78
CA LEU C 199 -7.49 -49.07 -40.15
C LEU C 199 -7.73 -50.55 -40.25
N SER C 200 -8.50 -50.98 -41.24
CA SER C 200 -8.72 -52.39 -41.44
C SER C 200 -9.07 -52.76 -42.86
N GLY C 201 -9.06 -54.06 -43.14
CA GLY C 201 -9.53 -54.55 -44.42
C GLY C 201 -8.89 -53.92 -45.61
N GLU C 202 -9.71 -53.44 -46.54
CA GLU C 202 -9.23 -52.75 -47.72
C GLU C 202 -8.52 -51.47 -47.46
N ASP C 203 -8.91 -50.77 -46.41
CA ASP C 203 -8.33 -49.49 -46.09
C ASP C 203 -6.92 -49.57 -45.59
N PHE C 204 -6.65 -50.52 -44.73
CA PHE C 204 -5.31 -50.78 -44.32
C PHE C 204 -4.44 -51.24 -45.48
N LYS C 205 -4.87 -52.23 -46.24
CA LYS C 205 -4.14 -52.61 -47.44
C LYS C 205 -3.81 -51.57 -48.50
N ASN C 206 -4.75 -50.73 -48.85
CA ASN C 206 -4.56 -49.62 -49.81
C ASN C 206 -3.58 -48.59 -49.22
N THR C 207 -3.62 -48.39 -47.90
CA THR C 207 -2.72 -47.42 -47.22
C THR C 207 -1.25 -47.87 -47.34
N VAL C 208 -1.09 -49.18 -47.17
CA VAL C 208 0.19 -49.79 -47.18
C VAL C 208 0.69 -49.50 -48.54
N GLU C 209 -0.13 -49.78 -49.55
CA GLU C 209 0.30 -49.51 -50.91
C GLU C 209 0.58 -48.03 -51.09
N MET C 210 -0.23 -47.14 -50.55
CA MET C 210 0.07 -45.73 -50.74
C MET C 210 1.44 -45.46 -50.20
N TRP C 211 1.79 -46.01 -49.05
CA TRP C 211 2.98 -45.64 -48.34
C TRP C 211 4.17 -46.08 -49.03
N GLU C 212 4.05 -47.17 -49.75
CA GLU C 212 5.15 -47.65 -50.51
C GLU C 212 5.46 -46.78 -51.73
N GLN C 213 4.42 -46.41 -52.48
CA GLN C 213 4.63 -45.62 -53.69
C GLN C 213 4.77 -44.17 -53.36
N MET C 214 4.02 -43.69 -52.39
CA MET C 214 4.04 -42.26 -52.08
C MET C 214 5.13 -41.82 -51.08
N VAL C 215 5.54 -42.69 -50.16
CA VAL C 215 6.56 -42.32 -49.19
C VAL C 215 7.94 -42.99 -49.27
N LEU C 216 7.98 -44.32 -49.35
CA LEU C 216 9.26 -45.02 -49.36
C LEU C 216 10.10 -44.87 -50.63
N LYS C 217 9.46 -45.09 -51.78
CA LYS C 217 10.10 -44.90 -53.08
C LYS C 217 11.45 -45.56 -53.33
N LEU C 218 11.59 -46.83 -53.02
CA LEU C 218 12.88 -47.49 -53.17
C LEU C 218 13.10 -47.82 -54.64
N PRO C 219 14.35 -47.98 -55.07
CA PRO C 219 14.67 -48.17 -56.49
C PRO C 219 13.90 -49.28 -57.17
N VAL C 220 13.65 -50.36 -56.45
CA VAL C 220 12.89 -51.48 -56.96
C VAL C 220 11.46 -51.64 -56.45
N SER C 221 11.32 -51.47 -55.13
CA SER C 221 10.11 -51.49 -54.26
C SER C 221 9.83 -52.94 -53.85
N SER C 222 8.88 -53.14 -52.95
CA SER C 222 8.74 -54.46 -52.34
C SER C 222 7.45 -55.20 -52.65
N ASN C 223 6.47 -54.51 -53.23
CA ASN C 223 5.13 -55.05 -53.43
C ASN C 223 4.43 -55.46 -52.12
N LEU C 224 4.32 -54.53 -51.17
CA LEU C 224 3.75 -54.86 -49.87
C LEU C 224 2.27 -55.18 -49.79
N LYS C 225 1.55 -55.23 -50.90
CA LYS C 225 0.15 -55.60 -50.82
C LYS C 225 -0.05 -57.05 -51.10
N SER C 226 1.04 -57.78 -51.22
CA SER C 226 0.97 -59.22 -51.36
C SER C 226 0.54 -59.88 -50.09
N LYS C 227 -0.02 -61.06 -50.17
CA LYS C 227 -0.55 -61.68 -48.98
C LYS C 227 0.49 -61.92 -47.90
N GLU C 228 1.68 -62.32 -48.31
CA GLU C 228 2.74 -62.65 -47.37
C GLU C 228 3.26 -61.49 -46.55
N MET C 229 3.32 -60.32 -47.16
CA MET C 229 3.81 -59.14 -46.48
C MET C 229 2.74 -58.46 -45.68
N LEU C 230 1.51 -58.50 -46.15
CA LEU C 230 0.47 -57.87 -45.37
C LEU C 230 0.30 -58.61 -44.10
N ARG C 231 0.41 -59.93 -44.08
CA ARG C 231 0.31 -60.63 -42.81
C ARG C 231 1.32 -60.16 -41.82
N ILE C 232 2.53 -59.88 -42.26
CA ILE C 232 3.54 -59.46 -41.34
C ILE C 232 3.20 -58.12 -40.78
N LEU C 233 2.85 -57.16 -41.64
CA LEU C 233 2.46 -55.83 -41.24
C LEU C 233 1.22 -55.74 -40.42
N THR C 234 0.23 -56.56 -40.75
CA THR C 234 -1.00 -56.52 -39.99
C THR C 234 -0.76 -56.93 -38.58
N SER C 235 -0.03 -58.02 -38.39
CA SER C 235 0.23 -58.47 -37.04
C SER C 235 1.10 -57.48 -36.31
N ALA C 236 2.08 -56.91 -36.99
CA ALA C 236 2.94 -55.92 -36.38
C ALA C 236 2.31 -54.58 -36.03
N THR C 237 1.37 -54.11 -36.85
CA THR C 237 0.81 -52.76 -36.67
C THR C 237 -0.59 -52.60 -36.10
N GLU C 238 -1.39 -53.65 -36.19
CA GLU C 238 -2.77 -53.70 -35.70
C GLU C 238 -3.63 -52.52 -36.13
N GLY C 239 -3.38 -51.99 -37.32
CA GLY C 239 -4.13 -50.87 -37.87
C GLY C 239 -3.83 -49.45 -37.42
N TYR C 240 -2.80 -49.23 -36.64
CA TYR C 240 -2.56 -47.87 -36.19
C TYR C 240 -1.68 -47.27 -37.24
N ILE C 241 -1.98 -46.05 -37.68
CA ILE C 241 -1.15 -45.43 -38.67
C ILE C 241 0.19 -45.11 -38.12
N GLY C 242 0.29 -44.77 -36.87
CA GLY C 242 1.55 -44.52 -36.15
C GLY C 242 2.47 -45.71 -36.14
N ARG C 243 1.95 -46.89 -36.03
CA ARG C 243 2.80 -48.02 -36.05
C ARG C 243 3.21 -48.34 -37.44
N LEU C 244 2.33 -48.25 -38.41
CA LEU C 244 2.71 -48.55 -39.75
C LEU C 244 3.78 -47.67 -40.24
N ASP C 245 3.73 -46.39 -40.00
CA ASP C 245 4.76 -45.54 -40.46
C ASP C 245 6.07 -45.85 -39.85
N GLU C 246 6.17 -46.03 -38.56
CA GLU C 246 7.48 -46.28 -37.96
C GLU C 246 8.09 -47.51 -38.46
N ILE C 247 7.32 -48.57 -38.51
CA ILE C 247 7.84 -49.80 -38.99
C ILE C 247 8.28 -49.79 -40.40
N LEU C 248 7.57 -49.23 -41.35
CA LEU C 248 8.10 -49.24 -42.71
C LEU C 248 9.29 -48.37 -42.85
N ARG C 249 9.38 -47.26 -42.19
CA ARG C 249 10.56 -46.46 -42.30
C ARG C 249 11.77 -47.11 -41.67
N GLU C 250 11.62 -47.78 -40.52
CA GLU C 250 12.77 -48.41 -39.86
C GLU C 250 13.25 -49.50 -40.82
N ALA C 251 12.36 -50.30 -41.41
CA ALA C 251 12.73 -51.26 -42.42
C ALA C 251 13.32 -50.70 -43.71
N ALA C 252 12.85 -49.60 -44.27
CA ALA C 252 13.58 -49.09 -45.45
C ALA C 252 14.98 -48.59 -45.14
N ILE C 253 15.23 -47.91 -44.05
CA ILE C 253 16.58 -47.38 -43.84
C ILE C 253 17.51 -48.51 -43.45
N ARG C 254 17.02 -49.54 -42.76
CA ARG C 254 17.90 -50.65 -42.38
C ARG C 254 18.31 -51.34 -43.62
N SER C 255 17.35 -51.55 -44.46
CA SER C 255 17.54 -52.22 -45.77
C SER C 255 18.52 -51.45 -46.67
N LEU C 256 18.36 -50.15 -46.78
CA LEU C 256 19.37 -49.44 -47.56
C LEU C 256 20.75 -49.44 -47.01
N SER C 257 20.86 -49.48 -45.71
CA SER C 257 22.19 -49.37 -45.14
C SER C 257 22.99 -50.63 -45.54
N ARG C 258 22.26 -51.68 -45.90
CA ARG C 258 22.81 -52.99 -46.24
C ARG C 258 22.88 -53.21 -47.75
N GLY C 259 22.65 -52.16 -48.52
CA GLY C 259 22.82 -52.22 -49.96
C GLY C 259 21.68 -52.84 -50.73
N LEU C 260 20.49 -52.87 -50.14
CA LEU C 260 19.34 -53.46 -50.82
C LEU C 260 18.57 -52.37 -51.55
N LYS C 261 17.84 -52.77 -52.58
CA LYS C 261 16.91 -51.88 -53.26
C LYS C 261 15.44 -52.09 -52.94
N LYS C 262 15.14 -52.98 -51.99
CA LYS C 262 13.77 -53.20 -51.56
C LYS C 262 13.71 -53.79 -50.16
N ILE C 263 12.55 -53.73 -49.52
CA ILE C 263 12.31 -54.43 -48.25
C ILE C 263 11.88 -55.87 -48.51
N ASP C 264 12.62 -56.81 -47.94
CA ASP C 264 12.24 -58.22 -47.98
C ASP C 264 11.59 -58.66 -46.69
N LYS C 265 11.11 -59.90 -46.67
CA LYS C 265 10.63 -60.55 -45.45
C LYS C 265 11.55 -60.72 -44.24
N ALA C 266 12.77 -61.16 -44.40
CA ALA C 266 13.61 -61.26 -43.22
C ALA C 266 13.91 -59.92 -42.55
N VAL C 267 14.14 -58.86 -43.31
CA VAL C 267 14.48 -57.55 -42.66
C VAL C 267 13.22 -57.03 -41.96
N LEU C 268 12.07 -57.15 -42.63
CA LEU C 268 10.79 -56.61 -42.10
C LEU C 268 10.46 -57.34 -40.80
N GLN C 269 10.62 -58.67 -40.78
CA GLN C 269 10.38 -59.48 -39.57
C GLN C 269 11.42 -59.14 -38.50
N GLU C 270 12.67 -58.94 -38.93
CA GLU C 270 13.78 -58.55 -38.03
C GLU C 270 13.39 -57.27 -37.28
N VAL C 271 12.83 -56.29 -37.99
CA VAL C 271 12.38 -55.02 -37.35
C VAL C 271 11.13 -55.29 -36.49
N ALA C 272 10.14 -55.99 -37.06
CA ALA C 272 8.84 -56.16 -36.36
C ALA C 272 9.07 -56.84 -35.00
N LYS C 273 10.02 -57.77 -34.93
CA LYS C 273 10.27 -58.57 -33.70
C LYS C 273 10.86 -57.69 -32.59
N GLU C 274 11.32 -56.48 -32.95
CA GLU C 274 11.93 -55.54 -31.96
C GLU C 274 10.82 -54.71 -31.28
N TYR C 275 9.57 -54.91 -31.69
CA TYR C 275 8.44 -54.15 -31.11
C TYR C 275 7.44 -55.13 -30.48
N ILE D 1 -0.75 -38.96 -55.83
CA ILE D 1 -1.28 -38.11 -54.80
C ILE D 1 -0.10 -37.34 -54.20
N GLU D 2 -0.29 -36.04 -54.01
CA GLU D 2 0.78 -35.22 -53.47
C GLU D 2 0.93 -35.50 -51.99
N VAL D 3 2.17 -35.51 -51.51
CA VAL D 3 2.41 -35.63 -50.09
C VAL D 3 3.16 -34.40 -49.59
N TRP D 4 2.78 -33.88 -48.44
CA TRP D 4 3.46 -32.69 -47.95
C TRP D 4 4.60 -32.98 -47.03
N ASP D 5 5.71 -32.32 -47.27
CA ASP D 5 6.82 -32.48 -46.38
C ASP D 5 6.43 -31.72 -45.13
N TYR D 6 6.58 -32.33 -43.97
CA TYR D 6 6.18 -31.68 -42.73
C TYR D 6 7.01 -30.44 -42.47
N GLU D 7 8.31 -30.52 -42.68
CA GLU D 7 9.16 -29.40 -42.33
C GLU D 7 8.87 -28.23 -43.27
N GLN D 8 8.57 -28.56 -44.53
CA GLN D 8 8.13 -27.55 -45.46
C GLN D 8 6.91 -26.75 -45.02
N LEU D 9 5.89 -27.44 -44.53
CA LEU D 9 4.66 -26.75 -44.18
C LEU D 9 5.01 -25.76 -43.06
N ARG D 10 5.86 -26.19 -42.15
CA ARG D 10 6.41 -25.37 -41.07
C ARG D 10 7.29 -24.19 -41.46
N GLU D 11 8.26 -24.41 -42.35
CA GLU D 11 9.10 -23.33 -42.90
C GLU D 11 8.34 -22.28 -43.67
N GLU D 12 7.27 -22.69 -44.34
CA GLU D 12 6.41 -21.75 -45.02
C GLU D 12 5.36 -21.10 -44.10
N TYR D 13 5.38 -21.37 -42.80
CA TYR D 13 4.38 -20.76 -41.93
C TYR D 13 4.44 -19.27 -41.62
N GLY D 14 3.24 -18.70 -41.44
CA GLY D 14 3.07 -17.29 -41.19
C GLY D 14 3.75 -16.94 -39.88
N GLU E 19 -28.66 -11.70 -53.01
CA GLU E 19 -28.85 -13.12 -53.06
C GLU E 19 -29.76 -13.59 -51.95
N TRP E 20 -30.90 -14.19 -52.32
CA TRP E 20 -31.92 -14.66 -51.37
C TRP E 20 -31.35 -15.67 -50.42
N LEU E 21 -30.56 -16.60 -50.92
CA LEU E 21 -30.07 -17.66 -50.08
C LEU E 21 -29.23 -17.10 -48.97
N GLN E 22 -28.28 -16.20 -49.22
CA GLN E 22 -27.50 -15.62 -48.13
C GLN E 22 -28.31 -14.73 -47.20
N ALA E 23 -29.32 -14.06 -47.71
CA ALA E 23 -30.13 -13.19 -46.87
C ALA E 23 -30.76 -13.94 -45.74
N GLU E 24 -31.22 -15.15 -46.08
CA GLU E 24 -31.81 -16.13 -45.19
C GLU E 24 -30.88 -16.86 -44.34
N ILE E 25 -29.77 -17.30 -44.87
CA ILE E 25 -28.81 -17.95 -44.01
C ILE E 25 -28.31 -17.02 -42.90
N ALA E 26 -28.07 -15.76 -43.21
CA ALA E 26 -27.67 -14.78 -42.22
C ALA E 26 -28.70 -14.63 -41.13
N ARG E 27 -29.96 -14.96 -41.40
CA ARG E 27 -31.00 -14.81 -40.40
C ARG E 27 -31.10 -16.00 -39.49
N LEU E 28 -31.00 -17.17 -40.08
CA LEU E 28 -31.20 -18.41 -39.36
C LEU E 28 -30.02 -18.59 -38.47
N LYS E 29 -28.89 -18.06 -38.85
CA LYS E 29 -27.72 -18.28 -38.04
C LYS E 29 -27.68 -17.28 -36.88
N GLY E 30 -28.70 -16.43 -36.74
CA GLY E 30 -28.77 -15.50 -35.62
C GLY E 30 -29.41 -15.90 -34.31
N LYS E 31 -29.70 -14.94 -33.44
CA LYS E 31 -30.29 -15.28 -32.14
C LYS E 31 -31.55 -14.49 -31.85
N SER E 32 -32.51 -15.13 -31.18
CA SER E 32 -33.76 -14.47 -30.82
C SER E 32 -34.36 -15.05 -29.55
N ILE E 33 -35.28 -14.31 -28.93
CA ILE E 33 -35.97 -14.79 -27.74
C ILE E 33 -37.42 -15.10 -28.03
N VAL E 34 -37.81 -16.35 -27.87
CA VAL E 34 -39.19 -16.75 -28.08
C VAL E 34 -39.95 -16.75 -26.79
N PRO E 35 -41.10 -16.07 -26.74
CA PRO E 35 -41.88 -16.10 -25.50
C PRO E 35 -42.28 -17.52 -25.20
N LEU E 36 -42.10 -17.96 -23.96
CA LEU E 36 -42.49 -19.27 -23.53
C LEU E 36 -43.09 -19.15 -22.14
N GLN E 37 -43.79 -20.19 -21.69
CA GLN E 37 -44.44 -20.13 -20.40
C GLN E 37 -43.48 -20.00 -19.22
N GLN E 38 -42.28 -20.54 -19.35
CA GLN E 38 -41.33 -20.54 -18.29
C GLN E 38 -40.88 -19.17 -18.18
N VAL E 39 -40.74 -18.51 -19.32
CA VAL E 39 -40.22 -17.16 -19.34
C VAL E 39 -41.21 -16.19 -18.77
N LYS E 40 -42.46 -16.28 -19.19
CA LYS E 40 -43.48 -15.44 -18.59
C LYS E 40 -43.61 -15.68 -17.10
N THR E 41 -43.55 -16.93 -16.66
CA THR E 41 -43.68 -17.21 -15.23
C THR E 41 -42.62 -16.51 -14.44
N LEU E 42 -41.38 -16.59 -14.90
CA LEU E 42 -40.28 -15.98 -14.20
C LEU E 42 -40.47 -14.49 -14.12
N HIS E 43 -40.89 -13.85 -15.19
CA HIS E 43 -41.00 -12.40 -15.17
C HIS E 43 -41.99 -11.96 -14.12
N ASP E 44 -43.12 -12.62 -14.03
CA ASP E 44 -44.11 -12.28 -13.00
C ASP E 44 -43.65 -12.60 -11.59
N TRP E 45 -42.97 -13.72 -11.41
CA TRP E 45 -42.43 -14.09 -10.11
C TRP E 45 -41.38 -13.13 -9.61
N LEU E 46 -40.41 -12.79 -10.46
CA LEU E 46 -39.38 -11.89 -10.09
C LEU E 46 -39.98 -10.57 -9.84
N ASP E 47 -40.95 -10.13 -10.60
CA ASP E 47 -41.48 -8.79 -10.36
C ASP E 47 -42.21 -8.71 -9.10
N GLY E 48 -42.79 -9.80 -8.68
CA GLY E 48 -43.46 -9.82 -7.41
C GLY E 48 -42.34 -9.55 -6.43
N LYS E 49 -41.29 -10.35 -6.48
CA LYS E 49 -40.25 -10.23 -5.56
C LYS E 49 -39.59 -8.93 -5.60
N ARG E 50 -39.40 -8.32 -6.72
CA ARG E 50 -38.81 -7.02 -6.71
C ARG E 50 -39.48 -5.97 -5.96
N LYS E 51 -40.78 -5.95 -5.89
CA LYS E 51 -41.50 -4.85 -5.28
C LYS E 51 -41.68 -5.09 -3.82
N ALA E 52 -41.38 -6.30 -3.38
CA ALA E 52 -41.56 -6.67 -2.01
C ALA E 52 -40.18 -6.61 -1.42
N ARG E 53 -39.19 -6.33 -2.25
CA ARG E 53 -37.80 -6.35 -1.88
C ARG E 53 -37.37 -7.61 -1.20
N LYS E 54 -37.69 -8.79 -1.71
CA LYS E 54 -37.22 -9.99 -1.07
C LYS E 54 -36.19 -10.74 -1.91
N SER E 55 -35.17 -11.39 -1.36
CA SER E 55 -34.16 -12.16 -2.07
C SER E 55 -34.70 -13.57 -2.29
N CYS E 56 -34.18 -14.24 -3.31
CA CYS E 56 -34.64 -15.55 -3.71
C CYS E 56 -33.63 -16.18 -4.64
N ARG E 57 -33.83 -17.42 -5.05
CA ARG E 57 -32.94 -18.00 -6.02
C ARG E 57 -33.67 -18.72 -7.13
N VAL E 58 -33.01 -18.89 -8.27
CA VAL E 58 -33.62 -19.61 -9.39
C VAL E 58 -32.72 -20.77 -9.77
N VAL E 59 -33.26 -21.97 -9.87
CA VAL E 59 -32.44 -23.13 -10.17
C VAL E 59 -33.05 -23.86 -11.33
N GLY E 60 -32.27 -24.68 -11.99
CA GLY E 60 -32.77 -25.56 -13.02
C GLY E 60 -31.63 -26.17 -13.80
N GLU E 61 -31.94 -27.10 -14.70
CA GLU E 61 -30.93 -27.86 -15.42
C GLU E 61 -30.18 -26.99 -16.45
N SER E 62 -29.00 -27.42 -16.85
CA SER E 62 -28.14 -26.54 -17.61
C SER E 62 -28.53 -26.03 -18.98
N ARG E 63 -29.52 -26.61 -19.63
CA ARG E 63 -29.97 -26.05 -20.91
C ARG E 63 -31.44 -25.65 -21.00
N THR E 64 -32.04 -25.27 -19.89
CA THR E 64 -33.42 -24.82 -19.88
C THR E 64 -33.66 -23.38 -20.28
N GLY E 65 -32.63 -22.57 -20.35
CA GLY E 65 -32.80 -21.22 -20.88
C GLY E 65 -33.04 -20.20 -19.79
N LYS E 66 -32.31 -20.37 -18.70
CA LYS E 66 -32.31 -19.51 -17.52
C LYS E 66 -31.70 -18.15 -17.77
N THR E 67 -30.50 -18.12 -18.32
CA THR E 67 -29.83 -16.86 -18.61
C THR E 67 -30.63 -15.96 -19.52
N VAL E 68 -31.11 -16.49 -20.62
CA VAL E 68 -32.00 -15.82 -21.54
C VAL E 68 -33.31 -15.30 -20.95
N ALA E 69 -33.98 -16.09 -20.12
CA ALA E 69 -35.17 -15.59 -19.42
C ALA E 69 -34.93 -14.34 -18.59
N CYS E 70 -33.76 -14.28 -17.96
CA CYS E 70 -33.23 -13.18 -17.13
C CYS E 70 -32.92 -11.95 -17.98
N ASP E 71 -32.28 -12.15 -19.13
CA ASP E 71 -32.01 -11.04 -20.09
C ASP E 71 -33.33 -10.47 -20.60
N ALA E 72 -34.30 -11.32 -20.89
CA ALA E 72 -35.54 -10.88 -21.43
C ALA E 72 -36.13 -9.97 -20.39
N TYR E 73 -35.98 -10.32 -19.12
CA TYR E 73 -36.46 -9.43 -18.08
C TYR E 73 -35.69 -8.14 -17.97
N ARG E 74 -34.38 -8.21 -17.95
CA ARG E 74 -33.59 -7.00 -17.82
C ARG E 74 -33.98 -5.98 -18.86
N TYR E 75 -34.16 -6.44 -20.08
CA TYR E 75 -34.44 -5.57 -21.22
C TYR E 75 -35.80 -4.93 -21.19
N ARG E 76 -36.68 -5.33 -20.29
CA ARG E 76 -37.97 -4.69 -20.27
C ARG E 76 -37.92 -3.51 -19.29
N HIS E 77 -36.78 -3.31 -18.63
CA HIS E 77 -36.66 -2.25 -17.63
C HIS E 77 -35.40 -1.42 -17.85
N LYS E 78 -35.46 -0.53 -18.83
CA LYS E 78 -34.26 0.18 -19.25
C LYS E 78 -33.89 1.26 -18.26
N PRO E 79 -32.60 1.57 -18.17
CA PRO E 79 -32.08 2.65 -17.33
C PRO E 79 -32.82 3.93 -17.67
N GLN E 80 -33.15 4.79 -16.72
CA GLN E 80 -33.77 6.04 -17.12
C GLN E 80 -32.91 7.27 -16.91
N GLN E 81 -33.08 8.29 -17.74
CA GLN E 81 -32.19 9.45 -17.68
C GLN E 81 -32.81 10.83 -17.80
N GLU E 82 -32.44 11.67 -16.84
CA GLU E 82 -32.90 13.05 -16.72
C GLU E 82 -31.79 13.96 -17.21
N ALA E 83 -32.01 15.27 -17.21
CA ALA E 83 -30.95 16.16 -17.63
C ALA E 83 -29.68 16.18 -16.74
N GLY E 84 -29.82 15.97 -15.44
CA GLY E 84 -28.66 16.10 -14.60
C GLY E 84 -28.04 14.87 -13.99
N ARG E 85 -28.75 14.26 -13.04
CA ARG E 85 -28.28 13.15 -12.25
C ARG E 85 -28.06 11.85 -13.01
N PRO E 86 -27.27 10.95 -12.44
CA PRO E 86 -26.95 9.60 -12.93
C PRO E 86 -28.20 8.84 -13.31
N PRO E 87 -28.07 7.84 -14.19
CA PRO E 87 -29.08 6.96 -14.69
C PRO E 87 -29.77 6.32 -13.57
N THR E 88 -31.07 6.09 -13.64
CA THR E 88 -31.72 5.34 -12.62
C THR E 88 -31.71 3.97 -13.19
N VAL E 89 -31.30 2.96 -12.42
CA VAL E 89 -31.13 1.62 -12.96
C VAL E 89 -31.79 0.57 -12.10
N PRO E 90 -33.08 0.37 -12.29
CA PRO E 90 -33.85 -0.60 -11.51
C PRO E 90 -33.26 -2.00 -11.44
N VAL E 91 -32.70 -2.56 -12.51
CA VAL E 91 -32.15 -3.91 -12.45
C VAL E 91 -30.69 -4.01 -12.84
N VAL E 92 -29.85 -4.61 -12.00
CA VAL E 92 -28.45 -4.82 -12.34
C VAL E 92 -28.14 -6.28 -12.55
N TYR E 93 -27.53 -6.65 -13.67
CA TYR E 93 -27.26 -8.05 -13.96
C TYR E 93 -25.78 -8.26 -14.15
N ILE E 94 -25.18 -9.16 -13.37
CA ILE E 94 -23.75 -9.44 -13.50
C ILE E 94 -23.44 -10.93 -13.61
N ARG E 95 -22.28 -11.30 -14.12
CA ARG E 95 -21.86 -12.70 -14.05
C ARG E 95 -20.44 -12.71 -13.54
N PRO E 96 -20.19 -13.38 -12.40
CA PRO E 96 -18.86 -13.47 -11.82
C PRO E 96 -17.92 -14.40 -12.57
N HIS E 97 -16.61 -14.17 -12.45
CA HIS E 97 -15.56 -15.08 -12.99
C HIS E 97 -15.36 -16.24 -12.02
N GLN E 98 -14.49 -17.18 -12.36
CA GLN E 98 -14.26 -18.37 -11.50
C GLN E 98 -13.54 -17.99 -10.22
N LYS E 99 -13.94 -18.58 -9.09
CA LYS E 99 -13.35 -18.28 -7.76
C LYS E 99 -13.33 -16.77 -7.58
N CYS E 100 -14.50 -16.15 -7.73
CA CYS E 100 -14.70 -14.67 -7.64
C CYS E 100 -14.49 -14.19 -6.21
N GLY E 101 -13.72 -13.16 -5.97
CA GLY E 101 -13.52 -12.74 -4.59
C GLY E 101 -14.25 -11.45 -4.33
N PRO E 102 -14.15 -10.93 -3.13
CA PRO E 102 -14.77 -9.70 -2.69
C PRO E 102 -14.26 -8.53 -3.43
N LYS E 103 -13.08 -8.53 -3.98
CA LYS E 103 -12.65 -7.34 -4.67
C LYS E 103 -13.25 -7.24 -6.02
N ASP E 104 -13.68 -8.39 -6.54
CA ASP E 104 -14.10 -8.54 -7.93
C ASP E 104 -15.50 -8.19 -8.27
N LEU E 105 -16.36 -8.47 -7.32
CA LEU E 105 -17.73 -8.04 -7.26
C LEU E 105 -17.99 -6.59 -7.17
N PHE E 106 -17.23 -5.84 -6.41
CA PHE E 106 -17.46 -4.43 -6.35
C PHE E 106 -17.08 -3.80 -7.65
N LYS E 107 -16.03 -4.30 -8.30
CA LYS E 107 -15.61 -3.74 -9.53
C LYS E 107 -16.74 -3.93 -10.51
N LYS E 108 -17.32 -5.15 -10.63
CA LYS E 108 -18.34 -5.36 -11.71
C LYS E 108 -19.58 -4.50 -11.44
N ILE E 109 -19.99 -4.37 -10.16
CA ILE E 109 -21.21 -3.56 -9.84
C ILE E 109 -21.01 -2.11 -10.28
N THR E 110 -19.81 -1.59 -9.97
CA THR E 110 -19.40 -0.19 -10.27
C THR E 110 -19.32 0.03 -11.78
N GLU E 111 -18.77 -0.93 -12.54
CA GLU E 111 -18.67 -0.79 -14.02
C GLU E 111 -20.07 -0.84 -14.65
N TYR E 112 -20.86 -1.75 -14.13
CA TYR E 112 -22.14 -1.93 -14.67
C TYR E 112 -22.84 -0.61 -14.61
N LEU E 113 -22.76 0.11 -13.51
CA LEU E 113 -23.48 1.36 -13.43
C LEU E 113 -22.83 2.54 -14.09
N LYS E 114 -21.78 2.26 -14.83
CA LYS E 114 -20.97 3.21 -15.58
C LYS E 114 -20.17 4.22 -14.83
N TYR E 115 -19.54 3.81 -13.75
CA TYR E 115 -18.62 4.67 -13.02
C TYR E 115 -17.22 4.15 -13.26
N ARG E 116 -16.23 5.01 -13.25
CA ARG E 116 -14.86 4.52 -13.30
C ARG E 116 -14.35 3.92 -12.01
N VAL E 117 -13.72 2.77 -12.11
CA VAL E 117 -13.09 2.16 -10.97
C VAL E 117 -11.63 2.56 -10.79
N THR E 118 -11.29 3.14 -9.65
CA THR E 118 -9.92 3.59 -9.45
C THR E 118 -9.20 2.65 -8.48
N LYS E 119 -7.88 2.77 -8.38
CA LYS E 119 -7.11 1.96 -7.45
C LYS E 119 -7.30 2.25 -5.96
N GLY E 120 -7.42 1.18 -5.16
CA GLY E 120 -7.55 1.27 -3.70
C GLY E 120 -7.55 -0.13 -3.13
N THR E 121 -8.00 -0.33 -1.88
CA THR E 121 -8.09 -1.68 -1.30
C THR E 121 -9.56 -2.11 -1.18
N VAL E 122 -9.87 -3.29 -0.60
CA VAL E 122 -11.24 -3.78 -0.53
C VAL E 122 -12.18 -2.88 0.14
N SER E 123 -11.79 -2.27 1.23
CA SER E 123 -12.69 -1.37 1.86
C SER E 123 -12.94 -0.18 1.02
N ASP E 124 -12.06 0.13 0.09
CA ASP E 124 -12.39 1.28 -0.72
C ASP E 124 -13.33 0.90 -1.80
N PHE E 125 -13.21 -0.30 -2.37
CA PHE E 125 -14.20 -0.61 -3.39
C PHE E 125 -15.60 -0.71 -2.75
N ARG E 126 -15.66 -1.28 -1.55
CA ARG E 126 -16.92 -1.42 -0.82
C ARG E 126 -17.56 -0.10 -0.49
N ASP E 127 -16.84 0.85 0.01
CA ASP E 127 -17.45 2.11 0.38
C ASP E 127 -18.01 2.78 -0.85
N ARG E 128 -17.28 2.68 -1.97
CA ARG E 128 -17.69 3.23 -3.28
C ARG E 128 -18.84 2.55 -3.91
N THR E 129 -18.91 1.22 -3.79
CA THR E 129 -20.07 0.46 -4.26
C THR E 129 -21.31 0.86 -3.56
N ILE E 130 -21.34 1.01 -2.26
CA ILE E 130 -22.50 1.46 -1.60
C ILE E 130 -22.82 2.91 -2.04
N GLU E 131 -21.90 3.85 -2.15
CA GLU E 131 -22.28 5.14 -2.74
C GLU E 131 -22.89 5.07 -4.16
N VAL E 132 -22.45 4.20 -5.07
CA VAL E 132 -23.10 4.30 -6.38
C VAL E 132 -24.45 3.57 -6.38
N LEU E 133 -24.59 2.54 -5.52
CA LEU E 133 -25.85 1.81 -5.39
C LEU E 133 -26.92 2.72 -4.81
N LYS E 134 -26.53 3.65 -3.94
CA LYS E 134 -27.43 4.69 -3.42
C LYS E 134 -27.50 5.83 -4.45
N GLY E 135 -28.62 6.55 -4.42
CA GLY E 135 -28.82 7.71 -5.26
C GLY E 135 -29.33 7.18 -6.58
N CYS E 136 -28.51 6.37 -7.21
CA CYS E 136 -28.90 5.69 -8.41
C CYS E 136 -29.91 4.66 -7.98
N GLY E 137 -31.16 4.74 -8.41
CA GLY E 137 -32.14 3.83 -7.85
C GLY E 137 -31.70 2.47 -8.38
N VAL E 138 -31.49 1.52 -7.48
CA VAL E 138 -31.30 0.13 -7.86
C VAL E 138 -32.25 -0.59 -6.93
N GLU E 139 -33.08 -1.42 -7.55
CA GLU E 139 -34.06 -2.22 -6.84
C GLU E 139 -33.72 -3.71 -6.82
N MET E 140 -33.15 -4.23 -7.89
CA MET E 140 -32.80 -5.66 -7.90
C MET E 140 -31.41 -5.96 -8.48
N LEU E 141 -30.70 -6.90 -7.86
CA LEU E 141 -29.40 -7.35 -8.35
C LEU E 141 -29.54 -8.83 -8.76
N ILE E 142 -29.20 -9.18 -10.01
CA ILE E 142 -29.25 -10.59 -10.39
C ILE E 142 -27.88 -11.17 -10.61
N ILE E 143 -27.53 -12.23 -9.91
CA ILE E 143 -26.21 -12.80 -10.06
C ILE E 143 -26.28 -14.11 -10.80
N ASP E 144 -25.75 -14.17 -12.00
CA ASP E 144 -25.76 -15.39 -12.79
C ASP E 144 -24.64 -16.28 -12.35
N GLU E 145 -24.72 -17.57 -12.68
CA GLU E 145 -23.74 -18.55 -12.23
C GLU E 145 -23.35 -18.32 -10.80
N ALA E 146 -24.32 -18.30 -9.89
CA ALA E 146 -24.04 -17.87 -8.53
C ALA E 146 -22.97 -18.67 -7.85
N ASP E 147 -22.84 -19.94 -8.19
CA ASP E 147 -21.84 -20.79 -7.58
C ASP E 147 -20.38 -20.55 -7.98
N ARG E 148 -20.06 -19.51 -8.74
CA ARG E 148 -18.71 -19.20 -8.91
C ARG E 148 -18.13 -18.39 -7.77
N LEU E 149 -18.97 -17.95 -6.86
CA LEU E 149 -18.55 -17.07 -5.77
C LEU E 149 -17.78 -17.87 -4.74
N LYS E 150 -16.75 -17.28 -4.19
CA LYS E 150 -16.03 -17.80 -3.06
C LYS E 150 -16.95 -17.63 -1.91
N PRO E 151 -16.98 -18.58 -0.96
CA PRO E 151 -17.71 -18.42 0.27
C PRO E 151 -17.51 -17.15 1.03
N GLU E 152 -16.36 -16.55 1.06
CA GLU E 152 -16.23 -15.32 1.78
C GLU E 152 -17.03 -14.19 1.20
N THR E 153 -17.48 -14.28 -0.05
CA THR E 153 -18.13 -13.13 -0.64
C THR E 153 -19.52 -13.02 -0.19
N PHE E 154 -20.04 -14.11 0.35
CA PHE E 154 -21.43 -14.15 0.69
C PHE E 154 -21.69 -13.22 1.84
N ALA E 155 -20.68 -12.94 2.65
CA ALA E 155 -20.84 -11.98 3.72
C ALA E 155 -21.18 -10.63 3.13
N ASP E 156 -20.55 -10.28 2.03
CA ASP E 156 -20.76 -8.97 1.41
C ASP E 156 -22.07 -8.89 0.65
N VAL E 157 -22.46 -9.99 0.02
CA VAL E 157 -23.77 -10.08 -0.62
C VAL E 157 -24.93 -9.97 0.36
N ARG E 158 -24.87 -10.65 1.51
CA ARG E 158 -25.95 -10.58 2.49
C ARG E 158 -26.07 -9.19 3.07
N ASP E 159 -24.93 -8.58 3.36
CA ASP E 159 -24.88 -7.26 3.97
C ASP E 159 -25.57 -6.22 3.12
N ILE E 160 -25.32 -6.27 1.82
CA ILE E 160 -25.97 -5.39 0.85
C ILE E 160 -27.46 -5.64 0.83
N ALA E 161 -27.87 -6.91 0.78
CA ALA E 161 -29.25 -7.26 0.72
C ALA E 161 -29.89 -6.74 1.97
N GLU E 162 -29.21 -6.74 3.10
CA GLU E 162 -29.91 -6.30 4.33
C GLU E 162 -29.88 -4.77 4.48
N ASP E 163 -28.74 -4.16 4.13
CA ASP E 163 -28.46 -2.71 4.38
C ASP E 163 -29.23 -1.82 3.41
N LEU E 164 -29.33 -2.25 2.14
CA LEU E 164 -29.99 -1.45 1.08
C LEU E 164 -31.29 -2.15 0.65
N GLY E 165 -32.31 -1.43 0.22
CA GLY E 165 -33.53 -2.08 -0.18
C GLY E 165 -33.35 -2.70 -1.54
N ILE E 166 -32.47 -3.69 -1.61
CA ILE E 166 -32.17 -4.34 -2.86
C ILE E 166 -32.48 -5.81 -2.77
N ALA E 167 -33.24 -6.35 -3.72
CA ALA E 167 -33.51 -7.77 -3.76
C ALA E 167 -32.33 -8.37 -4.46
N VAL E 168 -31.83 -9.49 -3.98
CA VAL E 168 -30.74 -10.17 -4.63
C VAL E 168 -31.25 -11.50 -5.09
N VAL E 169 -31.06 -11.83 -6.35
CA VAL E 169 -31.48 -13.09 -6.91
C VAL E 169 -30.28 -13.93 -7.32
N LEU E 170 -30.17 -15.16 -6.83
CA LEU E 170 -29.10 -16.05 -7.23
C LEU E 170 -29.56 -17.04 -8.27
N VAL E 171 -28.93 -17.08 -9.43
CA VAL E 171 -29.35 -17.98 -10.50
C VAL E 171 -28.35 -19.10 -10.68
N GLY E 172 -28.78 -20.34 -10.77
CA GLY E 172 -27.82 -21.41 -11.04
C GLY E 172 -28.32 -22.84 -11.25
N THR E 173 -27.41 -23.83 -11.28
CA THR E 173 -27.69 -25.25 -11.41
C THR E 173 -27.81 -25.93 -10.03
N ASP E 174 -28.06 -27.24 -10.00
CA ASP E 174 -28.26 -28.01 -8.76
C ASP E 174 -27.03 -28.03 -7.85
N ARG E 175 -25.87 -27.80 -8.39
CA ARG E 175 -24.76 -27.65 -7.55
C ARG E 175 -24.91 -26.46 -6.67
N LEU E 176 -25.68 -25.45 -7.07
CA LEU E 176 -25.76 -24.22 -6.28
C LEU E 176 -26.31 -24.59 -4.95
N ASP E 177 -27.35 -25.37 -4.92
CA ASP E 177 -27.90 -25.75 -3.66
C ASP E 177 -26.98 -26.57 -2.83
N ALA E 178 -26.17 -27.40 -3.41
CA ALA E 178 -25.18 -28.07 -2.62
C ALA E 178 -24.25 -27.05 -2.01
N VAL E 179 -23.90 -25.97 -2.68
CA VAL E 179 -23.03 -25.02 -2.02
C VAL E 179 -23.77 -24.21 -0.98
N ILE E 180 -24.95 -23.74 -1.31
CA ILE E 180 -25.71 -22.90 -0.39
C ILE E 180 -26.01 -23.58 0.92
N LYS E 181 -26.36 -24.86 0.92
CA LYS E 181 -26.70 -25.54 2.15
C LYS E 181 -25.54 -25.79 3.07
N ARG E 182 -24.37 -25.34 2.68
CA ARG E 182 -23.21 -25.44 3.53
C ARG E 182 -23.23 -24.38 4.58
N ASP E 183 -24.05 -23.34 4.44
CA ASP E 183 -24.02 -22.25 5.40
C ASP E 183 -25.38 -21.82 5.83
N GLU E 184 -25.72 -22.02 7.07
CA GLU E 184 -27.04 -21.66 7.52
C GLU E 184 -27.42 -20.26 7.27
N GLN E 185 -26.54 -19.29 7.40
CA GLN E 185 -26.99 -17.92 7.29
C GLN E 185 -27.44 -17.60 5.93
N VAL E 186 -26.76 -18.08 4.93
CA VAL E 186 -27.15 -17.87 3.54
C VAL E 186 -28.31 -18.67 3.12
N LEU E 187 -28.40 -19.89 3.53
CA LEU E 187 -29.53 -20.68 3.15
C LEU E 187 -30.79 -20.04 3.51
N GLU E 188 -30.88 -19.42 4.68
CA GLU E 188 -32.00 -18.64 5.12
C GLU E 188 -32.31 -17.34 4.47
N ARG E 189 -31.33 -16.58 4.00
CA ARG E 189 -31.68 -15.37 3.30
C ARG E 189 -32.37 -15.79 2.02
N PHE E 190 -31.88 -16.84 1.38
CA PHE E 190 -32.31 -17.21 0.03
C PHE E 190 -33.16 -18.45 -0.04
N ARG E 191 -33.99 -18.65 0.96
CA ARG E 191 -34.89 -19.79 1.03
C ARG E 191 -35.92 -20.02 -0.07
N ALA E 192 -36.63 -18.97 -0.50
CA ALA E 192 -37.59 -19.10 -1.60
C ALA E 192 -36.96 -19.32 -2.94
N HIS E 193 -37.58 -20.12 -3.80
CA HIS E 193 -36.93 -20.48 -5.05
C HIS E 193 -37.93 -20.74 -6.14
N LEU E 194 -37.51 -20.60 -7.39
CA LEU E 194 -38.31 -21.06 -8.52
C LEU E 194 -37.45 -22.01 -9.32
N ARG E 195 -38.05 -23.06 -9.88
CA ARG E 195 -37.31 -24.02 -10.66
C ARG E 195 -37.71 -24.17 -12.12
N PHE E 196 -36.72 -24.21 -13.01
CA PHE E 196 -36.92 -24.46 -14.44
C PHE E 196 -36.69 -25.93 -14.73
N GLY E 197 -37.47 -26.51 -15.62
CA GLY E 197 -37.22 -27.88 -16.01
C GLY E 197 -37.36 -28.16 -17.49
N LYS E 198 -37.43 -29.44 -17.83
CA LYS E 198 -37.53 -29.87 -19.21
C LYS E 198 -38.94 -29.72 -19.75
N LEU E 199 -39.05 -29.65 -21.08
CA LEU E 199 -40.34 -29.73 -21.80
C LEU E 199 -40.81 -31.15 -22.04
N SER E 200 -42.12 -31.35 -22.04
CA SER E 200 -42.66 -32.65 -22.33
C SER E 200 -44.05 -32.64 -22.88
N GLY E 201 -44.50 -33.78 -23.39
CA GLY E 201 -45.88 -33.93 -23.79
C GLY E 201 -46.38 -32.90 -24.74
N GLU E 202 -47.51 -32.29 -24.42
CA GLU E 202 -48.07 -31.23 -25.23
C GLU E 202 -47.23 -30.00 -25.32
N ASP E 203 -46.48 -29.70 -24.29
CA ASP E 203 -45.68 -28.51 -24.25
C ASP E 203 -44.50 -28.54 -25.16
N PHE E 204 -43.81 -29.66 -25.20
CA PHE E 204 -42.77 -29.85 -26.16
C PHE E 204 -43.30 -29.83 -27.58
N LYS E 205 -44.33 -30.60 -27.89
CA LYS E 205 -44.94 -30.51 -29.21
C LYS E 205 -45.45 -29.17 -29.73
N ASN E 206 -46.10 -28.40 -28.91
CA ASN E 206 -46.58 -27.03 -29.26
C ASN E 206 -45.38 -26.10 -29.48
N THR E 207 -44.29 -26.31 -28.73
CA THR E 207 -43.07 -25.48 -28.84
C THR E 207 -42.43 -25.68 -30.21
N VAL E 208 -42.42 -26.94 -30.63
CA VAL E 208 -41.81 -27.36 -31.84
C VAL E 208 -42.59 -26.62 -32.86
N GLU E 209 -43.91 -26.68 -32.79
CA GLU E 209 -44.71 -25.97 -33.76
C GLU E 209 -44.46 -24.49 -33.67
N MET E 210 -44.32 -23.90 -32.50
CA MET E 210 -44.06 -22.48 -32.45
C MET E 210 -42.80 -22.20 -33.21
N TRP E 211 -41.77 -23.02 -33.08
CA TRP E 211 -40.46 -22.72 -33.58
C TRP E 211 -40.43 -22.77 -35.03
N GLU E 212 -41.26 -23.60 -35.59
CA GLU E 212 -41.34 -23.70 -37.01
C GLU E 212 -42.01 -22.49 -37.64
N GLN E 213 -43.13 -22.04 -37.08
CA GLN E 213 -43.86 -20.91 -37.65
C GLN E 213 -43.26 -19.62 -37.21
N MET E 214 -42.81 -19.56 -35.97
CA MET E 214 -42.31 -18.29 -35.45
C MET E 214 -40.81 -18.01 -35.69
N VAL E 215 -39.99 -19.05 -35.80
CA VAL E 215 -38.55 -18.86 -36.05
C VAL E 215 -37.97 -19.29 -37.39
N LEU E 216 -38.24 -20.52 -37.82
CA LEU E 216 -37.65 -21.02 -39.07
C LEU E 216 -38.17 -20.39 -40.35
N LYS E 217 -39.49 -20.34 -40.48
CA LYS E 217 -40.16 -19.69 -41.60
C LYS E 217 -39.72 -20.06 -43.02
N LEU E 218 -39.60 -21.35 -43.32
CA LEU E 218 -39.11 -21.76 -44.63
C LEU E 218 -40.24 -21.60 -45.65
N PRO E 219 -39.91 -21.48 -46.93
CA PRO E 219 -40.90 -21.19 -47.97
C PRO E 219 -42.09 -22.14 -47.99
N VAL E 220 -41.82 -23.41 -47.70
CA VAL E 220 -42.86 -24.43 -47.65
C VAL E 220 -43.28 -24.91 -46.27
N SER E 221 -42.26 -25.15 -45.44
CA SER E 221 -42.24 -25.59 -44.01
C SER E 221 -42.32 -27.11 -43.96
N SER E 222 -42.16 -27.70 -42.78
CA SER E 222 -41.98 -29.14 -42.71
C SER E 222 -43.08 -29.92 -42.02
N ASN E 223 -43.98 -29.22 -41.32
CA ASN E 223 -45.00 -29.85 -40.48
C ASN E 223 -44.40 -30.71 -39.36
N LEU E 224 -43.54 -30.13 -38.53
CA LEU E 224 -42.86 -30.89 -37.49
C LEU E 224 -43.69 -31.42 -36.33
N LYS E 225 -45.00 -31.23 -36.32
CA LYS E 225 -45.79 -31.78 -35.24
C LYS E 225 -46.37 -33.11 -35.61
N SER E 226 -45.99 -33.62 -36.75
CA SER E 226 -46.38 -34.96 -37.17
C SER E 226 -45.71 -36.00 -36.34
N LYS E 227 -46.30 -37.17 -36.24
CA LYS E 227 -45.74 -38.18 -35.37
C LYS E 227 -44.34 -38.58 -35.74
N GLU E 228 -44.07 -38.69 -37.02
CA GLU E 228 -42.76 -39.14 -37.50
C GLU E 228 -41.59 -38.21 -37.19
N MET E 229 -41.85 -36.92 -37.23
CA MET E 229 -40.83 -35.93 -36.96
C MET E 229 -40.67 -35.67 -35.50
N LEU E 230 -41.74 -35.72 -34.74
CA LEU E 230 -41.59 -35.50 -33.34
C LEU E 230 -40.79 -36.60 -32.74
N ARG E 231 -40.94 -37.84 -33.19
CA ARG E 231 -40.09 -38.88 -32.64
C ARG E 231 -38.65 -38.59 -32.83
N ILE E 232 -38.28 -38.04 -33.97
CA ILE E 232 -36.89 -37.79 -34.21
C ILE E 232 -36.40 -36.72 -33.29
N LEU E 233 -37.11 -35.61 -33.18
CA LEU E 233 -36.77 -34.52 -32.29
C LEU E 233 -36.81 -34.84 -30.84
N THR E 234 -37.78 -35.64 -30.42
CA THR E 234 -37.84 -36.00 -29.02
C THR E 234 -36.63 -36.77 -28.61
N SER E 235 -36.25 -37.76 -29.40
CA SER E 235 -35.10 -38.54 -29.05
C SER E 235 -33.84 -37.71 -29.12
N ALA E 236 -33.75 -36.85 -30.12
CA ALA E 236 -32.60 -35.97 -30.23
C ALA E 236 -32.44 -34.89 -29.18
N THR E 237 -33.55 -34.33 -28.70
CA THR E 237 -33.48 -33.17 -27.78
C THR E 237 -33.78 -33.38 -26.31
N GLU E 238 -34.50 -34.44 -25.98
CA GLU E 238 -34.88 -34.81 -24.61
C GLU E 238 -35.51 -33.68 -23.82
N GLY E 239 -36.24 -32.80 -24.48
CA GLY E 239 -36.90 -31.68 -23.85
C GLY E 239 -36.13 -30.43 -23.48
N TYR E 240 -34.88 -30.31 -23.87
CA TYR E 240 -34.15 -29.12 -23.46
C TYR E 240 -34.40 -28.13 -24.55
N ILE E 241 -34.72 -26.89 -24.21
CA ILE E 241 -34.94 -25.90 -25.22
C ILE E 241 -33.69 -25.58 -25.94
N GLY E 242 -32.56 -25.62 -25.29
CA GLY E 242 -31.23 -25.41 -25.89
C GLY E 242 -30.91 -26.44 -26.97
N ARG E 243 -31.31 -27.66 -26.79
CA ARG E 243 -31.05 -28.60 -27.81
C ARG E 243 -31.99 -28.45 -28.94
N LEU E 244 -33.25 -28.19 -28.68
CA LEU E 244 -34.18 -28.03 -29.76
C LEU E 244 -33.82 -26.91 -30.65
N ASP E 245 -33.43 -25.78 -30.13
CA ASP E 245 -33.07 -24.70 -30.98
C ASP E 245 -31.90 -25.00 -31.83
N GLU E 246 -30.83 -25.55 -31.30
CA GLU E 246 -29.65 -25.79 -32.13
C GLU E 246 -29.92 -26.72 -33.21
N ILE E 247 -30.59 -27.80 -32.90
CA ILE E 247 -30.88 -28.77 -33.90
C ILE E 247 -31.78 -28.29 -34.98
N LEU E 248 -32.86 -27.57 -34.74
CA LEU E 248 -33.66 -27.11 -35.86
C LEU E 248 -32.95 -26.09 -36.68
N ARG E 249 -32.17 -25.22 -36.10
CA ARG E 249 -31.46 -24.28 -36.92
C ARG E 249 -30.37 -24.92 -37.74
N GLU E 250 -29.65 -25.91 -37.23
CA GLU E 250 -28.58 -26.55 -37.99
C GLU E 250 -29.27 -27.24 -39.17
N ALA E 251 -30.39 -27.94 -38.96
CA ALA E 251 -31.16 -28.50 -40.04
C ALA E 251 -31.78 -27.52 -41.02
N ALA E 252 -32.30 -26.38 -40.64
CA ALA E 252 -32.76 -25.45 -41.69
C ALA E 252 -31.63 -24.89 -42.55
N ILE E 253 -30.49 -24.52 -42.00
CA ILE E 253 -29.47 -23.91 -42.86
C ILE E 253 -28.83 -24.98 -43.73
N ARG E 254 -28.72 -26.22 -43.25
CA ARG E 254 -28.11 -27.27 -44.07
C ARG E 254 -29.00 -27.50 -45.23
N SER E 255 -30.27 -27.57 -44.93
CA SER E 255 -31.33 -27.80 -45.93
C SER E 255 -31.37 -26.68 -46.98
N LEU E 256 -31.32 -25.43 -46.57
CA LEU E 256 -31.26 -24.40 -47.59
C LEU E 256 -30.05 -24.38 -48.44
N SER E 257 -28.93 -24.79 -47.88
CA SER E 257 -27.71 -24.69 -48.64
C SER E 257 -27.79 -25.65 -49.83
N ARG E 258 -28.68 -26.63 -49.70
CA ARG E 258 -28.88 -27.70 -50.69
C ARG E 258 -30.09 -27.46 -51.57
N GLY E 259 -30.67 -26.27 -51.49
CA GLY E 259 -31.73 -25.88 -52.39
C GLY E 259 -33.11 -26.39 -52.01
N LEU E 260 -33.31 -26.75 -50.75
CA LEU E 260 -34.60 -27.25 -50.32
C LEU E 260 -35.45 -26.12 -49.77
N LYS E 261 -36.76 -26.29 -49.81
CA LYS E 261 -37.68 -25.36 -49.15
C LYS E 261 -38.29 -25.85 -47.85
N LYS E 262 -37.84 -27.01 -47.37
CA LYS E 262 -38.30 -27.51 -46.08
C LYS E 262 -37.30 -28.50 -45.47
N ILE E 263 -37.44 -28.78 -44.19
CA ILE E 263 -36.67 -29.85 -43.54
C ILE E 263 -37.36 -31.20 -43.70
N ASP E 264 -36.65 -32.16 -44.28
CA ASP E 264 -37.14 -33.53 -44.37
C ASP E 264 -36.54 -34.41 -43.29
N LYS E 265 -37.01 -35.65 -43.22
CA LYS E 265 -36.40 -36.69 -42.39
C LYS E 265 -34.94 -37.07 -42.56
N ALA E 266 -34.45 -37.29 -43.77
CA ALA E 266 -33.04 -37.62 -43.87
C ALA E 266 -32.11 -36.52 -43.41
N VAL E 267 -32.40 -35.26 -43.71
CA VAL E 267 -31.47 -34.16 -43.30
C VAL E 267 -31.52 -34.04 -41.77
N LEU E 268 -32.73 -34.10 -41.20
CA LEU E 268 -32.93 -33.92 -39.74
C LEU E 268 -32.18 -35.04 -39.01
N GLN E 269 -32.31 -36.28 -39.50
CA GLN E 269 -31.61 -37.44 -38.89
C GLN E 269 -30.10 -37.29 -39.11
N GLU E 270 -29.71 -36.81 -40.30
CA GLU E 270 -28.29 -36.57 -40.63
C GLU E 270 -27.68 -35.63 -39.59
N VAL E 271 -28.40 -34.55 -39.23
CA VAL E 271 -27.91 -33.60 -38.18
C VAL E 271 -27.97 -34.27 -36.80
N ALA E 272 -29.10 -34.90 -36.46
CA ALA E 272 -29.30 -35.44 -35.10
C ALA E 272 -28.19 -36.44 -34.78
N LYS E 273 -27.77 -37.23 -35.77
CA LYS E 273 -26.77 -38.32 -35.56
C LYS E 273 -25.38 -37.72 -35.25
N GLU E 274 -25.21 -36.41 -35.46
CA GLU E 274 -23.91 -35.74 -35.20
C GLU E 274 -23.83 -35.30 -33.74
N TYR E 275 -24.90 -35.53 -32.97
CA TYR E 275 -24.94 -35.12 -31.55
C TYR E 275 -25.17 -36.37 -30.67
N ILE F 1 -47.46 -14.67 -32.55
CA ILE F 1 -46.77 -14.24 -31.35
C ILE F 1 -45.50 -13.54 -31.81
N GLU F 2 -45.22 -12.39 -31.21
CA GLU F 2 -44.05 -11.62 -31.58
C GLU F 2 -42.81 -12.31 -31.02
N VAL F 3 -41.73 -12.30 -31.80
CA VAL F 3 -40.47 -12.80 -31.30
C VAL F 3 -39.43 -11.68 -31.32
N TRP F 4 -38.62 -11.57 -30.28
CA TRP F 4 -37.63 -10.51 -30.26
C TRP F 4 -36.30 -10.90 -30.80
N ASP F 5 -35.75 -10.07 -31.66
CA ASP F 5 -34.44 -10.34 -32.15
C ASP F 5 -33.52 -10.03 -30.99
N TYR F 6 -32.60 -10.93 -30.68
CA TYR F 6 -31.71 -10.72 -29.55
C TYR F 6 -30.82 -9.53 -29.76
N GLU F 7 -30.27 -9.36 -30.95
CA GLU F 7 -29.32 -8.29 -31.15
C GLU F 7 -30.04 -6.96 -31.08
N GLN F 8 -31.28 -6.93 -31.58
CA GLN F 8 -32.11 -5.76 -31.41
C GLN F 8 -32.30 -5.28 -29.98
N LEU F 9 -32.59 -6.22 -29.08
CA LEU F 9 -32.88 -5.82 -27.71
C LEU F 9 -31.62 -5.17 -27.16
N ARG F 10 -30.47 -5.74 -27.51
CA ARG F 10 -29.15 -5.20 -27.18
C ARG F 10 -28.76 -3.86 -27.78
N GLU F 11 -28.99 -3.68 -29.08
CA GLU F 11 -28.76 -2.40 -29.75
C GLU F 11 -29.64 -1.28 -29.25
N GLU F 12 -30.85 -1.61 -28.82
CA GLU F 12 -31.72 -0.63 -28.21
C GLU F 12 -31.45 -0.41 -26.72
N TYR F 13 -30.43 -1.04 -26.14
CA TYR F 13 -30.19 -0.86 -24.71
C TYR F 13 -29.64 0.46 -24.19
N GLY F 14 -30.08 0.79 -22.98
CA GLY F 14 -29.72 2.04 -22.32
C GLY F 14 -28.22 2.07 -22.11
N GLU G 19 -56.17 6.67 -0.96
CA GLU G 19 -56.56 5.30 -1.22
C GLU G 19 -56.27 4.42 -0.01
N TRP G 20 -57.31 3.81 0.55
CA TRP G 20 -57.20 2.96 1.74
C TRP G 20 -56.28 1.79 1.49
N LEU G 21 -56.41 1.16 0.34
CA LEU G 21 -55.64 -0.03 0.07
C LEU G 21 -54.17 0.29 0.11
N GLN G 22 -53.67 1.33 -0.54
CA GLN G 22 -52.26 1.66 -0.47
C GLN G 22 -51.80 2.13 0.91
N ALA G 23 -52.67 2.78 1.66
CA ALA G 23 -52.31 3.25 2.98
C ALA G 23 -51.86 2.13 3.86
N GLU G 24 -52.60 1.03 3.74
CA GLU G 24 -52.39 -0.25 4.41
C GLU G 24 -51.31 -1.06 3.89
N ILE G 25 -51.19 -1.18 2.59
CA ILE G 25 -50.06 -1.92 2.08
C ILE G 25 -48.73 -1.30 2.48
N ALA G 26 -48.62 0.02 2.47
CA ALA G 26 -47.43 0.71 2.92
C ALA G 26 -47.11 0.39 4.35
N ARG G 27 -48.08 -0.01 5.16
CA ARG G 27 -47.83 -0.30 6.55
C ARG G 27 -47.36 -1.70 6.77
N LEU G 28 -48.00 -2.62 6.08
CA LEU G 28 -47.73 -4.03 6.28
C LEU G 28 -46.39 -4.31 5.72
N LYS G 29 -45.95 -3.55 4.75
CA LYS G 29 -44.69 -3.84 4.14
C LYS G 29 -43.55 -3.24 4.98
N GLY G 30 -43.87 -2.60 6.11
CA GLY G 30 -42.84 -2.06 6.99
C GLY G 30 -42.21 -2.90 8.07
N LYS G 31 -41.50 -2.29 9.02
CA LYS G 31 -40.85 -3.07 10.07
C LYS G 31 -41.19 -2.57 11.46
N SER G 32 -41.30 -3.50 12.41
CA SER G 32 -41.59 -3.14 13.79
C SER G 32 -41.01 -4.15 14.77
N ILE G 33 -40.90 -3.76 16.04
CA ILE G 33 -40.40 -4.65 17.07
C ILE G 33 -41.50 -5.03 18.04
N VAL G 34 -41.82 -6.32 18.10
CA VAL G 34 -42.83 -6.82 19.00
C VAL G 34 -42.21 -7.30 20.29
N PRO G 35 -42.71 -6.82 21.43
CA PRO G 35 -42.16 -7.32 22.69
C PRO G 35 -42.38 -8.81 22.79
N LEU G 36 -41.35 -9.55 23.15
CA LEU G 36 -41.44 -10.98 23.34
C LEU G 36 -40.65 -11.35 24.56
N GLN G 37 -40.85 -12.55 25.08
CA GLN G 37 -40.16 -12.97 26.29
C GLN G 37 -38.65 -13.05 26.15
N GLN G 38 -38.17 -13.38 24.96
CA GLN G 38 -36.79 -13.56 24.72
C GLN G 38 -36.20 -12.24 24.78
N VAL G 39 -36.93 -11.27 24.26
CA VAL G 39 -36.42 -9.91 24.20
C VAL G 39 -36.35 -9.29 25.55
N LYS G 40 -37.40 -9.42 26.34
CA LYS G 40 -37.35 -8.93 27.70
C LYS G 40 -36.26 -9.61 28.49
N THR G 41 -36.09 -10.91 28.34
CA THR G 41 -35.06 -11.61 29.10
C THR G 41 -33.69 -11.04 28.83
N LEU G 42 -33.39 -10.82 27.56
CA LEU G 42 -32.09 -10.30 27.19
C LEU G 42 -31.87 -8.94 27.78
N HIS G 43 -32.88 -8.08 27.75
CA HIS G 43 -32.66 -6.74 28.25
C HIS G 43 -32.29 -6.75 29.71
N ASP G 44 -32.98 -7.55 30.51
CA ASP G 44 -32.64 -7.66 31.92
C ASP G 44 -31.30 -8.32 32.19
N TRP G 45 -30.96 -9.34 31.42
CA TRP G 45 -29.68 -10.01 31.54
C TRP G 45 -28.52 -9.10 31.19
N LEU G 46 -28.60 -8.40 30.07
CA LEU G 46 -27.56 -7.52 29.67
C LEU G 46 -27.47 -6.43 30.64
N ASP G 47 -28.55 -5.91 31.16
CA ASP G 47 -28.43 -4.79 32.07
C ASP G 47 -27.80 -5.18 33.34
N GLY G 48 -27.97 -6.41 33.73
CA GLY G 48 -27.33 -6.89 34.91
C GLY G 48 -25.85 -6.78 34.57
N LYS G 49 -25.44 -7.39 33.48
CA LYS G 49 -24.10 -7.40 33.13
C LYS G 49 -23.53 -6.07 32.93
N ARG G 50 -24.23 -5.14 32.37
CA ARG G 50 -23.67 -3.83 32.23
C ARG G 50 -23.25 -3.15 33.44
N LYS G 51 -23.92 -3.32 34.56
CA LYS G 51 -23.65 -2.56 35.76
C LYS G 51 -22.61 -3.24 36.57
N ALA G 52 -22.29 -4.47 36.24
CA ALA G 52 -21.34 -5.24 36.97
C ALA G 52 -20.10 -5.17 36.17
N ARG G 53 -20.16 -4.55 35.01
CA ARG G 53 -19.08 -4.49 34.06
C ARG G 53 -18.51 -5.83 33.72
N LYS G 54 -19.30 -6.83 33.39
CA LYS G 54 -18.72 -8.11 33.02
C LYS G 54 -18.96 -8.42 31.54
N SER G 55 -18.05 -9.07 30.81
CA SER G 55 -18.18 -9.46 29.42
C SER G 55 -18.92 -10.80 29.36
N CYS G 56 -19.55 -11.06 28.24
CA CYS G 56 -20.36 -12.26 28.05
C CYS G 56 -20.66 -12.44 26.59
N ARG G 57 -21.31 -13.52 26.21
CA ARG G 57 -21.70 -13.67 24.82
C ARG G 57 -23.12 -14.12 24.65
N VAL G 58 -23.72 -13.86 23.50
CA VAL G 58 -25.08 -14.29 23.22
C VAL G 58 -25.08 -15.16 21.98
N VAL G 59 -25.68 -16.35 22.04
CA VAL G 59 -25.66 -17.24 20.91
C VAL G 59 -27.07 -17.67 20.61
N GLY G 60 -27.31 -18.15 19.41
CA GLY G 60 -28.57 -18.76 19.06
C GLY G 60 -28.66 -18.95 17.57
N GLU G 61 -29.72 -19.60 17.11
CA GLU G 61 -29.87 -19.99 15.71
C GLU G 61 -30.13 -18.76 14.82
N SER G 62 -29.88 -18.90 13.54
CA SER G 62 -29.84 -17.73 12.67
C SER G 62 -31.08 -16.88 12.44
N ARG G 63 -32.27 -17.38 12.76
CA ARG G 63 -33.45 -16.53 12.62
C ARG G 63 -34.28 -16.32 13.87
N THR G 64 -33.66 -16.36 15.04
CA THR G 64 -34.35 -16.12 16.28
C THR G 64 -34.56 -14.67 16.68
N GLY G 65 -33.90 -13.74 16.02
CA GLY G 65 -34.19 -12.33 16.25
C GLY G 65 -33.26 -11.73 17.27
N LYS G 66 -32.00 -12.11 17.19
CA LYS G 66 -30.91 -11.64 18.03
C LYS G 66 -30.52 -10.20 17.77
N THR G 67 -30.29 -9.85 16.52
CA THR G 67 -29.92 -8.48 16.17
C THR G 67 -30.96 -7.46 16.60
N VAL G 68 -32.21 -7.71 16.28
CA VAL G 68 -33.34 -6.92 16.73
C VAL G 68 -33.51 -6.77 18.23
N ALA G 69 -33.34 -7.85 19.00
CA ALA G 69 -33.38 -7.75 20.45
C ALA G 69 -32.35 -6.78 21.03
N CYS G 70 -31.18 -6.75 20.41
CA CYS G 70 -30.00 -5.88 20.70
C CYS G 70 -30.31 -4.42 20.34
N ASP G 71 -30.91 -4.19 19.17
CA ASP G 71 -31.35 -2.82 18.77
C ASP G 71 -32.41 -2.30 19.74
N ALA G 72 -33.32 -3.15 20.14
CA ALA G 72 -34.39 -2.74 21.02
C ALA G 72 -33.72 -2.26 22.26
N TYR G 73 -32.67 -2.94 22.70
CA TYR G 73 -31.95 -2.47 23.86
C TYR G 73 -31.20 -1.18 23.64
N ARG G 74 -30.46 -1.08 22.55
CA ARG G 74 -29.70 0.13 22.31
C ARG G 74 -30.58 1.35 22.37
N TYR G 75 -31.75 1.25 21.77
CA TYR G 75 -32.68 2.36 21.66
C TYR G 75 -33.31 2.79 22.96
N ARG G 76 -33.14 2.03 24.02
CA ARG G 76 -33.74 2.47 25.26
C ARG G 76 -32.72 3.30 26.03
N HIS G 77 -31.51 3.44 25.50
CA HIS G 77 -30.45 4.17 26.20
C HIS G 77 -29.78 5.19 25.30
N LYS G 78 -30.45 6.32 25.06
CA LYS G 78 -29.99 7.26 24.08
C LYS G 78 -28.79 8.04 24.57
N PRO G 79 -27.94 8.47 23.65
CA PRO G 79 -26.79 9.32 23.94
C PRO G 79 -27.25 10.53 24.72
N GLN G 80 -26.52 11.02 25.70
CA GLN G 80 -26.98 12.25 26.35
C GLN G 80 -26.12 13.47 26.09
N GLN G 81 -26.71 14.66 26.08
CA GLN G 81 -25.95 15.84 25.70
C GLN G 81 -26.15 17.10 26.52
N GLU G 82 -25.02 17.66 26.93
CA GLU G 82 -24.95 18.88 27.74
C GLU G 82 -24.56 20.03 26.83
N ALA G 83 -24.46 21.24 27.37
CA ALA G 83 -24.04 22.34 26.52
C ALA G 83 -22.61 22.27 25.96
N GLY G 84 -21.68 21.67 26.67
CA GLY G 84 -20.32 21.69 26.19
C GLY G 84 -19.69 20.43 25.66
N ARG G 85 -19.43 19.50 26.56
CA ARG G 85 -18.71 18.26 26.28
C ARG G 85 -19.43 17.28 25.37
N PRO G 86 -18.69 16.36 24.76
CA PRO G 86 -19.13 15.27 23.89
C PRO G 86 -20.28 14.50 24.50
N PRO G 87 -21.09 13.83 23.68
CA PRO G 87 -22.21 13.02 24.01
C PRO G 87 -21.81 11.99 24.98
N THR G 88 -22.64 11.63 25.93
CA THR G 88 -22.31 10.53 26.79
C THR G 88 -22.99 9.40 26.11
N VAL G 89 -22.32 8.27 25.90
CA VAL G 89 -22.89 7.19 25.11
C VAL G 89 -22.75 5.86 25.82
N PRO G 90 -23.66 5.55 26.72
CA PRO G 90 -23.64 4.30 27.47
C PRO G 90 -23.49 3.03 26.66
N VAL G 91 -24.13 2.90 25.50
CA VAL G 91 -24.02 1.66 24.72
C VAL G 91 -23.52 1.87 23.29
N VAL G 92 -22.47 1.18 22.88
CA VAL G 92 -22.00 1.26 21.50
C VAL G 92 -22.26 -0.03 20.75
N TYR G 93 -22.88 0.03 19.58
CA TYR G 93 -23.20 -1.18 18.83
C TYR G 93 -22.55 -1.12 17.47
N ILE G 94 -21.74 -2.12 17.13
CA ILE G 94 -21.09 -2.18 15.83
C ILE G 94 -21.25 -3.50 15.12
N ARG G 95 -21.09 -3.56 13.79
CA ARG G 95 -21.03 -4.85 13.12
C ARG G 95 -19.82 -4.82 12.22
N PRO G 96 -18.88 -5.76 12.41
CA PRO G 96 -17.67 -5.84 11.59
C PRO G 96 -17.91 -6.39 10.20
N HIS G 97 -17.05 -6.02 9.26
CA HIS G 97 -17.05 -6.58 7.87
C HIS G 97 -16.34 -7.94 7.89
N GLN G 98 -16.30 -8.62 6.74
CA GLN G 98 -15.67 -9.97 6.69
C GLN G 98 -14.16 -9.88 6.85
N LYS G 99 -13.59 -10.84 7.60
CA LYS G 99 -12.13 -10.87 7.87
C LYS G 99 -11.71 -9.48 8.36
N CYS G 100 -12.39 -9.00 9.41
CA CYS G 100 -12.17 -7.67 10.01
C CYS G 100 -10.80 -7.59 10.71
N GLY G 101 -10.00 -6.59 10.47
CA GLY G 101 -8.71 -6.57 11.13
C GLY G 101 -8.68 -5.54 12.20
N PRO G 102 -7.56 -5.37 12.88
CA PRO G 102 -7.35 -4.41 13.94
C PRO G 102 -7.44 -3.02 13.47
N LYS G 103 -7.24 -2.71 12.22
CA LYS G 103 -7.35 -1.32 11.85
C LYS G 103 -8.75 -0.91 11.67
N ASP G 104 -9.61 -1.90 11.44
CA ASP G 104 -11.01 -1.70 11.03
C ASP G 104 -12.00 -1.44 12.10
N LEU G 105 -11.77 -2.10 13.21
CA LEU G 105 -12.42 -1.88 14.48
C LEU G 105 -12.24 -0.57 15.14
N PHE G 106 -11.07 0.00 15.10
CA PHE G 106 -10.90 1.30 15.70
C PHE G 106 -11.63 2.32 14.90
N LYS G 107 -11.66 2.18 13.58
CA LYS G 107 -12.32 3.13 12.75
C LYS G 107 -13.78 3.09 13.12
N LYS G 108 -14.41 1.89 13.20
CA LYS G 108 -15.88 1.88 13.42
C LYS G 108 -16.22 2.45 14.82
N ILE G 109 -15.40 2.15 15.84
CA ILE G 109 -15.68 2.65 17.21
C ILE G 109 -15.68 4.19 17.22
N THR G 110 -14.66 4.75 16.54
CA THR G 110 -14.43 6.21 16.42
C THR G 110 -15.57 6.87 15.65
N GLU G 111 -16.04 6.26 14.56
CA GLU G 111 -17.15 6.84 13.76
C GLU G 111 -18.45 6.79 14.57
N TYR G 112 -18.64 5.68 15.23
CA TYR G 112 -19.83 5.51 15.94
C TYR G 112 -19.94 6.64 16.91
N LEU G 113 -18.89 7.00 17.60
CA LEU G 113 -19.02 8.08 18.57
C LEU G 113 -18.97 9.47 18.02
N LYS G 114 -19.04 9.56 16.70
CA LYS G 114 -19.03 10.79 15.92
C LYS G 114 -17.79 11.64 15.93
N TYR G 115 -16.62 11.00 15.85
CA TYR G 115 -15.38 11.72 15.71
C TYR G 115 -14.86 11.48 14.30
N ARG G 116 -14.14 12.42 13.73
CA ARG G 116 -13.51 12.16 12.44
C ARG G 116 -12.28 11.28 12.53
N VAL G 117 -12.21 10.30 11.66
CA VAL G 117 -11.03 9.46 11.56
C VAL G 117 -10.01 9.99 10.57
N THR G 118 -8.79 10.24 11.03
CA THR G 118 -7.77 10.78 10.14
C THR G 118 -6.75 9.71 9.79
N LYS G 119 -5.90 9.97 8.80
CA LYS G 119 -4.86 9.02 8.42
C LYS G 119 -3.71 8.83 9.42
N GLY G 120 -3.32 7.58 9.64
CA GLY G 120 -2.20 7.20 10.51
C GLY G 120 -1.97 5.71 10.42
N THR G 121 -1.26 5.11 11.38
CA THR G 121 -1.08 3.64 11.37
C THR G 121 -1.89 3.00 12.51
N VAL G 122 -1.78 1.68 12.74
CA VAL G 122 -2.58 1.01 13.77
C VAL G 122 -2.41 1.54 15.12
N SER G 123 -1.22 1.86 15.52
CA SER G 123 -1.06 2.41 16.83
C SER G 123 -1.67 3.74 16.92
N ASP G 124 -1.87 4.43 15.82
CA ASP G 124 -2.51 5.71 15.99
C ASP G 124 -3.99 5.55 16.09
N PHE G 125 -4.58 4.58 15.39
CA PHE G 125 -6.01 4.46 15.59
C PHE G 125 -6.30 4.00 17.02
N ARG G 126 -5.47 3.11 17.54
CA ARG G 126 -5.61 2.60 18.90
C ARG G 126 -5.48 3.66 19.94
N ASP G 127 -4.50 4.52 19.87
CA ASP G 127 -4.32 5.51 20.90
C ASP G 127 -5.52 6.43 20.90
N ARG G 128 -6.03 6.77 19.71
CA ARG G 128 -7.21 7.62 19.52
C ARG G 128 -8.50 7.00 19.96
N THR G 129 -8.67 5.70 19.73
CA THR G 129 -9.84 4.98 20.21
C THR G 129 -9.91 4.99 21.70
N ILE G 130 -8.84 4.73 22.43
CA ILE G 130 -8.89 4.83 23.84
C ILE G 130 -9.17 6.28 24.27
N GLU G 131 -8.58 7.33 23.70
CA GLU G 131 -9.04 8.67 24.07
C GLU G 131 -10.54 8.94 23.82
N VAL G 132 -11.19 8.44 22.76
CA VAL G 132 -12.59 8.83 22.64
C VAL G 132 -13.47 7.96 23.56
N LEU G 133 -13.05 6.73 23.83
CA LEU G 133 -13.76 5.83 24.72
C LEU G 133 -13.75 6.39 26.14
N LYS G 134 -12.66 7.06 26.53
CA LYS G 134 -12.57 7.77 27.80
C LYS G 134 -13.24 9.15 27.65
N GLY G 135 -13.72 9.66 28.77
CA GLY G 135 -14.32 10.99 28.82
C GLY G 135 -15.76 10.81 28.42
N CYS G 136 -15.94 10.33 27.20
CA CYS G 136 -17.26 9.99 26.72
C CYS G 136 -17.66 8.76 27.49
N GLY G 137 -18.69 8.80 28.32
CA GLY G 137 -18.95 7.64 29.15
C GLY G 137 -19.36 6.57 28.16
N VAL G 138 -18.69 5.44 28.19
CA VAL G 138 -19.13 4.26 27.47
C VAL G 138 -19.04 3.17 28.52
N GLU G 139 -20.14 2.46 28.64
CA GLU G 139 -20.26 1.36 29.60
C GLU G 139 -20.31 -0.01 28.93
N MET G 140 -20.94 -0.11 27.77
CA MET G 140 -21.00 -1.41 27.09
C MET G 140 -20.74 -1.35 25.58
N LEU G 141 -20.00 -2.33 25.06
CA LEU G 141 -19.75 -2.44 23.63
C LEU G 141 -20.42 -3.74 23.13
N ILE G 142 -21.29 -3.67 22.13
CA ILE G 142 -21.87 -4.89 21.60
C ILE G 142 -21.38 -5.20 20.20
N ILE G 143 -20.80 -6.37 19.98
CA ILE G 143 -20.28 -6.68 18.67
C ILE G 143 -21.15 -7.71 18.01
N ASP G 144 -21.83 -7.35 16.94
CA ASP G 144 -22.68 -8.27 16.21
C ASP G 144 -21.84 -9.10 15.28
N GLU G 145 -22.38 -10.23 14.83
CA GLU G 145 -21.64 -11.16 13.99
C GLU G 145 -20.22 -11.32 14.47
N ALA G 146 -20.02 -11.69 15.74
CA ALA G 146 -18.69 -11.64 16.32
C ALA G 146 -17.68 -12.47 15.57
N ASP G 147 -18.11 -13.55 14.95
CA ASP G 147 -17.20 -14.41 14.22
C ASP G 147 -16.65 -13.88 12.88
N ARG G 148 -16.91 -12.62 12.52
CA ARG G 148 -16.23 -12.09 11.40
C ARG G 148 -14.85 -11.60 11.74
N LEU G 149 -14.51 -11.55 13.01
CA LEU G 149 -13.24 -10.98 13.47
C LEU G 149 -12.12 -11.95 13.14
N LYS G 150 -10.99 -11.40 12.74
CA LYS G 150 -9.76 -12.14 12.59
C LYS G 150 -9.31 -12.44 13.97
N PRO G 151 -8.73 -13.61 14.22
CA PRO G 151 -8.12 -13.93 15.50
C PRO G 151 -7.18 -12.92 16.07
N GLU G 152 -6.39 -12.21 15.29
CA GLU G 152 -5.53 -11.24 15.90
C GLU G 152 -6.25 -10.10 16.55
N THR G 153 -7.53 -9.89 16.26
CA THR G 153 -8.17 -8.70 16.82
C THR G 153 -8.57 -8.91 18.20
N PHE G 154 -8.62 -10.17 18.60
CA PHE G 154 -9.13 -10.49 19.89
C PHE G 154 -8.19 -9.99 20.96
N ALA G 155 -6.92 -9.82 20.61
CA ALA G 155 -5.98 -9.26 21.55
C ALA G 155 -6.41 -7.85 21.89
N ASP G 156 -6.89 -7.10 20.91
CA ASP G 156 -7.27 -5.71 21.12
C ASP G 156 -8.62 -5.59 21.82
N VAL G 157 -9.54 -6.49 21.53
CA VAL G 157 -10.80 -6.56 22.24
C VAL G 157 -10.64 -6.90 23.72
N ARG G 158 -9.80 -7.87 24.07
CA ARG G 158 -9.61 -8.22 25.47
C ARG G 158 -8.96 -7.09 26.24
N ASP G 159 -7.97 -6.46 25.63
CA ASP G 159 -7.23 -5.39 26.27
C ASP G 159 -8.13 -4.24 26.67
N ILE G 160 -9.04 -3.87 25.78
CA ILE G 160 -10.04 -2.84 26.06
C ILE G 160 -10.95 -3.27 27.20
N ALA G 161 -11.43 -4.51 27.16
CA ALA G 161 -12.32 -4.99 28.16
C ALA G 161 -11.58 -4.95 29.46
N GLU G 162 -10.28 -5.20 29.49
CA GLU G 162 -9.60 -5.24 30.81
C GLU G 162 -9.20 -3.83 31.27
N ASP G 163 -8.75 -2.99 30.33
CA ASP G 163 -8.12 -1.67 30.62
C ASP G 163 -9.20 -0.64 30.99
N LEU G 164 -10.35 -0.68 30.31
CA LEU G 164 -11.44 0.29 30.53
C LEU G 164 -12.64 -0.42 31.18
N GLY G 165 -13.43 0.27 31.98
CA GLY G 165 -14.55 -0.39 32.60
C GLY G 165 -15.66 -0.55 31.60
N ILE G 166 -15.40 -1.35 30.57
CA ILE G 166 -16.35 -1.56 29.51
C ILE G 166 -16.71 -3.03 29.41
N ALA G 167 -17.99 -3.35 29.40
CA ALA G 167 -18.42 -4.71 29.22
C ALA G 167 -18.43 -4.93 27.73
N VAL G 168 -17.95 -6.06 27.27
CA VAL G 168 -17.99 -6.38 25.86
C VAL G 168 -18.86 -7.57 25.68
N VAL G 169 -19.84 -7.48 24.78
CA VAL G 169 -20.76 -8.57 24.50
C VAL G 169 -20.56 -9.08 23.09
N LEU G 170 -20.32 -10.38 22.92
CA LEU G 170 -20.17 -10.96 21.60
C LEU G 170 -21.45 -11.66 21.19
N VAL G 171 -22.04 -11.27 20.06
CA VAL G 171 -23.30 -11.86 19.62
C VAL G 171 -23.07 -12.74 18.40
N GLY G 172 -23.60 -13.94 18.38
CA GLY G 172 -23.47 -14.75 17.16
C GLY G 172 -24.17 -16.12 17.08
N THR G 173 -23.85 -16.92 16.05
CA THR G 173 -24.36 -18.27 15.82
C THR G 173 -23.42 -19.33 16.44
N ASP G 174 -23.77 -20.61 16.30
CA ASP G 174 -23.01 -21.73 16.89
C ASP G 174 -21.59 -21.86 16.35
N ARG G 175 -21.33 -21.32 15.19
CA ARG G 175 -20.00 -21.28 14.76
C ARG G 175 -19.17 -20.43 15.65
N LEU G 176 -19.76 -19.47 16.34
CA LEU G 176 -18.95 -18.54 17.15
C LEU G 176 -18.25 -19.35 18.17
N ASP G 177 -18.95 -20.25 18.83
CA ASP G 177 -18.29 -21.04 19.82
C ASP G 177 -17.25 -21.94 19.26
N ALA G 178 -17.42 -22.46 18.07
CA ALA G 178 -16.33 -23.18 17.50
C ALA G 178 -15.13 -22.28 17.31
N VAL G 179 -15.29 -21.02 16.99
CA VAL G 179 -14.10 -20.20 16.88
C VAL G 179 -13.55 -19.83 18.23
N ILE G 180 -14.39 -19.44 19.16
CA ILE G 180 -13.93 -19.02 20.46
C ILE G 180 -13.16 -20.09 21.20
N LYS G 181 -13.58 -21.34 21.13
CA LYS G 181 -12.89 -22.40 21.86
C LYS G 181 -11.53 -22.75 21.32
N ARG G 182 -11.11 -22.06 20.29
CA ARG G 182 -9.79 -22.26 19.74
C ARG G 182 -8.77 -21.55 20.59
N ASP G 183 -9.17 -20.64 21.46
CA ASP G 183 -8.19 -19.88 22.23
C ASP G 183 -8.53 -19.78 23.67
N GLU G 184 -7.75 -20.37 24.53
CA GLU G 184 -8.07 -20.34 25.92
C GLU G 184 -8.24 -18.99 26.49
N GLN G 185 -7.48 -18.01 26.11
CA GLN G 185 -7.58 -16.73 26.79
C GLN G 185 -8.88 -16.09 26.55
N VAL G 186 -9.39 -16.14 25.35
CA VAL G 186 -10.69 -15.61 25.01
C VAL G 186 -11.82 -16.38 25.53
N LEU G 187 -11.76 -17.68 25.48
CA LEU G 187 -12.84 -18.46 26.00
C LEU G 187 -13.15 -18.12 27.38
N GLU G 188 -12.15 -17.89 28.22
CA GLU G 188 -12.28 -17.43 29.58
C GLU G 188 -12.75 -16.04 29.84
N ARG G 189 -12.45 -15.06 29.00
CA ARG G 189 -13.01 -13.75 29.27
C ARG G 189 -14.50 -13.86 29.06
N PHE G 190 -14.92 -14.61 28.05
CA PHE G 190 -16.31 -14.62 27.60
C PHE G 190 -17.07 -15.89 27.93
N ARG G 191 -16.76 -16.47 29.07
CA ARG G 191 -17.40 -17.69 29.53
C ARG G 191 -18.92 -17.71 29.75
N ALA G 192 -19.49 -16.70 30.38
CA ALA G 192 -20.94 -16.61 30.58
C ALA G 192 -21.71 -16.34 29.32
N HIS G 193 -22.87 -16.94 29.17
CA HIS G 193 -23.59 -16.83 27.91
C HIS G 193 -25.08 -16.88 28.09
N LEU G 194 -25.83 -16.33 27.15
CA LEU G 194 -27.27 -16.53 27.10
C LEU G 194 -27.60 -17.08 25.74
N ARG G 195 -28.57 -17.99 25.66
CA ARG G 195 -28.96 -18.58 24.39
C ARG G 195 -30.39 -18.33 23.93
N PHE G 196 -30.56 -17.98 22.66
CA PHE G 196 -31.86 -17.84 22.03
C PHE G 196 -32.21 -19.10 21.29
N GLY G 197 -33.48 -19.49 21.31
CA GLY G 197 -33.90 -20.64 20.54
C GLY G 197 -35.22 -20.50 19.83
N LYS G 198 -35.76 -21.62 19.37
CA LYS G 198 -37.01 -21.63 18.62
C LYS G 198 -38.21 -21.51 19.54
N LEU G 199 -39.33 -21.07 18.97
CA LEU G 199 -40.64 -21.11 19.63
C LEU G 199 -41.35 -22.44 19.50
N SER G 200 -42.12 -22.80 20.52
CA SER G 200 -42.89 -24.02 20.44
C SER G 200 -44.12 -24.03 21.32
N GLY G 201 -44.98 -25.02 21.12
CA GLY G 201 -46.11 -25.23 21.99
C GLY G 201 -46.98 -24.04 22.19
N GLU G 202 -47.25 -23.70 23.45
CA GLU G 202 -48.04 -22.53 23.79
C GLU G 202 -47.43 -21.21 23.39
N ASP G 203 -46.11 -21.15 23.38
CA ASP G 203 -45.42 -19.92 23.07
C ASP G 203 -45.50 -19.54 21.63
N PHE G 204 -45.35 -20.48 20.74
CA PHE G 204 -45.56 -20.26 19.36
C PHE G 204 -47.01 -19.89 19.07
N LYS G 205 -47.97 -20.66 19.54
CA LYS G 205 -49.36 -20.26 19.39
C LYS G 205 -49.83 -18.91 19.89
N ASN G 206 -49.41 -18.51 21.06
CA ASN G 206 -49.73 -17.18 21.64
C ASN G 206 -49.06 -16.07 20.80
N THR G 207 -47.88 -16.35 20.25
CA THR G 207 -47.14 -15.37 19.41
C THR G 207 -47.93 -15.07 18.13
N VAL G 208 -48.47 -16.14 17.57
CA VAL G 208 -49.17 -16.10 16.35
C VAL G 208 -50.31 -15.20 16.66
N GLU G 209 -51.01 -15.46 17.76
CA GLU G 209 -52.12 -14.61 18.11
C GLU G 209 -51.66 -13.19 18.35
N MET G 210 -50.53 -12.96 19.00
CA MET G 210 -50.09 -11.60 19.19
C MET G 210 -49.96 -10.95 17.85
N TRP G 211 -49.40 -11.62 16.86
CA TRP G 211 -49.02 -11.03 15.61
C TRP G 211 -50.19 -10.64 14.83
N GLU G 212 -51.26 -11.38 15.00
CA GLU G 212 -52.47 -11.06 14.32
C GLU G 212 -53.13 -9.80 14.87
N GLN G 213 -53.24 -9.70 16.18
CA GLN G 213 -53.91 -8.56 16.80
C GLN G 213 -53.00 -7.39 16.89
N MET G 214 -51.73 -7.63 17.16
CA MET G 214 -50.80 -6.51 17.37
C MET G 214 -50.12 -5.99 16.09
N VAL G 215 -49.92 -6.84 15.09
CA VAL G 215 -49.27 -6.40 13.85
C VAL G 215 -50.11 -6.33 12.57
N LEU G 216 -50.82 -7.41 12.23
CA LEU G 216 -51.58 -7.43 10.98
C LEU G 216 -52.81 -6.53 10.92
N LYS G 217 -53.65 -6.61 11.95
CA LYS G 217 -54.82 -5.76 12.09
C LYS G 217 -55.77 -5.63 10.90
N LEU G 218 -56.18 -6.75 10.31
CA LEU G 218 -57.02 -6.69 9.12
C LEU G 218 -58.46 -6.38 9.57
N PRO G 219 -59.28 -5.85 8.68
CA PRO G 219 -60.64 -5.40 9.04
C PRO G 219 -61.48 -6.46 9.74
N VAL G 220 -61.32 -7.70 9.33
CA VAL G 220 -62.04 -8.81 9.93
C VAL G 220 -61.25 -9.73 10.85
N SER G 221 -60.04 -10.08 10.38
CA SER G 221 -58.95 -10.91 10.97
C SER G 221 -59.22 -12.37 10.64
N SER G 222 -58.27 -13.25 10.96
CA SER G 222 -58.37 -14.61 10.45
C SER G 222 -58.57 -15.70 11.50
N ASN G 223 -58.39 -15.36 12.77
CA ASN G 223 -58.38 -16.34 13.86
C ASN G 223 -57.30 -17.41 13.71
N LEU G 224 -56.04 -16.98 13.59
CA LEU G 224 -54.96 -17.93 13.36
C LEU G 224 -54.56 -18.88 14.49
N LYS G 225 -55.26 -18.86 15.61
CA LYS G 225 -54.93 -19.82 16.66
C LYS G 225 -55.79 -21.04 16.59
N SER G 226 -56.59 -21.13 15.55
CA SER G 226 -57.38 -22.33 15.30
C SER G 226 -56.52 -23.46 14.89
N LYS G 227 -56.97 -24.69 15.10
CA LYS G 227 -56.13 -25.83 14.82
C LYS G 227 -55.70 -25.91 13.38
N GLU G 228 -56.60 -25.61 12.46
CA GLU G 228 -56.34 -25.72 11.04
C GLU G 228 -55.27 -24.78 10.50
N MET G 229 -55.22 -23.58 11.05
CA MET G 229 -54.26 -22.59 10.60
C MET G 229 -52.93 -22.74 11.30
N LEU G 230 -52.94 -23.17 12.53
CA LEU G 230 -51.67 -23.34 13.19
C LEU G 230 -50.93 -24.46 12.55
N ARG G 231 -51.60 -25.52 12.11
CA ARG G 231 -50.85 -26.56 11.41
C ARG G 231 -50.15 -26.03 10.21
N ILE G 232 -50.76 -25.13 9.48
CA ILE G 232 -50.13 -24.64 8.29
C ILE G 232 -48.92 -23.83 8.66
N LEU G 233 -49.05 -22.92 9.59
CA LEU G 233 -47.95 -22.09 10.06
C LEU G 233 -46.86 -22.82 10.75
N THR G 234 -47.19 -23.84 11.53
CA THR G 234 -46.17 -24.59 12.21
C THR G 234 -45.28 -25.29 11.22
N SER G 235 -45.88 -25.94 10.24
CA SER G 235 -45.08 -26.64 9.26
C SER G 235 -44.28 -25.66 8.43
N ALA G 236 -44.89 -24.54 8.08
CA ALA G 236 -44.19 -23.53 7.31
C ALA G 236 -43.06 -22.80 8.03
N THR G 237 -43.20 -22.55 9.32
CA THR G 237 -42.22 -21.71 10.04
C THR G 237 -41.24 -22.38 10.98
N GLU G 238 -41.56 -23.58 11.45
CA GLU G 238 -40.74 -24.38 12.36
C GLU G 238 -40.25 -23.62 13.59
N GLY G 239 -41.04 -22.69 14.08
CA GLY G 239 -40.71 -21.90 15.25
C GLY G 239 -39.76 -20.72 15.15
N TYR G 240 -39.34 -20.33 13.96
CA TYR G 240 -38.41 -19.23 13.90
C TYR G 240 -39.25 -18.01 13.81
N ILE G 241 -38.93 -16.98 14.58
CA ILE G 241 -39.72 -15.77 14.51
C ILE G 241 -39.53 -15.09 13.21
N GLY G 242 -38.38 -15.18 12.61
CA GLY G 242 -38.07 -14.63 11.27
C GLY G 242 -38.94 -15.24 10.19
N ARG G 243 -39.24 -16.50 10.28
CA ARG G 243 -40.09 -17.05 9.28
C ARG G 243 -41.49 -16.71 9.52
N LEU G 244 -41.95 -16.69 10.75
CA LEU G 244 -43.33 -16.35 10.99
C LEU G 244 -43.64 -14.98 10.56
N ASP G 245 -42.81 -14.02 10.81
CA ASP G 245 -43.11 -12.70 10.38
C ASP G 245 -43.19 -12.58 8.90
N GLU G 246 -42.25 -13.11 8.15
CA GLU G 246 -42.30 -12.94 6.71
C GLU G 246 -43.49 -13.55 6.12
N ILE G 247 -43.80 -14.75 6.53
CA ILE G 247 -44.94 -15.41 5.99
C ILE G 247 -46.23 -14.75 6.30
N LEU G 248 -46.51 -14.28 7.50
CA LEU G 248 -47.79 -13.63 7.70
C LEU G 248 -47.88 -12.32 6.99
N ARG G 249 -46.82 -11.57 6.89
CA ARG G 249 -46.92 -10.34 6.14
C ARG G 249 -47.09 -10.56 4.65
N GLU G 250 -46.44 -11.56 4.07
CA GLU G 250 -46.57 -11.80 2.63
C GLU G 250 -48.02 -12.21 2.40
N ALA G 251 -48.61 -13.07 3.23
CA ALA G 251 -50.02 -13.39 3.16
C ALA G 251 -50.99 -12.25 3.42
N ALA G 252 -50.77 -11.34 4.36
CA ALA G 252 -51.72 -10.22 4.45
C ALA G 252 -51.67 -9.29 3.24
N ILE G 253 -50.53 -8.95 2.69
CA ILE G 253 -50.54 -7.99 1.59
C ILE G 253 -51.06 -8.66 0.34
N ARG G 254 -50.84 -9.96 0.16
CA ARG G 254 -51.34 -10.64 -1.05
C ARG G 254 -52.82 -10.63 -0.97
N SER G 255 -53.29 -10.95 0.18
CA SER G 255 -54.75 -11.01 0.48
C SER G 255 -55.42 -9.64 0.28
N LEU G 256 -54.85 -8.59 0.79
CA LEU G 256 -55.46 -7.29 0.50
C LEU G 256 -55.45 -6.88 -0.93
N SER G 257 -54.45 -7.28 -1.66
CA SER G 257 -54.36 -6.80 -3.02
C SER G 257 -55.54 -7.37 -3.82
N ARG G 258 -56.10 -8.45 -3.30
CA ARG G 258 -57.19 -9.20 -3.92
C ARG G 258 -58.54 -8.87 -3.31
N GLY G 259 -58.59 -7.84 -2.49
CA GLY G 259 -59.86 -7.35 -1.97
C GLY G 259 -60.42 -8.12 -0.78
N LEU G 260 -59.57 -8.85 -0.07
CA LEU G 260 -60.04 -9.63 1.06
C LEU G 260 -59.87 -8.82 2.34
N LYS G 261 -60.67 -9.15 3.34
CA LYS G 261 -60.51 -8.59 4.68
C LYS G 261 -59.87 -9.51 5.71
N LYS G 262 -59.43 -10.68 5.28
CA LYS G 262 -58.74 -11.61 6.17
C LYS G 262 -57.86 -12.59 5.40
N ILE G 263 -56.94 -13.25 6.09
CA ILE G 263 -56.16 -14.35 5.51
C ILE G 263 -56.93 -15.67 5.62
N ASP G 264 -57.16 -16.32 4.49
CA ASP G 264 -57.74 -17.65 4.46
C ASP G 264 -56.69 -18.72 4.29
N LYS G 265 -57.11 -19.98 4.36
CA LYS G 265 -56.28 -21.13 4.02
C LYS G 265 -55.66 -21.25 2.64
N ALA G 266 -56.39 -21.04 1.56
CA ALA G 266 -55.75 -21.14 0.27
C ALA G 266 -54.66 -20.11 0.04
N VAL G 267 -54.85 -18.86 0.47
CA VAL G 267 -53.79 -17.84 0.21
C VAL G 267 -52.57 -18.17 1.06
N LEU G 268 -52.81 -18.55 2.32
CA LEU G 268 -51.70 -18.83 3.29
C LEU G 268 -50.87 -20.01 2.75
N GLN G 269 -51.56 -21.06 2.27
CA GLN G 269 -50.87 -22.25 1.69
C GLN G 269 -50.18 -21.84 0.39
N GLU G 270 -50.84 -20.99 -0.41
CA GLU G 270 -50.27 -20.47 -1.67
C GLU G 270 -48.92 -19.80 -1.38
N VAL G 271 -48.85 -18.99 -0.32
CA VAL G 271 -47.56 -18.33 0.08
C VAL G 271 -46.59 -19.38 0.65
N ALA G 272 -47.07 -20.22 1.58
CA ALA G 272 -46.17 -21.16 2.28
C ALA G 272 -45.46 -22.06 1.27
N LYS G 273 -46.16 -22.46 0.21
CA LYS G 273 -45.62 -23.42 -0.79
C LYS G 273 -44.48 -22.77 -1.61
N GLU G 274 -44.34 -21.45 -1.51
CA GLU G 274 -43.26 -20.72 -2.26
C GLU G 274 -41.97 -20.71 -1.44
N TYR G 275 -41.99 -21.30 -0.24
CA TYR G 275 -40.79 -21.34 0.63
C TYR G 275 -40.43 -22.80 0.92
N ILE H 1 -50.75 -4.62 24.03
CA ILE H 1 -49.32 -4.47 24.19
C ILE H 1 -48.84 -3.50 23.11
N GLU H 2 -48.00 -2.56 23.50
CA GLU H 2 -47.51 -1.58 22.56
C GLU H 2 -46.48 -2.21 21.66
N VAL H 3 -46.49 -1.84 20.38
CA VAL H 3 -45.47 -2.31 19.47
C VAL H 3 -44.71 -1.11 18.92
N TRP H 4 -43.39 -1.21 18.81
CA TRP H 4 -42.64 -0.06 18.31
C TRP H 4 -42.39 -0.11 16.84
N ASP H 5 -42.63 1.01 16.19
CA ASP H 5 -42.33 1.07 14.78
C ASP H 5 -40.82 1.13 14.70
N TYR H 6 -40.22 0.31 13.87
CA TYR H 6 -38.77 0.30 13.77
C TYR H 6 -38.22 1.61 13.26
N GLU H 7 -38.85 2.18 12.26
CA GLU H 7 -38.30 3.38 11.67
C GLU H 7 -38.42 4.53 12.66
N GLN H 8 -39.50 4.54 13.41
CA GLN H 8 -39.64 5.49 14.49
C GLN H 8 -38.50 5.49 15.51
N LEU H 9 -38.10 4.31 15.96
CA LEU H 9 -37.09 4.24 17.00
C LEU H 9 -35.81 4.86 16.43
N ARG H 10 -35.56 4.58 15.16
CA ARG H 10 -34.46 5.16 14.39
C ARG H 10 -34.49 6.66 14.13
N GLU H 11 -35.63 7.18 13.71
CA GLU H 11 -35.83 8.62 13.52
C GLU H 11 -35.72 9.42 14.80
N GLU H 12 -36.11 8.83 15.91
CA GLU H 12 -35.93 9.47 17.20
C GLU H 12 -34.53 9.26 17.82
N TYR H 13 -33.62 8.62 17.09
CA TYR H 13 -32.29 8.41 17.69
C TYR H 13 -31.34 9.59 17.86
N GLY H 14 -30.54 9.49 18.92
CA GLY H 14 -29.59 10.51 19.30
C GLY H 14 -28.57 10.68 18.20
N GLU I 19 -26.42 5.17 53.05
CA GLU I 19 -27.08 3.90 52.87
C GLU I 19 -26.11 2.75 53.00
N TRP I 20 -26.33 1.88 53.97
CA TRP I 20 -25.46 0.73 54.26
C TRP I 20 -25.35 -0.18 53.08
N LEU I 21 -26.45 -0.46 52.41
CA LEU I 21 -26.44 -1.41 51.33
C LEU I 21 -25.53 -0.93 50.23
N GLN I 22 -25.60 0.32 49.78
CA GLN I 22 -24.69 0.80 48.75
C GLN I 22 -23.23 0.89 49.21
N ALA I 23 -23.01 1.17 50.48
CA ALA I 23 -21.65 1.29 50.99
C ALA I 23 -20.88 0.02 50.77
N GLU I 24 -21.59 -1.09 51.01
CA GLU I 24 -21.15 -2.46 50.84
C GLU I 24 -21.10 -2.95 49.47
N ILE I 25 -22.11 -2.65 48.67
CA ILE I 25 -22.01 -3.05 47.29
C ILE I 25 -20.83 -2.42 46.58
N ALA I 26 -20.54 -1.15 46.84
CA ALA I 26 -19.40 -0.47 46.28
C ALA I 26 -18.11 -1.15 46.66
N ARG I 27 -18.08 -1.90 47.76
CA ARG I 27 -16.86 -2.54 48.20
C ARG I 27 -16.67 -3.88 47.54
N LEU I 28 -17.73 -4.63 47.45
CA LEU I 28 -17.68 -5.99 46.96
C LEU I 28 -17.41 -5.91 45.49
N LYS I 29 -17.83 -4.85 44.86
CA LYS I 29 -17.65 -4.78 43.43
C LYS I 29 -16.24 -4.31 43.10
N GLY I 30 -15.40 -4.08 44.10
CA GLY I 30 -14.00 -3.69 43.86
C GLY I 30 -12.92 -4.73 43.67
N LYS I 31 -11.65 -4.33 43.75
CA LYS I 31 -10.57 -5.30 43.54
C LYS I 31 -9.55 -5.28 44.66
N SER I 32 -9.00 -6.44 44.98
CA SER I 32 -8.00 -6.55 46.02
C SER I 32 -7.04 -7.72 45.78
N ILE I 33 -5.89 -7.70 46.44
CA ILE I 33 -4.93 -8.79 46.32
C ILE I 33 -4.84 -9.58 47.61
N VAL I 34 -5.19 -10.86 47.54
CA VAL I 34 -5.11 -11.72 48.70
C VAL I 34 -3.81 -12.48 48.72
N PRO I 35 -3.08 -12.42 49.83
CA PRO I 35 -1.84 -13.19 49.89
C PRO I 35 -2.14 -14.66 49.72
N LEU I 36 -1.39 -15.33 48.87
CA LEU I 36 -1.55 -16.76 48.65
C LEU I 36 -0.17 -17.37 48.53
N GLN I 37 -0.08 -18.68 48.64
CA GLN I 37 1.21 -19.34 48.58
C GLN I 37 1.93 -19.18 47.25
N GLN I 38 1.18 -19.08 46.16
CA GLN I 38 1.74 -19.00 44.85
C GLN I 38 2.35 -17.69 44.77
N VAL I 39 1.69 -16.71 45.36
CA VAL I 39 2.16 -15.34 45.29
C VAL I 39 3.40 -15.14 46.08
N LYS I 40 3.42 -15.63 47.31
CA LYS I 40 4.64 -15.56 48.10
C LYS I 40 5.77 -16.29 47.43
N THR I 41 5.52 -17.47 46.86
CA THR I 41 6.60 -18.22 46.20
C THR I 41 7.23 -17.42 45.11
N LEU I 42 6.43 -16.79 44.27
CA LEU I 42 6.95 -16.03 43.17
C LEU I 42 7.78 -14.89 43.67
N HIS I 43 7.34 -14.19 44.69
CA HIS I 43 8.10 -13.04 45.14
C HIS I 43 9.49 -13.43 45.59
N ASP I 44 9.61 -14.51 46.33
CA ASP I 44 10.92 -14.99 46.75
C ASP I 44 11.77 -15.52 45.62
N TRP I 45 11.16 -16.21 44.67
CA TRP I 45 11.87 -16.71 43.50
C TRP I 45 12.40 -15.61 42.62
N LEU I 46 11.57 -14.62 42.30
CA LEU I 46 11.97 -13.54 41.48
C LEU I 46 13.01 -12.78 42.20
N ASP I 47 12.90 -12.58 43.50
CA ASP I 47 13.91 -11.77 44.17
C ASP I 47 15.22 -12.42 44.19
N GLY I 48 15.23 -13.73 44.21
CA GLY I 48 16.46 -14.45 44.15
C GLY I 48 17.04 -14.04 42.80
N LYS I 49 16.27 -14.24 41.75
CA LYS I 49 16.74 -13.98 40.47
C LYS I 49 17.14 -12.59 40.26
N ARG I 50 16.45 -11.64 40.79
CA ARG I 50 16.89 -10.29 40.62
C ARG I 50 18.22 -9.93 41.09
N LYS I 51 18.70 -10.51 42.15
CA LYS I 51 19.97 -10.10 42.75
C LYS I 51 21.09 -10.86 42.14
N ALA I 52 20.78 -11.87 41.37
CA ALA I 52 21.78 -12.71 40.76
C ALA I 52 21.84 -12.24 39.35
N ARG I 53 20.99 -11.31 38.98
CA ARG I 53 20.84 -10.84 37.64
C ARG I 53 20.65 -11.94 36.63
N LYS I 54 19.77 -12.89 36.84
CA LYS I 54 19.56 -13.92 35.82
C LYS I 54 18.19 -13.82 35.18
N SER I 55 17.99 -14.09 33.90
CA SER I 55 16.72 -14.07 33.19
C SER I 55 16.04 -15.42 33.39
N CYS I 56 14.72 -15.42 33.27
CA CYS I 56 13.91 -16.60 33.51
C CYS I 56 12.53 -16.38 32.96
N ARG I 57 11.67 -17.38 33.00
CA ARG I 57 10.30 -17.16 32.57
C ARG I 57 9.28 -17.73 33.52
N VAL I 58 8.06 -17.22 33.49
CA VAL I 58 6.99 -17.72 34.34
C VAL I 58 5.84 -18.19 33.48
N VAL I 59 5.35 -19.41 33.67
CA VAL I 59 4.29 -19.92 32.83
C VAL I 59 3.19 -20.42 33.72
N GLY I 60 2.00 -20.56 33.17
CA GLY I 60 0.90 -21.18 33.85
C GLY I 60 -0.39 -20.94 33.11
N GLU I 61 -1.47 -21.56 33.57
CA GLU I 61 -2.76 -21.52 32.88
C GLU I 61 -3.41 -20.15 32.96
N SER I 62 -4.33 -19.86 32.06
CA SER I 62 -4.81 -18.50 31.91
C SER I 62 -5.54 -17.79 33.03
N ARG I 63 -6.04 -18.51 34.03
CA ARG I 63 -6.67 -17.82 35.15
C ARG I 63 -6.08 -18.10 36.53
N THR I 64 -4.81 -18.40 36.60
CA THR I 64 -4.15 -18.63 37.88
C THR I 64 -3.70 -17.40 38.63
N GLY I 65 -3.70 -16.24 38.02
CA GLY I 65 -3.42 -15.01 38.75
C GLY I 65 -1.97 -14.61 38.67
N LYS I 66 -1.40 -14.79 37.50
CA LYS I 66 -0.02 -14.45 37.17
C LYS I 66 0.24 -12.96 37.11
N THR I 67 -0.59 -12.23 36.37
CA THR I 67 -0.42 -10.78 36.26
C THR I 67 -0.49 -10.07 37.60
N VAL I 68 -1.48 -10.39 38.39
CA VAL I 68 -1.63 -9.91 39.76
C VAL I 68 -0.48 -10.25 40.71
N ALA I 69 0.05 -11.46 40.68
CA ALA I 69 1.22 -11.79 41.47
C ALA I 69 2.43 -10.91 41.19
N CYS I 70 2.60 -10.54 39.93
CA CYS I 70 3.65 -9.66 39.35
C CYS I 70 3.43 -8.21 39.82
N ASP I 71 2.19 -7.73 39.77
CA ASP I 71 1.86 -6.37 40.29
C ASP I 71 2.14 -6.31 41.79
N ALA I 72 1.80 -7.36 42.51
CA ALA I 72 1.97 -7.36 43.94
C ALA I 72 3.44 -7.17 44.16
N TYR I 73 4.27 -7.81 43.34
CA TYR I 73 5.69 -7.62 43.48
C TYR I 73 6.16 -6.23 43.11
N ARG I 74 5.72 -5.72 41.98
CA ARG I 74 6.16 -4.40 41.55
C ARG I 74 5.92 -3.38 42.64
N TYR I 75 4.76 -3.45 43.26
CA TYR I 75 4.34 -2.48 44.25
C TYR I 75 5.11 -2.54 45.55
N ARG I 76 5.93 -3.55 45.75
CA ARG I 76 6.67 -3.59 46.99
C ARG I 76 8.01 -2.89 46.78
N HIS I 77 8.29 -2.44 45.55
CA HIS I 77 9.58 -1.82 45.24
C HIS I 77 9.39 -0.50 44.51
N LYS I 78 9.03 0.54 45.25
CA LYS I 78 8.66 1.79 44.62
C LYS I 78 9.87 2.54 44.11
N PRO I 79 9.68 3.33 43.06
CA PRO I 79 10.71 4.20 42.51
C PRO I 79 11.29 5.05 43.60
N GLN I 80 12.58 5.33 43.64
CA GLN I 80 13.05 6.24 44.68
C GLN I 80 13.53 7.58 44.17
N GLN I 81 13.40 8.63 44.96
CA GLN I 81 13.73 9.98 44.49
C GLN I 81 14.49 10.89 45.41
N GLU I 82 15.55 11.45 44.85
CA GLU I 82 16.46 12.38 45.53
C GLU I 82 16.15 13.79 45.06
N ALA I 83 16.84 14.78 45.58
CA ALA I 83 16.59 16.14 45.10
C ALA I 83 16.93 16.41 43.63
N GLY I 84 17.92 15.76 43.07
CA GLY I 84 18.30 16.11 41.72
C GLY I 84 18.02 15.14 40.59
N ARG I 85 18.72 14.02 40.59
CA ARG I 85 18.69 13.03 39.53
C ARG I 85 17.38 12.28 39.38
N PRO I 86 17.15 11.68 38.21
CA PRO I 86 16.00 10.86 37.83
C PRO I 86 15.72 9.79 38.87
N PRO I 87 14.48 9.29 38.94
CA PRO I 87 13.98 8.28 39.80
C PRO I 87 14.81 7.08 39.69
N THR I 88 15.04 6.34 40.75
CA THR I 88 15.74 5.09 40.63
C THR I 88 14.61 4.13 40.53
N VAL I 89 14.62 3.21 39.56
CA VAL I 89 13.48 2.34 39.33
C VAL I 89 13.89 0.89 39.23
N PRO I 90 14.05 0.22 40.35
CA PRO I 90 14.47 -1.17 40.38
C PRO I 90 13.67 -2.13 39.49
N VAL I 91 12.35 -2.00 39.38
CA VAL I 91 11.56 -2.92 38.56
C VAL I 91 10.73 -2.24 37.48
N VAL I 92 10.87 -2.64 36.22
CA VAL I 92 10.03 -2.09 35.16
C VAL I 92 9.06 -3.13 34.64
N TYR I 93 7.77 -2.81 34.56
CA TYR I 93 6.77 -3.77 34.11
C TYR I 93 6.05 -3.24 32.91
N ILE I 94 6.06 -3.98 31.80
CA ILE I 94 5.36 -3.55 30.59
C ILE I 94 4.46 -4.63 30.01
N ARG I 95 3.48 -4.27 29.19
CA ARG I 95 2.75 -5.29 28.45
C ARG I 95 2.71 -4.84 27.00
N PRO I 96 3.23 -5.66 26.08
CA PRO I 96 3.23 -5.34 24.65
C PRO I 96 1.88 -5.48 23.99
N HIS I 97 1.66 -4.74 22.90
CA HIS I 97 0.45 -4.86 22.04
C HIS I 97 0.63 -6.06 21.11
N GLN I 98 -0.39 -6.37 20.31
CA GLN I 98 -0.33 -7.54 19.40
C GLN I 98 0.67 -7.32 18.26
N LYS I 99 1.44 -8.36 17.92
CA LYS I 99 2.47 -8.28 16.87
C LYS I 99 3.35 -7.05 17.14
N CYS I 100 3.90 -7.00 18.36
CA CYS I 100 4.74 -5.88 18.85
C CYS I 100 6.07 -5.84 18.11
N GLY I 101 6.52 -4.72 17.61
CA GLY I 101 7.78 -4.73 16.90
C GLY I 101 8.84 -4.05 17.71
N PRO I 102 10.06 -3.95 17.18
CA PRO I 102 11.19 -3.32 17.81
C PRO I 102 11.00 -1.89 18.03
N LYS I 103 10.16 -1.19 17.30
CA LYS I 103 10.03 0.22 17.57
C LYS I 103 9.18 0.47 18.74
N ASP I 104 8.33 -0.51 19.07
CA ASP I 104 7.25 -0.38 20.05
C ASP I 104 7.59 -0.58 21.48
N LEU I 105 8.51 -1.49 21.67
CA LEU I 105 9.21 -1.76 22.91
C LEU I 105 10.06 -0.69 23.45
N PHE I 106 10.79 0.03 22.63
CA PHE I 106 11.61 1.10 23.16
C PHE I 106 10.72 2.21 23.61
N LYS I 107 9.61 2.45 22.93
CA LYS I 107 8.74 3.52 23.30
C LYS I 107 8.20 3.17 24.67
N LYS I 108 7.71 1.94 24.91
CA LYS I 108 7.06 1.67 26.22
C LYS I 108 8.09 1.75 27.35
N ILE I 109 9.32 1.28 27.13
CA ILE I 109 10.37 1.32 28.20
C ILE I 109 10.64 2.77 28.61
N THR I 110 10.76 3.62 27.58
CA THR I 110 11.05 5.07 27.73
C THR I 110 9.89 5.79 28.45
N GLU I 111 8.64 5.46 28.11
CA GLU I 111 7.48 6.10 28.76
C GLU I 111 7.38 5.65 30.23
N TYR I 112 7.62 4.38 30.41
CA TYR I 112 7.49 3.84 31.71
C TYR I 112 8.41 4.62 32.60
N LEU I 113 9.63 4.90 32.19
CA LEU I 113 10.52 5.62 33.07
C LEU I 113 10.34 7.10 33.15
N LYS I 114 9.27 7.57 32.54
CA LYS I 114 8.85 8.96 32.46
C LYS I 114 9.69 9.92 31.69
N TYR I 115 10.18 9.50 30.53
CA TYR I 115 10.89 10.38 29.64
C TYR I 115 10.00 10.64 28.43
N ARG I 116 10.11 11.79 27.80
CA ARG I 116 9.39 11.99 26.57
C ARG I 116 10.00 11.30 25.37
N VAL I 117 9.16 10.64 24.60
CA VAL I 117 9.60 10.04 23.36
C VAL I 117 9.47 10.95 22.16
N THR I 118 10.56 11.23 21.47
CA THR I 118 10.51 12.14 20.33
C THR I 118 10.62 11.34 19.02
N LYS I 119 10.35 11.99 17.91
CA LYS I 119 10.45 11.34 16.60
C LYS I 119 11.87 11.02 16.12
N GLY I 120 12.06 9.81 15.58
CA GLY I 120 13.32 9.36 15.00
C GLY I 120 13.12 7.99 14.37
N THR I 121 14.20 7.24 14.11
CA THR I 121 14.04 5.87 13.56
C THR I 121 14.40 4.83 14.64
N VAL I 122 14.41 3.53 14.31
CA VAL I 122 14.67 2.49 15.30
C VAL I 122 15.95 2.61 16.00
N SER I 123 17.01 2.94 15.31
CA SER I 123 18.25 3.10 15.99
C SER I 123 18.21 4.27 16.91
N ASP I 124 17.32 5.21 16.69
CA ASP I 124 17.31 6.29 17.66
C ASP I 124 16.55 5.91 18.86
N PHE I 125 15.47 5.13 18.72
CA PHE I 125 14.81 4.77 19.97
C PHE I 125 15.74 3.87 20.81
N ARG I 126 16.46 2.97 20.15
CA ARG I 126 17.39 2.08 20.82
C ARG I 126 18.49 2.80 21.53
N ASP I 127 19.13 3.76 20.93
CA ASP I 127 20.24 4.41 21.59
C ASP I 127 19.72 5.14 22.81
N ARG I 128 18.53 5.74 22.71
CA ARG I 128 17.87 6.45 23.82
C ARG I 128 17.38 5.56 24.92
N THR I 129 16.87 4.37 24.58
CA THR I 129 16.48 3.40 25.60
C THR I 129 17.65 2.96 26.40
N ILE I 130 18.80 2.65 25.85
CA ILE I 130 19.92 2.31 26.62
C ILE I 130 20.36 3.53 27.46
N GLU I 131 20.42 4.76 26.98
CA GLU I 131 20.69 5.86 27.91
C GLU I 131 19.69 5.99 29.07
N VAL I 132 18.38 5.75 28.93
CA VAL I 132 17.57 5.97 30.12
C VAL I 132 17.65 4.77 31.07
N LEU I 133 17.90 3.57 30.52
CA LEU I 133 18.06 2.36 31.32
C LEU I 133 19.32 2.48 32.19
N LYS I 134 20.36 3.14 31.67
CA LYS I 134 21.56 3.45 32.45
C LYS I 134 21.29 4.71 33.29
N GLY I 135 22.02 4.82 34.40
CA GLY I 135 21.96 5.97 35.27
C GLY I 135 20.79 5.74 36.19
N CYS I 136 19.62 5.62 35.59
CA CYS I 136 18.43 5.26 36.33
C CYS I 136 18.61 3.81 36.71
N GLY I 137 18.71 3.47 37.99
CA GLY I 137 19.03 2.11 38.31
C GLY I 137 17.81 1.33 37.85
N VAL I 138 18.03 0.33 37.01
CA VAL I 138 16.99 -0.63 36.68
C VAL I 138 17.71 -1.95 36.84
N GLU I 139 17.06 -2.82 37.62
CA GLU I 139 17.57 -4.14 37.91
C GLU I 139 16.78 -5.25 37.24
N MET I 140 15.45 -5.10 37.13
CA MET I 140 14.65 -6.13 36.48
C MET I 140 13.59 -5.59 35.51
N LEU I 141 13.42 -6.27 34.38
CA LEU I 141 12.38 -5.92 33.41
C LEU I 141 11.38 -7.10 33.35
N ILE I 142 10.09 -6.85 33.57
CA ILE I 142 9.12 -7.93 33.45
C ILE I 142 8.23 -7.74 32.24
N ILE I 143 8.16 -8.71 31.35
CA ILE I 143 7.34 -8.55 30.16
C ILE I 143 6.14 -9.45 30.25
N ASP I 144 4.95 -8.88 30.37
CA ASP I 144 3.73 -9.66 30.44
C ASP I 144 3.31 -10.06 29.05
N GLU I 145 2.43 -11.06 28.95
CA GLU I 145 2.01 -11.60 27.67
C GLU I 145 3.18 -11.71 26.72
N ALA I 146 4.24 -12.40 27.10
CA ALA I 146 5.47 -12.36 26.32
C ALA I 146 5.30 -12.79 24.89
N ASP I 147 4.36 -13.69 24.63
CA ASP I 147 4.14 -14.16 23.27
C ASP I 147 3.46 -13.18 22.30
N ARG I 148 3.23 -11.93 22.66
CA ARG I 148 2.81 -11.01 21.68
C ARG I 148 3.94 -10.46 20.85
N LEU I 149 5.17 -10.76 21.25
CA LEU I 149 6.35 -10.18 20.59
C LEU I 149 6.56 -10.85 19.25
N LYS I 150 6.96 -10.07 18.27
CA LYS I 150 7.41 -10.57 17.00
C LYS I 150 8.72 -11.20 17.24
N PRO I 151 9.04 -12.31 16.58
CA PRO I 151 10.37 -12.89 16.65
C PRO I 151 11.54 -11.98 16.45
N GLU I 152 11.47 -10.99 15.61
CA GLU I 152 12.61 -10.13 15.47
C GLU I 152 12.93 -9.34 16.70
N THR I 153 12.02 -9.21 17.66
CA THR I 153 12.30 -8.34 18.79
C THR I 153 13.17 -9.00 19.76
N PHE I 154 13.24 -10.32 19.67
CA PHE I 154 13.95 -11.07 20.66
C PHE I 154 15.43 -10.78 20.56
N ALA I 155 15.88 -10.36 19.40
CA ALA I 155 17.27 -9.96 19.27
C ALA I 155 17.55 -8.79 20.18
N ASP I 156 16.61 -7.86 20.26
CA ASP I 156 16.81 -6.66 21.06
C ASP I 156 16.64 -6.91 22.55
N VAL I 157 15.73 -7.81 22.91
CA VAL I 157 15.58 -8.26 24.28
C VAL I 157 16.81 -8.98 24.82
N ARG I 158 17.40 -9.89 24.05
CA ARG I 158 18.58 -10.62 24.51
C ARG I 158 19.76 -9.70 24.67
N ASP I 159 19.93 -8.78 23.74
CA ASP I 159 21.05 -7.85 23.74
C ASP I 159 21.06 -7.00 24.99
N ILE I 160 19.90 -6.51 25.38
CA ILE I 160 19.74 -5.75 26.62
C ILE I 160 20.08 -6.61 27.82
N ALA I 161 19.57 -7.83 27.87
CA ALA I 161 19.79 -8.70 28.97
C ALA I 161 21.26 -8.95 29.04
N GLU I 162 21.97 -9.03 27.92
CA GLU I 162 23.41 -9.36 28.04
C GLU I 162 24.24 -8.10 28.33
N ASP I 163 23.89 -6.98 27.70
CA ASP I 163 24.70 -5.73 27.70
C ASP I 163 24.59 -5.00 29.05
N LEU I 164 23.38 -4.99 29.63
CA LEU I 164 23.10 -4.28 30.89
C LEU I 164 22.83 -5.30 32.00
N GLY I 165 23.15 -4.99 33.25
CA GLY I 165 22.91 -5.94 34.30
C GLY I 165 21.45 -5.94 34.65
N ILE I 166 20.63 -6.36 33.70
CA ILE I 166 19.19 -6.38 33.87
C ILE I 166 18.66 -7.78 33.71
N ALA I 167 17.87 -8.26 34.67
CA ALA I 167 17.26 -9.55 34.56
C ALA I 167 16.01 -9.31 33.76
N VAL I 168 15.70 -10.20 32.83
CA VAL I 168 14.49 -10.07 32.04
C VAL I 168 13.64 -11.27 32.35
N VAL I 169 12.39 -11.06 32.71
CA VAL I 169 11.46 -12.12 33.01
C VAL I 169 10.34 -12.17 32.00
N LEU I 170 10.12 -13.31 31.35
CA LEU I 170 9.03 -13.45 30.41
C LEU I 170 7.85 -14.16 31.05
N VAL I 171 6.68 -13.54 31.06
CA VAL I 171 5.50 -14.13 31.70
C VAL I 171 4.51 -14.57 30.67
N GLY I 172 3.97 -15.78 30.76
CA GLY I 172 2.93 -16.18 29.80
C GLY I 172 2.22 -17.52 29.96
N THR I 173 1.44 -17.94 28.96
CA THR I 173 0.74 -19.22 28.90
C THR I 173 1.58 -20.29 28.17
N ASP I 174 1.05 -21.51 28.03
CA ASP I 174 1.76 -22.63 27.41
C ASP I 174 2.10 -22.42 25.94
N ARG I 175 1.39 -21.54 25.29
CA ARG I 175 1.81 -21.20 23.98
C ARG I 175 3.14 -20.55 23.99
N LEU I 176 3.54 -19.90 25.08
CA LEU I 176 4.80 -19.17 25.08
C LEU I 176 5.89 -20.14 24.82
N ASP I 177 5.87 -21.27 25.48
CA ASP I 177 6.90 -22.23 25.24
C ASP I 177 6.89 -22.78 23.85
N ALA I 178 5.74 -22.95 23.25
CA ALA I 178 5.76 -23.32 21.87
C ALA I 178 6.44 -22.26 21.05
N VAL I 179 6.30 -20.99 21.35
CA VAL I 179 7.03 -20.02 20.55
C VAL I 179 8.50 -20.00 20.88
N ILE I 180 8.84 -20.01 22.15
CA ILE I 180 10.23 -19.93 22.55
C ILE I 180 11.07 -21.06 22.02
N LYS I 181 10.56 -22.29 21.99
CA LYS I 181 11.36 -23.41 21.50
C LYS I 181 11.62 -23.41 20.02
N ARG I 182 11.14 -22.39 19.34
CA ARG I 182 11.41 -22.24 17.94
C ARG I 182 12.79 -21.70 17.72
N ASP I 183 13.43 -21.14 18.75
CA ASP I 183 14.74 -20.52 18.54
C ASP I 183 15.73 -20.89 19.58
N GLU I 184 16.76 -21.61 19.22
CA GLU I 184 17.71 -22.03 20.20
C GLU I 184 18.30 -20.94 20.99
N GLN I 185 18.60 -19.79 20.44
CA GLN I 185 19.30 -18.80 21.22
C GLN I 185 18.50 -18.29 22.33
N VAL I 186 17.22 -18.06 22.12
CA VAL I 186 16.31 -17.62 23.16
C VAL I 186 15.97 -18.65 24.13
N LEU I 187 15.74 -19.85 23.71
CA LEU I 187 15.40 -20.88 24.64
C LEU I 187 16.42 -21.01 25.69
N GLU I 188 17.69 -20.91 25.37
CA GLU I 188 18.80 -20.89 26.29
C GLU I 188 18.98 -19.72 27.19
N ARG I 189 18.65 -18.51 26.78
CA ARG I 189 18.78 -17.41 27.72
C ARG I 189 17.75 -17.65 28.81
N PHE I 190 16.56 -18.11 28.43
CA PHE I 190 15.42 -18.18 29.34
C PHE I 190 15.04 -19.57 29.78
N ARG I 191 16.03 -20.42 29.95
CA ARG I 191 15.82 -21.79 30.38
C ARG I 191 15.15 -22.08 31.72
N ALA I 192 15.52 -21.37 32.78
CA ALA I 192 14.87 -21.54 34.08
C ALA I 192 13.47 -21.02 34.15
N HIS I 193 12.59 -21.69 34.86
CA HIS I 193 11.18 -21.30 34.83
C HIS I 193 10.48 -21.60 36.13
N LEU I 194 9.39 -20.90 36.40
CA LEU I 194 8.51 -21.26 37.50
C LEU I 194 7.13 -21.44 36.93
N ARG I 195 6.36 -22.39 37.44
CA ARG I 195 5.00 -22.63 36.94
C ARG I 195 3.88 -22.45 37.94
N PHE I 196 2.82 -21.77 37.52
CA PHE I 196 1.60 -21.62 38.31
C PHE I 196 0.58 -22.65 37.88
N GLY I 197 -0.18 -23.19 38.81
CA GLY I 197 -1.24 -24.10 38.44
C GLY I 197 -2.53 -23.93 39.20
N LYS I 198 -3.40 -24.92 39.10
CA LYS I 198 -4.70 -24.87 39.74
C LYS I 198 -4.63 -25.18 41.22
N LEU I 199 -5.65 -24.76 41.96
CA LEU I 199 -5.85 -25.16 43.36
C LEU I 199 -6.59 -26.47 43.51
N SER I 200 -6.25 -27.22 44.56
CA SER I 200 -6.96 -28.45 44.83
C SER I 200 -6.94 -28.87 46.27
N GLY I 201 -7.76 -29.86 46.60
CA GLY I 201 -7.73 -30.46 47.91
C GLY I 201 -7.85 -29.51 49.05
N GLU I 202 -6.93 -29.59 50.01
CA GLU I 202 -6.90 -28.68 51.13
C GLU I 202 -6.65 -27.25 50.78
N ASP I 203 -5.90 -27.01 49.73
CA ASP I 203 -5.55 -25.67 49.34
C ASP I 203 -6.69 -24.89 48.77
N PHE I 204 -7.49 -25.51 47.93
CA PHE I 204 -8.69 -24.92 47.47
C PHE I 204 -9.67 -24.66 48.60
N LYS I 205 -9.97 -25.67 49.41
CA LYS I 205 -10.80 -25.43 50.59
C LYS I 205 -10.43 -24.36 51.60
N ASN I 206 -9.17 -24.26 51.95
CA ASN I 206 -8.65 -23.21 52.87
C ASN I 206 -8.77 -21.84 52.20
N THR I 207 -8.60 -21.78 50.87
CA THR I 207 -8.69 -20.51 50.11
C THR I 207 -10.12 -19.95 50.18
N VAL I 208 -11.05 -20.87 50.05
CA VAL I 208 -12.44 -20.56 50.01
C VAL I 208 -12.67 -19.95 51.34
N GLU I 209 -12.22 -20.61 52.40
CA GLU I 209 -12.42 -20.06 53.72
C GLU I 209 -11.72 -18.72 53.84
N MET I 210 -10.52 -18.55 53.31
CA MET I 210 -9.89 -17.26 53.43
C MET I 210 -10.78 -16.23 52.81
N TRP I 211 -11.38 -16.50 51.67
CA TRP I 211 -12.07 -15.52 50.88
C TRP I 211 -13.28 -15.08 51.54
N GLU I 212 -13.88 -15.96 52.30
CA GLU I 212 -15.06 -15.62 53.02
C GLU I 212 -14.78 -14.69 54.18
N GLN I 213 -13.75 -14.98 54.98
CA GLN I 213 -13.44 -14.17 56.14
C GLN I 213 -12.66 -12.97 55.76
N MET I 214 -11.75 -13.11 54.80
CA MET I 214 -10.87 -11.99 54.46
C MET I 214 -11.42 -11.04 53.38
N VAL I 215 -12.27 -11.52 52.47
CA VAL I 215 -12.84 -10.65 51.44
C VAL I 215 -14.33 -10.32 51.49
N LEU I 216 -15.18 -11.33 51.60
CA LEU I 216 -16.64 -11.09 51.57
C LEU I 216 -17.21 -10.38 52.79
N LYS I 217 -16.87 -10.86 53.97
CA LYS I 217 -17.26 -10.26 55.24
C LYS I 217 -18.74 -9.92 55.45
N LEU I 218 -19.64 -10.85 55.17
CA LEU I 218 -21.06 -10.55 55.27
C LEU I 218 -21.46 -10.59 56.76
N PRO I 219 -22.56 -9.92 57.13
CA PRO I 219 -22.95 -9.78 58.54
C PRO I 219 -23.04 -11.10 59.29
N VAL I 220 -23.49 -12.13 58.61
CA VAL I 220 -23.61 -13.46 59.20
C VAL I 220 -22.58 -14.49 58.77
N SER I 221 -22.33 -14.52 57.45
CA SER I 221 -21.39 -15.35 56.65
C SER I 221 -22.06 -16.67 56.30
N SER I 222 -21.42 -17.48 55.46
CA SER I 222 -22.12 -18.62 54.90
C SER I 222 -21.57 -19.99 55.30
N ASN I 223 -20.39 -20.02 55.90
CA ASN I 223 -19.68 -21.26 56.19
C ASN I 223 -19.37 -22.08 54.93
N LEU I 224 -18.69 -21.48 53.96
CA LEU I 224 -18.42 -22.17 52.71
C LEU I 224 -17.46 -23.35 52.71
N LYS I 225 -16.95 -23.76 53.85
CA LYS I 225 -16.07 -24.92 53.85
C LYS I 225 -16.82 -26.17 54.19
N SER I 226 -18.13 -26.07 54.29
CA SER I 226 -18.99 -27.22 54.48
C SER I 226 -19.02 -28.08 53.26
N LYS I 227 -19.31 -29.35 53.40
CA LYS I 227 -19.27 -30.23 52.26
C LYS I 227 -20.21 -29.83 51.15
N GLU I 228 -21.40 -29.39 51.51
CA GLU I 228 -22.42 -29.04 50.53
C GLU I 228 -22.09 -27.85 49.64
N MET I 229 -21.42 -26.88 50.20
CA MET I 229 -21.06 -25.69 49.46
C MET I 229 -19.79 -25.87 48.69
N LEU I 230 -18.86 -26.62 49.21
CA LEU I 230 -17.65 -26.82 48.48
C LEU I 230 -17.94 -27.59 47.24
N ARG I 231 -18.86 -28.55 47.27
CA ARG I 231 -19.17 -29.23 46.02
C ARG I 231 -19.66 -28.30 44.98
N ILE I 232 -20.44 -27.30 45.35
CA ILE I 232 -20.96 -26.41 44.36
C ILE I 232 -19.85 -25.60 43.78
N LEU I 233 -19.00 -25.01 44.61
CA LEU I 233 -17.86 -24.23 44.18
C LEU I 233 -16.82 -24.99 43.43
N THR I 234 -16.56 -26.21 43.83
CA THR I 234 -15.56 -26.99 43.14
C THR I 234 -15.98 -27.25 41.72
N SER I 235 -17.22 -27.65 41.53
CA SER I 235 -17.68 -27.93 40.19
C SER I 235 -17.74 -26.65 39.38
N ALA I 236 -18.18 -25.57 40.00
CA ALA I 236 -18.22 -24.29 39.31
C ALA I 236 -16.88 -23.67 38.95
N THR I 237 -15.86 -23.82 39.79
CA THR I 237 -14.59 -23.11 39.60
C THR I 237 -13.38 -23.90 39.09
N GLU I 238 -13.40 -25.21 39.27
CA GLU I 238 -12.34 -26.13 38.84
C GLU I 238 -10.94 -25.71 39.27
N GLY I 239 -10.83 -25.08 40.43
CA GLY I 239 -9.56 -24.63 40.97
C GLY I 239 -8.91 -23.35 40.46
N TYR I 240 -9.57 -22.58 39.62
CA TYR I 240 -8.90 -21.41 39.11
C TYR I 240 -9.22 -20.33 40.10
N ILE I 241 -8.25 -19.53 40.51
CA ILE I 241 -8.53 -18.48 41.43
C ILE I 241 -9.37 -17.42 40.80
N GLY I 242 -9.21 -17.18 39.53
CA GLY I 242 -10.03 -16.23 38.75
C GLY I 242 -11.51 -16.60 38.74
N ARG I 243 -11.82 -17.86 38.69
CA ARG I 243 -13.20 -18.21 38.72
C ARG I 243 -13.73 -18.12 40.09
N LEU I 244 -12.99 -18.54 41.09
CA LEU I 244 -13.51 -18.47 42.43
C LEU I 244 -13.81 -17.09 42.84
N ASP I 245 -12.97 -16.13 42.55
CA ASP I 245 -13.27 -14.80 42.93
C ASP I 245 -14.48 -14.27 42.27
N GLU I 246 -14.64 -14.42 40.98
CA GLU I 246 -15.81 -13.84 40.33
C GLU I 246 -17.05 -14.39 40.84
N ILE I 247 -17.10 -15.69 40.96
CA ILE I 247 -18.30 -16.31 41.46
C ILE I 247 -18.66 -15.95 42.84
N LEU I 248 -17.78 -15.89 43.81
CA LEU I 248 -18.22 -15.49 45.13
C LEU I 248 -18.62 -14.07 45.20
N ARG I 249 -17.97 -13.19 44.48
CA ARG I 249 -18.42 -11.81 44.51
C ARG I 249 -19.75 -11.61 43.83
N GLU I 250 -20.03 -12.31 42.74
CA GLU I 250 -21.31 -12.12 42.03
C GLU I 250 -22.38 -12.63 43.00
N ALA I 251 -22.19 -13.76 43.67
CA ALA I 251 -23.10 -14.23 44.70
C ALA I 251 -23.23 -13.35 45.92
N ALA I 252 -22.19 -12.75 46.48
CA ALA I 252 -22.47 -11.83 47.60
C ALA I 252 -23.25 -10.59 47.20
N ILE I 253 -23.00 -9.95 46.08
CA ILE I 253 -23.74 -8.73 45.78
C ILE I 253 -25.16 -9.06 45.39
N ARG I 254 -25.40 -10.20 44.76
CA ARG I 254 -26.77 -10.56 44.38
C ARG I 254 -27.54 -10.77 45.62
N SER I 255 -26.92 -11.48 46.52
CA SER I 255 -27.52 -11.81 47.83
C SER I 255 -27.83 -10.54 48.65
N LEU I 256 -26.90 -9.61 48.73
CA LEU I 256 -27.26 -8.39 49.43
C LEU I 256 -28.34 -7.57 48.81
N SER I 257 -28.43 -7.61 47.51
CA SER I 257 -29.39 -6.74 46.87
C SER I 257 -30.81 -7.20 47.27
N ARG I 258 -30.89 -8.45 47.70
CA ARG I 258 -32.13 -9.12 48.07
C ARG I 258 -32.36 -9.17 49.57
N GLY I 259 -31.54 -8.43 50.32
CA GLY I 259 -31.74 -8.29 51.74
C GLY I 259 -31.23 -9.44 52.59
N LEU I 260 -30.31 -10.23 52.07
CA LEU I 260 -29.79 -11.37 52.83
C LEU I 260 -28.52 -10.95 53.55
N LYS I 261 -28.22 -11.65 54.63
CA LYS I 261 -26.95 -11.51 55.33
C LYS I 261 -25.91 -12.59 55.09
N LYS I 262 -26.22 -13.53 54.19
CA LYS I 262 -25.26 -14.57 53.83
C LYS I 262 -25.57 -15.16 52.46
N ILE I 263 -24.60 -15.86 51.88
CA ILE I 263 -24.83 -16.63 50.65
C ILE I 263 -25.39 -18.01 50.97
N ASP I 264 -26.56 -18.33 50.41
CA ASP I 264 -27.14 -19.66 50.51
C ASP I 264 -26.86 -20.48 49.27
N LYS I 265 -27.26 -21.75 49.31
CA LYS I 265 -27.27 -22.63 48.15
C LYS I 265 -28.07 -22.27 46.91
N ALA I 266 -29.31 -21.84 47.01
CA ALA I 266 -30.00 -21.47 45.79
C ALA I 266 -29.39 -20.27 45.07
N VAL I 267 -28.94 -19.25 45.77
CA VAL I 267 -28.38 -18.06 45.06
C VAL I 267 -27.05 -18.47 44.42
N LEU I 268 -26.23 -19.24 45.14
CA LEU I 268 -24.88 -19.64 44.66
C LEU I 268 -25.06 -20.49 43.40
N GLN I 269 -26.02 -21.43 43.43
CA GLN I 269 -26.31 -22.29 42.25
C GLN I 269 -26.89 -21.44 41.13
N GLU I 270 -27.76 -20.48 41.48
CA GLU I 270 -28.37 -19.54 40.51
C GLU I 270 -27.26 -18.83 39.74
N VAL I 271 -26.22 -18.36 40.44
CA VAL I 271 -25.06 -17.69 39.78
C VAL I 271 -24.24 -18.73 39.00
N ALA I 272 -23.91 -19.85 39.63
CA ALA I 272 -22.99 -20.82 39.01
C ALA I 272 -23.57 -21.30 37.66
N LYS I 273 -24.88 -21.44 37.58
CA LYS I 273 -25.55 -21.98 36.36
C LYS I 273 -25.46 -20.99 35.20
N GLU I 274 -25.06 -19.74 35.49
CA GLU I 274 -24.94 -18.69 34.44
C GLU I 274 -23.56 -18.76 33.80
N TYR I 275 -22.71 -19.66 34.27
CA TYR I 275 -21.33 -19.81 33.71
C TYR I 275 -21.14 -21.24 33.18
N ILE J 1 -5.12 -12.15 58.32
CA ILE J 1 -4.16 -11.88 57.28
C ILE J 1 -4.60 -10.58 56.60
N GLU J 2 -3.65 -9.69 56.37
CA GLU J 2 -3.97 -8.41 55.75
C GLU J 2 -4.23 -8.63 54.28
N VAL J 3 -5.20 -7.90 53.74
CA VAL J 3 -5.43 -7.93 52.32
C VAL J 3 -5.24 -6.53 51.74
N TRP J 4 -4.61 -6.42 50.58
CA TRP J 4 -4.40 -5.10 50.01
C TRP J 4 -5.44 -4.68 49.06
N ASP J 5 -5.92 -3.46 49.21
CA ASP J 5 -6.87 -2.95 48.28
C ASP J 5 -6.07 -2.67 47.02
N TYR J 6 -6.56 -3.13 45.87
CA TYR J 6 -5.82 -2.92 44.64
C TYR J 6 -5.70 -1.47 44.29
N GLU J 7 -6.76 -0.70 44.46
CA GLU J 7 -6.72 0.68 44.01
C GLU J 7 -5.80 1.47 44.93
N GLN J 8 -5.78 1.09 46.20
CA GLN J 8 -4.83 1.68 47.13
C GLN J 8 -3.36 1.52 46.72
N LEU J 9 -2.98 0.32 46.30
CA LEU J 9 -1.59 0.08 45.99
C LEU J 9 -1.22 1.00 44.82
N ARG J 10 -2.15 1.14 43.89
CA ARG J 10 -2.04 2.06 42.75
C ARG J 10 -2.02 3.55 43.05
N GLU J 11 -2.92 4.03 43.90
CA GLU J 11 -2.92 5.42 44.37
C GLU J 11 -1.69 5.82 45.15
N GLU J 12 -1.11 4.87 45.87
CA GLU J 12 0.13 5.12 46.56
C GLU J 12 1.38 4.94 45.68
N TYR J 13 1.20 4.66 44.39
CA TYR J 13 2.39 4.47 43.55
C TYR J 13 3.28 5.64 43.17
N GLY J 14 4.57 5.34 43.05
CA GLY J 14 5.58 6.33 42.74
C GLY J 14 5.30 6.94 41.39
N GLU K 19 33.72 -8.24 55.93
CA GLU K 19 32.98 -9.47 56.04
C GLU K 19 33.43 -10.47 54.99
N TRP K 20 33.95 -11.61 55.45
CA TRP K 20 34.47 -12.67 54.57
C TRP K 20 33.42 -13.16 53.63
N LEU K 21 32.21 -13.38 54.11
CA LEU K 21 31.17 -13.96 53.30
C LEU K 21 30.88 -13.06 52.12
N GLN K 22 30.69 -11.76 52.28
CA GLN K 22 30.46 -10.88 51.14
C GLN K 22 31.66 -10.74 50.21
N ALA K 23 32.87 -10.81 50.76
CA ALA K 23 34.06 -10.68 49.94
C ALA K 23 34.10 -11.73 48.85
N GLU K 24 33.70 -12.93 49.26
CA GLU K 24 33.58 -14.12 48.43
C GLU K 24 32.41 -14.17 47.57
N ILE K 25 31.25 -13.80 48.06
CA ILE K 25 30.12 -13.75 47.17
C ILE K 25 30.32 -12.78 46.01
N ALA K 26 30.90 -11.63 46.26
CA ALA K 26 31.21 -10.67 45.22
C ALA K 26 32.13 -11.26 44.17
N ARG K 27 32.91 -12.29 44.52
CA ARG K 27 33.84 -12.87 43.57
C ARG K 27 33.20 -13.91 42.71
N LEU K 28 32.39 -14.74 43.33
CA LEU K 28 31.78 -15.87 42.67
C LEU K 28 30.76 -15.33 41.73
N LYS K 29 30.20 -14.20 42.03
CA LYS K 29 29.16 -13.69 41.18
C LYS K 29 29.77 -12.96 39.98
N GLY K 30 31.10 -12.93 39.87
CA GLY K 30 31.75 -12.30 38.71
C GLY K 30 32.02 -13.09 37.45
N LYS K 31 32.87 -12.57 36.55
CA LYS K 31 33.14 -13.28 35.31
C LYS K 31 34.62 -13.46 35.05
N SER K 32 34.99 -14.59 34.45
CA SER K 32 36.38 -14.86 34.13
C SER K 32 36.52 -15.76 32.92
N ILE K 33 37.70 -15.80 32.32
CA ILE K 33 37.96 -16.66 31.18
C ILE K 33 38.91 -17.79 31.55
N VAL K 34 38.44 -19.02 31.46
CA VAL K 34 39.27 -20.18 31.75
C VAL K 34 39.89 -20.72 30.50
N PRO K 35 41.21 -20.90 30.48
CA PRO K 35 41.83 -21.48 29.29
C PRO K 35 41.26 -22.86 29.06
N LEU K 36 40.87 -23.15 27.82
CA LEU K 36 40.37 -24.46 27.45
C LEU K 36 40.94 -24.82 26.10
N GLN K 37 40.86 -26.08 25.72
CA GLN K 37 41.41 -26.52 24.47
C GLN K 37 40.77 -25.89 23.23
N GLN K 38 39.50 -25.57 23.32
CA GLN K 38 38.76 -25.04 22.22
C GLN K 38 39.26 -23.70 22.04
N VAL K 39 39.54 -23.02 23.14
CA VAL K 39 39.98 -21.64 23.09
C VAL K 39 41.36 -21.54 22.54
N LYS K 40 42.27 -22.35 23.02
CA LYS K 40 43.60 -22.35 22.45
C LYS K 40 43.59 -22.70 20.97
N THR K 41 42.78 -23.68 20.58
CA THR K 41 42.73 -24.06 19.17
C THR K 41 42.34 -22.90 18.29
N LEU K 42 41.31 -22.17 18.70
CA LEU K 42 40.84 -21.04 17.92
C LEU K 42 41.92 -20.00 17.80
N HIS K 43 42.62 -19.71 18.87
CA HIS K 43 43.61 -18.65 18.80
C HIS K 43 44.68 -18.96 17.79
N ASP K 44 45.16 -20.19 17.78
CA ASP K 44 46.16 -20.60 16.78
C ASP K 44 45.63 -20.65 15.36
N TRP K 45 44.40 -21.12 15.20
CA TRP K 45 43.78 -21.15 13.88
C TRP K 45 43.55 -19.77 13.31
N LEU K 46 42.99 -18.85 14.08
CA LEU K 46 42.75 -17.53 13.63
C LEU K 46 44.04 -16.89 13.36
N ASP K 47 45.07 -17.10 14.15
CA ASP K 47 46.31 -16.39 13.90
C ASP K 47 46.95 -16.85 12.67
N GLY K 48 46.74 -18.09 12.31
CA GLY K 48 47.27 -18.59 11.09
C GLY K 48 46.58 -17.75 10.04
N LYS K 49 45.26 -17.72 10.07
CA LYS K 49 44.54 -17.03 9.09
C LYS K 49 44.83 -15.61 9.05
N ARG K 50 45.04 -14.95 10.14
CA ARG K 50 45.37 -13.57 10.06
C ARG K 50 46.56 -13.20 9.30
N LYS K 51 47.60 -14.00 9.30
CA LYS K 51 48.86 -13.62 8.69
C LYS K 51 48.87 -14.00 7.25
N ALA K 52 47.90 -14.78 6.83
CA ALA K 52 47.84 -15.26 5.48
C ALA K 52 46.81 -14.39 4.84
N ARG K 53 46.18 -13.52 5.60
CA ARG K 53 45.10 -12.70 5.17
C ARG K 53 43.99 -13.46 4.52
N LYS K 54 43.50 -14.55 5.08
CA LYS K 54 42.38 -15.25 4.45
C LYS K 54 41.10 -15.14 5.27
N SER K 55 39.91 -15.05 4.70
CA SER K 55 38.62 -14.98 5.37
C SER K 55 38.17 -16.42 5.68
N CYS K 56 37.32 -16.55 6.68
CA CYS K 56 36.86 -17.84 7.15
C CYS K 56 35.67 -17.65 8.06
N ARG K 57 35.05 -18.73 8.51
CA ARG K 57 33.97 -18.57 9.46
C ARG K 57 34.07 -19.52 10.63
N VAL K 58 33.45 -19.18 11.74
CA VAL K 58 33.44 -20.06 12.91
C VAL K 58 32.02 -20.39 13.28
N VAL K 59 31.69 -21.66 13.45
CA VAL K 59 30.33 -22.04 13.76
C VAL K 59 30.33 -22.93 14.98
N GLY K 60 29.19 -23.04 15.63
CA GLY K 60 29.02 -23.99 16.71
C GLY K 60 27.74 -23.70 17.45
N GLU K 61 27.39 -24.56 18.39
CA GLU K 61 26.11 -24.50 19.09
C GLU K 61 26.05 -23.30 20.05
N SER K 62 24.86 -22.88 20.41
CA SER K 62 24.71 -21.61 21.09
C SER K 62 25.31 -21.37 22.46
N ARG K 63 25.72 -22.40 23.18
CA ARG K 63 26.39 -22.18 24.46
C ARG K 63 27.79 -22.75 24.61
N THR K 64 28.51 -22.90 23.51
CA THR K 64 29.88 -23.41 23.57
C THR K 64 30.95 -22.40 23.92
N GLY K 65 30.66 -21.12 23.92
CA GLY K 65 31.61 -20.14 24.40
C GLY K 65 32.44 -19.55 23.29
N LYS K 66 31.78 -19.30 22.17
CA LYS K 66 32.35 -18.70 20.97
C LYS K 66 32.70 -17.24 21.13
N THR K 67 31.77 -16.44 21.63
CA THR K 67 32.02 -15.01 21.83
C THR K 67 33.19 -14.74 22.75
N VAL K 68 33.21 -15.41 23.89
CA VAL K 68 34.33 -15.38 24.83
C VAL K 68 35.68 -15.82 24.29
N ALA K 69 35.73 -16.89 23.52
CA ALA K 69 36.99 -17.29 22.86
C ALA K 69 37.59 -16.20 21.97
N CYS K 70 36.73 -15.47 21.30
CA CYS K 70 37.00 -14.33 20.39
C CYS K 70 37.52 -13.12 21.19
N ASP K 71 36.86 -12.81 22.32
CA ASP K 71 37.32 -11.72 23.22
C ASP K 71 38.71 -12.06 23.77
N ALA K 72 38.92 -13.31 24.13
CA ALA K 72 40.17 -13.71 24.72
C ALA K 72 41.21 -13.41 23.69
N TYR K 73 40.90 -13.66 22.42
CA TYR K 73 41.85 -13.33 21.38
C TYR K 73 42.05 -11.85 21.18
N ARG K 74 40.98 -11.09 21.10
CA ARG K 74 41.11 -9.67 20.89
C ARG K 74 42.02 -9.05 21.91
N TYR K 75 41.86 -9.44 23.16
CA TYR K 75 42.60 -8.88 24.27
C TYR K 75 44.07 -9.22 24.29
N ARG K 76 44.52 -10.12 23.45
CA ARG K 76 45.93 -10.42 23.46
C ARG K 76 46.64 -9.53 22.45
N HIS K 77 45.88 -8.70 21.72
CA HIS K 77 46.46 -7.85 20.68
C HIS K 77 46.00 -6.42 20.81
N LYS K 78 46.57 -5.70 21.77
CA LYS K 78 46.07 -4.38 22.09
C LYS K 78 46.46 -3.36 21.04
N PRO K 79 45.65 -2.32 20.88
CA PRO K 79 45.93 -1.21 19.99
C PRO K 79 47.29 -0.64 20.31
N GLN K 80 48.09 -0.23 19.35
CA GLN K 80 49.36 0.39 19.73
C GLN K 80 49.46 1.87 19.44
N GLN K 81 50.20 2.62 20.25
CA GLN K 81 50.23 4.07 20.10
C GLN K 81 51.56 4.77 20.20
N GLU K 82 51.81 5.60 19.19
CA GLU K 82 53.03 6.39 19.06
C GLU K 82 52.72 7.82 19.45
N ALA K 83 53.70 8.71 19.42
CA ALA K 83 53.41 10.09 19.75
C ALA K 83 52.46 10.84 18.80
N GLY K 84 52.45 10.52 17.52
CA GLY K 84 51.63 11.29 16.62
C GLY K 84 50.40 10.67 16.02
N ARG K 85 50.59 9.71 15.13
CA ARG K 85 49.55 9.07 14.35
C ARG K 85 48.56 8.24 15.14
N PRO K 86 47.39 7.98 14.58
CA PRO K 86 46.29 7.16 15.08
C PRO K 86 46.79 5.82 15.56
N PRO K 87 46.06 5.16 16.48
CA PRO K 87 46.30 3.88 17.05
C PRO K 87 46.46 2.88 15.99
N THR K 88 47.33 1.90 16.13
CA THR K 88 47.40 0.84 15.17
C THR K 88 46.52 -0.18 15.79
N VAL K 89 45.59 -0.76 15.03
CA VAL K 89 44.61 -1.68 15.61
C VAL K 89 44.50 -2.96 14.81
N PRO K 90 45.39 -3.91 15.08
CA PRO K 90 45.39 -5.18 14.38
C PRO K 90 44.06 -5.92 14.33
N VAL K 91 43.26 -5.95 15.38
CA VAL K 91 41.99 -6.68 15.35
C VAL K 91 40.77 -5.82 15.67
N VAL K 92 39.76 -5.81 14.80
CA VAL K 92 38.53 -5.09 15.09
C VAL K 92 37.38 -6.05 15.34
N TYR K 93 36.65 -5.89 16.43
CA TYR K 93 35.56 -6.80 16.76
C TYR K 93 34.26 -6.04 16.87
N ILE K 94 33.25 -6.41 16.10
CA ILE K 94 31.95 -5.75 16.17
C ILE K 94 30.79 -6.71 16.32
N ARG K 95 29.63 -6.25 16.79
CA ARG K 95 28.45 -7.09 16.74
C ARG K 95 27.33 -6.25 16.16
N PRO K 96 26.73 -6.69 15.04
CA PRO K 96 25.64 -5.97 14.39
C PRO K 96 24.32 -6.08 15.12
N HIS K 97 23.44 -5.09 14.94
CA HIS K 97 22.04 -5.12 15.46
C HIS K 97 21.18 -5.96 14.51
N GLN K 98 19.91 -6.14 14.85
CA GLN K 98 19.01 -6.98 14.01
C GLN K 98 18.70 -6.29 12.68
N LYS K 99 18.67 -7.09 11.60
CA LYS K 99 18.41 -6.57 10.24
C LYS K 99 19.35 -5.38 10.00
N CYS K 100 20.65 -5.61 10.19
CA CYS K 100 21.71 -4.59 10.06
C CYS K 100 21.88 -4.15 8.60
N GLY K 101 21.91 -2.88 8.28
CA GLY K 101 22.04 -2.52 6.89
C GLY K 101 23.41 -1.98 6.62
N PRO K 102 23.68 -1.57 5.39
CA PRO K 102 24.95 -1.01 4.95
C PRO K 102 25.26 0.25 5.62
N LYS K 103 24.31 1.02 6.11
CA LYS K 103 24.71 2.27 6.74
C LYS K 103 25.22 2.05 8.10
N ASP K 104 24.84 0.92 8.69
CA ASP K 104 25.05 0.61 10.10
C ASP K 104 26.36 0.03 10.50
N LEU K 105 26.87 -0.77 9.61
CA LEU K 105 28.21 -1.28 9.59
C LEU K 105 29.32 -0.32 9.46
N PHE K 106 29.20 0.70 8.64
CA PHE K 106 30.27 1.66 8.54
C PHE K 106 30.32 2.46 9.79
N LYS K 107 29.19 2.75 10.42
CA LYS K 107 29.18 3.53 11.61
C LYS K 107 29.93 2.73 12.64
N LYS K 108 29.63 1.44 12.84
CA LYS K 108 30.27 0.70 13.97
C LYS K 108 31.79 0.58 13.73
N ILE K 109 32.21 0.37 12.48
CA ILE K 109 33.68 0.22 12.19
C ILE K 109 34.41 1.51 12.57
N THR K 110 33.80 2.64 12.18
CA THR K 110 34.34 4.01 12.41
C THR K 110 34.39 4.32 13.91
N GLU K 111 33.35 3.95 14.67
CA GLU K 111 33.33 4.21 16.13
C GLU K 111 34.39 3.34 16.83
N TYR K 112 34.45 2.11 16.39
CA TYR K 112 35.34 1.21 17.00
C TYR K 112 36.71 1.80 16.92
N LEU K 113 37.10 2.34 15.80
CA LEU K 113 38.45 2.88 15.71
C LEU K 113 38.66 4.24 16.30
N LYS K 114 37.65 4.72 17.00
CA LYS K 114 37.59 6.00 17.68
C LYS K 114 37.61 7.26 16.84
N TYR K 115 36.87 7.25 15.75
CA TYR K 115 36.70 8.45 14.95
C TYR K 115 35.28 8.93 15.13
N ARG K 116 35.03 10.23 15.03
CA ARG K 116 33.65 10.69 15.04
C ARG K 116 32.90 10.46 13.75
N VAL K 117 31.70 9.94 13.86
CA VAL K 117 30.85 9.79 12.71
C VAL K 117 29.96 11.00 12.45
N THR K 118 30.07 11.60 11.27
CA THR K 118 29.27 12.79 10.98
C THR K 118 28.14 12.44 10.02
N LYS K 119 27.19 13.35 9.84
CA LYS K 119 26.09 13.13 8.90
C LYS K 119 26.45 13.15 7.41
N GLY K 120 25.90 12.20 6.66
CA GLY K 120 26.07 12.10 5.22
C GLY K 120 25.21 10.97 4.68
N THR K 121 25.47 10.46 3.47
CA THR K 121 24.70 9.32 2.95
C THR K 121 25.60 8.06 2.91
N VAL K 122 25.11 6.92 2.39
CA VAL K 122 25.89 5.68 2.41
C VAL K 122 27.19 5.76 1.74
N SER K 123 27.28 6.42 0.62
CA SER K 123 28.56 6.53 0.00
C SER K 123 29.48 7.35 0.82
N ASP K 124 28.97 8.20 1.69
CA ASP K 124 29.93 8.93 2.48
C ASP K 124 30.41 8.12 3.62
N PHE K 125 29.56 7.29 4.21
CA PHE K 125 30.13 6.48 5.29
C PHE K 125 31.17 5.51 4.73
N ARG K 126 30.89 4.95 3.56
CA ARG K 126 31.80 4.04 2.90
C ARG K 126 33.12 4.64 2.55
N ASP K 127 33.16 5.81 1.98
CA ASP K 127 34.43 6.39 1.60
C ASP K 127 35.26 6.64 2.84
N ARG K 128 34.61 7.09 3.92
CA ARG K 128 35.24 7.34 5.22
C ARG K 128 35.71 6.12 5.94
N THR K 129 34.94 5.03 5.86
CA THR K 129 35.37 3.75 6.42
C THR K 129 36.61 3.25 5.77
N ILE K 130 36.75 3.27 4.46
CA ILE K 130 37.95 2.87 3.86
C ILE K 130 39.09 3.83 4.26
N GLU K 131 38.95 5.15 4.29
CA GLU K 131 40.03 5.95 4.84
C GLU K 131 40.45 5.61 6.29
N VAL K 132 39.54 5.26 7.22
CA VAL K 132 40.09 5.00 8.55
C VAL K 132 40.70 3.60 8.64
N LEU K 133 40.19 2.65 7.84
CA LEU K 133 40.71 1.30 7.78
C LEU K 133 42.14 1.32 7.23
N LYS K 134 42.43 2.23 6.30
CA LYS K 134 43.79 2.46 5.80
C LYS K 134 44.53 3.37 6.78
N GLY K 135 45.85 3.24 6.79
CA GLY K 135 46.73 4.07 7.59
C GLY K 135 46.77 3.42 8.96
N CYS K 136 45.60 3.32 9.57
CA CYS K 136 45.47 2.62 10.82
C CYS K 136 45.63 1.16 10.48
N GLY K 137 46.66 0.47 10.96
CA GLY K 137 46.86 -0.87 10.49
C GLY K 137 45.68 -1.63 11.03
N VAL K 138 44.94 -2.30 10.16
CA VAL K 138 43.92 -3.24 10.58
C VAL K 138 44.23 -4.46 9.72
N GLU K 139 44.34 -5.59 10.41
CA GLU K 139 44.64 -6.86 9.78
C GLU K 139 43.45 -7.82 9.79
N MET K 140 42.65 -7.82 10.85
CA MET K 140 41.49 -8.70 10.90
C MET K 140 40.20 -8.05 11.43
N LEU K 141 39.08 -8.38 10.80
CA LEU K 141 37.77 -7.91 11.24
C LEU K 141 36.96 -9.13 11.71
N ILE K 142 36.44 -9.13 12.94
CA ILE K 142 35.61 -10.23 13.38
C ILE K 142 34.17 -9.83 13.55
N ILE K 143 33.24 -10.48 12.87
CA ILE K 143 31.85 -10.10 12.99
C ILE K 143 31.09 -11.14 13.77
N ASP K 144 30.62 -10.78 14.95
CA ASP K 144 29.85 -11.69 15.77
C ASP K 144 28.43 -11.72 15.30
N GLU K 145 27.68 -12.76 15.69
CA GLU K 145 26.31 -12.95 15.23
C GLU K 145 26.18 -12.61 13.76
N ALA K 146 26.96 -13.24 12.90
CA ALA K 146 27.03 -12.81 11.52
C ALA K 146 25.71 -12.82 10.82
N ASP K 147 24.82 -13.72 11.19
CA ASP K 147 23.51 -13.80 10.56
C ASP K 147 22.51 -12.68 10.88
N ARG K 148 22.90 -11.62 11.59
CA ARG K 148 22.02 -10.53 11.68
C ARG K 148 22.09 -9.61 10.48
N LEU K 149 23.04 -9.84 9.61
CA LEU K 149 23.28 -8.95 8.47
C LEU K 149 22.19 -9.17 7.44
N LYS K 150 21.77 -8.10 6.80
CA LYS K 150 20.90 -8.13 5.66
C LYS K 150 21.73 -8.62 4.55
N PRO K 151 21.19 -9.44 3.64
CA PRO K 151 21.89 -9.84 2.44
C PRO K 151 22.53 -8.77 1.63
N GLU K 152 22.00 -7.59 1.52
CA GLU K 152 22.68 -6.58 0.75
C GLU K 152 23.99 -6.16 1.34
N THR K 153 24.26 -6.44 2.60
CA THR K 153 25.49 -5.91 3.19
C THR K 153 26.65 -6.71 2.79
N PHE K 154 26.38 -7.91 2.33
CA PHE K 154 27.45 -8.83 2.06
C PHE K 154 28.26 -8.32 0.88
N ALA K 155 27.65 -7.52 0.03
CA ALA K 155 28.40 -6.94 -1.07
C ALA K 155 29.49 -6.06 -0.51
N ASP K 156 29.19 -5.32 0.55
CA ASP K 156 30.15 -4.39 1.12
C ASP K 156 31.23 -5.09 1.94
N VAL K 157 30.83 -6.17 2.63
CA VAL K 157 31.80 -7.00 3.33
C VAL K 157 32.80 -7.69 2.41
N ARG K 158 32.35 -8.25 1.29
CA ARG K 158 33.25 -8.92 0.37
C ARG K 158 34.21 -7.95 -0.26
N ASP K 159 33.71 -6.78 -0.63
CA ASP K 159 34.50 -5.76 -1.29
C ASP K 159 35.67 -5.32 -0.44
N ILE K 160 35.42 -5.12 0.85
CA ILE K 160 36.46 -4.79 1.81
C ILE K 160 37.47 -5.91 1.92
N ALA K 161 37.00 -7.15 2.03
CA ALA K 161 37.86 -8.27 2.17
C ALA K 161 38.71 -8.33 0.94
N GLU K 162 38.20 -7.97 -0.22
CA GLU K 162 39.04 -8.14 -1.44
C GLU K 162 39.96 -6.93 -1.63
N ASP K 163 39.45 -5.72 -1.36
CA ASP K 163 40.13 -4.43 -1.68
C ASP K 163 41.27 -4.15 -0.69
N LEU K 164 41.06 -4.48 0.59
CA LEU K 164 42.06 -4.20 1.65
C LEU K 164 42.63 -5.53 2.16
N GLY K 165 43.87 -5.56 2.61
CA GLY K 165 44.42 -6.81 3.10
C GLY K 165 43.87 -7.10 4.47
N ILE K 166 42.57 -7.32 4.54
CA ILE K 166 41.90 -7.59 5.79
C ILE K 166 41.24 -8.93 5.76
N ALA K 167 41.48 -9.75 6.77
CA ALA K 167 40.82 -11.04 6.87
C ALA K 167 39.50 -10.74 7.54
N VAL K 168 38.42 -11.34 7.07
CA VAL K 168 37.13 -11.16 7.69
C VAL K 168 36.70 -12.49 8.22
N VAL K 169 36.32 -12.55 9.49
CA VAL K 169 35.86 -13.78 10.11
C VAL K 169 34.40 -13.67 10.48
N LEU K 170 33.55 -14.58 10.04
CA LEU K 170 32.14 -14.59 10.40
C LEU K 170 31.89 -15.59 11.50
N VAL K 171 31.34 -15.17 12.64
CA VAL K 171 31.09 -16.07 13.76
C VAL K 171 29.62 -16.32 13.93
N GLY K 172 29.19 -17.55 14.08
CA GLY K 172 27.76 -17.78 14.34
C GLY K 172 27.25 -19.20 14.63
N THR K 173 25.94 -19.40 14.64
CA THR K 173 25.27 -20.69 14.84
C THR K 173 24.96 -21.38 13.49
N ASP K 174 24.34 -22.56 13.52
CA ASP K 174 24.05 -23.35 12.32
C ASP K 174 23.09 -22.66 11.34
N ARG K 175 22.31 -21.73 11.82
CA ARG K 175 21.55 -20.97 10.92
C ARG K 175 22.43 -20.19 10.01
N LEU K 176 23.64 -19.85 10.42
CA LEU K 176 24.47 -18.98 9.58
C LEU K 176 24.70 -19.69 8.30
N ASP K 177 25.04 -20.95 8.35
CA ASP K 177 25.26 -21.65 7.12
C ASP K 177 24.03 -21.77 6.28
N ALA K 178 22.87 -21.90 6.86
CA ALA K 178 21.70 -21.85 6.04
C ALA K 178 21.61 -20.52 5.34
N VAL K 179 22.00 -19.42 5.95
CA VAL K 179 21.93 -18.17 5.22
C VAL K 179 23.02 -18.05 4.20
N ILE K 180 24.23 -18.40 4.57
CA ILE K 180 25.36 -18.25 3.66
C ILE K 180 25.20 -19.06 2.39
N LYS K 181 24.68 -20.28 2.46
CA LYS K 181 24.55 -21.10 1.26
C LYS K 181 23.50 -20.62 0.29
N ARG K 182 22.85 -19.52 0.61
CA ARG K 182 21.89 -18.93 -0.30
C ARG K 182 22.59 -18.18 -1.38
N ASP K 183 23.88 -17.86 -1.23
CA ASP K 183 24.55 -17.04 -2.23
C ASP K 183 25.88 -17.58 -2.61
N GLU K 184 26.05 -18.01 -3.82
CA GLU K 184 27.31 -18.57 -4.21
C GLU K 184 28.47 -17.70 -4.00
N GLN K 185 28.39 -16.41 -4.21
CA GLN K 185 29.59 -15.61 -4.12
C GLN K 185 30.12 -15.55 -2.76
N VAL K 186 29.27 -15.44 -1.77
CA VAL K 186 29.67 -15.45 -0.37
C VAL K 186 30.09 -16.76 0.12
N LEU K 187 29.41 -17.80 -0.23
CA LEU K 187 29.79 -19.10 0.24
C LEU K 187 31.19 -19.39 -0.09
N GLU K 188 31.66 -19.04 -1.26
CA GLU K 188 33.04 -19.15 -1.68
C GLU K 188 34.07 -18.27 -1.06
N ARG K 189 33.76 -17.05 -0.67
CA ARG K 189 34.79 -16.28 0.01
C ARG K 189 35.05 -16.95 1.33
N PHE K 190 33.99 -17.44 1.98
CA PHE K 190 34.07 -17.91 3.36
C PHE K 190 33.97 -19.41 3.52
N ARG K 191 34.52 -20.13 2.56
CA ARG K 191 34.52 -21.59 2.59
C ARG K 191 35.16 -22.35 3.74
N ALA K 192 36.36 -21.94 4.18
CA ALA K 192 37.01 -22.56 5.32
C ALA K 192 36.35 -22.27 6.63
N HIS K 193 36.33 -23.24 7.54
CA HIS K 193 35.58 -23.04 8.78
C HIS K 193 36.18 -23.80 9.92
N LEU K 194 35.92 -23.36 11.15
CA LEU K 194 36.24 -24.14 12.33
C LEU K 194 34.97 -24.32 13.13
N ARG K 195 34.78 -25.46 13.75
CA ARG K 195 33.58 -25.72 14.53
C ARG K 195 33.78 -25.99 16.01
N PHE K 196 32.97 -25.36 16.84
CA PHE K 196 32.94 -25.61 18.28
C PHE K 196 31.84 -26.60 18.62
N GLY K 197 32.08 -27.48 19.57
CA GLY K 197 31.02 -28.37 20.00
C GLY K 197 30.94 -28.60 21.49
N LYS K 198 30.19 -29.62 21.87
CA LYS K 198 29.98 -29.93 23.27
C LYS K 198 31.16 -30.66 23.89
N LEU K 199 31.27 -30.60 25.21
CA LEU K 199 32.22 -31.41 25.98
C LEU K 199 31.70 -32.80 26.30
N SER K 200 32.60 -33.77 26.38
CA SER K 200 32.21 -35.11 26.74
C SER K 200 33.31 -35.93 27.36
N GLY K 201 32.94 -37.08 27.93
CA GLY K 201 33.91 -38.03 28.41
C GLY K 201 34.94 -37.47 29.34
N GLU K 202 36.21 -37.71 29.06
CA GLU K 202 37.29 -37.18 29.86
C GLU K 202 37.40 -35.69 29.86
N ASP K 203 37.01 -35.05 28.77
CA ASP K 203 37.13 -33.62 28.66
C ASP K 203 36.16 -32.86 29.51
N PHE K 204 34.93 -33.31 29.57
CA PHE K 204 33.98 -32.76 30.46
C PHE K 204 34.38 -32.99 31.92
N LYS K 205 34.70 -34.21 32.30
CA LYS K 205 35.23 -34.45 33.64
C LYS K 205 36.44 -33.68 34.14
N ASN K 206 37.44 -33.52 33.33
CA ASN K 206 38.66 -32.73 33.65
C ASN K 206 38.29 -31.25 33.78
N THR K 207 37.33 -30.79 32.97
CA THR K 207 36.87 -29.37 33.01
C THR K 207 36.23 -29.05 34.36
N VAL K 208 35.43 -30.01 34.81
CA VAL K 208 34.67 -29.88 36.00
C VAL K 208 35.73 -29.72 37.03
N GLU K 209 36.72 -30.60 37.03
CA GLU K 209 37.78 -30.48 38.02
C GLU K 209 38.50 -29.17 37.87
N MET K 210 38.77 -28.70 36.66
CA MET K 210 39.45 -27.42 36.55
C MET K 210 38.63 -26.38 37.24
N TRP K 211 37.32 -26.39 37.08
CA TRP K 211 36.47 -25.32 37.51
C TRP K 211 36.38 -25.25 38.96
N GLU K 212 36.51 -26.39 39.59
CA GLU K 212 36.49 -26.43 41.01
C GLU K 212 37.75 -25.85 41.64
N GLN K 213 38.91 -26.23 41.11
CA GLN K 213 40.17 -25.76 41.68
C GLN K 213 40.52 -24.41 41.17
N MET K 214 40.23 -24.15 39.90
CA MET K 214 40.63 -22.87 39.31
C MET K 214 39.62 -21.72 39.47
N VAL K 215 38.33 -22.02 39.58
CA VAL K 215 37.33 -20.97 39.74
C VAL K 215 36.58 -20.86 41.07
N LEU K 216 36.01 -21.97 41.56
CA LEU K 216 35.22 -21.92 42.78
C LEU K 216 36.00 -21.68 44.07
N LYS K 217 37.07 -22.44 44.27
CA LYS K 217 37.97 -22.29 45.40
C LYS K 217 37.37 -22.21 46.81
N LEU K 218 36.48 -23.14 47.15
CA LEU K 218 35.81 -23.08 48.43
C LEU K 218 36.78 -23.60 49.51
N PRO K 219 36.57 -23.22 50.77
CA PRO K 219 37.52 -23.55 51.85
C PRO K 219 37.85 -25.03 51.95
N VAL K 220 36.86 -25.87 51.70
CA VAL K 220 37.04 -27.31 51.74
C VAL K 220 37.10 -28.04 50.39
N SER K 221 36.16 -27.64 49.52
CA SER K 221 35.90 -28.05 48.11
C SER K 221 35.02 -29.30 48.11
N SER K 222 34.55 -29.72 46.95
CA SER K 222 33.51 -30.75 46.92
C SER K 222 33.91 -32.09 46.32
N ASN K 223 35.05 -32.14 45.64
CA ASN K 223 35.47 -33.31 44.87
C ASN K 223 34.49 -33.68 43.75
N LEU K 224 34.20 -32.73 42.87
CA LEU K 224 33.20 -32.97 41.83
C LEU K 224 33.55 -33.97 40.72
N LYS K 225 34.70 -34.63 40.77
CA LYS K 225 34.99 -35.61 39.75
C LYS K 225 34.61 -36.99 40.19
N SER K 226 33.98 -37.09 41.34
CA SER K 226 33.45 -38.35 41.82
C SER K 226 32.29 -38.81 41.00
N LYS K 227 32.03 -40.09 40.97
CA LYS K 227 30.98 -40.59 40.10
C LYS K 227 29.62 -40.01 40.42
N GLU K 228 29.32 -39.86 41.69
CA GLU K 228 28.01 -39.36 42.12
C GLU K 228 27.68 -37.95 41.71
N MET K 229 28.69 -37.09 41.72
CA MET K 229 28.49 -35.70 41.37
C MET K 229 28.56 -35.47 39.89
N LEU K 230 29.38 -36.23 39.20
CA LEU K 230 29.42 -36.04 37.77
C LEU K 230 28.12 -36.44 37.17
N ARG K 231 27.47 -37.48 37.67
CA ARG K 231 26.16 -37.80 37.11
C ARG K 231 25.20 -36.66 37.23
N ILE K 232 25.23 -35.94 38.33
CA ILE K 232 24.30 -34.86 38.49
C ILE K 232 24.59 -33.78 37.51
N LEU K 233 25.85 -33.37 37.40
CA LEU K 233 26.27 -32.35 36.46
C LEU K 233 26.12 -32.71 35.02
N THR K 234 26.39 -33.96 34.68
CA THR K 234 26.26 -34.36 33.30
C THR K 234 24.83 -34.24 32.85
N SER K 235 23.91 -34.73 33.65
CA SER K 235 22.52 -34.66 33.27
C SER K 235 22.05 -33.21 33.26
N ALA K 236 22.49 -32.43 34.21
CA ALA K 236 22.14 -31.03 34.25
C ALA K 236 22.70 -30.15 33.14
N THR K 237 23.93 -30.41 32.70
CA THR K 237 24.60 -29.51 31.75
C THR K 237 24.74 -29.95 30.30
N GLU K 238 24.65 -31.25 30.05
CA GLU K 238 24.74 -31.86 28.71
C GLU K 238 25.95 -31.40 27.90
N GLY K 239 27.06 -31.13 28.58
CA GLY K 239 28.29 -30.70 27.94
C GLY K 239 28.46 -29.26 27.49
N TYR K 240 27.54 -28.37 27.80
CA TYR K 240 27.72 -27.02 27.32
C TYR K 240 28.52 -26.33 28.39
N ILE K 241 29.53 -25.57 28.02
CA ILE K 241 30.31 -24.88 29.00
C ILE K 241 29.51 -23.80 29.65
N GLY K 242 28.61 -23.18 28.95
CA GLY K 242 27.69 -22.15 29.47
C GLY K 242 26.78 -22.70 30.56
N ARG K 243 26.34 -23.91 30.45
CA ARG K 243 25.53 -24.43 31.50
C ARG K 243 26.35 -24.83 32.66
N LEU K 244 27.50 -25.42 32.45
CA LEU K 244 28.31 -25.82 33.58
C LEU K 244 28.71 -24.66 34.40
N ASP K 245 29.11 -23.56 33.83
CA ASP K 245 29.49 -22.45 34.62
C ASP K 245 28.37 -21.91 35.42
N GLU K 246 27.20 -21.70 34.86
CA GLU K 246 26.12 -21.11 35.64
C GLU K 246 25.73 -21.95 36.76
N ILE K 247 25.58 -23.22 36.51
CA ILE K 247 25.20 -24.11 37.56
C ILE K 247 26.18 -24.22 38.67
N LEU K 248 27.47 -24.34 38.45
CA LEU K 248 28.37 -24.41 39.61
C LEU K 248 28.43 -23.13 40.34
N ARG K 249 28.37 -21.99 39.70
CA ARG K 249 28.38 -20.77 40.45
C ARG K 249 27.12 -20.55 41.24
N GLU K 250 25.95 -20.92 40.73
CA GLU K 250 24.70 -20.71 41.47
C GLU K 250 24.79 -21.60 42.70
N ALA K 251 25.23 -22.85 42.56
CA ALA K 251 25.48 -23.71 43.70
C ALA K 251 26.55 -23.27 44.67
N ALA K 252 27.68 -22.72 44.28
CA ALA K 252 28.59 -22.21 45.32
C ALA K 252 28.04 -21.03 46.09
N ILE K 253 27.39 -20.06 45.48
CA ILE K 253 26.95 -18.91 46.27
C ILE K 253 25.77 -19.30 47.13
N ARG K 254 24.93 -20.22 46.70
CA ARG K 254 23.78 -20.63 47.53
C ARG K 254 24.32 -21.29 48.74
N SER K 255 25.26 -22.14 48.50
CA SER K 255 25.94 -22.92 49.57
C SER K 255 26.65 -22.01 50.57
N LEU K 256 27.39 -21.03 50.12
CA LEU K 256 27.97 -20.13 51.09
C LEU K 256 27.01 -19.31 51.89
N SER K 257 25.90 -18.96 51.28
CA SER K 257 24.99 -18.09 51.98
C SER K 257 24.43 -18.82 53.21
N ARG K 258 24.52 -20.15 53.16
CA ARG K 258 24.00 -21.05 54.19
C ARG K 258 25.09 -21.56 55.12
N GLY K 259 26.27 -20.98 55.03
CA GLY K 259 27.33 -21.30 55.96
C GLY K 259 28.11 -22.57 55.67
N LEU K 260 28.06 -23.04 54.43
CA LEU K 260 28.77 -24.26 54.09
C LEU K 260 30.16 -23.92 53.54
N LYS K 261 31.07 -24.88 53.65
CA LYS K 261 32.37 -24.77 53.01
C LYS K 261 32.57 -25.59 51.75
N LYS K 262 31.51 -26.25 51.29
CA LYS K 262 31.58 -27.01 50.05
C LYS K 262 30.20 -27.20 49.43
N ILE K 263 30.15 -27.57 48.16
CA ILE K 263 28.90 -27.97 47.51
C ILE K 263 28.60 -29.44 47.76
N ASP K 264 27.43 -29.73 48.33
CA ASP K 264 26.97 -31.10 48.50
C ASP K 264 25.97 -31.47 47.43
N LYS K 265 25.56 -32.74 47.42
CA LYS K 265 24.46 -33.23 46.60
C LYS K 265 23.07 -32.61 46.70
N ALA K 266 22.54 -32.41 47.89
CA ALA K 266 21.22 -31.80 47.94
C ALA K 266 21.19 -30.37 47.40
N VAL K 267 22.20 -29.55 47.66
CA VAL K 267 22.14 -28.15 47.16
C VAL K 267 22.29 -28.16 45.64
N LEU K 268 23.21 -29.01 45.14
CA LEU K 268 23.50 -29.06 43.67
C LEU K 268 22.23 -29.52 42.95
N GLN K 269 21.56 -30.54 43.49
CA GLN K 269 20.29 -31.05 42.89
C GLN K 269 19.21 -29.99 43.02
N GLU K 270 19.18 -29.31 44.17
CA GLU K 270 18.20 -28.21 44.44
C GLU K 270 18.34 -27.16 43.32
N VAL K 271 19.56 -26.79 42.97
CA VAL K 271 19.79 -25.80 41.86
C VAL K 271 19.45 -26.44 40.51
N ALA K 272 19.95 -27.65 40.26
CA ALA K 272 19.79 -28.28 38.92
C ALA K 272 18.31 -28.40 38.58
N LYS K 273 17.47 -28.69 39.58
CA LYS K 273 16.01 -28.93 39.36
C LYS K 273 15.30 -27.64 38.96
N GLU K 274 15.98 -26.49 39.11
CA GLU K 274 15.37 -25.17 38.76
C GLU K 274 15.62 -24.86 37.28
N TYR K 275 16.33 -25.75 36.58
CA TYR K 275 16.63 -25.54 35.15
C TYR K 275 16.06 -26.71 34.32
N ILE L 1 46.97 -23.40 36.55
CA ILE L 1 46.71 -22.71 35.30
C ILE L 1 46.14 -21.34 35.67
N GLU L 2 46.65 -20.31 35.02
CA GLU L 2 46.19 -18.96 35.31
C GLU L 2 44.82 -18.76 34.71
N VAL L 3 43.96 -18.05 35.42
CA VAL L 3 42.66 -17.68 34.89
C VAL L 3 42.55 -16.16 34.82
N TRP L 4 42.00 -15.64 33.74
CA TRP L 4 41.88 -14.19 33.63
C TRP L 4 40.59 -13.65 34.11
N ASP L 5 40.67 -12.60 34.91
CA ASP L 5 39.46 -11.97 35.35
C ASP L 5 38.94 -11.23 34.13
N TYR L 6 37.67 -11.38 33.81
CA TYR L 6 37.12 -10.74 32.64
C TYR L 6 37.16 -9.24 32.76
N GLU L 7 36.82 -8.70 33.91
CA GLU L 7 36.72 -7.26 34.03
C GLU L 7 38.13 -6.67 33.96
N GLN L 8 39.10 -7.38 34.49
CA GLN L 8 40.48 -6.98 34.34
C GLN L 8 40.95 -6.82 32.90
N LEU L 9 40.62 -7.78 32.05
CA LEU L 9 41.11 -7.73 30.68
C LEU L 9 40.53 -6.47 30.04
N ARG L 10 39.28 -6.19 30.36
CA ARG L 10 38.58 -4.97 29.95
C ARG L 10 39.10 -3.64 30.48
N GLU L 11 39.37 -3.57 31.78
CA GLU L 11 39.97 -2.37 32.40
C GLU L 11 41.36 -2.07 31.89
N GLU L 12 42.12 -3.10 31.54
CA GLU L 12 43.41 -2.91 30.94
C GLU L 12 43.37 -2.66 29.43
N TYR L 13 42.18 -2.56 28.83
CA TYR L 13 42.13 -2.35 27.38
C TYR L 13 42.54 -1.00 26.78
N GLY L 14 43.10 -1.08 25.59
CA GLY L 14 43.61 0.07 24.87
C GLY L 14 42.46 1.01 24.58
N GLU M 19 67.58 -13.93 4.69
CA GLU M 19 67.04 -15.23 5.02
C GLU M 19 66.27 -15.80 3.85
N TRP M 20 66.73 -16.95 3.34
CA TRP M 20 66.14 -17.62 2.19
C TRP M 20 64.68 -17.96 2.43
N LEU M 21 64.37 -18.46 3.61
CA LEU M 21 63.03 -18.90 3.87
C LEU M 21 62.07 -17.74 3.75
N GLN M 22 62.32 -16.58 4.35
CA GLN M 22 61.42 -15.45 4.19
C GLN M 22 61.37 -14.89 2.78
N ALA M 23 62.48 -14.95 2.05
CA ALA M 23 62.50 -14.44 0.69
C ALA M 23 61.47 -15.10 -0.17
N GLU M 24 61.37 -16.41 0.02
CA GLU M 24 60.43 -17.32 -0.61
C GLU M 24 59.06 -17.25 -0.11
N ILE M 25 58.87 -17.19 1.19
CA ILE M 25 57.52 -17.04 1.66
C ILE M 25 56.86 -15.76 1.17
N ALA M 26 57.59 -14.66 1.14
CA ALA M 26 57.10 -13.40 0.62
C ALA M 26 56.67 -13.55 -0.84
N ARG M 27 57.21 -14.52 -1.57
CA ARG M 27 56.86 -14.67 -2.97
C ARG M 27 55.62 -15.48 -3.16
N LEU M 28 55.52 -16.56 -2.41
CA LEU M 28 54.45 -17.51 -2.56
C LEU M 28 53.21 -16.85 -2.06
N LYS M 29 53.33 -15.94 -1.14
CA LYS M 29 52.15 -15.36 -0.59
C LYS M 29 51.65 -14.22 -1.50
N GLY M 30 52.31 -13.98 -2.64
CA GLY M 30 51.85 -12.97 -3.58
C GLY M 30 50.85 -13.31 -4.67
N LYS M 31 50.70 -12.44 -5.67
CA LYS M 31 49.72 -12.71 -6.73
C LYS M 31 50.31 -12.62 -8.12
N SER M 32 49.85 -13.46 -9.02
CA SER M 32 50.31 -13.44 -10.40
C SER M 32 49.26 -13.93 -11.37
N ILE M 33 49.44 -13.63 -12.66
CA ILE M 33 48.51 -14.08 -13.68
C ILE M 33 49.15 -15.12 -14.58
N VAL M 34 48.59 -16.32 -14.58
CA VAL M 34 49.09 -17.40 -15.41
C VAL M 34 48.34 -17.47 -16.71
N PRO M 35 49.04 -17.46 -17.84
CA PRO M 35 48.32 -17.58 -19.11
C PRO M 35 47.57 -18.89 -19.14
N LEU M 36 46.31 -18.86 -19.53
CA LEU M 36 45.51 -20.05 -19.66
C LEU M 36 44.67 -19.92 -20.92
N GLN M 37 44.10 -21.01 -21.38
CA GLN M 37 43.32 -20.98 -22.60
C GLN M 37 42.07 -20.11 -22.53
N GLN M 38 41.48 -20.00 -21.36
CA GLN M 38 40.27 -19.27 -21.18
C GLN M 38 40.63 -17.88 -21.32
N VAL M 39 41.80 -17.54 -20.80
CA VAL M 39 42.25 -16.16 -20.81
C VAL M 39 42.60 -15.70 -22.19
N LYS M 40 43.36 -16.50 -22.91
CA LYS M 40 43.64 -16.16 -24.29
C LYS M 40 42.38 -16.06 -25.11
N THR M 41 41.44 -16.98 -24.92
CA THR M 41 40.20 -16.93 -25.71
C THR M 41 39.48 -15.62 -25.52
N LEU M 42 39.36 -15.19 -24.28
CA LEU M 42 38.66 -13.95 -24.00
C LEU M 42 39.34 -12.79 -24.65
N HIS M 43 40.66 -12.73 -24.59
CA HIS M 43 41.34 -11.58 -25.15
C HIS M 43 41.07 -11.44 -26.62
N ASP M 44 41.11 -12.54 -27.37
CA ASP M 44 40.82 -12.50 -28.79
C ASP M 44 39.36 -12.20 -29.10
N TRP M 45 38.45 -12.75 -28.31
CA TRP M 45 37.03 -12.49 -28.48
C TRP M 45 36.67 -11.03 -28.21
N LEU M 46 37.15 -10.48 -27.11
CA LEU M 46 36.87 -9.12 -26.79
C LEU M 46 37.49 -8.27 -27.80
N ASP M 47 38.67 -8.55 -28.29
CA ASP M 47 39.29 -7.66 -29.24
C ASP M 47 38.58 -7.64 -30.52
N GLY M 48 37.96 -8.74 -30.87
CA GLY M 48 37.17 -8.78 -32.06
C GLY M 48 36.09 -7.76 -31.80
N LYS M 49 35.37 -7.92 -30.71
CA LYS M 49 34.30 -7.08 -30.42
C LYS M 49 34.67 -5.68 -30.29
N ARG M 50 35.79 -5.35 -29.73
CA ARG M 50 36.15 -3.97 -29.68
C ARG M 50 36.28 -3.25 -30.94
N LYS M 51 36.72 -3.86 -32.00
CA LYS M 51 37.00 -3.16 -33.23
C LYS M 51 35.77 -3.10 -34.08
N ALA M 52 34.75 -3.84 -33.72
CA ALA M 52 33.55 -3.90 -34.48
C ALA M 52 32.59 -3.04 -33.73
N ARG M 53 33.01 -2.51 -32.60
CA ARG M 53 32.19 -1.75 -31.72
C ARG M 53 30.91 -2.43 -31.35
N LYS M 54 30.90 -3.68 -30.95
CA LYS M 54 29.65 -4.30 -30.55
C LYS M 54 29.60 -4.61 -29.07
N SER M 55 28.48 -4.51 -28.36
CA SER M 55 28.32 -4.81 -26.95
C SER M 55 28.06 -6.32 -26.80
N CYS M 56 28.37 -6.85 -25.64
CA CYS M 56 28.27 -8.27 -25.37
C CYS M 56 28.36 -8.52 -23.89
N ARG M 57 28.20 -9.75 -23.45
CA ARG M 57 28.38 -10.02 -22.04
C ARG M 57 29.22 -11.25 -21.78
N VAL M 58 29.83 -11.34 -20.60
CA VAL M 58 30.61 -12.51 -20.25
C VAL M 58 30.07 -13.12 -18.98
N VAL M 59 29.79 -14.41 -18.97
CA VAL M 59 29.21 -15.05 -17.80
C VAL M 59 30.03 -16.24 -17.43
N GLY M 60 29.90 -16.70 -16.19
CA GLY M 60 30.51 -17.92 -15.76
C GLY M 60 30.44 -18.04 -14.27
N GLU M 61 30.85 -19.19 -13.72
CA GLU M 61 30.71 -19.49 -12.30
C GLU M 61 31.66 -18.65 -11.45
N SER M 62 31.36 -18.51 -10.17
CA SER M 62 32.04 -17.52 -9.36
C SER M 62 33.53 -17.62 -9.09
N ARG M 63 34.17 -18.76 -9.33
CA ARG M 63 35.61 -18.83 -9.17
C ARG M 63 36.41 -19.24 -10.39
N THR M 64 35.92 -18.97 -11.58
CA THR M 64 36.63 -19.28 -12.79
C THR M 64 37.70 -18.30 -13.23
N GLY M 65 37.76 -17.11 -12.63
CA GLY M 65 38.86 -16.20 -12.90
C GLY M 65 38.53 -15.22 -13.99
N LYS M 66 37.29 -14.73 -13.96
CA LYS M 66 36.74 -13.74 -14.87
C LYS M 66 37.33 -12.36 -14.68
N THR M 67 37.34 -11.86 -13.45
CA THR M 67 37.90 -10.53 -13.17
C THR M 67 39.35 -10.41 -13.58
N VAL M 68 40.16 -11.37 -13.20
CA VAL M 68 41.56 -11.46 -13.61
C VAL M 68 41.80 -11.55 -15.12
N ALA M 69 41.03 -12.33 -15.85
CA ALA M 69 41.13 -12.35 -17.30
C ALA M 69 40.95 -10.99 -17.96
N CYS M 70 40.04 -10.21 -17.40
CA CYS M 70 39.66 -8.81 -17.78
C CYS M 70 40.80 -7.85 -17.46
N ASP M 71 41.40 -7.97 -16.27
CA ASP M 71 42.57 -7.14 -15.90
C ASP M 71 43.74 -7.45 -16.83
N ALA M 72 43.94 -8.71 -17.15
CA ALA M 72 45.04 -9.10 -17.98
C ALA M 72 44.84 -8.37 -19.28
N TYR M 73 43.60 -8.28 -19.74
CA TYR M 73 43.36 -7.54 -20.96
C TYR M 73 43.56 -6.05 -20.82
N ARG M 74 43.02 -5.44 -19.78
CA ARG M 74 43.16 -4.02 -19.61
C ARG M 74 44.62 -3.61 -19.67
N TYR M 75 45.47 -4.38 -19.00
CA TYR M 75 46.89 -4.08 -18.89
C TYR M 75 47.67 -4.20 -20.17
N ARG M 76 47.08 -4.76 -21.21
CA ARG M 76 47.84 -4.86 -22.44
C ARG M 76 47.57 -3.63 -23.29
N HIS M 77 46.71 -2.73 -22.82
CA HIS M 77 46.33 -1.54 -23.59
C HIS M 77 46.43 -0.28 -22.76
N LYS M 78 47.65 0.20 -22.55
CA LYS M 78 47.85 1.29 -21.61
C LYS M 78 47.42 2.61 -22.19
N PRO M 79 47.00 3.53 -21.33
CA PRO M 79 46.62 4.89 -21.72
C PRO M 79 47.75 5.50 -22.50
N GLN M 80 47.50 6.28 -23.54
CA GLN M 80 48.63 6.92 -24.20
C GLN M 80 48.71 8.42 -24.04
N GLN M 81 49.91 8.99 -24.03
CA GLN M 81 50.05 10.41 -23.74
C GLN M 81 51.01 11.22 -24.58
N GLU M 82 50.47 12.34 -25.08
CA GLU M 82 51.19 13.29 -25.92
C GLU M 82 51.58 14.49 -25.08
N ALA M 83 52.25 15.46 -25.67
CA ALA M 83 52.61 16.64 -24.87
C ALA M 83 51.43 17.50 -24.38
N GLY M 84 50.34 17.56 -25.13
CA GLY M 84 49.28 18.45 -24.70
C GLY M 84 47.99 17.89 -24.17
N ARG M 85 47.22 17.25 -25.04
CA ARG M 85 45.88 16.75 -24.75
C ARG M 85 45.83 15.59 -23.78
N PRO M 86 44.66 15.37 -23.18
CA PRO M 86 44.31 14.29 -22.24
C PRO M 86 44.74 12.94 -22.77
N PRO M 87 44.96 11.96 -21.88
CA PRO M 87 45.34 10.61 -22.14
C PRO M 87 44.40 10.00 -23.08
N THR M 88 44.85 9.15 -23.98
CA THR M 88 43.91 8.44 -24.82
C THR M 88 43.74 7.17 -24.07
N VAL M 89 42.51 6.71 -23.85
CA VAL M 89 42.27 5.56 -23.00
C VAL M 89 41.34 4.56 -23.66
N PRO M 90 41.89 3.70 -24.50
CA PRO M 90 41.10 2.71 -25.22
C PRO M 90 40.18 1.84 -24.36
N VAL M 91 40.58 1.41 -23.17
CA VAL M 91 39.71 0.56 -22.35
C VAL M 91 39.44 1.11 -20.97
N VAL M 92 38.17 1.25 -20.58
CA VAL M 92 37.83 1.68 -19.23
C VAL M 92 37.21 0.55 -18.41
N TYR M 93 37.71 0.29 -17.22
CA TYR M 93 37.21 -0.82 -16.42
C TYR M 93 36.71 -0.30 -15.10
N ILE M 94 35.45 -0.56 -14.76
CA ILE M 94 34.89 -0.11 -13.48
C ILE M 94 34.18 -1.22 -12.72
N ARG M 95 33.99 -1.09 -11.41
CA ARG M 95 33.14 -2.02 -10.70
C ARG M 95 32.18 -1.20 -9.86
N PRO M 96 30.87 -1.36 -10.06
CA PRO M 96 29.86 -0.63 -9.31
C PRO M 96 29.69 -1.12 -7.88
N HIS M 97 29.21 -0.24 -6.99
CA HIS M 97 28.84 -0.61 -5.59
C HIS M 97 27.45 -1.22 -5.60
N GLN M 98 26.98 -1.67 -4.44
CA GLN M 98 25.64 -2.34 -4.36
C GLN M 98 24.52 -1.34 -4.60
N LYS M 99 23.48 -1.77 -5.33
CA LYS M 99 22.33 -0.91 -5.69
C LYS M 99 22.87 0.40 -6.24
N CYS M 100 23.72 0.30 -7.27
CA CYS M 100 24.38 1.45 -7.93
C CYS M 100 23.37 2.31 -8.69
N GLY M 101 23.36 3.61 -8.54
CA GLY M 101 22.36 4.38 -9.27
C GLY M 101 23.01 5.14 -10.37
N PRO M 102 22.25 5.93 -11.11
CA PRO M 102 22.70 6.75 -12.21
C PRO M 102 23.63 7.80 -11.79
N LYS M 103 23.63 8.25 -10.55
CA LYS M 103 24.57 9.29 -10.23
C LYS M 103 25.92 8.75 -10.00
N ASP M 104 25.99 7.46 -9.69
CA ASP M 104 27.20 6.77 -9.22
C ASP M 104 28.16 6.30 -10.25
N LEU M 105 27.58 5.86 -11.34
CA LEU M 105 28.24 5.55 -12.58
C LEU M 105 28.92 6.66 -13.30
N PHE M 106 28.37 7.83 -13.33
CA PHE M 106 29.05 8.92 -14.00
C PHE M 106 30.24 9.31 -13.18
N LYS M 107 30.16 9.26 -11.86
CA LYS M 107 31.25 9.65 -11.04
C LYS M 107 32.37 8.69 -11.34
N LYS M 108 32.14 7.36 -11.35
CA LYS M 108 33.28 6.43 -11.50
C LYS M 108 33.92 6.58 -12.88
N ILE M 109 33.11 6.79 -13.93
CA ILE M 109 33.67 6.93 -15.31
C ILE M 109 34.62 8.13 -15.36
N THR M 110 34.16 9.24 -14.76
CA THR M 110 34.87 10.54 -14.71
C THR M 110 36.17 10.40 -13.91
N GLU M 111 36.14 9.69 -12.77
CA GLU M 111 37.35 9.51 -11.93
C GLU M 111 38.37 8.61 -12.68
N TYR M 112 37.83 7.59 -13.29
CA TYR M 112 38.67 6.66 -13.94
C TYR M 112 39.48 7.44 -14.94
N LEU M 113 38.89 8.33 -15.69
CA LEU M 113 39.67 9.04 -16.69
C LEU M 113 40.49 10.19 -16.19
N LYS M 114 40.57 10.30 -14.88
CA LYS M 114 41.31 11.31 -14.14
C LYS M 114 40.87 12.73 -14.24
N TYR M 115 39.57 12.97 -14.19
CA TYR M 115 39.03 14.31 -14.14
C TYR M 115 38.46 14.52 -12.75
N ARG M 116 38.46 15.74 -12.25
CA ARG M 116 37.77 16.00 -10.99
C ARG M 116 36.28 16.07 -11.11
N VAL M 117 35.59 15.39 -10.21
CA VAL M 117 34.15 15.47 -10.14
C VAL M 117 33.66 16.58 -9.22
N THR M 118 32.87 17.51 -9.75
CA THR M 118 32.40 18.61 -8.92
C THR M 118 30.92 18.42 -8.59
N LYS M 119 30.40 19.21 -7.66
CA LYS M 119 28.98 19.13 -7.30
C LYS M 119 27.99 19.64 -8.35
N GLY M 120 26.90 18.89 -8.54
CA GLY M 120 25.81 19.23 -9.45
C GLY M 120 24.70 18.20 -9.32
N THR M 121 23.79 18.12 -10.29
CA THR M 121 22.73 17.09 -10.23
C THR M 121 22.99 16.02 -11.32
N VAL M 122 22.09 15.04 -11.51
CA VAL M 122 22.32 13.96 -12.46
C VAL M 122 22.54 14.40 -13.84
N SER M 123 21.80 15.36 -14.32
CA SER M 123 22.04 15.82 -15.65
C SER M 123 23.35 16.48 -15.75
N ASP M 124 23.92 16.96 -14.67
CA ASP M 124 25.22 17.54 -14.85
C ASP M 124 26.27 16.50 -14.87
N PHE M 125 26.14 15.42 -14.11
CA PHE M 125 27.19 14.43 -14.23
C PHE M 125 27.14 13.80 -15.64
N ARG M 126 25.95 13.58 -16.16
CA ARG M 126 25.77 13.03 -17.49
C ARG M 126 26.34 13.88 -18.58
N ASP M 127 26.10 15.16 -18.59
CA ASP M 127 26.60 15.98 -19.66
C ASP M 127 28.11 15.96 -19.63
N ARG M 128 28.70 15.99 -18.43
CA ARG M 128 30.16 15.93 -18.21
C ARG M 128 30.79 14.62 -18.56
N THR M 129 30.11 13.51 -18.27
CA THR M 129 30.58 12.20 -18.67
C THR M 129 30.67 12.07 -20.16
N ILE M 130 29.69 12.49 -20.93
CA ILE M 130 29.81 12.45 -22.34
C ILE M 130 30.94 13.39 -22.81
N GLU M 131 31.11 14.61 -22.30
CA GLU M 131 32.31 15.35 -22.69
C GLU M 131 33.65 14.65 -22.38
N VAL M 132 33.83 13.92 -21.26
CA VAL M 132 35.18 13.37 -21.10
C VAL M 132 35.35 12.09 -21.93
N LEU M 133 34.24 11.37 -22.18
CA LEU M 133 34.27 10.17 -23.01
C LEU M 133 34.63 10.53 -24.45
N LYS M 134 34.19 11.71 -24.91
CA LYS M 134 34.59 12.25 -26.21
C LYS M 134 35.96 12.92 -26.08
N GLY M 135 36.69 12.96 -27.18
CA GLY M 135 37.98 13.62 -27.25
C GLY M 135 38.98 12.62 -26.78
N CYS M 136 38.81 12.20 -25.54
CA CYS M 136 39.62 11.15 -24.98
C CYS M 136 39.18 9.88 -25.68
N GLY M 137 40.03 9.23 -26.46
CA GLY M 137 39.54 8.12 -27.24
C GLY M 137 39.17 7.08 -26.19
N VAL M 138 37.94 6.61 -26.22
CA VAL M 138 37.54 5.46 -25.43
C VAL M 138 36.81 4.60 -26.44
N GLU M 139 37.24 3.35 -26.49
CA GLU M 139 36.67 2.36 -27.40
C GLU M 139 35.84 1.30 -26.69
N MET M 140 36.24 0.89 -25.49
CA MET M 140 35.49 -0.12 -24.76
C MET M 140 35.30 0.18 -23.27
N LEU M 141 34.10 -0.10 -22.76
CA LEU M 141 33.80 0.05 -21.33
C LEU M 141 33.51 -1.35 -20.76
N ILE M 142 34.23 -1.77 -19.71
CA ILE M 142 33.91 -3.07 -19.11
C ILE M 142 33.31 -2.92 -17.74
N ILE M 143 32.13 -3.46 -17.51
CA ILE M 143 31.51 -3.30 -16.20
C ILE M 143 31.52 -4.61 -15.47
N ASP M 144 32.28 -4.70 -14.38
CA ASP M 144 32.34 -5.90 -13.59
C ASP M 144 31.17 -5.97 -12.67
N GLU M 145 30.89 -7.16 -12.14
CA GLU M 145 29.70 -7.40 -11.31
C GLU M 145 28.50 -6.66 -11.86
N ALA M 146 28.14 -6.90 -13.12
CA ALA M 146 27.13 -6.08 -13.75
C ALA M 146 25.82 -6.06 -13.03
N ASP M 147 25.47 -7.14 -12.37
CA ASP M 147 24.21 -7.20 -11.64
C ASP M 147 24.09 -6.36 -10.36
N ARG M 148 25.07 -5.51 -10.02
CA ARG M 148 24.84 -4.62 -8.96
C ARG M 148 24.07 -3.39 -9.38
N LEU M 149 23.85 -3.22 -10.68
CA LEU M 149 23.22 -2.02 -11.21
C LEU M 149 21.73 -2.07 -10.90
N LYS M 150 21.18 -0.91 -10.59
CA LYS M 150 19.76 -0.72 -10.47
C LYS M 150 19.24 -0.76 -11.85
N PRO M 151 18.06 -1.34 -12.10
CA PRO M 151 17.41 -1.27 -13.40
C PRO M 151 17.31 0.07 -14.04
N GLU M 152 17.13 1.15 -13.34
CA GLU M 152 17.05 2.42 -14.02
C GLU M 152 18.34 2.82 -14.67
N THR M 153 19.47 2.21 -14.33
CA THR M 153 20.73 2.70 -14.89
C THR M 153 20.93 2.21 -16.24
N PHE M 154 20.20 1.18 -16.60
CA PHE M 154 20.41 0.53 -17.85
C PHE M 154 20.01 1.45 -18.98
N ALA M 155 19.11 2.39 -18.70
CA ALA M 155 18.75 3.36 -19.71
C ALA M 155 19.96 4.17 -20.07
N ASP M 156 20.78 4.52 -19.09
CA ASP M 156 21.95 5.36 -19.34
C ASP M 156 23.09 4.59 -19.97
N VAL M 157 23.25 3.32 -19.60
CA VAL M 157 24.21 2.44 -20.25
C VAL M 157 23.90 2.20 -21.72
N ARG M 158 22.65 1.93 -22.07
CA ARG M 158 22.30 1.69 -23.47
C ARG M 158 22.50 2.92 -24.31
N ASP M 159 22.12 4.07 -23.78
CA ASP M 159 22.21 5.34 -24.48
C ASP M 159 23.63 5.66 -24.88
N ILE M 160 24.57 5.43 -23.97
CA ILE M 160 25.98 5.61 -24.23
C ILE M 160 26.45 4.64 -25.31
N ALA M 161 26.06 3.38 -25.20
CA ALA M 161 26.47 2.39 -26.14
C ALA M 161 25.94 2.79 -27.48
N GLU M 162 24.77 3.41 -27.56
CA GLU M 162 24.24 3.72 -28.90
C GLU M 162 24.81 5.04 -29.43
N ASP M 163 24.95 6.04 -28.55
CA ASP M 163 25.29 7.45 -28.91
C ASP M 163 26.78 7.57 -29.27
N LEU M 164 27.64 6.86 -28.54
CA LEU M 164 29.10 6.93 -28.73
C LEU M 164 29.61 5.60 -29.29
N GLY M 165 30.67 5.60 -30.08
CA GLY M 165 31.16 4.34 -30.62
C GLY M 165 31.90 3.59 -29.55
N ILE M 166 31.19 3.19 -28.52
CA ILE M 166 31.79 2.49 -27.40
C ILE M 166 31.16 1.14 -27.24
N ALA M 167 31.96 0.09 -27.14
CA ALA M 167 31.44 -1.24 -26.90
C ALA M 167 31.29 -1.32 -25.41
N VAL M 168 30.21 -1.89 -24.93
CA VAL M 168 30.02 -2.07 -23.51
C VAL M 168 29.96 -3.54 -23.24
N VAL M 169 30.76 -4.03 -22.30
CA VAL M 169 30.80 -5.43 -21.94
C VAL M 169 30.30 -5.63 -20.52
N LEU M 170 29.31 -6.47 -20.31
CA LEU M 170 28.81 -6.77 -18.98
C LEU M 170 29.37 -8.08 -18.48
N VAL M 171 30.05 -8.08 -17.35
CA VAL M 171 30.67 -9.29 -16.81
C VAL M 171 29.93 -9.76 -15.60
N GLY M 172 29.60 -11.04 -15.49
CA GLY M 172 28.96 -11.52 -14.26
C GLY M 172 28.66 -13.01 -14.09
N THR M 173 27.90 -13.38 -13.06
CA THR M 173 27.46 -14.75 -12.76
C THR M 173 26.07 -15.04 -13.38
N ASP M 174 25.55 -16.25 -13.18
CA ASP M 174 24.27 -16.68 -13.77
C ASP M 174 23.07 -15.88 -13.30
N ARG M 175 23.18 -15.23 -12.17
CA ARG M 175 22.15 -14.34 -11.80
C ARG M 175 22.05 -13.22 -12.77
N LEU M 176 23.12 -12.86 -13.46
CA LEU M 176 23.06 -11.69 -14.33
C LEU M 176 22.03 -11.95 -15.37
N ASP M 177 22.04 -13.11 -15.96
CA ASP M 177 21.05 -13.40 -16.95
C ASP M 177 19.66 -13.42 -16.42
N ALA M 178 19.45 -13.87 -15.21
CA ALA M 178 18.15 -13.72 -14.66
C ALA M 178 17.76 -12.27 -14.57
N VAL M 179 18.66 -11.36 -14.28
CA VAL M 179 18.24 -9.98 -14.26
C VAL M 179 18.05 -9.42 -15.65
N ILE M 180 18.98 -9.69 -16.54
CA ILE M 180 18.89 -9.14 -17.88
C ILE M 180 17.64 -9.55 -18.62
N LYS M 181 17.20 -10.79 -18.49
CA LYS M 181 16.00 -11.24 -19.21
C LYS M 181 14.72 -10.64 -18.72
N ARG M 182 14.80 -9.77 -17.74
CA ARG M 182 13.64 -9.08 -17.25
C ARG M 182 13.28 -7.95 -18.18
N ASP M 183 14.19 -7.53 -19.06
CA ASP M 183 13.89 -6.37 -19.90
C ASP M 183 14.25 -6.59 -21.33
N GLU M 184 13.28 -6.62 -22.20
CA GLU M 184 13.58 -6.87 -23.58
C GLU M 184 14.56 -5.96 -24.18
N GLN M 185 14.56 -4.69 -23.87
CA GLN M 185 15.45 -3.79 -24.59
C GLN M 185 16.86 -4.08 -24.31
N VAL M 186 17.20 -4.37 -23.09
CA VAL M 186 18.55 -4.74 -22.70
C VAL M 186 18.97 -6.07 -23.14
N LEU M 187 18.11 -7.04 -23.05
CA LEU M 187 18.48 -8.36 -23.47
C LEU M 187 18.96 -8.36 -24.86
N GLU M 188 18.33 -7.61 -25.75
CA GLU M 188 18.75 -7.41 -27.12
C GLU M 188 19.98 -6.63 -27.41
N ARG M 189 20.34 -5.63 -26.62
CA ARG M 189 21.60 -4.97 -26.90
C ARG M 189 22.70 -5.96 -26.62
N PHE M 190 22.55 -6.75 -25.55
CA PHE M 190 23.62 -7.59 -25.05
C PHE M 190 23.44 -9.07 -25.29
N ARG M 191 22.85 -9.41 -26.43
CA ARG M 191 22.61 -10.79 -26.80
C ARG M 191 23.78 -11.76 -26.94
N ALA M 192 24.87 -11.34 -27.58
CA ALA M 192 26.05 -12.19 -27.71
C ALA M 192 26.80 -12.38 -26.43
N HIS M 193 27.35 -13.57 -26.20
CA HIS M 193 27.96 -13.84 -24.91
C HIS M 193 29.10 -14.82 -25.02
N LEU M 194 30.01 -14.79 -24.06
CA LEU M 194 31.01 -15.84 -23.93
C LEU M 194 30.91 -16.40 -22.53
N ARG M 195 31.11 -17.71 -22.37
CA ARG M 195 31.02 -18.34 -21.06
C ARG M 195 32.28 -19.01 -20.54
N PHE M 196 32.61 -18.75 -19.28
CA PHE M 196 33.71 -19.41 -18.59
C PHE M 196 33.19 -20.59 -17.80
N GLY M 197 33.94 -21.67 -17.74
CA GLY M 197 33.54 -22.78 -16.90
C GLY M 197 34.65 -23.45 -16.14
N LYS M 198 34.37 -24.63 -15.61
CA LYS M 198 35.34 -25.36 -14.81
C LYS M 198 36.36 -26.07 -15.65
N LEU M 199 37.51 -26.39 -15.05
CA LEU M 199 38.52 -27.27 -15.64
C LEU M 199 38.24 -28.75 -15.44
N SER M 200 38.64 -29.57 -16.40
CA SER M 200 38.50 -31.00 -16.26
C SER M 200 39.46 -31.81 -17.05
N GLY M 201 39.51 -33.10 -16.78
CA GLY M 201 40.29 -34.02 -17.58
C GLY M 201 41.72 -33.63 -17.79
N GLU M 202 42.16 -33.61 -19.04
CA GLU M 202 43.51 -33.20 -19.38
C GLU M 202 43.83 -31.78 -19.06
N ASP M 203 42.85 -30.91 -19.12
CA ASP M 203 43.06 -29.50 -18.88
C ASP M 203 43.34 -29.16 -17.46
N PHE M 204 42.61 -29.76 -16.55
CA PHE M 204 42.90 -29.63 -15.16
C PHE M 204 44.26 -30.22 -14.81
N LYS M 205 44.54 -31.45 -15.21
CA LYS M 205 45.88 -32.00 -15.02
C LYS M 205 47.10 -31.26 -15.54
N ASN M 206 47.03 -30.74 -16.74
CA ASN M 206 48.12 -29.93 -17.34
C ASN M 206 48.27 -28.61 -16.58
N THR M 207 47.15 -28.07 -16.07
CA THR M 207 47.17 -26.79 -15.31
C THR M 207 47.96 -26.96 -14.00
N VAL M 208 47.71 -28.10 -13.39
CA VAL M 208 48.26 -28.44 -12.13
C VAL M 208 49.72 -28.46 -12.41
N GLU M 209 50.13 -29.15 -13.46
CA GLU M 209 51.54 -29.20 -13.79
C GLU M 209 52.06 -27.81 -14.09
N MET M 210 51.32 -26.97 -14.81
CA MET M 210 51.83 -25.65 -15.07
C MET M 210 52.10 -24.97 -13.76
N TRP M 211 51.23 -25.11 -12.78
CA TRP M 211 51.28 -24.32 -11.57
C TRP M 211 52.42 -24.70 -10.75
N GLU M 212 52.81 -25.94 -10.84
CA GLU M 212 53.93 -26.40 -10.11
C GLU M 212 55.25 -25.88 -10.67
N GLN M 213 55.42 -25.93 -11.98
CA GLN M 213 56.67 -25.48 -12.59
C GLN M 213 56.68 -24.01 -12.77
N MET M 214 55.54 -23.43 -13.10
CA MET M 214 55.51 -22.00 -13.40
C MET M 214 55.28 -21.09 -12.17
N VAL M 215 54.57 -21.57 -11.15
CA VAL M 215 54.32 -20.75 -9.96
C VAL M 215 54.99 -21.14 -8.64
N LEU M 216 54.88 -22.40 -8.23
CA LEU M 216 55.43 -22.82 -6.95
C LEU M 216 56.97 -22.87 -6.85
N LYS M 217 57.58 -23.51 -7.84
CA LYS M 217 59.03 -23.58 -7.96
C LYS M 217 59.84 -24.00 -6.72
N LEU M 218 59.45 -25.09 -6.08
CA LEU M 218 60.13 -25.50 -4.86
C LEU M 218 61.45 -26.18 -5.25
N PRO M 219 62.43 -26.22 -4.32
CA PRO M 219 63.76 -26.73 -4.63
C PRO M 219 63.78 -28.12 -5.26
N VAL M 220 62.88 -28.97 -4.81
CA VAL M 220 62.76 -30.33 -5.33
C VAL M 220 61.59 -30.61 -6.25
N SER M 221 60.42 -30.09 -5.83
CA SER M 221 59.06 -30.11 -6.45
C SER M 221 58.35 -31.40 -6.06
N SER M 222 57.07 -31.53 -6.39
CA SER M 222 56.29 -32.62 -5.84
C SER M 222 55.79 -33.66 -6.82
N ASN M 223 55.89 -33.35 -8.12
CA ASN M 223 55.29 -34.18 -9.17
C ASN M 223 53.77 -34.34 -9.04
N LEU M 224 53.05 -33.22 -9.00
CA LEU M 224 51.61 -33.27 -8.79
C LEU M 224 50.74 -33.84 -9.90
N LYS M 225 51.32 -34.34 -10.99
CA LYS M 225 50.47 -34.93 -12.02
C LYS M 225 50.39 -36.41 -11.87
N SER M 226 50.94 -36.92 -10.79
CA SER M 226 50.81 -38.33 -10.45
C SER M 226 49.42 -38.67 -10.05
N LYS M 227 49.02 -39.91 -10.19
CA LYS M 227 47.65 -40.27 -9.91
C LYS M 227 47.23 -39.99 -8.49
N GLU M 228 48.12 -40.26 -7.55
CA GLU M 228 47.81 -40.08 -6.13
C GLU M 228 47.55 -38.67 -5.68
N MET M 229 48.27 -37.73 -6.27
CA MET M 229 48.12 -36.33 -5.91
C MET M 229 47.00 -35.67 -6.66
N LEU M 230 46.76 -36.08 -7.88
CA LEU M 230 45.68 -35.48 -8.60
C LEU M 230 44.39 -35.85 -7.96
N ARG M 231 44.24 -37.06 -7.44
CA ARG M 231 43.01 -37.38 -6.75
C ARG M 231 42.76 -36.46 -5.60
N ILE M 232 43.79 -36.09 -4.87
CA ILE M 232 43.58 -35.25 -3.73
C ILE M 232 43.14 -33.89 -4.18
N LEU M 233 43.83 -33.30 -5.14
CA LEU M 233 43.48 -32.01 -5.70
C LEU M 233 42.17 -31.94 -6.42
N THR M 234 41.83 -32.99 -7.14
CA THR M 234 40.57 -32.99 -7.84
C THR M 234 39.42 -32.92 -6.88
N SER M 235 39.47 -33.75 -5.85
CA SER M 235 38.39 -33.75 -4.89
C SER M 235 38.36 -32.43 -4.13
N ALA M 236 39.52 -31.92 -3.78
CA ALA M 236 39.59 -30.64 -3.10
C ALA M 236 39.17 -29.42 -3.89
N THR M 237 39.46 -29.37 -5.18
CA THR M 237 39.22 -28.17 -5.98
C THR M 237 38.05 -28.12 -6.94
N GLU M 238 37.57 -29.29 -7.35
CA GLU M 238 36.44 -29.46 -8.27
C GLU M 238 36.55 -28.64 -9.55
N GLY M 239 37.76 -28.43 -10.03
CA GLY M 239 38.01 -27.67 -11.24
C GLY M 239 38.00 -26.17 -11.24
N TYR M 240 37.89 -25.52 -10.08
CA TYR M 240 37.83 -24.08 -10.10
C TYR M 240 39.26 -23.64 -10.02
N ILE M 241 39.67 -22.68 -10.83
CA ILE M 241 41.02 -22.22 -10.78
C ILE M 241 41.28 -21.50 -9.51
N GLY M 242 40.31 -20.81 -8.96
CA GLY M 242 40.39 -20.12 -7.65
C GLY M 242 40.67 -21.07 -6.51
N ARG M 243 40.13 -22.25 -6.54
CA ARG M 243 40.43 -23.15 -5.48
C ARG M 243 41.75 -23.75 -5.67
N LEU M 244 42.13 -24.11 -6.87
CA LEU M 244 43.43 -24.70 -7.06
C LEU M 244 44.52 -23.80 -6.66
N ASP M 245 44.48 -22.55 -6.98
CA ASP M 245 45.52 -21.67 -6.58
C ASP M 245 45.63 -21.55 -5.11
N GLU M 246 44.55 -21.33 -4.38
CA GLU M 246 44.66 -21.15 -2.94
C GLU M 246 45.22 -22.32 -2.29
N ILE M 247 44.72 -23.48 -2.63
CA ILE M 247 45.19 -24.68 -2.02
C ILE M 247 46.62 -24.97 -2.30
N LEU M 248 47.15 -24.85 -3.49
CA LEU M 248 48.57 -25.13 -3.66
C LEU M 248 49.44 -24.13 -2.98
N ARG M 249 49.07 -22.88 -2.95
CA ARG M 249 49.90 -21.93 -2.24
C ARG M 249 49.86 -22.14 -0.75
N GLU M 250 48.72 -22.48 -0.16
CA GLU M 250 48.65 -22.66 1.29
C GLU M 250 49.54 -23.86 1.61
N ALA M 251 49.47 -24.94 0.84
CA ALA M 251 50.39 -26.06 0.98
C ALA M 251 51.85 -25.79 0.73
N ALA M 252 52.26 -25.00 -0.25
CA ALA M 252 53.70 -24.71 -0.33
C ALA M 252 54.22 -23.89 0.85
N ILE M 253 53.52 -22.88 1.33
CA ILE M 253 54.12 -22.07 2.40
C ILE M 253 54.09 -22.84 3.70
N ARG M 254 53.10 -23.71 3.91
CA ARG M 254 53.05 -24.49 5.16
C ARG M 254 54.22 -25.39 5.16
N SER M 255 54.41 -26.01 4.03
CA SER M 255 55.52 -26.97 3.81
C SER M 255 56.89 -26.31 4.00
N LEU M 256 57.10 -25.15 3.42
CA LEU M 256 58.38 -24.51 3.69
C LEU M 256 58.62 -24.10 5.11
N SER M 257 57.56 -23.74 5.79
CA SER M 257 57.77 -23.23 7.14
C SER M 257 58.32 -24.36 8.02
N ARG M 258 58.10 -25.59 7.56
CA ARG M 258 58.48 -26.81 8.27
C ARG M 258 59.76 -27.43 7.72
N GLY M 259 60.45 -26.70 6.86
CA GLY M 259 61.75 -27.14 6.38
C GLY M 259 61.73 -28.15 5.26
N LEU M 260 60.63 -28.24 4.53
CA LEU M 260 60.53 -29.20 3.45
C LEU M 260 60.92 -28.54 2.14
N LYS M 261 61.37 -29.36 1.18
CA LYS M 261 61.61 -28.89 -0.18
C LYS M 261 60.56 -29.28 -1.21
N LYS M 262 59.47 -29.90 -0.76
CA LYS M 262 58.37 -30.25 -1.65
C LYS M 262 57.06 -30.42 -0.88
N ILE M 263 55.95 -30.41 -1.59
CA ILE M 263 54.64 -30.76 -1.01
C ILE M 263 54.42 -32.27 -1.05
N ASP M 264 54.18 -32.86 0.12
CA ASP M 264 53.82 -34.26 0.22
C ASP M 264 52.32 -34.44 0.38
N LYS M 265 51.87 -35.69 0.37
CA LYS M 265 50.50 -36.06 0.71
C LYS M 265 49.91 -35.69 2.06
N ALA M 266 50.60 -35.91 3.17
CA ALA M 266 50.01 -35.51 4.43
C ALA M 266 49.80 -34.02 4.57
N VAL M 267 50.72 -33.18 4.11
CA VAL M 267 50.52 -31.71 4.28
C VAL M 267 49.38 -31.27 3.36
N LEU M 268 49.35 -31.78 2.14
CA LEU M 268 48.32 -31.38 1.13
C LEU M 268 46.94 -31.76 1.68
N GLN M 269 46.82 -32.98 2.23
CA GLN M 269 45.53 -33.45 2.81
C GLN M 269 45.22 -32.62 4.06
N GLU M 270 46.25 -32.32 4.86
CA GLU M 270 46.09 -31.49 6.08
C GLU M 270 45.45 -30.15 5.68
N VAL M 271 45.92 -29.53 4.60
CA VAL M 271 45.33 -28.24 4.12
C VAL M 271 43.93 -28.50 3.53
N ALA M 272 43.80 -29.51 2.66
CA ALA M 272 42.53 -29.72 1.94
C ALA M 272 41.39 -29.93 2.95
N LYS M 273 41.67 -30.61 4.06
CA LYS M 273 40.64 -30.96 5.07
C LYS M 273 40.14 -29.71 5.80
N GLU M 274 40.84 -28.59 5.64
CA GLU M 274 40.45 -27.31 6.31
C GLU M 274 39.45 -26.55 5.44
N TYR M 275 39.12 -27.09 4.26
CA TYR M 275 38.17 -26.44 3.33
C TYR M 275 36.98 -27.37 3.08
N ILE N 1 56.75 -20.86 -20.12
CA ILE N 1 55.72 -19.88 -20.36
C ILE N 1 55.94 -18.76 -19.33
N GLU N 2 55.87 -17.53 -19.80
CA GLU N 2 56.09 -16.39 -18.91
C GLU N 2 54.86 -16.21 -18.04
N VAL N 3 55.08 -15.85 -16.79
CA VAL N 3 53.97 -15.52 -15.91
C VAL N 3 54.12 -14.08 -15.43
N TRP N 4 53.02 -13.33 -15.39
CA TRP N 4 53.13 -11.94 -14.97
C TRP N 4 52.89 -11.73 -13.51
N ASP N 5 53.75 -10.98 -12.88
CA ASP N 5 53.53 -10.66 -11.51
C ASP N 5 52.38 -9.67 -11.50
N TYR N 6 51.39 -9.89 -10.67
CA TYR N 6 50.24 -9.01 -10.65
C TYR N 6 50.62 -7.61 -10.22
N GLU N 7 51.45 -7.49 -9.20
CA GLU N 7 51.75 -6.17 -8.67
C GLU N 7 52.57 -5.41 -9.69
N GLN N 8 53.43 -6.12 -10.41
CA GLN N 8 54.15 -5.51 -11.51
C GLN N 8 53.28 -4.88 -12.58
N LEU N 9 52.25 -5.58 -13.01
CA LEU N 9 51.43 -5.06 -14.09
C LEU N 9 50.80 -3.75 -13.60
N ARG N 10 50.41 -3.75 -12.35
CA ARG N 10 49.88 -2.56 -11.65
C ARG N 10 50.84 -1.39 -11.44
N GLU N 11 52.05 -1.67 -10.97
CA GLU N 11 53.10 -0.64 -10.83
C GLU N 11 53.53 -0.02 -12.15
N GLU N 12 53.49 -0.80 -13.22
CA GLU N 12 53.76 -0.27 -14.53
C GLU N 12 52.56 0.40 -15.20
N TYR N 13 51.42 0.52 -14.51
CA TYR N 13 50.26 1.14 -15.16
C TYR N 13 50.25 2.63 -15.42
N GLY N 14 49.57 2.99 -16.52
CA GLY N 14 49.49 4.36 -16.98
C GLY N 14 48.77 5.18 -15.94
N GLU O 19 44.25 0.16 -50.64
CA GLU O 19 43.99 -1.24 -50.38
C GLU O 19 42.51 -1.54 -50.51
N TRP O 20 42.17 -2.42 -51.45
CA TRP O 20 40.77 -2.79 -51.74
C TRP O 20 40.10 -3.36 -50.52
N LEU O 21 40.78 -4.23 -49.80
CA LEU O 21 40.17 -4.90 -48.68
C LEU O 21 39.73 -3.89 -47.65
N GLN O 22 40.56 -2.94 -47.25
CA GLN O 22 40.12 -1.94 -46.27
C GLN O 22 39.04 -0.99 -46.80
N ALA O 23 39.07 -0.70 -48.10
CA ALA O 23 38.07 0.20 -48.67
C ALA O 23 36.68 -0.32 -48.45
N GLU O 24 36.56 -1.64 -48.62
CA GLU O 24 35.35 -2.42 -48.42
C GLU O 24 35.00 -2.69 -47.03
N ILE O 25 35.95 -3.03 -46.20
CA ILE O 25 35.61 -3.22 -44.82
C ILE O 25 35.06 -1.94 -44.18
N ALA O 26 35.63 -0.79 -44.50
CA ALA O 26 35.14 0.49 -44.02
C ALA O 26 33.71 0.73 -44.45
N ARG O 27 33.25 0.10 -45.53
CA ARG O 27 31.90 0.32 -45.99
C ARG O 27 30.90 -0.56 -45.30
N LEU O 28 31.27 -1.81 -45.13
CA LEU O 28 30.38 -2.82 -44.60
C LEU O 28 30.20 -2.50 -43.15
N LYS O 29 31.16 -1.89 -42.53
CA LYS O 29 31.05 -1.64 -41.13
C LYS O 29 30.22 -0.37 -40.88
N GLY O 30 29.73 0.27 -41.93
CA GLY O 30 28.88 1.45 -41.77
C GLY O 30 27.38 1.32 -41.60
N LYS O 31 26.62 2.40 -41.75
CA LYS O 31 25.18 2.34 -41.56
C LYS O 31 24.41 2.92 -42.73
N SER O 32 23.26 2.32 -43.04
CA SER O 32 22.42 2.80 -44.12
C SER O 32 20.96 2.49 -43.89
N ILE O 33 20.07 3.18 -44.60
CA ILE O 33 18.64 2.93 -44.50
C ILE O 33 18.09 2.29 -45.75
N VAL O 34 17.58 1.08 -45.63
CA VAL O 34 17.00 0.38 -46.75
C VAL O 34 15.51 0.59 -46.82
N PRO O 35 15.00 1.02 -47.97
CA PRO O 35 13.54 1.18 -48.06
C PRO O 35 12.87 -0.15 -47.83
N LEU O 36 11.85 -0.16 -46.99
CA LEU O 36 11.08 -1.36 -46.71
C LEU O 36 9.62 -0.98 -46.63
N GLN O 37 8.74 -1.95 -46.71
CA GLN O 37 7.32 -1.67 -46.68
C GLN O 37 6.83 -1.02 -45.40
N GLN O 38 7.45 -1.34 -44.28
CA GLN O 38 7.04 -0.86 -43.01
C GLN O 38 7.38 0.55 -43.00
N VAL O 39 8.51 0.88 -43.59
CA VAL O 39 9.00 2.24 -43.58
C VAL O 39 8.16 3.12 -44.46
N LYS O 40 7.87 2.68 -45.66
CA LYS O 40 6.97 3.44 -46.51
C LYS O 40 5.61 3.61 -45.88
N THR O 41 5.07 2.56 -45.25
CA THR O 41 3.75 2.68 -44.63
C THR O 41 3.72 3.77 -43.59
N LEU O 42 4.73 3.80 -42.75
CA LEU O 42 4.78 4.79 -41.68
C LEU O 42 4.84 6.18 -42.26
N HIS O 43 5.63 6.38 -43.29
CA HIS O 43 5.77 7.73 -43.82
C HIS O 43 4.44 8.26 -44.32
N ASP O 44 3.69 7.45 -45.03
CA ASP O 44 2.38 7.86 -45.50
C ASP O 44 1.35 8.04 -44.39
N TRP O 45 1.39 7.17 -43.39
CA TRP O 45 0.49 7.29 -42.25
C TRP O 45 0.76 8.53 -41.42
N LEU O 46 2.02 8.80 -41.11
CA LEU O 46 2.35 9.96 -40.34
C LEU O 46 2.04 11.15 -41.13
N ASP O 47 2.26 11.16 -42.44
CA ASP O 47 1.98 12.38 -43.17
C ASP O 47 0.55 12.68 -43.25
N GLY O 48 -0.26 11.65 -43.22
CA GLY O 48 -1.68 11.87 -43.19
C GLY O 48 -1.90 12.62 -41.89
N LYS O 49 -1.45 12.04 -40.80
CA LYS O 49 -1.67 12.62 -39.55
C LYS O 49 -1.12 13.96 -39.41
N ARG O 50 0.02 14.25 -39.95
CA ARG O 50 0.51 15.59 -39.83
C ARG O 50 -0.31 16.67 -40.39
N LYS O 51 -1.03 16.44 -41.45
CA LYS O 51 -1.75 17.52 -42.13
C LYS O 51 -3.11 17.66 -41.55
N ALA O 52 -3.52 16.71 -40.73
CA ALA O 52 -4.83 16.72 -40.15
C ALA O 52 -4.61 17.19 -38.75
N ARG O 53 -3.37 17.42 -38.37
CA ARG O 53 -2.98 17.77 -37.04
C ARG O 53 -3.53 16.85 -35.98
N LYS O 54 -3.44 15.55 -36.12
CA LYS O 54 -3.92 14.68 -35.06
C LYS O 54 -2.79 13.95 -34.35
N SER O 55 -2.83 13.69 -33.04
CA SER O 55 -1.84 12.96 -32.28
C SER O 55 -2.13 11.47 -32.40
N CYS O 56 -1.11 10.66 -32.21
CA CYS O 56 -1.20 9.22 -32.37
C CYS O 56 0.01 8.57 -31.75
N ARG O 57 0.07 7.25 -31.73
CA ARG O 57 1.26 6.60 -31.23
C ARG O 57 1.72 5.47 -32.12
N VAL O 58 3.00 5.11 -32.04
CA VAL O 58 3.54 4.00 -32.81
C VAL O 58 4.14 2.98 -31.88
N VAL O 59 3.78 1.72 -32.01
CA VAL O 59 4.27 0.70 -31.11
C VAL O 59 4.84 -0.43 -31.91
N GLY O 60 5.68 -1.24 -31.30
CA GLY O 60 6.16 -2.45 -31.91
C GLY O 60 7.31 -3.02 -31.11
N GLU O 61 7.78 -4.20 -31.50
CA GLU O 61 8.80 -4.92 -30.73
C GLU O 61 10.17 -4.25 -30.84
N SER O 62 11.05 -4.54 -29.90
CA SER O 62 12.27 -3.75 -29.78
C SER O 62 13.31 -3.73 -30.89
N ARG O 63 13.27 -4.66 -31.83
CA ARG O 63 14.20 -4.58 -32.95
C ARG O 63 13.61 -4.50 -34.34
N THR O 64 12.40 -3.96 -34.46
CA THR O 64 11.77 -3.81 -35.77
C THR O 64 12.19 -2.61 -36.59
N GLY O 65 12.91 -1.66 -36.01
CA GLY O 65 13.47 -0.57 -36.79
C GLY O 65 12.57 0.64 -36.81
N LYS O 66 11.99 0.93 -35.66
CA LYS O 66 11.12 2.07 -35.41
C LYS O 66 11.84 3.39 -35.41
N THR O 67 12.92 3.50 -34.67
CA THR O 67 13.70 4.75 -34.61
C THR O 67 14.20 5.18 -35.97
N VAL O 68 14.81 4.26 -36.71
CA VAL O 68 15.24 4.48 -38.08
C VAL O 68 14.15 4.87 -39.07
N ALA O 69 12.99 4.24 -39.02
CA ALA O 69 11.87 4.66 -39.85
C ALA O 69 11.45 6.12 -39.66
N CYS O 70 11.54 6.58 -38.43
CA CYS O 70 11.26 7.96 -37.94
C CYS O 70 12.33 8.93 -38.44
N ASP O 71 13.61 8.55 -38.35
CA ASP O 71 14.72 9.37 -38.90
C ASP O 71 14.56 9.52 -40.41
N ALA O 72 14.19 8.44 -41.09
CA ALA O 72 14.07 8.46 -42.51
C ALA O 72 13.04 9.50 -42.81
N TYR O 73 11.99 9.55 -42.01
CA TYR O 73 10.98 10.58 -42.23
C TYR O 73 11.47 11.98 -41.93
N ARG O 74 12.12 12.18 -40.79
CA ARG O 74 12.59 13.51 -40.43
C ARG O 74 13.43 14.09 -41.55
N TYR O 75 14.31 13.29 -42.11
CA TYR O 75 15.25 13.72 -43.12
C TYR O 75 14.63 14.07 -44.45
N ARG O 76 13.37 13.79 -44.65
CA ARG O 76 12.78 14.15 -45.92
C ARG O 76 12.16 15.53 -45.80
N HIS O 77 12.20 16.12 -44.62
CA HIS O 77 11.58 17.43 -44.38
C HIS O 77 12.52 18.39 -43.70
N LYS O 78 13.47 18.94 -44.45
CA LYS O 78 14.53 19.72 -43.84
C LYS O 78 14.03 21.09 -43.43
N PRO O 79 14.66 21.65 -42.39
CA PRO O 79 14.37 23.00 -41.92
C PRO O 79 14.47 23.96 -43.08
N GLN O 80 13.63 24.97 -43.19
CA GLN O 80 13.84 25.92 -44.27
C GLN O 80 14.29 27.30 -43.84
N GLN O 81 15.06 28.00 -44.67
CA GLN O 81 15.63 29.28 -44.25
C GLN O 81 15.62 30.41 -45.23
N GLU O 82 15.12 31.54 -44.75
CA GLU O 82 15.00 32.79 -45.51
C GLU O 82 16.10 33.73 -45.08
N ALA O 83 16.18 34.91 -45.67
CA ALA O 83 17.22 35.84 -45.22
C ALA O 83 17.11 36.35 -43.79
N GLY O 84 15.90 36.49 -43.25
CA GLY O 84 15.80 37.07 -41.94
C GLY O 84 15.41 36.21 -40.76
N ARG O 85 14.15 35.77 -40.76
CA ARG O 85 13.55 35.03 -39.66
C ARG O 85 14.11 33.64 -39.41
N PRO O 86 13.90 33.10 -38.23
CA PRO O 86 14.28 31.77 -37.75
C PRO O 86 13.86 30.69 -38.74
N PRO O 87 14.53 29.54 -38.73
CA PRO O 87 14.30 28.38 -39.53
C PRO O 87 12.91 27.96 -39.41
N THR O 88 12.28 27.47 -40.47
CA THR O 88 10.96 26.93 -40.34
C THR O 88 11.25 25.47 -40.15
N VAL O 89 10.65 24.82 -39.15
CA VAL O 89 11.00 23.44 -38.84
C VAL O 89 9.76 22.58 -38.69
N PRO O 90 9.24 22.08 -39.79
CA PRO O 90 8.06 21.24 -39.79
C PRO O 90 8.08 20.06 -38.83
N VAL O 91 9.19 19.34 -38.68
CA VAL O 91 9.21 18.19 -37.78
C VAL O 91 10.28 18.27 -36.69
N VAL O 92 9.91 18.11 -35.42
CA VAL O 92 10.87 18.08 -34.34
C VAL O 92 10.99 16.70 -33.73
N TYR O 93 12.20 16.16 -33.60
CA TYR O 93 12.37 14.82 -33.08
C TYR O 93 13.24 14.85 -31.85
N ILE O 94 12.76 14.34 -30.72
CA ILE O 94 13.55 14.31 -29.49
C ILE O 94 13.58 12.95 -28.82
N ARG O 95 14.55 12.67 -27.97
CA ARG O 95 14.49 11.46 -27.16
C ARG O 95 14.77 11.87 -25.72
N PRO O 96 13.84 11.62 -24.81
CA PRO O 96 14.01 11.94 -23.39
C PRO O 96 14.98 11.04 -22.66
N HIS O 97 15.58 11.55 -21.59
CA HIS O 97 16.44 10.75 -20.67
C HIS O 97 15.54 9.97 -19.70
N GLN O 98 16.14 9.14 -18.83
CA GLN O 98 15.34 8.32 -17.90
C GLN O 98 14.68 9.19 -16.82
N LYS O 99 13.42 8.86 -16.48
CA LYS O 99 12.64 9.63 -15.49
C LYS O 99 12.73 11.11 -15.85
N CYS O 100 12.34 11.42 -17.09
CA CYS O 100 12.39 12.79 -17.66
C CYS O 100 11.36 13.70 -16.99
N GLY O 101 11.70 14.88 -16.55
CA GLY O 101 10.69 15.70 -15.91
C GLY O 101 10.29 16.83 -16.79
N PRO O 102 9.40 17.69 -16.32
CA PRO O 102 8.91 18.85 -17.03
C PRO O 102 9.95 19.84 -17.30
N LYS O 103 11.03 19.90 -16.54
CA LYS O 103 12.01 20.92 -16.86
C LYS O 103 12.86 20.52 -17.99
N ASP O 104 12.91 19.21 -18.24
CA ASP O 104 13.85 18.58 -19.17
C ASP O 104 13.49 18.56 -20.61
N LEU O 105 12.20 18.40 -20.82
CA LEU O 105 11.52 18.55 -22.08
C LEU O 105 11.52 19.89 -22.69
N PHE O 106 11.38 20.95 -21.95
CA PHE O 106 11.41 22.26 -22.54
C PHE O 106 12.81 22.55 -22.99
N LYS O 107 13.82 22.10 -22.27
CA LYS O 107 15.17 22.36 -22.63
C LYS O 107 15.39 21.69 -23.96
N LYS O 108 15.02 20.41 -24.13
CA LYS O 108 15.38 19.72 -25.39
C LYS O 108 14.65 20.34 -26.58
N ILE O 109 13.38 20.76 -26.40
CA ILE O 109 12.61 21.37 -27.53
C ILE O 109 13.31 22.65 -27.99
N THR O 110 13.73 23.45 -27.01
CA THR O 110 14.40 24.76 -27.22
C THR O 110 15.76 24.56 -27.91
N GLU O 111 16.53 23.55 -27.49
CA GLU O 111 17.86 23.29 -28.11
C GLU O 111 17.67 22.80 -29.55
N TYR O 112 16.70 21.94 -29.71
CA TYR O 112 16.48 21.36 -30.98
C TYR O 112 16.26 22.49 -31.94
N LEU O 113 15.48 23.48 -31.60
CA LEU O 113 15.24 24.54 -32.55
C LEU O 113 16.30 25.60 -32.66
N LYS O 114 17.43 25.33 -32.02
CA LYS O 114 18.61 26.17 -31.97
C LYS O 114 18.54 27.48 -31.28
N TYR O 115 17.87 27.52 -30.13
CA TYR O 115 17.85 28.71 -29.31
C TYR O 115 18.68 28.42 -28.07
N ARG O 116 19.30 29.44 -27.49
CA ARG O 116 19.98 29.21 -26.22
C ARG O 116 19.05 29.13 -25.03
N VAL O 117 19.27 28.13 -24.20
CA VAL O 117 18.54 27.99 -22.96
C VAL O 117 19.20 28.71 -21.79
N THR O 118 18.48 29.64 -21.17
CA THR O 118 19.07 30.38 -20.06
C THR O 118 18.47 29.91 -18.73
N LYS O 119 19.07 30.31 -17.62
CA LYS O 119 18.56 29.95 -16.31
C LYS O 119 17.24 30.61 -15.89
N GLY O 120 16.34 29.81 -15.30
CA GLY O 120 15.05 30.27 -14.79
C GLY O 120 14.35 29.11 -14.09
N THR O 121 13.04 29.19 -13.87
CA THR O 121 12.31 28.06 -13.25
C THR O 121 11.40 27.41 -14.30
N VAL O 122 10.56 26.41 -13.93
CA VAL O 122 9.73 25.70 -14.90
C VAL O 122 8.82 26.56 -15.67
N SER O 123 8.19 27.50 -15.04
CA SER O 123 7.33 28.35 -15.80
C SER O 123 8.10 29.18 -16.74
N ASP O 124 9.37 29.39 -16.52
CA ASP O 124 10.07 30.18 -17.52
C ASP O 124 10.45 29.34 -18.67
N PHE O 125 10.81 28.06 -18.46
CA PHE O 125 11.12 27.30 -19.65
C PHE O 125 9.86 27.12 -20.50
N ARG O 126 8.72 26.91 -19.85
CA ARG O 126 7.45 26.74 -20.53
C ARG O 126 7.04 27.94 -21.33
N ASP O 127 7.12 29.13 -20.79
CA ASP O 127 6.68 30.29 -21.52
C ASP O 127 7.56 30.46 -22.74
N ARG O 128 8.85 30.21 -22.61
CA ARG O 128 9.84 30.27 -23.70
C ARG O 128 9.69 29.23 -24.75
N THR O 129 9.35 28.00 -24.34
CA THR O 129 9.06 26.93 -25.30
C THR O 129 7.89 27.26 -26.16
N ILE O 130 6.79 27.76 -25.64
CA ILE O 130 5.72 28.15 -26.46
C ILE O 130 6.14 29.33 -27.37
N GLU O 131 6.85 30.36 -26.93
CA GLU O 131 7.34 31.33 -27.90
C GLU O 131 8.22 30.75 -29.03
N VAL O 132 9.09 29.75 -28.80
CA VAL O 132 9.89 29.36 -29.97
C VAL O 132 9.09 28.42 -30.87
N LEU O 133 8.14 27.66 -30.30
CA LEU O 133 7.28 26.77 -31.06
C LEU O 133 6.38 27.59 -31.99
N LYS O 134 5.98 28.78 -31.55
CA LYS O 134 5.24 29.73 -32.40
C LYS O 134 6.24 30.50 -33.26
N GLY O 135 5.75 30.96 -34.41
CA GLY O 135 6.54 31.77 -35.32
C GLY O 135 7.31 30.81 -36.18
N CYS O 136 8.15 30.03 -35.51
CA CYS O 136 8.88 28.97 -36.17
C CYS O 136 7.84 27.92 -36.51
N GLY O 137 7.58 27.64 -37.79
CA GLY O 137 6.48 26.76 -38.07
C GLY O 137 6.94 25.42 -37.53
N VAL O 138 6.14 24.83 -36.66
CA VAL O 138 6.36 23.45 -36.24
C VAL O 138 4.98 22.84 -36.40
N GLU O 139 4.96 21.72 -37.12
CA GLU O 139 3.74 20.98 -37.38
C GLU O 139 3.66 19.65 -36.63
N MET O 140 4.79 18.97 -36.46
CA MET O 140 4.78 17.70 -35.74
C MET O 140 5.92 17.52 -34.74
N LEU O 141 5.62 16.96 -33.58
CA LEU O 141 6.62 16.64 -32.58
C LEU O 141 6.68 15.10 -32.42
N ILE O 142 7.85 14.49 -32.59
CA ILE O 142 7.95 13.05 -32.37
C ILE O 142 8.74 12.70 -31.14
N ILE O 143 8.16 11.96 -30.20
CA ILE O 143 8.89 11.65 -28.98
C ILE O 143 9.27 10.19 -28.99
N ASP O 144 10.56 9.90 -29.06
CA ASP O 144 11.04 8.54 -29.04
C ASP O 144 11.10 8.04 -27.63
N GLU O 145 11.16 6.73 -27.45
CA GLU O 145 11.12 6.11 -26.12
C GLU O 145 10.13 6.80 -25.23
N ALA O 146 8.88 6.89 -25.64
CA ALA O 146 7.93 7.74 -24.93
C ALA O 146 7.78 7.38 -23.48
N ASP O 147 7.94 6.11 -23.14
CA ASP O 147 7.80 5.68 -21.75
C ASP O 147 8.92 6.08 -20.78
N ARG O 148 9.89 6.90 -21.18
CA ARG O 148 10.76 7.41 -20.21
C ARG O 148 10.21 8.60 -19.46
N LEU O 149 9.07 9.11 -19.90
CA LEU O 149 8.49 10.32 -19.33
C LEU O 149 7.89 10.00 -17.98
N LYS O 150 8.03 10.92 -17.04
CA LYS O 150 7.36 10.87 -15.78
C LYS O 150 5.95 11.19 -16.07
N PRO O 151 4.99 10.56 -15.38
CA PRO O 151 3.59 10.91 -15.50
C PRO O 151 3.24 12.36 -15.39
N GLU O 152 3.89 13.15 -14.58
CA GLU O 152 3.52 14.54 -14.53
C GLU O 152 3.79 15.28 -15.81
N THR O 153 4.59 14.76 -16.71
CA THR O 153 4.93 15.55 -17.89
C THR O 153 3.86 15.52 -18.87
N PHE O 154 2.99 14.53 -18.74
CA PHE O 154 1.99 14.33 -19.74
C PHE O 154 1.00 15.47 -19.73
N ALA O 155 0.88 16.16 -18.60
CA ALA O 155 0.04 17.32 -18.55
C ALA O 155 0.57 18.36 -19.52
N ASP O 156 1.88 18.51 -19.59
CA ASP O 156 2.48 19.53 -20.44
C ASP O 156 2.48 19.14 -21.90
N VAL O 157 2.64 17.84 -22.19
CA VAL O 157 2.51 17.34 -23.54
C VAL O 157 1.10 17.49 -24.11
N ARG O 158 0.07 17.19 -23.34
CA ARG O 158 -1.30 17.31 -23.83
C ARG O 158 -1.65 18.76 -24.09
N ASP O 159 -1.24 19.64 -23.19
CA ASP O 159 -1.53 21.06 -23.28
C ASP O 159 -0.99 21.66 -24.56
N ILE O 160 0.23 21.30 -24.92
CA ILE O 160 0.85 21.72 -26.17
C ILE O 160 0.07 21.19 -27.36
N ALA O 161 -0.28 19.91 -27.33
CA ALA O 161 -0.98 19.30 -28.41
C ALA O 161 -2.29 20.02 -28.55
N GLU O 162 -2.91 20.46 -27.47
CA GLU O 162 -4.24 21.08 -27.64
C GLU O 162 -4.11 22.57 -28.01
N ASP O 163 -3.15 23.27 -27.40
CA ASP O 163 -3.01 24.76 -27.49
C ASP O 163 -2.44 25.17 -28.85
N LEU O 164 -1.48 24.40 -29.38
CA LEU O 164 -0.80 24.72 -30.65
C LEU O 164 -1.20 23.68 -31.71
N GLY O 165 -1.23 24.05 -32.98
CA GLY O 165 -1.62 23.08 -33.99
C GLY O 165 -0.47 22.16 -34.26
N ILE O 166 -0.11 21.39 -33.25
CA ILE O 166 1.01 20.48 -33.36
C ILE O 166 0.55 19.05 -33.12
N ALA O 167 0.90 18.14 -34.02
CA ALA O 167 0.58 16.75 -33.83
C ALA O 167 1.69 16.20 -32.98
N VAL O 168 1.36 15.38 -32.00
CA VAL O 168 2.37 14.78 -31.17
C VAL O 168 2.30 13.30 -31.39
N VAL O 169 3.43 12.66 -31.69
CA VAL O 169 3.49 11.24 -31.92
C VAL O 169 4.32 10.57 -30.83
N LEU O 170 3.78 9.57 -30.15
CA LEU O 170 4.53 8.83 -29.14
C LEU O 170 5.03 7.52 -29.70
N VAL O 171 6.33 7.28 -29.67
CA VAL O 171 6.90 6.05 -30.24
C VAL O 171 7.39 5.15 -29.13
N GLY O 172 7.06 3.86 -29.16
CA GLY O 172 7.61 2.97 -28.15
C GLY O 172 7.32 1.46 -28.22
N THR O 173 7.67 0.71 -27.16
CA THR O 173 7.42 -0.72 -27.03
C THR O 173 6.08 -1.00 -26.29
N ASP O 174 5.74 -2.27 -26.09
CA ASP O 174 4.47 -2.68 -25.47
C ASP O 174 4.31 -2.21 -24.02
N ARG O 175 5.40 -1.91 -23.36
CA ARG O 175 5.27 -1.32 -22.10
C ARG O 175 4.63 0.02 -22.19
N LEU O 176 4.73 0.70 -23.33
CA LEU O 176 4.20 2.05 -23.41
C LEU O 176 2.75 1.99 -23.17
N ASP O 177 2.07 1.05 -23.80
CA ASP O 177 0.66 0.94 -23.57
C ASP O 177 0.31 0.60 -22.17
N ALA O 178 1.09 -0.21 -21.50
CA ALA O 178 0.82 -0.42 -20.12
C ALA O 178 0.93 0.89 -19.37
N VAL O 179 1.83 1.79 -19.70
CA VAL O 179 1.85 3.04 -18.98
C VAL O 179 0.71 3.94 -19.38
N ILE O 180 0.46 4.07 -20.66
CA ILE O 180 -0.57 4.97 -21.14
C ILE O 180 -1.93 4.64 -20.60
N LYS O 181 -2.30 3.36 -20.50
CA LYS O 181 -3.63 3.00 -20.03
C LYS O 181 -3.87 3.26 -18.56
N ARG O 182 -2.86 3.80 -17.89
CA ARG O 182 -3.01 4.16 -16.50
C ARG O 182 -3.76 5.45 -16.37
N ASP O 183 -3.90 6.23 -17.45
CA ASP O 183 -4.54 7.53 -17.33
C ASP O 183 -5.53 7.80 -18.41
N GLU O 184 -6.78 7.89 -18.08
CA GLU O 184 -7.77 8.09 -19.09
C GLU O 184 -7.55 9.26 -19.95
N GLN O 185 -7.08 10.38 -19.45
CA GLN O 185 -7.00 11.55 -20.29
C GLN O 185 -6.03 11.39 -21.38
N VAL O 186 -4.90 10.80 -21.12
CA VAL O 186 -3.89 10.51 -22.12
C VAL O 186 -4.25 9.43 -23.04
N LEU O 187 -4.82 8.37 -22.57
CA LEU O 187 -5.19 7.30 -23.44
C LEU O 187 -6.03 7.77 -24.54
N GLU O 188 -6.99 8.65 -24.28
CA GLU O 188 -7.81 9.31 -25.26
C GLU O 188 -7.22 10.28 -26.20
N ARG O 189 -6.20 11.05 -25.82
CA ARG O 189 -5.61 11.93 -26.81
C ARG O 189 -4.94 11.05 -27.83
N PHE O 190 -4.31 9.97 -27.38
CA PHE O 190 -3.43 9.16 -28.23
C PHE O 190 -4.00 7.80 -28.60
N ARG O 191 -5.30 7.74 -28.79
CA ARG O 191 -5.98 6.52 -29.16
C ARG O 191 -5.60 5.79 -30.45
N ALA O 192 -5.43 6.52 -31.56
CA ALA O 192 -5.01 5.91 -32.82
C ALA O 192 -3.59 5.45 -32.82
N HIS O 193 -3.29 4.33 -33.48
CA HIS O 193 -1.95 3.77 -33.39
C HIS O 193 -1.58 3.03 -34.64
N LEU O 194 -0.28 2.89 -34.89
CA LEU O 194 0.21 1.99 -35.93
C LEU O 194 1.17 1.03 -35.28
N ARG O 195 1.19 -0.22 -35.71
CA ARG O 195 2.10 -1.22 -35.14
C ARG O 195 3.10 -1.84 -36.08
N PHE O 196 4.36 -1.93 -35.65
CA PHE O 196 5.42 -2.61 -36.37
C PHE O 196 5.57 -4.03 -35.86
N GLY O 197 5.85 -4.97 -36.74
CA GLY O 197 6.11 -6.33 -36.28
C GLY O 197 7.24 -7.03 -36.98
N LYS O 198 7.30 -8.35 -36.80
CA LYS O 198 8.37 -9.15 -37.37
C LYS O 198 8.13 -9.43 -38.85
N LEU O 199 9.21 -9.76 -39.55
CA LEU O 199 9.14 -10.29 -40.93
C LEU O 199 8.90 -11.78 -40.99
N SER O 200 8.21 -12.23 -42.03
CA SER O 200 8.00 -13.64 -42.21
C SER O 200 7.75 -14.05 -43.65
N GLY O 201 7.78 -15.35 -43.90
CA GLY O 201 7.41 -15.88 -45.18
C GLY O 201 8.12 -15.26 -46.34
N GLU O 202 7.35 -14.82 -47.34
CA GLU O 202 7.92 -14.16 -48.51
C GLU O 202 8.61 -12.86 -48.22
N ASP O 203 8.15 -12.14 -47.21
CA ASP O 203 8.70 -10.85 -46.89
C ASP O 203 10.07 -10.92 -46.29
N PHE O 204 10.29 -11.84 -45.40
CA PHE O 204 11.60 -12.10 -44.89
C PHE O 204 12.54 -12.58 -45.98
N LYS O 205 12.17 -13.59 -46.74
CA LYS O 205 12.99 -14.00 -47.88
C LYS O 205 13.38 -12.98 -48.94
N ASN O 206 12.46 -12.14 -49.37
CA ASN O 206 12.72 -11.05 -50.34
C ASN O 206 13.65 -10.01 -49.71
N THR O 207 13.52 -9.79 -48.41
CA THR O 207 14.37 -8.80 -47.68
C THR O 207 15.84 -9.24 -47.70
N VAL O 208 16.00 -10.54 -47.49
CA VAL O 208 17.28 -11.15 -47.39
C VAL O 208 17.87 -10.90 -48.74
N GLU O 209 17.12 -11.20 -49.78
CA GLU O 209 17.64 -10.96 -51.12
C GLU O 209 17.92 -9.49 -51.32
N MET O 210 17.08 -8.58 -50.86
CA MET O 210 17.39 -7.19 -51.04
C MET O 210 18.71 -6.90 -50.42
N TRP O 211 19.00 -7.42 -49.24
CA TRP O 211 20.13 -7.03 -48.46
C TRP O 211 21.37 -7.48 -49.07
N GLU O 212 21.30 -8.58 -49.76
CA GLU O 212 22.46 -9.08 -50.44
C GLU O 212 22.83 -8.25 -51.64
N GLN O 213 21.85 -7.89 -52.48
CA GLN O 213 22.14 -7.13 -53.69
C GLN O 213 22.26 -5.68 -53.39
N MET O 214 21.44 -5.18 -52.48
CA MET O 214 21.44 -3.74 -52.21
C MET O 214 22.45 -3.27 -51.15
N VAL O 215 22.81 -4.12 -50.18
CA VAL O 215 23.77 -3.72 -49.15
C VAL O 215 25.14 -4.40 -49.13
N LEU O 216 25.19 -5.72 -49.17
CA LEU O 216 26.47 -6.43 -49.07
C LEU O 216 27.40 -6.31 -50.28
N LYS O 217 26.83 -6.53 -51.47
CA LYS O 217 27.55 -6.37 -52.74
C LYS O 217 28.92 -7.04 -52.88
N LEU O 218 29.04 -8.31 -52.52
CA LEU O 218 30.33 -8.96 -52.57
C LEU O 218 30.65 -9.32 -54.03
N PRO O 219 31.94 -9.50 -54.36
CA PRO O 219 32.35 -9.72 -55.76
C PRO O 219 31.62 -10.85 -56.46
N VAL O 220 31.33 -11.90 -55.72
CA VAL O 220 30.61 -13.05 -56.26
C VAL O 220 29.14 -13.20 -55.85
N SER O 221 28.92 -12.99 -54.55
CA SER O 221 27.65 -13.00 -53.76
C SER O 221 27.34 -14.43 -53.33
N SER O 222 26.33 -14.62 -52.49
CA SER O 222 26.15 -15.92 -51.87
C SER O 222 24.89 -16.67 -52.24
N ASN O 223 23.95 -15.99 -52.89
CA ASN O 223 22.62 -16.54 -53.18
C ASN O 223 21.85 -16.93 -51.91
N LEU O 224 21.67 -15.98 -51.00
CA LEU O 224 21.02 -16.27 -49.73
C LEU O 224 19.53 -16.61 -49.73
N LYS O 225 18.89 -16.67 -50.90
CA LYS O 225 17.49 -17.04 -50.90
C LYS O 225 17.30 -18.51 -51.15
N SER O 226 18.40 -19.24 -51.19
CA SER O 226 18.36 -20.68 -51.29
C SER O 226 17.83 -21.30 -50.04
N LYS O 227 17.28 -22.49 -50.13
CA LYS O 227 16.67 -23.09 -48.96
C LYS O 227 17.63 -23.29 -47.82
N GLU O 228 18.84 -23.71 -48.14
CA GLU O 228 19.85 -24.01 -47.11
C GLU O 228 20.31 -22.83 -46.29
N MET O 229 20.41 -21.67 -46.92
CA MET O 229 20.85 -20.47 -46.23
C MET O 229 19.72 -19.79 -45.53
N LEU O 230 18.54 -19.83 -46.07
CA LEU O 230 17.44 -19.20 -45.38
C LEU O 230 17.19 -19.90 -44.10
N ARG O 231 17.30 -21.22 -44.05
CA ARG O 231 17.11 -21.89 -42.78
C ARG O 231 18.06 -21.39 -41.73
N ILE O 232 19.29 -21.12 -42.10
CA ILE O 232 20.24 -20.68 -41.12
C ILE O 232 19.86 -19.32 -40.62
N LEU O 233 19.57 -18.39 -41.52
CA LEU O 233 19.16 -17.05 -41.17
C LEU O 233 17.85 -16.95 -40.45
N THR O 234 16.89 -17.77 -40.83
CA THR O 234 15.62 -17.72 -40.15
C THR O 234 15.76 -18.10 -38.72
N SER O 235 16.48 -19.17 -38.45
CA SER O 235 16.64 -19.60 -37.07
C SER O 235 17.47 -18.58 -36.30
N ALA O 236 18.49 -18.04 -36.95
CA ALA O 236 19.31 -17.03 -36.30
C ALA O 236 18.65 -15.69 -36.02
N THR O 237 17.76 -15.24 -36.91
CA THR O 237 17.20 -13.89 -36.80
C THR O 237 15.77 -13.71 -36.33
N GLU O 238 14.96 -14.77 -36.45
CA GLU O 238 13.55 -14.81 -36.05
C GLU O 238 12.72 -13.63 -36.57
N GLY O 239 13.05 -13.14 -37.75
CA GLY O 239 12.35 -12.03 -38.37
C GLY O 239 12.61 -10.60 -37.94
N TYR O 240 13.60 -10.36 -37.09
CA TYR O 240 13.79 -9.00 -36.66
C TYR O 240 14.73 -8.41 -37.67
N ILE O 241 14.47 -7.21 -38.16
CA ILE O 241 15.37 -6.60 -39.10
C ILE O 241 16.66 -6.26 -38.47
N GLY O 242 16.68 -5.90 -37.22
CA GLY O 242 17.89 -5.62 -36.43
C GLY O 242 18.81 -6.82 -36.34
N ARG O 243 18.28 -7.99 -36.22
CA ARG O 243 19.14 -9.12 -36.17
C ARG O 243 19.63 -9.47 -37.51
N LEU O 244 18.82 -9.40 -38.54
CA LEU O 244 19.29 -9.75 -39.85
C LEU O 244 20.39 -8.87 -40.28
N ASP O 245 20.32 -7.58 -40.08
CA ASP O 245 21.38 -6.74 -40.49
C ASP O 245 22.65 -7.04 -39.79
N GLU O 246 22.67 -7.18 -38.48
CA GLU O 246 23.93 -7.41 -37.80
C GLU O 246 24.57 -8.65 -38.22
N ILE O 247 23.80 -9.71 -38.31
CA ILE O 247 24.37 -10.96 -38.71
C ILE O 247 24.90 -10.98 -40.09
N LEU O 248 24.25 -10.44 -41.10
CA LEU O 248 24.87 -10.48 -42.43
C LEU O 248 26.07 -9.62 -42.51
N ARG O 249 26.10 -8.49 -41.86
CA ARG O 249 27.30 -7.69 -41.92
C ARG O 249 28.47 -8.32 -41.18
N GLU O 250 28.24 -8.96 -40.04
CA GLU O 250 29.34 -9.58 -39.29
C GLU O 250 29.88 -10.69 -40.18
N ALA O 251 29.03 -11.49 -40.82
CA ALA O 251 29.47 -12.49 -41.79
C ALA O 251 30.14 -11.96 -43.03
N ALA O 252 29.72 -10.87 -43.66
CA ALA O 252 30.52 -10.38 -44.79
C ALA O 252 31.90 -9.88 -44.40
N ILE O 253 32.07 -9.16 -43.31
CA ILE O 253 33.41 -8.63 -43.03
C ILE O 253 34.30 -9.74 -42.54
N ARG O 254 33.77 -10.76 -41.87
CA ARG O 254 34.62 -11.87 -41.40
C ARG O 254 35.12 -12.57 -42.61
N SER O 255 34.21 -12.80 -43.51
CA SER O 255 34.50 -13.51 -44.78
C SER O 255 35.54 -12.76 -45.62
N LEU O 256 35.39 -11.46 -45.78
CA LEU O 256 36.43 -10.76 -46.50
C LEU O 256 37.78 -10.76 -45.87
N SER O 257 37.81 -10.76 -44.56
CA SER O 257 39.09 -10.64 -43.90
C SER O 257 39.93 -11.90 -44.21
N ARG O 258 39.21 -12.96 -44.59
CA ARG O 258 39.78 -14.28 -44.88
C ARG O 258 39.95 -14.54 -46.36
N GLY O 259 39.78 -13.50 -47.18
CA GLY O 259 40.05 -13.59 -48.60
C GLY O 259 38.96 -14.23 -49.43
N LEU O 260 37.74 -14.25 -48.92
CA LEU O 260 36.63 -14.86 -49.66
C LEU O 260 35.91 -13.79 -50.47
N LYS O 261 35.25 -14.22 -51.53
CA LYS O 261 34.37 -13.35 -52.30
C LYS O 261 32.87 -13.56 -52.07
N LYS O 262 32.52 -14.42 -51.13
CA LYS O 262 31.12 -14.63 -50.78
C LYS O 262 30.97 -15.20 -49.37
N ILE O 263 29.77 -15.12 -48.82
CA ILE O 263 29.44 -15.79 -47.55
C ILE O 263 29.04 -17.23 -47.80
N ASP O 264 29.73 -18.17 -47.17
CA ASP O 264 29.36 -19.58 -47.19
C ASP O 264 28.62 -19.98 -45.94
N LYS O 265 28.14 -21.23 -45.92
CA LYS O 265 27.59 -21.85 -44.72
C LYS O 265 28.42 -21.98 -43.45
N ALA O 266 29.66 -22.42 -43.52
CA ALA O 266 30.40 -22.50 -42.28
C ALA O 266 30.67 -21.14 -41.63
N VAL O 267 30.95 -20.10 -42.39
CA VAL O 267 31.24 -18.78 -41.76
C VAL O 267 29.93 -18.24 -41.15
N LEU O 268 28.83 -18.38 -41.90
CA LEU O 268 27.51 -17.84 -41.47
C LEU O 268 27.10 -18.53 -40.16
N GLN O 269 27.27 -19.85 -40.11
CA GLN O 269 26.94 -20.65 -38.89
C GLN O 269 27.92 -20.27 -37.77
N GLU O 270 29.18 -20.09 -38.12
CA GLU O 270 30.23 -19.67 -37.16
C GLU O 270 29.79 -18.38 -36.47
N VAL O 271 29.28 -17.41 -37.24
CA VAL O 271 28.78 -16.13 -36.65
C VAL O 271 27.48 -16.38 -35.88
N ALA O 272 26.53 -17.10 -36.49
CA ALA O 272 25.19 -17.26 -35.88
C ALA O 272 25.32 -17.89 -34.49
N LYS O 273 26.27 -18.83 -34.34
CA LYS O 273 26.44 -19.60 -33.07
C LYS O 273 26.96 -18.68 -31.95
N GLU O 274 27.43 -17.49 -32.30
CA GLU O 274 27.97 -16.52 -31.30
C GLU O 274 26.83 -15.68 -30.72
N TYR O 275 25.61 -15.89 -31.20
CA TYR O 275 24.44 -15.12 -30.72
C TYR O 275 23.39 -16.08 -30.13
N ILE P 1 16.91 -0.53 -56.34
CA ILE P 1 16.31 0.34 -55.36
C ILE P 1 17.45 1.13 -54.71
N GLU P 2 17.25 2.42 -54.56
CA GLU P 2 18.28 3.27 -53.97
C GLU P 2 18.32 3.03 -52.47
N VAL P 3 19.53 3.02 -51.92
CA VAL P 3 19.67 2.93 -50.49
C VAL P 3 20.38 4.18 -49.97
N TRP P 4 19.93 4.72 -48.85
CA TRP P 4 20.58 5.93 -48.34
C TRP P 4 21.64 5.67 -47.35
N ASP P 5 22.77 6.31 -47.52
CA ASP P 5 23.82 6.18 -46.56
C ASP P 5 23.34 6.98 -45.35
N TYR P 6 23.42 6.39 -44.17
CA TYR P 6 22.95 7.07 -42.98
C TYR P 6 23.75 8.31 -42.69
N GLU P 7 25.06 8.24 -42.83
CA GLU P 7 25.88 9.37 -42.43
C GLU P 7 25.65 10.50 -43.43
N GLN P 8 25.44 10.15 -44.69
CA GLN P 8 25.06 11.15 -45.67
C GLN P 8 23.81 11.95 -45.34
N LEU P 9 22.76 11.27 -44.90
CA LEU P 9 21.52 11.96 -44.64
C LEU P 9 21.78 12.98 -43.53
N ARG P 10 22.58 12.57 -42.56
CA ARG P 10 23.05 13.41 -41.46
C ARG P 10 23.96 14.59 -41.82
N GLU P 11 24.98 14.35 -42.64
CA GLU P 11 25.86 15.41 -43.15
C GLU P 11 25.15 16.44 -44.00
N GLU P 12 24.12 16.01 -44.72
CA GLU P 12 23.31 16.94 -45.48
C GLU P 12 22.20 17.62 -44.66
N TYR P 13 22.14 17.37 -43.34
CA TYR P 13 21.08 18.00 -42.56
C TYR P 13 21.11 19.49 -42.27
N GLY P 14 19.90 20.06 -42.19
CA GLY P 14 19.71 21.49 -41.98
C GLY P 14 20.30 21.86 -40.64
N GLU Q 19 -11.15 26.72 -56.03
CA GLU Q 19 -11.34 25.29 -56.06
C GLU Q 19 -12.33 24.85 -55.00
N TRP Q 20 -13.43 24.24 -55.44
CA TRP Q 20 -14.50 23.79 -54.55
C TRP Q 20 -14.01 22.80 -53.54
N LEU Q 21 -13.19 21.86 -53.96
CA LEU Q 21 -12.75 20.82 -53.07
C LEU Q 21 -11.99 21.41 -51.91
N GLN Q 22 -11.03 22.30 -52.12
CA GLN Q 22 -10.32 22.90 -50.99
C GLN Q 22 -11.19 23.82 -50.13
N ALA Q 23 -12.17 24.47 -50.73
CA ALA Q 23 -13.04 25.37 -49.98
C ALA Q 23 -13.73 24.64 -48.87
N GLU Q 24 -14.16 23.42 -49.20
CA GLU Q 24 -14.82 22.45 -48.33
C GLU Q 24 -13.95 21.75 -47.41
N ILE Q 25 -12.80 21.29 -47.85
CA ILE Q 25 -11.90 20.68 -46.92
C ILE Q 25 -11.48 21.63 -45.80
N ALA Q 26 -11.21 22.89 -46.12
CA ALA Q 26 -10.88 23.89 -45.13
C ALA Q 26 -11.99 24.06 -44.11
N ARG Q 27 -13.22 23.72 -44.46
CA ARG Q 27 -14.33 23.88 -43.54
C ARG Q 27 -14.48 22.72 -42.61
N LEU Q 28 -14.35 21.54 -43.16
CA LEU Q 28 -14.60 20.31 -42.43
C LEU Q 28 -13.48 20.16 -41.46
N LYS Q 29 -12.32 20.69 -41.77
CA LYS Q 29 -11.22 20.49 -40.89
C LYS Q 29 -11.26 21.51 -39.74
N GLY Q 30 -12.28 22.36 -39.70
CA GLY Q 30 -12.42 23.32 -38.61
C GLY Q 30 -13.15 22.95 -37.33
N LYS Q 31 -13.50 23.93 -36.50
CA LYS Q 31 -14.18 23.62 -35.24
C LYS Q 31 -15.45 24.41 -35.05
N SER Q 32 -16.46 23.79 -34.43
CA SER Q 32 -17.73 24.45 -34.17
C SER Q 32 -18.41 23.90 -32.94
N ILE Q 33 -19.37 24.64 -32.40
CA ILE Q 33 -20.13 24.19 -31.24
C ILE Q 33 -21.57 23.88 -31.62
N VAL Q 34 -21.97 22.62 -31.46
CA VAL Q 34 -23.33 22.22 -31.75
C VAL Q 34 -24.17 22.25 -30.51
N PRO Q 35 -25.32 22.93 -30.56
CA PRO Q 35 -26.18 22.92 -29.38
C PRO Q 35 -26.60 21.50 -29.06
N LEU Q 36 -26.50 21.10 -27.80
CA LEU Q 36 -26.92 19.79 -27.37
C LEU Q 36 -27.61 19.94 -26.03
N GLN Q 37 -28.33 18.92 -25.61
CA GLN Q 37 -29.06 18.99 -24.36
C GLN Q 37 -28.20 19.17 -23.13
N GLN Q 38 -27.00 18.62 -23.15
CA GLN Q 38 -26.11 18.65 -22.04
C GLN Q 38 -25.68 20.02 -21.93
N VAL Q 39 -25.45 20.65 -23.08
CA VAL Q 39 -24.94 22.01 -23.09
C VAL Q 39 -25.96 22.99 -22.61
N LYS Q 40 -27.18 22.89 -23.11
CA LYS Q 40 -28.24 23.73 -22.60
C LYS Q 40 -28.46 23.53 -21.13
N THR Q 41 -28.44 22.30 -20.65
CA THR Q 41 -28.67 22.05 -19.22
C THR Q 41 -27.65 22.76 -18.37
N LEU Q 42 -26.40 22.69 -18.76
CA LEU Q 42 -25.34 23.31 -17.99
C LEU Q 42 -25.54 24.80 -17.96
N HIS Q 43 -25.88 25.41 -19.08
CA HIS Q 43 -26.00 26.85 -19.09
C HIS Q 43 -27.06 27.33 -18.12
N ASP Q 44 -28.20 26.67 -18.09
CA ASP Q 44 -29.25 27.03 -17.15
C ASP Q 44 -28.89 26.73 -15.70
N TRP Q 45 -28.21 25.62 -15.45
CA TRP Q 45 -27.77 25.28 -14.11
C TRP Q 45 -26.74 26.26 -13.57
N LEU Q 46 -25.73 26.59 -14.35
CA LEU Q 46 -24.73 27.50 -13.92
C LEU Q 46 -25.35 28.81 -13.75
N ASP Q 47 -26.26 29.24 -14.58
CA ASP Q 47 -26.81 30.57 -14.41
C ASP Q 47 -27.61 30.68 -13.20
N GLY Q 48 -28.22 29.61 -12.79
CA GLY Q 48 -28.96 29.61 -11.58
C GLY Q 48 -27.92 29.91 -10.53
N LYS Q 49 -26.88 29.11 -10.49
CA LYS Q 49 -25.90 29.27 -9.51
C LYS Q 49 -25.24 30.56 -9.53
N ARG Q 50 -24.97 31.14 -10.65
CA ARG Q 50 -24.38 32.44 -10.64
C ARG Q 50 -25.10 33.51 -9.96
N LYS Q 51 -26.41 33.52 -9.97
CA LYS Q 51 -27.17 34.64 -9.43
C LYS Q 51 -27.44 34.43 -7.99
N ALA Q 52 -27.18 33.24 -7.50
CA ALA Q 52 -27.44 32.90 -6.13
C ALA Q 52 -26.11 32.98 -5.47
N ARG Q 53 -25.07 33.23 -6.23
CA ARG Q 53 -23.71 33.23 -5.77
C ARG Q 53 -23.32 31.97 -5.03
N LYS Q 54 -23.60 30.80 -5.53
CA LYS Q 54 -23.18 29.60 -4.83
C LYS Q 54 -22.09 28.84 -5.59
N SER Q 55 -21.11 28.21 -4.96
CA SER Q 55 -20.06 27.42 -5.58
C SER Q 55 -20.58 26.01 -5.81
N CYS Q 56 -19.98 25.32 -6.77
CA CYS Q 56 -20.41 23.99 -7.16
C CYS Q 56 -19.34 23.35 -8.00
N ARG Q 57 -19.53 22.10 -8.39
CA ARG Q 57 -18.56 21.50 -9.30
C ARG Q 57 -19.21 20.74 -10.43
N VAL Q 58 -18.49 20.56 -11.53
CA VAL Q 58 -19.01 19.80 -12.66
C VAL Q 58 -18.09 18.63 -12.96
N VAL Q 59 -18.62 17.43 -13.06
CA VAL Q 59 -17.78 16.27 -13.28
C VAL Q 59 -18.32 15.51 -14.47
N GLY Q 60 -17.48 14.68 -15.06
CA GLY Q 60 -17.92 13.76 -16.09
C GLY Q 60 -16.73 13.15 -16.78
N GLU Q 61 -16.97 12.20 -17.67
CA GLU Q 61 -15.91 11.43 -18.31
C GLU Q 61 -15.11 12.27 -19.31
N SER Q 62 -13.91 11.84 -19.62
CA SER Q 62 -12.98 12.70 -20.34
C SER Q 62 -13.29 13.19 -21.74
N ARG Q 63 -14.23 12.59 -22.45
CA ARG Q 63 -14.60 13.10 -23.76
C ARG Q 63 -16.05 13.51 -23.96
N THR Q 64 -16.73 13.90 -22.90
CA THR Q 64 -18.11 14.35 -23.00
C THR Q 64 -18.33 15.78 -23.45
N GLY Q 65 -17.30 16.60 -23.47
CA GLY Q 65 -17.42 17.93 -24.04
C GLY Q 65 -17.73 18.97 -22.99
N LYS Q 66 -17.08 18.82 -21.85
CA LYS Q 66 -17.17 19.72 -20.70
C LYS Q 66 -16.54 21.07 -20.94
N THR Q 67 -15.30 21.10 -21.41
CA THR Q 67 -14.61 22.36 -21.67
C THR Q 67 -15.35 23.23 -22.66
N VAL Q 68 -15.76 22.66 -23.77
CA VAL Q 68 -16.60 23.33 -24.77
C VAL Q 68 -17.93 23.85 -24.28
N ALA Q 69 -18.66 23.08 -23.47
CA ALA Q 69 -19.90 23.58 -22.87
C ALA Q 69 -19.72 24.86 -22.05
N CYS Q 70 -18.59 24.94 -21.36
CA CYS Q 70 -18.11 26.06 -20.50
C CYS Q 70 -17.75 27.27 -21.38
N ASP Q 71 -17.03 27.04 -22.47
CA ASP Q 71 -16.71 28.13 -23.44
C ASP Q 71 -17.99 28.69 -24.05
N ALA Q 72 -18.92 27.82 -24.38
CA ALA Q 72 -20.13 28.25 -25.00
C ALA Q 72 -20.79 29.18 -24.03
N TYR Q 73 -20.72 28.86 -22.75
CA TYR Q 73 -21.28 29.77 -21.77
C TYR Q 73 -20.52 31.07 -21.63
N ARG Q 74 -19.21 31.01 -21.53
CA ARG Q 74 -18.42 32.22 -21.37
C ARG Q 74 -18.75 33.22 -22.46
N TYR Q 75 -18.84 32.72 -23.68
CA TYR Q 75 -19.06 33.56 -24.85
C TYR Q 75 -20.42 34.21 -24.92
N ARG Q 76 -21.35 33.82 -24.08
CA ARG Q 76 -22.63 34.46 -24.15
C ARG Q 76 -22.65 35.66 -23.21
N HIS Q 77 -21.56 35.88 -22.47
CA HIS Q 77 -21.50 36.97 -21.49
C HIS Q 77 -20.25 37.80 -21.65
N LYS Q 78 -20.23 38.65 -22.66
CA LYS Q 78 -19.01 39.36 -23.00
C LYS Q 78 -18.72 40.46 -22.01
N PRO Q 79 -17.43 40.78 -21.85
CA PRO Q 79 -16.97 41.88 -21.01
C PRO Q 79 -17.68 43.15 -21.41
N GLN Q 80 -18.07 44.03 -20.51
CA GLN Q 80 -18.67 45.27 -20.99
C GLN Q 80 -17.83 46.51 -20.75
N GLN Q 81 -17.95 47.51 -21.62
CA GLN Q 81 -17.07 48.67 -21.52
C GLN Q 81 -17.67 50.03 -21.71
N GLU Q 82 -17.37 50.91 -20.74
CA GLU Q 82 -17.84 52.29 -20.70
C GLU Q 82 -16.70 53.19 -21.13
N ALA Q 83 -16.92 54.50 -21.17
CA ALA Q 83 -15.83 55.38 -21.54
C ALA Q 83 -14.63 55.42 -20.57
N GLY Q 84 -14.85 55.24 -19.28
CA GLY Q 84 -13.74 55.40 -18.36
C GLY Q 84 -13.18 54.18 -17.68
N ARG Q 85 -13.95 53.60 -16.77
CA ARG Q 85 -13.52 52.50 -15.92
C ARG Q 85 -13.26 51.19 -16.63
N PRO Q 86 -12.51 50.29 -16.00
CA PRO Q 86 -12.15 48.95 -16.42
C PRO Q 86 -13.37 48.16 -16.88
N PRO Q 87 -13.18 47.14 -17.72
CA PRO Q 87 -14.15 46.26 -18.27
C PRO Q 87 -14.93 45.64 -17.19
N THR Q 88 -16.21 45.40 -17.33
CA THR Q 88 -16.94 44.69 -16.34
C THR Q 88 -16.87 43.29 -16.87
N VAL Q 89 -16.52 42.30 -16.06
CA VAL Q 89 -16.31 40.96 -16.56
C VAL Q 89 -17.03 39.93 -15.71
N PRO Q 90 -18.31 39.72 -15.99
CA PRO Q 90 -19.12 38.76 -15.25
C PRO Q 90 -18.53 37.36 -15.10
N VAL Q 91 -17.90 36.79 -16.11
CA VAL Q 91 -17.36 35.43 -15.99
C VAL Q 91 -15.87 35.32 -16.28
N VAL Q 92 -15.09 34.76 -15.36
CA VAL Q 92 -13.67 34.54 -15.61
C VAL Q 92 -13.36 33.06 -15.77
N TYR Q 93 -12.67 32.68 -16.83
CA TYR Q 93 -12.37 31.27 -17.07
C TYR Q 93 -10.88 31.06 -17.16
N ILE Q 94 -10.34 30.19 -16.31
CA ILE Q 94 -8.90 29.90 -16.34
C ILE Q 94 -8.59 28.42 -16.39
N ARG Q 95 -7.40 28.02 -16.83
CA ARG Q 95 -6.99 26.63 -16.68
C ARG Q 95 -5.59 26.64 -16.07
N PRO Q 96 -5.42 26.00 -14.92
CA PRO Q 96 -4.12 25.92 -14.24
C PRO Q 96 -3.15 24.97 -14.91
N HIS Q 97 -1.85 25.21 -14.72
CA HIS Q 97 -0.76 24.30 -15.17
C HIS Q 97 -0.62 23.17 -14.14
N GLN Q 98 0.27 22.21 -14.41
CA GLN Q 98 0.44 21.05 -13.50
C GLN Q 98 1.08 21.47 -12.18
N LYS Q 99 0.60 20.89 -11.08
CA LYS Q 99 1.10 21.22 -9.72
C LYS Q 99 1.11 22.74 -9.57
N CYS Q 100 -0.06 23.36 -9.81
CA CYS Q 100 -0.26 24.82 -9.78
C CYS Q 100 -0.14 25.35 -8.34
N GLY Q 101 0.61 26.39 -8.07
CA GLY Q 101 0.71 26.84 -6.69
C GLY Q 101 -0.04 28.12 -6.52
N PRO Q 102 -0.01 28.68 -5.32
CA PRO Q 102 -0.66 29.92 -4.97
C PRO Q 102 -0.11 31.07 -5.68
N LYS Q 103 1.11 31.05 -6.16
CA LYS Q 103 1.58 32.24 -6.85
C LYS Q 103 1.08 32.30 -8.23
N ASP Q 104 0.68 31.15 -8.76
CA ASP Q 104 0.35 30.95 -10.17
C ASP Q 104 -1.02 31.30 -10.61
N LEU Q 105 -1.94 31.03 -9.71
CA LEU Q 105 -3.32 31.46 -9.75
C LEU Q 105 -3.59 32.91 -9.71
N PHE Q 106 -2.87 33.68 -8.93
CA PHE Q 106 -3.12 35.09 -8.90
C PHE Q 106 -2.64 35.69 -10.19
N LYS Q 107 -1.56 35.18 -10.77
CA LYS Q 107 -1.05 35.72 -11.97
C LYS Q 107 -2.12 35.49 -13.03
N LYS Q 108 -2.68 34.28 -13.16
CA LYS Q 108 -3.62 34.04 -14.29
C LYS Q 108 -4.89 34.89 -14.12
N ILE Q 109 -5.38 35.06 -12.88
CA ILE Q 109 -6.62 35.87 -12.66
C ILE Q 109 -6.39 37.32 -13.12
N THR Q 110 -5.21 37.84 -12.75
CA THR Q 110 -4.78 39.23 -13.05
C THR Q 110 -4.60 39.42 -14.56
N GLU Q 111 -4.01 38.44 -15.25
CA GLU Q 111 -3.80 38.55 -16.72
C GLU Q 111 -5.16 38.49 -17.44
N TYR Q 112 -5.98 37.59 -16.96
CA TYR Q 112 -7.23 37.39 -17.58
C TYR Q 112 -7.93 38.71 -17.60
N LEU Q 113 -7.92 39.44 -16.50
CA LEU Q 113 -8.65 40.70 -16.52
C LEU Q 113 -7.96 41.86 -17.15
N LYS Q 114 -6.86 41.57 -17.82
CA LYS Q 114 -6.01 42.50 -18.53
C LYS Q 114 -5.26 43.55 -17.76
N TYR Q 115 -4.70 43.15 -16.62
CA TYR Q 115 -3.84 44.03 -15.85
C TYR Q 115 -2.42 43.50 -15.98
N ARG Q 116 -1.42 44.38 -15.92
CA ARG Q 116 -0.05 43.89 -15.88
C ARG Q 116 0.37 43.32 -14.54
N VAL Q 117 1.00 42.16 -14.57
CA VAL Q 117 1.56 41.59 -13.37
C VAL Q 117 2.99 41.99 -13.11
N THR Q 118 3.26 42.61 -11.97
CA THR Q 118 4.61 43.07 -11.68
C THR Q 118 5.27 42.14 -10.65
N LYS Q 119 6.57 42.28 -10.45
CA LYS Q 119 7.28 41.48 -9.46
C LYS Q 119 7.00 41.80 -7.99
N GLY Q 120 6.82 40.76 -7.18
CA GLY Q 120 6.59 40.87 -5.74
C GLY Q 120 6.55 39.48 -5.13
N THR Q 121 6.02 39.33 -3.92
CA THR Q 121 5.90 37.98 -3.32
C THR Q 121 4.42 37.55 -3.28
N VAL Q 122 4.08 36.38 -2.69
CA VAL Q 122 2.71 35.89 -2.70
C VAL Q 122 1.73 36.81 -2.11
N SER Q 123 2.03 37.44 -1.02
CA SER Q 123 1.10 38.35 -0.47
C SER Q 123 0.91 39.52 -1.36
N ASP Q 124 1.84 39.82 -2.23
CA ASP Q 124 1.56 40.94 -3.09
C ASP Q 124 0.71 40.53 -4.22
N PHE Q 125 0.86 39.32 -4.74
CA PHE Q 125 -0.07 38.99 -5.82
C PHE Q 125 -1.50 38.90 -5.27
N ARG Q 126 -1.64 38.35 -4.07
CA ARG Q 126 -2.95 38.24 -3.42
C ARG Q 126 -3.61 39.56 -3.17
N ASP Q 127 -2.92 40.53 -2.65
CA ASP Q 127 -3.56 41.79 -2.34
C ASP Q 127 -4.03 42.42 -3.63
N ARG Q 128 -3.23 42.31 -4.69
CA ARG Q 128 -3.54 42.82 -6.03
C ARG Q 128 -4.66 42.12 -6.73
N THR Q 129 -4.74 40.79 -6.58
CA THR Q 129 -5.86 40.03 -7.12
C THR Q 129 -7.15 40.44 -6.52
N ILE Q 130 -7.27 40.61 -5.22
CA ILE Q 130 -8.47 41.09 -4.65
C ILE Q 130 -8.76 42.52 -5.14
N GLU Q 131 -7.83 43.46 -5.21
CA GLU Q 131 -8.17 44.72 -5.85
C GLU Q 131 -8.68 44.63 -7.30
N VAL Q 132 -8.18 43.73 -8.18
CA VAL Q 132 -8.74 43.80 -9.52
C VAL Q 132 -10.09 43.07 -9.59
N LEU Q 133 -10.29 42.07 -8.73
CA LEU Q 133 -11.55 41.33 -8.66
C LEU Q 133 -12.66 42.26 -8.17
N LYS Q 134 -12.33 43.21 -7.29
CA LYS Q 134 -13.25 44.25 -6.86
C LYS Q 134 -13.26 45.37 -7.92
N GLY Q 135 -14.38 46.08 -7.98
CA GLY Q 135 -14.54 47.22 -8.87
C GLY Q 135 -14.96 46.66 -10.19
N CYS Q 136 -14.08 45.85 -10.75
CA CYS Q 136 -14.39 45.14 -11.96
C CYS Q 136 -15.43 44.10 -11.58
N GLY Q 137 -16.65 44.17 -12.09
CA GLY Q 137 -17.67 43.28 -11.58
C GLY Q 137 -17.19 41.92 -12.04
N VAL Q 138 -17.05 40.99 -11.11
CA VAL Q 138 -16.83 39.59 -11.44
C VAL Q 138 -17.83 38.88 -10.56
N GLU Q 139 -18.61 38.03 -11.22
CA GLU Q 139 -19.64 37.25 -10.56
C GLU Q 139 -19.31 35.76 -10.47
N MET Q 140 -18.66 35.21 -11.49
CA MET Q 140 -18.30 33.79 -11.45
C MET Q 140 -16.88 33.49 -11.93
N LEU Q 141 -16.21 32.56 -11.24
CA LEU Q 141 -14.89 32.10 -11.63
C LEU Q 141 -15.00 30.61 -12.02
N ILE Q 142 -14.58 30.22 -13.23
CA ILE Q 142 -14.60 28.81 -13.59
C ILE Q 142 -13.22 28.23 -13.69
N ILE Q 143 -12.91 27.18 -12.95
CA ILE Q 143 -11.58 26.62 -13.00
C ILE Q 143 -11.61 25.29 -13.71
N ASP Q 144 -11.00 25.20 -14.88
CA ASP Q 144 -10.95 23.96 -15.63
C ASP Q 144 -9.86 23.09 -15.10
N GLU Q 145 -9.91 21.80 -15.40
CA GLU Q 145 -8.96 20.83 -14.87
C GLU Q 145 -8.68 21.08 -13.41
N ALA Q 146 -9.70 21.13 -12.57
CA ALA Q 146 -9.52 21.59 -11.21
C ALA Q 146 -8.49 20.80 -10.44
N ASP Q 147 -8.34 19.52 -10.75
CA ASP Q 147 -7.38 18.70 -10.04
C ASP Q 147 -5.89 18.93 -10.34
N ARG Q 148 -5.53 19.95 -11.12
CA ARG Q 148 -4.16 20.27 -11.20
C ARG Q 148 -3.67 21.09 -10.04
N LEU Q 149 -4.58 21.56 -9.20
CA LEU Q 149 -4.23 22.47 -8.11
C LEU Q 149 -3.53 21.69 -7.02
N LYS Q 150 -2.54 22.31 -6.41
CA LYS Q 150 -1.90 21.80 -5.22
C LYS Q 150 -2.88 21.99 -4.13
N PRO Q 151 -2.97 21.07 -3.17
CA PRO Q 151 -3.80 21.26 -1.99
C PRO Q 151 -3.64 22.56 -1.25
N GLU Q 152 -2.49 23.15 -1.17
CA GLU Q 152 -2.42 24.40 -0.46
C GLU Q 152 -3.17 25.51 -1.13
N THR Q 153 -3.53 25.39 -2.39
CA THR Q 153 -4.16 26.53 -3.05
C THR Q 153 -5.57 26.64 -2.69
N PHE Q 154 -6.12 25.57 -2.18
CA PHE Q 154 -7.54 25.53 -1.92
C PHE Q 154 -7.87 26.49 -0.81
N ALA Q 155 -6.91 26.78 0.04
CA ALA Q 155 -7.14 27.77 1.08
C ALA Q 155 -7.44 29.11 0.44
N ASP Q 156 -6.74 29.43 -0.63
CA ASP Q 156 -6.91 30.73 -1.27
C ASP Q 156 -8.18 30.79 -2.13
N VAL Q 157 -8.52 29.67 -2.76
CA VAL Q 157 -9.78 29.56 -3.48
C VAL Q 157 -11.01 29.70 -2.58
N ARG Q 158 -11.02 29.04 -1.43
CA ARG Q 158 -12.17 29.13 -0.52
C ARG Q 158 -12.32 30.53 0.02
N ASP Q 159 -11.21 31.15 0.38
CA ASP Q 159 -11.21 32.49 0.96
C ASP Q 159 -11.83 33.51 0.04
N ILE Q 160 -11.49 33.43 -1.25
CA ILE Q 160 -12.08 34.27 -2.27
C ILE Q 160 -13.57 34.02 -2.39
N ALA Q 161 -13.97 32.76 -2.44
CA ALA Q 161 -15.34 32.40 -2.58
C ALA Q 161 -16.07 32.94 -1.39
N GLU Q 162 -15.46 32.98 -0.21
CA GLU Q 162 -16.24 33.44 0.96
C GLU Q 162 -16.22 34.97 1.07
N ASP Q 163 -15.06 35.59 0.78
CA ASP Q 163 -14.80 37.03 1.02
C ASP Q 163 -15.51 37.90 -0.03
N LEU Q 164 -15.52 37.44 -1.29
CA LEU Q 164 -16.11 38.21 -2.41
C LEU Q 164 -17.38 37.49 -2.91
N GLY Q 165 -18.36 38.21 -3.41
CA GLY Q 165 -19.56 37.55 -3.88
C GLY Q 165 -19.29 36.90 -5.20
N ILE Q 166 -18.40 35.91 -5.20
CA ILE Q 166 -18.02 35.23 -6.41
C ILE Q 166 -18.34 33.75 -6.31
N ALA Q 167 -19.02 33.20 -7.29
CA ALA Q 167 -19.30 31.78 -7.31
C ALA Q 167 -18.07 31.17 -7.93
N VAL Q 168 -17.60 30.05 -7.38
CA VAL Q 168 -16.47 29.36 -7.95
C VAL Q 168 -16.94 28.02 -8.40
N VAL Q 169 -16.66 27.66 -9.65
CA VAL Q 169 -17.05 26.38 -10.20
C VAL Q 169 -15.84 25.54 -10.51
N LEU Q 170 -15.75 24.33 -9.99
CA LEU Q 170 -14.64 23.43 -10.29
C LEU Q 170 -15.04 22.41 -11.33
N VAL Q 171 -14.34 22.34 -12.45
CA VAL Q 171 -14.68 21.42 -13.53
C VAL Q 171 -13.67 20.31 -13.62
N GLY Q 172 -14.10 19.05 -13.70
CA GLY Q 172 -13.12 17.98 -13.88
C GLY Q 172 -13.60 16.54 -14.09
N THR Q 173 -12.69 15.57 -14.04
CA THR Q 173 -12.96 14.13 -14.16
C THR Q 173 -13.17 13.48 -12.77
N ASP Q 174 -13.42 12.17 -12.72
CA ASP Q 174 -13.70 11.44 -11.49
C ASP Q 174 -12.54 11.44 -10.49
N ARG Q 175 -11.34 11.66 -10.97
CA ARG Q 175 -10.29 11.84 -10.05
C ARG Q 175 -10.51 13.05 -9.22
N LEU Q 176 -11.24 14.05 -9.69
CA LEU Q 176 -11.37 15.29 -8.93
C LEU Q 176 -12.00 14.95 -7.64
N ASP Q 177 -13.06 14.16 -7.66
CA ASP Q 177 -13.68 13.82 -6.42
C ASP Q 177 -12.82 13.02 -5.52
N ALA Q 178 -11.97 12.16 -6.03
CA ALA Q 178 -11.04 11.54 -5.15
C ALA Q 178 -10.14 12.55 -4.51
N VAL Q 179 -9.75 13.63 -5.17
CA VAL Q 179 -8.94 14.59 -4.48
C VAL Q 179 -9.75 15.43 -3.52
N ILE Q 180 -10.91 15.89 -3.94
CA ILE Q 180 -11.71 16.75 -3.09
C ILE Q 180 -12.11 16.10 -1.79
N LYS Q 181 -12.45 14.82 -1.78
CA LYS Q 181 -12.87 14.16 -0.55
C LYS Q 181 -11.79 13.94 0.45
N ARG Q 182 -10.59 14.39 0.13
CA ARG Q 182 -9.49 14.31 1.05
C ARG Q 182 -9.58 15.39 2.08
N ASP Q 183 -10.39 16.42 1.86
CA ASP Q 183 -10.43 17.54 2.79
C ASP Q 183 -11.82 17.97 3.12
N GLU Q 184 -12.23 17.81 4.34
CA GLU Q 184 -13.57 18.16 4.68
C GLU Q 184 -13.94 19.56 4.38
N GLN Q 185 -13.08 20.53 4.56
CA GLN Q 185 -13.52 21.89 4.37
C GLN Q 185 -13.88 22.19 2.99
N VAL Q 186 -13.13 21.69 2.04
CA VAL Q 186 -13.42 21.85 0.62
C VAL Q 186 -14.55 21.06 0.15
N LEU Q 187 -14.68 19.83 0.57
CA LEU Q 187 -15.77 19.04 0.13
C LEU Q 187 -17.05 19.69 0.40
N GLU Q 188 -17.23 20.32 1.54
CA GLU Q 188 -18.38 21.11 1.90
C GLU Q 188 -18.63 22.40 1.19
N ARG Q 189 -17.63 23.14 0.77
CA ARG Q 189 -17.94 24.34 0.03
C ARG Q 189 -18.54 23.90 -1.29
N PHE Q 190 -18.00 22.83 -1.87
CA PHE Q 190 -18.33 22.42 -3.24
C PHE Q 190 -19.18 21.18 -3.34
N ARG Q 191 -20.08 21.01 -2.38
CA ARG Q 191 -20.98 19.87 -2.35
C ARG Q 191 -21.93 19.61 -3.52
N ALA Q 192 -22.60 20.64 -4.02
CA ALA Q 192 -23.50 20.49 -5.17
C ALA Q 192 -22.78 20.24 -6.46
N HIS Q 193 -23.33 19.42 -7.34
CA HIS Q 193 -22.60 19.03 -8.54
C HIS Q 193 -23.53 18.74 -9.69
N LEU Q 194 -23.03 18.85 -10.90
CA LEU Q 194 -23.75 18.37 -12.08
C LEU Q 194 -22.84 17.40 -12.80
N ARG Q 195 -23.41 16.34 -13.37
CA ARG Q 195 -22.60 15.36 -14.09
C ARG Q 195 -22.90 15.17 -15.56
N PHE Q 196 -21.86 15.12 -16.38
CA PHE Q 196 -21.96 14.83 -17.80
C PHE Q 196 -21.71 13.36 -18.05
N GLY Q 197 -22.42 12.76 -18.98
CA GLY Q 197 -22.15 11.37 -19.33
C GLY Q 197 -22.20 11.06 -20.79
N LYS Q 198 -22.25 9.78 -21.11
CA LYS Q 198 -22.25 9.32 -22.49
C LYS Q 198 -23.61 9.45 -23.13
N LEU Q 199 -23.65 9.49 -24.46
CA LEU Q 199 -24.88 9.39 -25.25
C LEU Q 199 -25.33 7.96 -25.49
N SER Q 200 -26.64 7.76 -25.58
CA SER Q 200 -27.15 6.44 -25.88
C SER Q 200 -28.51 6.45 -26.52
N GLY Q 201 -28.91 5.29 -27.02
CA GLY Q 201 -30.27 5.11 -27.52
C GLY Q 201 -30.70 6.13 -28.52
N GLU Q 202 -31.85 6.75 -28.30
CA GLU Q 202 -32.37 7.78 -29.16
C GLU Q 202 -31.52 9.02 -29.23
N ASP Q 203 -30.84 9.34 -28.14
CA ASP Q 203 -30.04 10.54 -28.08
C ASP Q 203 -28.81 10.49 -28.91
N PHE Q 204 -28.12 9.37 -28.89
CA PHE Q 204 -27.01 9.16 -29.76
C PHE Q 204 -27.45 9.15 -31.22
N LYS Q 205 -28.44 8.36 -31.58
CA LYS Q 205 -28.98 8.42 -32.94
C LYS Q 205 -29.45 9.75 -33.52
N ASN Q 206 -30.15 10.54 -32.76
CA ASN Q 206 -30.61 11.89 -33.18
C ASN Q 206 -29.39 12.82 -33.34
N THR Q 207 -28.37 12.62 -32.51
CA THR Q 207 -27.13 13.46 -32.56
C THR Q 207 -26.41 13.24 -33.89
N VAL Q 208 -26.36 11.96 -34.27
CA VAL Q 208 -25.68 11.52 -35.42
C VAL Q 208 -26.38 12.24 -36.52
N GLU Q 209 -27.70 12.17 -36.53
CA GLU Q 209 -28.44 12.85 -37.57
C GLU Q 209 -28.20 14.33 -37.50
N MET Q 210 -28.15 14.95 -36.34
CA MET Q 210 -27.89 16.37 -36.30
C MET Q 210 -26.58 16.63 -36.99
N TRP Q 211 -25.56 15.83 -36.76
CA TRP Q 211 -24.22 16.12 -37.18
C TRP Q 211 -24.09 16.03 -38.63
N GLU Q 212 -24.88 15.18 -39.22
CA GLU Q 212 -24.87 15.06 -40.64
C GLU Q 212 -25.49 16.25 -41.34
N GLN Q 213 -26.65 16.71 -40.87
CA GLN Q 213 -27.33 17.82 -41.52
C GLN Q 213 -26.77 19.12 -41.07
N MET Q 214 -26.40 19.22 -39.79
CA MET Q 214 -25.94 20.50 -39.27
C MET Q 214 -24.43 20.77 -39.43
N VAL Q 215 -23.60 19.72 -39.45
CA VAL Q 215 -22.15 19.93 -39.60
C VAL Q 215 -21.48 19.47 -40.89
N LEU Q 216 -21.71 18.22 -41.31
CA LEU Q 216 -21.04 17.70 -42.50
C LEU Q 216 -21.48 18.30 -43.85
N LYS Q 217 -22.79 18.34 -44.05
CA LYS Q 217 -23.39 18.97 -45.23
C LYS Q 217 -22.84 18.56 -46.61
N LEU Q 218 -22.71 17.27 -46.87
CA LEU Q 218 -22.13 16.83 -48.13
C LEU Q 218 -23.19 16.96 -49.23
N PRO Q 219 -22.77 17.05 -50.50
CA PRO Q 219 -23.70 17.32 -51.60
C PRO Q 219 -24.88 16.36 -51.68
N VAL Q 220 -24.63 15.10 -51.34
CA VAL Q 220 -25.67 14.08 -51.34
C VAL Q 220 -26.19 13.63 -49.97
N SER Q 221 -25.22 13.41 -49.07
CA SER Q 221 -25.30 13.00 -47.63
C SER Q 221 -25.38 11.48 -47.55
N SER Q 222 -25.30 10.93 -46.36
CA SER Q 222 -25.11 9.49 -46.24
C SER Q 222 -26.26 8.72 -45.60
N ASN Q 223 -27.21 9.43 -44.99
CA ASN Q 223 -28.27 8.82 -44.20
C ASN Q 223 -27.75 7.98 -43.03
N LEU Q 224 -26.95 8.59 -42.15
CA LEU Q 224 -26.35 7.85 -41.06
C LEU Q 224 -27.25 7.35 -39.94
N LYS Q 225 -28.56 7.54 -40.02
CA LYS Q 225 -29.42 7.01 -38.98
C LYS Q 225 -29.98 5.67 -39.36
N SER Q 226 -29.51 5.13 -40.47
CA SER Q 226 -29.87 3.79 -40.88
C SER Q 226 -29.26 2.76 -39.98
N LYS Q 227 -29.85 1.60 -39.90
CA LYS Q 227 -29.35 0.61 -38.97
C LYS Q 227 -27.93 0.20 -39.22
N GLU Q 228 -27.57 0.07 -40.48
CA GLU Q 228 -26.24 -0.39 -40.87
C GLU Q 228 -25.10 0.55 -40.50
N MET Q 229 -25.35 1.84 -40.59
CA MET Q 229 -24.35 2.82 -40.27
C MET Q 229 -24.28 3.13 -38.81
N LEU Q 230 -25.41 3.08 -38.12
CA LEU Q 230 -25.35 3.34 -36.72
C LEU Q 230 -24.59 2.26 -36.04
N ARG Q 231 -24.71 1.01 -36.47
CA ARG Q 231 -23.90 -0.02 -35.84
C ARG Q 231 -22.43 0.27 -35.95
N ILE Q 232 -21.99 0.80 -37.07
CA ILE Q 232 -20.60 1.05 -37.22
C ILE Q 232 -20.17 2.14 -36.29
N LEU Q 233 -20.89 3.24 -36.26
CA LEU Q 233 -20.61 4.37 -35.38
C LEU Q 233 -20.74 4.08 -33.93
N THR Q 234 -21.74 3.28 -33.55
CA THR Q 234 -21.90 2.96 -32.15
C THR Q 234 -20.72 2.19 -31.63
N SER Q 235 -20.29 1.20 -32.38
CA SER Q 235 -19.16 0.41 -31.93
C SER Q 235 -17.90 1.26 -31.94
N ALA Q 236 -17.74 2.10 -32.94
CA ALA Q 236 -16.59 2.97 -33.01
C ALA Q 236 -16.51 4.07 -31.97
N THR Q 237 -17.64 4.65 -31.58
CA THR Q 237 -17.64 5.82 -30.69
C THR Q 237 -18.03 5.65 -29.24
N GLU Q 238 -18.77 4.59 -28.93
CA GLU Q 238 -19.24 4.25 -27.58
C GLU Q 238 -19.92 5.40 -26.86
N GLY Q 239 -20.61 6.27 -27.59
CA GLY Q 239 -21.32 7.40 -27.02
C GLY Q 239 -20.57 8.66 -26.64
N TYR Q 240 -19.29 8.77 -26.94
CA TYR Q 240 -18.59 9.97 -26.51
C TYR Q 240 -18.78 10.93 -27.65
N ILE Q 241 -19.11 12.18 -27.35
CA ILE Q 241 -19.27 13.15 -28.40
C ILE Q 241 -17.96 13.45 -29.04
N GLY Q 242 -16.89 13.43 -28.32
CA GLY Q 242 -15.52 13.62 -28.82
C GLY Q 242 -15.12 12.58 -29.85
N ARG Q 243 -15.54 11.36 -29.68
CA ARG Q 243 -15.20 10.39 -30.67
C ARG Q 243 -16.07 10.52 -31.85
N LEU Q 244 -17.35 10.78 -31.69
CA LEU Q 244 -18.21 10.91 -32.84
C LEU Q 244 -17.79 12.01 -33.71
N ASP Q 245 -17.43 13.16 -33.20
CA ASP Q 245 -17.02 14.21 -34.05
C ASP Q 245 -15.79 13.90 -34.81
N GLU Q 246 -14.76 13.37 -34.20
CA GLU Q 246 -13.53 13.12 -34.94
C GLU Q 246 -13.72 12.15 -36.02
N ILE Q 247 -14.41 11.07 -35.72
CA ILE Q 247 -14.64 10.09 -36.72
C ILE Q 247 -15.46 10.54 -37.86
N LEU Q 248 -16.54 11.26 -37.71
CA LEU Q 248 -17.27 11.70 -38.90
C LEU Q 248 -16.52 12.70 -39.69
N ARG Q 249 -15.77 13.58 -39.08
CA ARG Q 249 -15.01 14.51 -39.87
C ARG Q 249 -13.87 13.84 -40.61
N GLU Q 250 -13.19 12.87 -40.02
CA GLU Q 250 -12.07 12.22 -40.70
C GLU Q 250 -12.68 11.50 -41.91
N ALA Q 251 -13.81 10.80 -41.75
CA ALA Q 251 -14.51 10.21 -42.87
C ALA Q 251 -15.05 11.17 -43.92
N ALA Q 252 -15.61 12.33 -43.59
CA ALA Q 252 -15.99 13.21 -44.70
C ALA Q 252 -14.80 13.76 -45.48
N ILE Q 253 -13.70 14.15 -44.87
CA ILE Q 253 -12.63 14.74 -45.67
C ILE Q 253 -11.94 13.66 -46.47
N ARG Q 254 -11.86 12.43 -45.96
CA ARG Q 254 -11.19 11.35 -46.71
C ARG Q 254 -12.00 11.10 -47.93
N SER Q 255 -13.28 11.03 -47.71
CA SER Q 255 -14.28 10.77 -48.77
C SER Q 255 -14.25 11.87 -49.85
N LEU Q 256 -14.23 13.12 -49.46
CA LEU Q 256 -14.10 14.14 -50.50
C LEU Q 256 -12.83 14.13 -51.27
N SER Q 257 -11.76 13.75 -50.62
CA SER Q 257 -10.49 13.83 -51.31
C SER Q 257 -10.48 12.84 -52.48
N ARG Q 258 -11.39 11.86 -52.39
CA ARG Q 258 -11.52 10.77 -53.35
C ARG Q 258 -12.67 10.98 -54.32
N GLY Q 259 -13.24 12.18 -54.32
CA GLY Q 259 -14.25 12.53 -55.29
C GLY Q 259 -15.65 12.04 -54.99
N LEU Q 260 -15.93 11.71 -53.74
CA LEU Q 260 -17.26 11.21 -53.38
C LEU Q 260 -18.13 12.36 -52.91
N LYS Q 261 -19.43 12.19 -53.03
CA LYS Q 261 -20.41 13.11 -52.48
C LYS Q 261 -21.10 12.66 -51.20
N LYS Q 262 -20.68 11.52 -50.65
CA LYS Q 262 -21.23 11.04 -49.39
C LYS Q 262 -20.27 10.07 -48.71
N ILE Q 263 -20.49 9.83 -47.41
CA ILE Q 263 -19.76 8.77 -46.69
C ILE Q 263 -20.44 7.42 -46.87
N ASP Q 264 -19.69 6.44 -47.38
CA ASP Q 264 -20.17 5.07 -47.47
C ASP Q 264 -19.64 4.22 -46.33
N LYS Q 265 -20.11 2.98 -46.27
CA LYS Q 265 -19.57 1.96 -45.37
C LYS Q 265 -18.10 1.58 -45.44
N ALA Q 266 -17.52 1.33 -46.61
CA ALA Q 266 -16.12 1.00 -46.60
C ALA Q 266 -15.21 2.12 -46.12
N VAL Q 267 -15.49 3.37 -46.46
CA VAL Q 267 -14.59 4.47 -46.00
C VAL Q 267 -14.74 4.64 -44.49
N LEU Q 268 -15.99 4.58 -44.00
CA LEU Q 268 -16.28 4.80 -42.57
C LEU Q 268 -15.58 3.70 -41.76
N GLN Q 269 -15.68 2.45 -42.22
CA GLN Q 269 -15.01 1.30 -41.54
C GLN Q 269 -13.50 1.45 -41.66
N GLU Q 270 -13.03 1.90 -42.83
CA GLU Q 270 -11.59 2.15 -43.08
C GLU Q 270 -11.06 3.11 -42.02
N VAL Q 271 -11.80 4.19 -41.73
CA VAL Q 271 -11.38 5.17 -40.68
C VAL Q 271 -11.53 4.53 -39.29
N ALA Q 272 -12.68 3.91 -39.02
CA ALA Q 272 -12.97 3.40 -37.66
C ALA Q 272 -11.89 2.41 -37.23
N LYS Q 273 -11.39 1.59 -38.18
CA LYS Q 273 -10.41 0.52 -37.88
C LYS Q 273 -9.05 1.12 -37.49
N GLU Q 274 -8.86 2.42 -37.73
CA GLU Q 274 -7.58 3.11 -37.39
C GLU Q 274 -7.60 3.59 -35.93
N TYR Q 275 -8.73 3.37 -35.23
CA TYR Q 275 -8.85 3.80 -33.82
C TYR Q 275 -9.15 2.58 -32.94
N ILE R 1 -30.38 23.11 -35.10
CA ILE R 1 -30.58 24.54 -35.34
C ILE R 1 -29.26 25.21 -35.73
N GLU R 2 -29.13 26.49 -35.38
CA GLU R 2 -27.95 27.24 -35.69
C GLU R 2 -26.74 26.59 -35.03
N VAL R 3 -25.61 26.57 -35.73
CA VAL R 3 -24.39 26.08 -35.14
C VAL R 3 -23.36 27.20 -35.11
N TRP R 4 -22.61 27.33 -34.02
CA TRP R 4 -21.64 28.41 -33.97
C TRP R 4 -20.27 28.01 -34.41
N ASP R 5 -19.67 28.83 -35.24
CA ASP R 5 -18.31 28.55 -35.64
C ASP R 5 -17.47 28.88 -34.42
N TYR R 6 -16.58 27.99 -34.04
CA TYR R 6 -15.76 28.23 -32.86
C TYR R 6 -14.87 29.42 -33.04
N GLU R 7 -14.25 29.56 -34.18
CA GLU R 7 -13.28 30.63 -34.35
C GLU R 7 -14.01 31.96 -34.36
N GLN R 8 -15.21 31.96 -34.94
CA GLN R 8 -16.05 33.15 -34.86
C GLN R 8 -16.34 33.65 -33.45
N LEU R 9 -16.68 32.74 -32.55
CA LEU R 9 -17.06 33.17 -31.22
C LEU R 9 -15.84 33.84 -30.59
N ARG R 10 -14.68 33.26 -30.86
CA ARG R 10 -13.38 33.80 -30.45
C ARG R 10 -12.95 35.14 -31.05
N GLU R 11 -13.08 35.29 -32.37
CA GLU R 11 -12.83 36.55 -33.06
C GLU R 11 -13.73 37.69 -32.64
N GLU R 12 -14.97 37.36 -32.29
CA GLU R 12 -15.87 38.35 -31.75
C GLU R 12 -15.71 38.61 -30.25
N TYR R 13 -14.72 37.99 -29.60
CA TYR R 13 -14.59 38.20 -28.15
C TYR R 13 -14.08 39.54 -27.63
N GLY R 14 -14.59 39.90 -26.45
CA GLY R 14 -14.28 41.16 -25.81
C GLY R 14 -12.80 41.20 -25.49
N GLU S 19 -42.11 46.22 -6.37
CA GLU S 19 -42.48 44.85 -6.63
C GLU S 19 -42.27 43.98 -5.39
N TRP S 20 -43.34 43.39 -4.88
CA TRP S 20 -43.31 42.57 -3.66
C TRP S 20 -42.37 41.40 -3.83
N LEU S 21 -42.42 40.74 -4.97
CA LEU S 21 -41.64 39.55 -5.15
C LEU S 21 -40.17 39.87 -5.02
N GLN S 22 -39.64 40.89 -5.67
CA GLN S 22 -38.22 41.23 -5.51
C GLN S 22 -37.86 41.74 -4.12
N ALA S 23 -38.78 42.40 -3.44
CA ALA S 23 -38.51 42.91 -2.11
C ALA S 23 -38.13 41.79 -1.17
N GLU S 24 -38.86 40.70 -1.32
CA GLU S 24 -38.69 39.44 -0.61
C GLU S 24 -37.57 38.61 -1.04
N ILE S 25 -37.37 38.47 -2.32
CA ILE S 25 -36.21 37.72 -2.74
C ILE S 25 -34.91 38.34 -2.26
N ALA S 26 -34.79 39.67 -2.30
CA ALA S 26 -33.63 40.37 -1.80
C ALA S 26 -33.41 40.09 -0.32
N ARG S 27 -34.44 39.70 0.41
CA ARG S 27 -34.29 39.45 1.83
C ARG S 27 -33.82 38.05 2.12
N LEU S 28 -34.40 37.11 1.41
CA LEU S 28 -34.17 35.70 1.65
C LEU S 28 -32.78 35.42 1.19
N LYS S 29 -32.29 36.16 0.23
CA LYS S 29 -30.99 35.85 -0.28
C LYS S 29 -29.90 36.49 0.62
N GLY S 30 -30.30 37.14 1.70
CA GLY S 30 -29.33 37.72 2.64
C GLY S 30 -28.77 36.90 3.78
N LYS S 31 -28.14 37.53 4.77
CA LYS S 31 -27.55 36.77 5.87
C LYS S 31 -27.98 37.30 7.22
N SER S 32 -28.14 36.40 8.19
CA SER S 32 -28.54 36.79 9.54
C SER S 32 -28.02 35.81 10.57
N ILE S 33 -27.99 36.23 11.84
CA ILE S 33 -27.57 35.37 12.93
C ILE S 33 -28.73 34.99 13.82
N VAL S 34 -29.04 33.70 13.89
CA VAL S 34 -30.12 33.23 14.74
C VAL S 34 -29.59 32.79 16.07
N PRO S 35 -30.15 33.29 17.17
CA PRO S 35 -29.70 32.81 18.47
C PRO S 35 -29.92 31.34 18.59
N LEU S 36 -28.91 30.61 19.04
CA LEU S 36 -29.02 29.17 19.25
C LEU S 36 -28.30 28.84 20.54
N GLN S 37 -28.55 27.65 21.07
CA GLN S 37 -27.94 27.26 22.33
C GLN S 37 -26.42 27.18 22.29
N GLN S 38 -25.87 26.82 21.15
CA GLN S 38 -24.46 26.63 21.00
C GLN S 38 -23.88 27.96 21.07
N VAL S 39 -24.57 28.92 20.48
CA VAL S 39 -24.07 30.27 20.42
C VAL S 39 -24.08 30.93 21.77
N LYS S 40 -25.19 30.82 22.48
CA LYS S 40 -25.23 31.34 23.83
C LYS S 40 -24.20 30.68 24.71
N THR S 41 -24.01 29.38 24.61
CA THR S 41 -23.03 28.69 25.45
C THR S 41 -21.65 29.25 25.25
N LEU S 42 -21.26 29.45 24.00
CA LEU S 42 -19.95 29.96 23.71
C LEU S 42 -19.78 31.34 24.29
N HIS S 43 -20.77 32.20 24.16
CA HIS S 43 -20.60 33.55 24.64
C HIS S 43 -20.33 33.58 26.12
N ASP S 44 -21.06 32.79 26.90
CA ASP S 44 -20.81 32.72 28.32
C ASP S 44 -19.50 32.06 28.70
N TRP S 45 -19.11 31.02 27.97
CA TRP S 45 -17.83 30.37 28.21
C TRP S 45 -16.65 31.26 27.91
N LEU S 46 -16.66 31.94 26.77
CA LEU S 46 -15.59 32.80 26.41
C LEU S 46 -15.57 33.92 27.37
N ASP S 47 -16.69 34.45 27.80
CA ASP S 47 -16.62 35.60 28.69
C ASP S 47 -16.07 35.24 30.00
N GLY S 48 -16.29 34.01 30.41
CA GLY S 48 -15.71 33.57 31.64
C GLY S 48 -14.22 33.68 31.40
N LYS S 49 -13.74 33.05 30.35
CA LYS S 49 -12.37 33.02 30.09
C LYS S 49 -11.79 34.35 29.90
N ARG S 50 -12.45 35.26 29.27
CA ARG S 50 -11.88 36.56 29.15
C ARG S 50 -11.55 37.29 30.37
N LYS S 51 -12.30 37.13 31.43
CA LYS S 51 -12.10 37.93 32.64
C LYS S 51 -11.12 37.27 33.54
N ALA S 52 -10.78 36.04 33.25
CA ALA S 52 -9.89 35.28 34.06
C ALA S 52 -8.58 35.32 33.34
N ARG S 53 -8.56 35.93 32.18
CA ARG S 53 -7.43 35.97 31.30
C ARG S 53 -6.83 34.62 31.03
N LYS S 54 -7.61 33.61 30.67
CA LYS S 54 -7.00 32.33 30.36
C LYS S 54 -7.13 31.98 28.89
N SER S 55 -6.18 31.31 28.23
CA SER S 55 -6.22 30.90 26.84
C SER S 55 -6.95 29.55 26.77
N CYS S 56 -7.51 29.26 25.61
CA CYS S 56 -8.30 28.06 25.40
C CYS S 56 -8.50 27.84 23.92
N ARG S 57 -9.12 26.75 23.52
CA ARG S 57 -9.42 26.58 22.12
C ARG S 57 -10.83 26.11 21.86
N VAL S 58 -11.35 26.35 20.66
CA VAL S 58 -12.68 25.89 20.31
C VAL S 58 -12.61 25.00 19.09
N VAL S 59 -13.20 23.82 19.15
CA VAL S 59 -13.11 22.89 18.03
C VAL S 59 -14.49 22.45 17.66
N GLY S 60 -14.64 21.94 16.44
CA GLY S 60 -15.88 21.33 16.03
C GLY S 60 -15.87 21.11 14.54
N GLU S 61 -16.90 20.44 14.03
CA GLU S 61 -16.96 20.03 12.63
C GLU S 61 -17.16 21.22 11.69
N SER S 62 -16.82 21.06 10.43
CA SER S 62 -16.72 22.22 9.54
C SER S 62 -17.94 23.04 9.21
N ARG S 63 -19.15 22.56 9.46
CA ARG S 63 -20.33 23.39 9.23
C ARG S 63 -21.24 23.64 10.41
N THR S 64 -20.70 23.61 11.63
CA THR S 64 -21.48 23.89 12.82
C THR S 64 -21.70 25.34 13.16
N GLY S 65 -21.00 26.27 12.52
CA GLY S 65 -21.30 27.68 12.70
C GLY S 65 -20.46 28.31 13.77
N LYS S 66 -19.19 27.92 13.78
CA LYS S 66 -18.16 28.42 14.68
C LYS S 66 -17.76 29.85 14.41
N THR S 67 -17.43 30.18 13.17
CA THR S 67 -17.04 31.54 12.82
C THR S 67 -18.10 32.56 13.15
N VAL S 68 -19.33 32.29 12.76
CA VAL S 68 -20.49 33.10 13.11
C VAL S 68 -20.77 33.28 14.59
N ALA S 69 -20.65 32.23 15.39
CA ALA S 69 -20.78 32.36 16.84
C ALA S 69 -19.79 33.35 17.47
N CYS S 70 -18.59 33.37 16.92
CA CYS S 70 -17.43 34.24 17.27
C CYS S 70 -17.72 35.69 16.86
N ASP S 71 -18.25 35.90 15.64
CA ASP S 71 -18.64 37.25 15.18
C ASP S 71 -19.77 37.79 16.07
N ALA S 72 -20.71 36.94 16.43
CA ALA S 72 -21.83 37.37 17.22
C ALA S 72 -21.24 37.89 18.49
N TYR S 73 -20.22 37.22 19.01
CA TYR S 73 -19.59 37.72 20.22
C TYR S 73 -18.83 39.01 20.01
N ARG S 74 -18.01 39.08 18.98
CA ARG S 74 -17.24 40.28 18.75
C ARG S 74 -18.13 41.50 18.73
N TYR S 75 -19.26 41.39 18.04
CA TYR S 75 -20.17 42.50 17.86
C TYR S 75 -20.89 42.95 19.10
N ARG S 76 -20.80 42.22 20.18
CA ARG S 76 -21.47 42.68 21.38
C ARG S 76 -20.51 43.53 22.20
N HIS S 77 -19.26 43.66 21.74
CA HIS S 77 -18.25 44.41 22.49
C HIS S 77 -17.52 45.41 21.61
N LYS S 78 -18.18 46.53 21.31
CA LYS S 78 -17.65 47.46 20.33
C LYS S 78 -16.49 48.25 20.89
N PRO S 79 -15.59 48.67 20.01
CA PRO S 79 -14.46 49.52 20.37
C PRO S 79 -14.96 50.75 21.08
N GLN S 80 -14.31 51.27 22.10
CA GLN S 80 -14.80 52.50 22.68
C GLN S 80 -13.93 53.72 22.46
N GLN S 81 -14.52 54.90 22.38
CA GLN S 81 -13.75 56.09 22.02
C GLN S 81 -14.00 57.36 22.79
N GLU S 82 -12.91 57.93 23.27
CA GLU S 82 -12.89 59.17 24.05
C GLU S 82 -12.44 60.30 23.15
N ALA S 83 -12.37 61.51 23.66
CA ALA S 83 -11.90 62.61 22.82
C ALA S 83 -10.44 62.52 22.36
N GLY S 84 -9.55 61.94 23.14
CA GLY S 84 -8.17 61.96 22.74
C GLY S 84 -7.50 60.68 22.30
N ARG S 85 -7.30 59.77 23.23
CA ARG S 85 -6.56 58.53 23.02
C ARG S 85 -7.22 57.54 22.09
N PRO S 86 -6.43 56.60 21.56
CA PRO S 86 -6.81 55.49 20.68
C PRO S 86 -8.00 54.73 21.23
N PRO S 87 -8.76 54.04 20.37
CA PRO S 87 -9.90 53.23 20.65
C PRO S 87 -9.57 52.23 21.66
N THR S 88 -10.45 51.88 22.57
CA THR S 88 -10.19 50.81 23.48
C THR S 88 -10.82 49.66 22.78
N VAL S 89 -10.14 48.52 22.64
CA VAL S 89 -10.65 47.42 21.85
C VAL S 89 -10.55 46.10 22.58
N PRO S 90 -11.53 45.82 23.43
CA PRO S 90 -11.55 44.60 24.21
C PRO S 90 -11.34 43.30 23.44
N VAL S 91 -11.90 43.13 22.24
CA VAL S 91 -11.73 41.89 21.50
C VAL S 91 -11.15 42.07 20.11
N VAL S 92 -10.07 41.37 19.78
CA VAL S 92 -9.51 41.41 18.44
C VAL S 92 -9.72 40.11 17.70
N TYR S 93 -10.25 40.14 16.49
CA TYR S 93 -10.52 38.92 15.75
C TYR S 93 -9.79 38.94 14.43
N ILE S 94 -8.96 37.93 14.17
CA ILE S 94 -8.22 37.86 12.91
C ILE S 94 -8.33 36.50 12.22
N ARG S 95 -8.08 36.42 10.92
CA ARG S 95 -7.98 35.12 10.29
C ARG S 95 -6.70 35.12 9.46
N PRO S 96 -5.78 34.20 9.75
CA PRO S 96 -4.52 34.10 9.01
C PRO S 96 -4.67 33.52 7.61
N HIS S 97 -3.74 33.86 6.71
CA HIS S 97 -3.65 33.27 5.35
C HIS S 97 -2.94 31.92 5.46
N GLN S 98 -2.82 31.20 4.33
CA GLN S 98 -2.20 29.86 4.34
C GLN S 98 -0.70 29.95 4.61
N LYS S 99 -0.17 29.03 5.41
CA LYS S 99 1.26 29.00 5.79
C LYS S 99 1.65 30.40 6.27
N CYS S 100 0.90 30.89 7.26
CA CYS S 100 1.08 32.26 7.84
C CYS S 100 2.40 32.34 8.62
N GLY S 101 3.22 33.35 8.43
CA GLY S 101 4.46 33.37 9.17
C GLY S 101 4.40 34.45 10.22
N PRO S 102 5.49 34.62 10.96
CA PRO S 102 5.62 35.62 12.01
C PRO S 102 5.55 36.99 11.50
N LYS S 103 5.85 37.27 10.26
CA LYS S 103 5.77 38.65 9.85
C LYS S 103 4.37 39.05 9.57
N ASP S 104 3.52 38.07 9.31
CA ASP S 104 2.16 38.24 8.80
C ASP S 104 1.09 38.52 9.79
N LEU S 105 1.26 37.89 10.93
CA LEU S 105 0.52 38.13 12.14
C LEU S 105 0.66 39.45 12.78
N PHE S 106 1.83 40.04 12.81
CA PHE S 106 1.95 41.35 13.40
C PHE S 106 1.29 42.34 12.52
N LYS S 107 1.33 42.17 11.20
CA LYS S 107 0.74 43.11 10.32
C LYS S 107 -0.75 43.06 10.59
N LYS S 108 -1.38 41.88 10.65
CA LYS S 108 -2.87 41.87 10.78
C LYS S 108 -3.29 42.46 12.13
N ILE S 109 -2.55 42.19 13.20
CA ILE S 109 -2.92 42.73 14.54
C ILE S 109 -2.92 44.25 14.52
N THR S 110 -1.86 44.80 13.90
CA THR S 110 -1.62 46.26 13.77
C THR S 110 -2.71 46.91 12.90
N GLU S 111 -3.10 46.27 11.80
CA GLU S 111 -4.16 46.82 10.90
C GLU S 111 -5.51 46.80 11.63
N TYR S 112 -5.74 45.70 12.30
CA TYR S 112 -6.98 45.53 12.94
C TYR S 112 -7.16 46.69 13.87
N LEU S 113 -6.14 47.08 14.62
CA LEU S 113 -6.35 48.17 15.55
C LEU S 113 -6.26 49.55 14.97
N LYS S 114 -6.24 49.62 13.66
CA LYS S 114 -6.17 50.82 12.85
C LYS S 114 -4.94 51.66 12.92
N TYR S 115 -3.78 51.04 12.93
CA TYR S 115 -2.52 51.75 12.86
C TYR S 115 -1.92 51.48 11.49
N ARG S 116 -1.15 52.42 10.95
CA ARG S 116 -0.44 52.12 9.72
C ARG S 116 0.78 51.25 9.91
N VAL S 117 0.91 50.24 9.06
CA VAL S 117 2.09 49.42 9.06
C VAL S 117 3.19 49.91 8.13
N THR S 118 4.36 50.19 8.66
CA THR S 118 5.44 50.72 7.83
C THR S 118 6.48 49.63 7.58
N LYS S 119 7.40 49.86 6.65
CA LYS S 119 8.46 48.91 6.36
C LYS S 119 9.55 48.76 7.43
N GLY S 120 9.92 47.51 7.70
CA GLY S 120 10.98 47.16 8.66
C GLY S 120 11.21 45.66 8.62
N THR S 121 11.86 45.07 9.64
CA THR S 121 12.05 43.61 9.67
C THR S 121 11.16 43.01 10.78
N VAL S 122 11.25 41.68 11.05
CA VAL S 122 10.39 41.04 12.03
C VAL S 122 10.46 41.61 13.38
N SER S 123 11.63 41.93 13.86
CA SER S 123 11.70 42.50 15.15
C SER S 123 11.08 43.84 15.17
N ASP S 124 10.96 44.50 14.04
CA ASP S 124 10.30 45.78 14.13
C ASP S 124 8.83 45.62 14.14
N PHE S 125 8.28 44.65 13.42
CA PHE S 125 6.83 44.53 13.54
C PHE S 125 6.45 44.09 14.96
N ARG S 126 7.25 43.21 15.54
CA ARG S 126 7.02 42.74 16.90
C ARG S 126 7.08 43.82 17.94
N ASP S 127 8.06 44.68 17.90
CA ASP S 127 8.16 45.69 18.92
C ASP S 127 6.96 46.62 18.83
N ARG S 128 6.54 46.93 17.59
CA ARG S 128 5.37 47.77 17.31
C ARG S 128 4.06 47.16 17.67
N THR S 129 3.91 45.85 17.45
CA THR S 129 2.70 45.13 17.88
C THR S 129 2.54 45.17 19.36
N ILE S 130 3.55 44.95 20.16
CA ILE S 130 3.41 45.07 21.56
C ILE S 130 3.10 46.53 21.94
N GLU S 131 3.73 47.57 21.39
CA GLU S 131 3.25 48.91 21.69
C GLU S 131 1.76 49.17 21.34
N VAL S 132 1.19 48.66 20.25
CA VAL S 132 -0.21 49.04 20.03
C VAL S 132 -1.15 48.18 20.90
N LEU S 133 -0.73 46.96 21.23
CA LEU S 133 -1.52 46.08 22.09
C LEU S 133 -1.59 46.67 23.50
N LYS S 134 -0.53 47.35 23.93
CA LYS S 134 -0.53 48.09 25.20
C LYS S 134 -1.19 49.46 24.97
N GLY S 135 -1.74 50.01 26.04
CA GLY S 135 -2.35 51.33 26.03
C GLY S 135 -3.75 51.13 25.54
N CYS S 136 -3.86 50.63 24.32
CA CYS S 136 -5.13 50.27 23.76
C CYS S 136 -5.58 49.05 24.53
N GLY S 137 -6.68 49.12 25.28
CA GLY S 137 -6.99 47.99 26.12
C GLY S 137 -7.33 46.89 25.13
N VAL S 138 -6.65 45.76 25.24
CA VAL S 138 -7.04 44.56 24.50
C VAL S 138 -7.02 43.50 25.59
N GLU S 139 -8.13 42.78 25.66
CA GLU S 139 -8.32 41.72 26.63
C GLU S 139 -8.32 40.32 26.00
N MET S 140 -8.87 40.18 24.79
CA MET S 140 -8.88 38.88 24.13
C MET S 140 -8.53 38.92 22.66
N LEU S 141 -7.75 37.92 22.20
CA LEU S 141 -7.40 37.77 20.80
C LEU S 141 -8.03 36.47 20.29
N ILE S 142 -8.83 36.51 19.22
CA ILE S 142 -9.39 35.28 18.68
C ILE S 142 -8.79 34.93 17.34
N ILE S 143 -8.20 33.76 17.19
CA ILE S 143 -7.59 33.42 15.91
C ILE S 143 -8.41 32.36 15.22
N ASP S 144 -9.03 32.71 14.10
CA ASP S 144 -9.82 31.75 13.34
C ASP S 144 -8.92 30.91 12.49
N GLU S 145 -9.43 29.77 12.02
CA GLU S 145 -8.63 28.82 11.26
C GLU S 145 -7.25 28.68 11.84
N ALA S 146 -7.14 28.35 13.12
CA ALA S 146 -5.85 28.40 13.79
C ALA S 146 -4.79 27.56 13.12
N ASP S 147 -5.18 26.46 12.51
CA ASP S 147 -4.21 25.60 11.86
C ASP S 147 -3.57 26.10 10.55
N ARG S 148 -3.82 27.34 10.14
CA ARG S 148 -3.06 27.84 9.06
C ARG S 148 -1.70 28.36 9.47
N LEU S 149 -1.45 28.43 10.77
CA LEU S 149 -0.22 29.01 11.29
C LEU S 149 0.93 28.04 11.06
N LYS S 150 2.08 28.57 10.73
CA LYS S 150 3.31 27.84 10.68
C LYS S 150 3.67 27.57 12.09
N PRO S 151 4.24 26.41 12.41
CA PRO S 151 4.76 26.13 13.74
C PRO S 151 5.67 27.16 14.34
N GLU S 152 6.49 27.85 13.61
CA GLU S 152 7.32 28.83 14.24
C GLU S 152 6.55 29.98 14.82
N THR S 153 5.30 30.18 14.43
CA THR S 153 4.61 31.39 14.92
C THR S 153 4.13 31.20 16.28
N PHE S 154 4.05 29.96 16.71
CA PHE S 154 3.45 29.66 17.98
C PHE S 154 4.32 30.20 19.09
N ALA S 155 5.61 30.35 18.82
CA ALA S 155 6.48 30.95 19.80
C ALA S 155 6.03 32.37 20.09
N ASP S 156 5.61 33.08 19.05
CA ASP S 156 5.22 34.47 19.20
C ASP S 156 3.83 34.62 19.82
N VAL S 157 2.93 33.70 19.48
CA VAL S 157 1.62 33.65 20.11
C VAL S 157 1.68 33.35 21.60
N ARG S 158 2.50 32.39 22.03
CA ARG S 158 2.60 32.05 23.45
C ARG S 158 3.19 33.20 24.23
N ASP S 159 4.21 33.83 23.68
CA ASP S 159 4.92 34.92 24.33
C ASP S 159 3.99 36.07 24.65
N ILE S 160 3.14 36.42 23.70
CA ILE S 160 2.13 37.45 23.88
C ILE S 160 1.14 37.05 24.96
N ALA S 161 0.67 35.82 24.93
CA ALA S 161 -0.28 35.35 25.88
C ALA S 161 0.36 35.41 27.22
N GLU S 162 1.65 35.17 27.34
CA GLU S 162 2.25 35.17 28.71
C GLU S 162 2.61 36.59 29.15
N ASP S 163 3.14 37.41 28.23
CA ASP S 163 3.73 38.74 28.53
C ASP S 163 2.63 39.77 28.81
N LEU S 164 1.53 39.71 28.05
CA LEU S 164 0.43 40.69 28.17
C LEU S 164 -0.81 39.99 28.76
N GLY S 165 -1.66 40.69 29.49
CA GLY S 165 -2.82 40.04 30.04
C GLY S 165 -3.85 39.85 28.97
N ILE S 166 -3.53 39.04 27.99
CA ILE S 166 -4.41 38.79 26.87
C ILE S 166 -4.75 37.33 26.78
N ALA S 167 -6.04 37.00 26.69
CA ALA S 167 -6.45 35.63 26.52
C ALA S 167 -6.36 35.39 25.04
N VAL S 168 -5.86 34.24 24.63
CA VAL S 168 -5.79 33.90 23.23
C VAL S 168 -6.65 32.69 23.02
N VAL S 169 -7.56 32.76 22.06
CA VAL S 169 -8.46 31.66 21.74
C VAL S 169 -8.16 31.11 20.36
N LEU S 170 -7.90 29.82 20.24
CA LEU S 170 -7.68 29.20 18.93
C LEU S 170 -8.93 28.50 18.46
N VAL S 171 -9.44 28.85 17.29
CA VAL S 171 -10.66 28.25 16.77
C VAL S 171 -10.36 27.35 15.60
N GLY S 172 -10.89 26.14 15.57
CA GLY S 172 -10.67 25.30 14.38
C GLY S 172 -11.36 23.94 14.28
N THR S 173 -10.97 23.12 13.30
CA THR S 173 -11.46 21.76 13.08
C THR S 173 -10.58 20.71 13.78
N ASP S 174 -10.91 19.42 13.64
CA ASP S 174 -10.19 18.33 14.31
C ASP S 174 -8.73 18.18 13.87
N ARG S 175 -8.40 18.69 12.72
CA ARG S 175 -7.04 18.73 12.37
C ARG S 175 -6.27 19.60 13.29
N LEU S 176 -6.90 20.58 13.92
CA LEU S 176 -6.15 21.52 14.76
C LEU S 176 -5.52 20.74 15.84
N ASP S 177 -6.26 19.87 16.48
CA ASP S 177 -5.67 19.09 17.53
C ASP S 177 -4.59 18.18 17.06
N ALA S 178 -4.68 17.64 15.88
CA ALA S 178 -3.56 16.90 15.39
C ALA S 178 -2.36 17.80 15.28
N VAL S 179 -2.49 19.05 14.91
CA VAL S 179 -1.30 19.88 14.85
C VAL S 179 -0.84 20.28 16.24
N ILE S 180 -1.74 20.68 17.09
CA ILE S 180 -1.37 21.14 18.41
C ILE S 180 -0.65 20.09 19.23
N LYS S 181 -1.06 18.84 19.17
CA LYS S 181 -0.42 17.80 19.96
C LYS S 181 0.97 17.44 19.51
N ARG S 182 1.45 18.11 18.49
CA ARG S 182 2.81 17.90 18.04
C ARG S 182 3.78 18.62 18.95
N ASP S 183 3.31 19.55 19.77
CA ASP S 183 4.24 20.33 20.58
C ASP S 183 3.81 20.47 22.00
N GLU S 184 4.53 19.89 22.92
CA GLU S 184 4.12 19.96 24.28
C GLU S 184 3.90 21.32 24.81
N GLN S 185 4.70 22.30 24.45
CA GLN S 185 4.54 23.59 25.09
C GLN S 185 3.27 24.23 24.76
N VAL S 186 2.83 24.14 23.52
CA VAL S 186 1.55 24.66 23.08
C VAL S 186 0.40 23.90 23.55
N LEU S 187 0.46 22.61 23.53
CA LEU S 187 -0.65 21.83 23.99
C LEU S 187 -1.05 22.21 25.35
N GLU S 188 -0.11 22.45 26.25
CA GLU S 188 -0.33 22.95 27.58
C GLU S 188 -0.82 24.34 27.77
N ARG S 189 -0.46 25.29 26.94
CA ARG S 189 -1.04 26.61 27.14
C ARG S 189 -2.52 26.50 26.83
N PHE S 190 -2.86 25.73 25.81
CA PHE S 190 -4.23 25.70 25.28
C PHE S 190 -5.00 24.44 25.58
N ARG S 191 -4.77 23.88 26.76
CA ARG S 191 -5.45 22.67 27.20
C ARG S 191 -6.97 22.64 27.31
N ALA S 192 -7.58 23.69 27.88
CA ALA S 192 -9.03 23.76 27.98
C ALA S 192 -9.71 23.99 26.66
N HIS S 193 -10.88 23.40 26.45
CA HIS S 193 -11.51 23.49 25.14
C HIS S 193 -13.00 23.43 25.23
N LEU S 194 -13.68 23.96 24.23
CA LEU S 194 -15.12 23.75 24.09
C LEU S 194 -15.36 23.16 22.72
N ARG S 195 -16.32 22.26 22.59
CA ARG S 195 -16.63 21.63 21.31
C ARG S 195 -18.02 21.86 20.75
N PHE S 196 -18.11 22.18 19.47
CA PHE S 196 -19.36 22.31 18.75
C PHE S 196 -19.67 21.03 18.02
N GLY S 197 -20.93 20.64 17.96
CA GLY S 197 -21.30 19.46 17.19
C GLY S 197 -22.56 19.59 16.39
N LYS S 198 -23.07 18.45 15.92
CA LYS S 198 -24.26 18.44 15.09
C LYS S 198 -25.53 18.57 15.92
N LEU S 199 -26.61 18.98 15.27
CA LEU S 199 -27.96 18.97 15.85
C LEU S 199 -28.66 17.62 15.70
N SER S 200 -29.49 17.28 16.67
CA SER S 200 -30.26 16.06 16.58
C SER S 200 -31.54 16.08 17.37
N GLY S 201 -32.38 15.08 17.13
CA GLY S 201 -33.57 14.88 17.93
C GLY S 201 -34.45 16.08 18.04
N GLU S 202 -34.80 16.45 19.27
CA GLU S 202 -35.62 17.63 19.53
C GLU S 202 -34.98 18.92 19.14
N ASP S 203 -33.67 19.00 19.22
CA ASP S 203 -32.96 20.22 18.93
C ASP S 203 -32.94 20.57 17.47
N PHE S 204 -32.73 19.60 16.63
CA PHE S 204 -32.85 19.80 15.23
C PHE S 204 -34.28 20.16 14.83
N LYS S 205 -35.27 19.38 15.25
CA LYS S 205 -36.65 19.77 15.01
C LYS S 205 -37.15 21.14 15.45
N ASN S 206 -36.81 21.58 16.63
CA ASN S 206 -37.16 22.92 17.16
C ASN S 206 -36.45 24.00 16.33
N THR S 207 -35.23 23.71 15.87
CA THR S 207 -34.44 24.67 15.06
C THR S 207 -35.14 24.95 13.73
N VAL S 208 -35.64 23.86 13.16
CA VAL S 208 -36.26 23.88 11.89
C VAL S 208 -37.42 24.77 12.10
N GLU S 209 -38.19 24.54 13.15
CA GLU S 209 -39.33 25.40 13.41
C GLU S 209 -38.88 26.82 13.64
N MET S 210 -37.79 27.06 14.36
CA MET S 210 -37.37 28.43 14.55
C MET S 210 -37.15 29.06 13.21
N TRP S 211 -36.53 28.36 12.28
CA TRP S 211 -36.06 28.93 11.04
C TRP S 211 -37.17 29.30 10.17
N GLU S 212 -38.25 28.56 10.29
CA GLU S 212 -39.41 28.86 9.52
C GLU S 212 -40.12 30.12 9.99
N GLN S 213 -40.31 30.26 11.30
CA GLN S 213 -41.02 31.41 11.83
C GLN S 213 -40.12 32.59 11.95
N MET S 214 -38.87 32.35 12.33
CA MET S 214 -37.96 33.47 12.57
C MET S 214 -37.19 33.97 11.33
N VAL S 215 -36.92 33.10 10.36
CA VAL S 215 -36.20 33.52 9.16
C VAL S 215 -36.95 33.55 7.83
N LEU S 216 -37.63 32.47 7.46
CA LEU S 216 -38.30 32.41 6.16
C LEU S 216 -39.53 33.31 6.00
N LYS S 217 -40.44 33.25 6.97
CA LYS S 217 -41.61 34.10 7.02
C LYS S 217 -42.49 34.20 5.76
N LEU S 218 -42.85 33.07 5.18
CA LEU S 218 -43.61 33.10 3.94
C LEU S 218 -45.08 33.40 4.28
N PRO S 219 -45.85 33.92 3.32
CA PRO S 219 -47.22 34.37 3.58
C PRO S 219 -48.11 33.33 4.25
N VAL S 220 -47.91 32.08 3.87
CA VAL S 220 -48.68 30.97 4.44
C VAL S 220 -47.95 30.07 5.43
N SER S 221 -46.71 29.73 5.06
CA SER S 221 -45.66 28.92 5.74
C SER S 221 -45.90 27.43 5.44
N SER S 222 -44.99 26.57 5.83
CA SER S 222 -45.04 25.19 5.36
C SER S 222 -45.31 24.13 6.41
N ASN S 223 -45.22 24.50 7.68
CA ASN S 223 -45.29 23.55 8.79
C ASN S 223 -44.19 22.49 8.74
N LEU S 224 -42.93 22.90 8.69
CA LEU S 224 -41.83 21.97 8.56
C LEU S 224 -41.51 21.04 9.74
N LYS S 225 -42.29 21.08 10.81
CA LYS S 225 -42.02 20.15 11.89
C LYS S 225 -42.87 18.92 11.80
N SER S 226 -43.61 18.80 10.71
CA SER S 226 -44.37 17.61 10.43
C SER S 226 -43.49 16.45 10.11
N LYS S 227 -43.94 15.24 10.32
CA LYS S 227 -43.09 14.10 10.12
C LYS S 227 -42.56 13.97 8.71
N GLU S 228 -43.40 14.26 7.74
CA GLU S 228 -43.04 14.12 6.33
C GLU S 228 -41.94 15.05 5.85
N MET S 229 -41.93 16.26 6.36
CA MET S 229 -40.94 17.23 5.97
C MET S 229 -39.67 17.10 6.75
N LEU S 230 -39.75 16.72 7.99
CA LEU S 230 -38.54 16.56 8.74
C LEU S 230 -37.75 15.43 8.18
N ARG S 231 -38.38 14.35 7.71
CA ARG S 231 -37.60 13.30 7.09
C ARG S 231 -36.81 13.80 5.93
N ILE S 232 -37.38 14.68 5.14
CA ILE S 232 -36.66 15.15 3.99
C ILE S 232 -35.49 15.96 4.40
N LEU S 233 -35.68 16.91 5.31
CA LEU S 233 -34.62 17.74 5.83
C LEU S 233 -33.56 17.02 6.61
N THR S 234 -33.95 16.03 7.39
CA THR S 234 -32.97 15.30 8.16
C THR S 234 -32.03 14.57 7.25
N SER S 235 -32.56 13.91 6.24
CA SER S 235 -31.69 13.18 5.34
C SER S 235 -30.85 14.14 4.53
N ALA S 236 -31.43 15.26 4.12
CA ALA S 236 -30.67 16.25 3.38
C ALA S 236 -29.60 17.00 4.14
N THR S 237 -29.82 17.28 5.43
CA THR S 237 -28.89 18.14 6.19
C THR S 237 -27.98 17.50 7.21
N GLU S 238 -28.33 16.31 7.68
CA GLU S 238 -27.57 15.53 8.66
C GLU S 238 -27.16 16.31 9.91
N GLY S 239 -27.99 17.25 10.33
CA GLY S 239 -27.74 18.07 11.49
C GLY S 239 -26.79 19.25 11.42
N TYR S 240 -26.29 19.61 10.25
CA TYR S 240 -25.34 20.70 10.22
C TYR S 240 -26.19 21.93 10.07
N ILE S 241 -25.92 22.99 10.82
CA ILE S 241 -26.70 24.19 10.68
C ILE S 241 -26.43 24.83 9.38
N GLY S 242 -25.24 24.74 8.86
CA GLY S 242 -24.85 25.26 7.52
C GLY S 242 -25.64 24.61 6.41
N ARG S 243 -25.94 23.35 6.49
CA ARG S 243 -26.72 22.78 5.47
C ARG S 243 -28.14 23.13 5.60
N LEU S 244 -28.68 23.16 6.80
CA LEU S 244 -30.07 23.50 6.94
C LEU S 244 -30.35 24.86 6.46
N ASP S 245 -29.54 25.85 6.73
CA ASP S 245 -29.81 27.15 6.25
C ASP S 245 -29.80 27.23 4.77
N GLU S 246 -28.80 26.69 4.10
CA GLU S 246 -28.76 26.83 2.65
C GLU S 246 -29.90 26.20 2.00
N ILE S 247 -30.23 25.01 2.42
CA ILE S 247 -31.34 24.34 1.83
C ILE S 247 -32.66 24.99 2.03
N LEU S 248 -33.02 25.49 3.19
CA LEU S 248 -34.31 26.15 3.30
C LEU S 248 -34.34 27.44 2.54
N ARG S 249 -33.29 28.19 2.50
CA ARG S 249 -33.34 29.40 1.72
C ARG S 249 -33.40 29.13 0.23
N GLU S 250 -32.71 28.13 -0.28
CA GLU S 250 -32.75 27.86 -1.72
C GLU S 250 -34.19 27.45 -2.04
N ALA S 251 -34.82 26.60 -1.23
CA ALA S 251 -36.22 26.28 -1.39
C ALA S 251 -37.20 27.42 -1.22
N ALA S 252 -37.05 28.35 -0.29
CA ALA S 252 -38.00 29.46 -0.29
C ALA S 252 -37.88 30.37 -1.51
N ILE S 253 -36.70 30.70 -2.00
CA ILE S 253 -36.64 31.63 -3.13
C ILE S 253 -37.09 30.93 -4.39
N ARG S 254 -36.85 29.63 -4.53
CA ARG S 254 -37.26 28.92 -5.75
C ARG S 254 -38.74 28.94 -5.77
N SER S 255 -39.29 28.64 -4.63
CA SER S 255 -40.76 28.58 -4.44
C SER S 255 -41.43 29.93 -4.72
N LEU S 256 -40.88 31.01 -4.19
CA LEU S 256 -41.48 32.29 -4.54
C LEU S 256 -41.38 32.68 -5.98
N SER S 257 -40.32 32.26 -6.63
CA SER S 257 -40.14 32.71 -8.00
C SER S 257 -41.27 32.12 -8.86
N ARG S 258 -41.86 31.05 -8.36
CA ARG S 258 -42.91 30.28 -9.03
C ARG S 258 -44.30 30.61 -8.52
N GLY S 259 -44.41 31.66 -7.73
CA GLY S 259 -45.70 32.16 -7.30
C GLY S 259 -46.34 31.42 -6.15
N LEU S 260 -45.54 30.70 -5.36
CA LEU S 260 -46.09 29.95 -4.24
C LEU S 260 -46.00 30.79 -2.97
N LYS S 261 -46.87 30.49 -2.02
CA LYS S 261 -46.80 31.09 -0.68
C LYS S 261 -46.23 30.19 0.40
N LYS S 262 -45.76 29.00 0.03
CA LYS S 262 -45.13 28.10 0.99
C LYS S 262 -44.20 27.11 0.30
N ILE S 263 -43.32 26.46 1.06
CA ILE S 263 -42.52 25.36 0.56
C ILE S 263 -43.28 24.04 0.66
N ASP S 264 -43.43 23.35 -0.48
CA ASP S 264 -44.01 22.02 -0.50
C ASP S 264 -42.95 20.96 -0.58
N LYS S 265 -43.37 19.70 -0.51
CA LYS S 265 -42.52 18.55 -0.77
C LYS S 265 -41.81 18.39 -2.11
N ALA S 266 -42.47 18.58 -3.23
CA ALA S 266 -41.74 18.44 -4.48
C ALA S 266 -40.64 19.48 -4.65
N VAL S 267 -40.85 20.73 -4.26
CA VAL S 267 -39.79 21.75 -4.48
C VAL S 267 -38.62 21.45 -3.54
N LEU S 268 -38.94 21.08 -2.29
CA LEU S 268 -37.90 20.83 -1.25
C LEU S 268 -37.04 19.64 -1.71
N GLN S 269 -37.70 18.59 -2.21
CA GLN S 269 -36.97 17.39 -2.71
C GLN S 269 -36.19 17.76 -3.97
N GLU S 270 -36.80 18.59 -4.82
CA GLU S 270 -36.15 19.08 -6.06
C GLU S 270 -34.82 19.76 -5.69
N VAL S 271 -34.82 20.60 -4.65
CA VAL S 271 -33.56 21.26 -4.19
C VAL S 271 -32.63 20.23 -3.52
N ALA S 272 -33.17 19.41 -2.62
CA ALA S 272 -32.33 18.49 -1.82
C ALA S 272 -31.54 17.57 -2.76
N LYS S 273 -32.17 17.15 -3.86
CA LYS S 273 -31.55 16.17 -4.81
C LYS S 273 -30.37 16.80 -5.55
N GLU S 274 -30.23 18.13 -5.48
CA GLU S 274 -29.12 18.85 -6.17
C GLU S 274 -27.88 18.87 -5.27
N TYR S 275 -27.98 18.31 -4.06
CA TYR S 275 -26.84 18.29 -3.11
C TYR S 275 -26.50 16.84 -2.76
N ILE T 1 -38.35 35.53 19.18
CA ILE T 1 -36.93 35.68 19.43
C ILE T 1 -36.40 36.63 18.36
N GLU T 2 -35.58 37.57 18.78
CA GLU T 2 -35.03 38.54 17.85
C GLU T 2 -33.94 37.88 17.03
N VAL T 3 -33.86 38.22 15.76
CA VAL T 3 -32.78 37.75 14.93
C VAL T 3 -31.99 38.94 14.40
N TRP T 4 -30.67 38.84 14.38
CA TRP T 4 -29.89 39.97 13.90
C TRP T 4 -29.54 39.90 12.46
N ASP T 5 -29.73 40.98 11.76
CA ASP T 5 -29.34 41.02 10.38
C ASP T 5 -27.83 41.09 10.40
N TYR T 6 -27.17 40.24 9.63
CA TYR T 6 -25.72 40.23 9.63
C TYR T 6 -25.15 41.53 9.13
N GLU T 7 -25.70 42.08 8.07
CA GLU T 7 -25.11 43.27 7.49
C GLU T 7 -25.30 44.44 8.44
N GLN T 8 -26.43 44.46 9.13
CA GLN T 8 -26.64 45.44 10.17
C GLN T 8 -25.58 45.47 11.27
N LEU T 9 -25.21 44.29 11.76
CA LEU T 9 -24.27 44.26 12.87
C LEU T 9 -22.95 44.87 12.37
N ARG T 10 -22.61 44.55 11.13
CA ARG T 10 -21.46 45.12 10.43
C ARG T 10 -21.47 46.61 10.13
N GLU T 11 -22.59 47.12 9.61
CA GLU T 11 -22.78 48.56 9.38
C GLU T 11 -22.75 49.39 10.65
N GLU T 12 -23.22 48.82 11.74
CA GLU T 12 -23.14 49.48 13.02
C GLU T 12 -21.78 49.30 13.73
N TYR T 13 -20.80 48.65 13.09
CA TYR T 13 -19.52 48.45 13.78
C TYR T 13 -18.59 49.63 13.98
N GLY T 14 -17.86 49.55 15.10
CA GLY T 14 -16.95 50.60 15.52
C GLY T 14 -15.85 50.74 14.49
N GLU U 19 -16.03 46.05 49.52
CA GLU U 19 -16.69 44.77 49.33
C GLU U 19 -15.71 43.62 49.54
N TRP U 20 -16.01 42.77 50.52
CA TRP U 20 -15.15 41.64 50.89
C TRP U 20 -14.96 40.70 49.74
N LEU U 21 -16.02 40.40 49.01
CA LEU U 21 -15.93 39.44 47.95
C LEU U 21 -14.95 39.89 46.91
N GLN U 22 -14.99 41.12 46.43
CA GLN U 22 -14.01 41.58 45.44
C GLN U 22 -12.59 41.69 46.00
N ALA U 23 -12.46 42.01 47.28
CA ALA U 23 -11.13 42.12 47.86
C ALA U 23 -10.35 40.85 47.73
N GLU U 24 -11.07 39.75 47.96
CA GLU U 24 -10.62 38.38 47.84
C GLU U 24 -10.48 37.87 46.49
N ILE U 25 -11.43 38.13 45.62
CA ILE U 25 -11.24 37.70 44.26
C ILE U 25 -10.02 38.33 43.61
N ALA U 26 -9.75 39.60 43.86
CA ALA U 26 -8.57 40.26 43.36
C ALA U 26 -7.31 39.59 43.85
N ARG U 27 -7.35 38.88 44.96
CA ARG U 27 -6.17 38.24 45.50
C ARG U 27 -5.92 36.89 44.89
N LEU U 28 -6.99 36.14 44.74
CA LEU U 28 -6.90 34.77 44.29
C LEU U 28 -6.53 34.81 42.84
N LYS U 29 -6.90 35.86 42.15
CA LYS U 29 -6.64 35.90 40.74
C LYS U 29 -5.20 36.36 40.50
N GLY U 30 -4.42 36.62 41.54
CA GLY U 30 -3.02 37.01 41.39
C GLY U 30 -1.92 35.96 41.29
N LYS U 31 -0.67 36.37 41.46
CA LYS U 31 0.43 35.41 41.34
C LYS U 31 1.37 35.45 42.52
N SER U 32 1.89 34.29 42.90
CA SER U 32 2.83 34.21 44.01
C SER U 32 3.80 33.04 43.86
N ILE U 33 4.90 33.08 44.59
CA ILE U 33 5.87 32.00 44.57
C ILE U 33 5.88 31.23 45.87
N VAL U 34 5.53 29.95 45.82
CA VAL U 34 5.54 29.11 47.00
C VAL U 34 6.84 28.36 47.13
N PRO U 35 7.48 28.44 48.28
CA PRO U 35 8.72 27.68 48.44
C PRO U 35 8.43 26.21 48.28
N LEU U 36 9.24 25.51 47.50
CA LEU U 36 9.09 24.09 47.31
C LEU U 36 10.48 23.47 47.29
N GLN U 37 10.57 22.17 47.44
CA GLN U 37 11.85 21.51 47.48
C GLN U 37 12.67 21.63 46.19
N GLN U 38 12.00 21.71 45.06
CA GLN U 38 12.63 21.76 43.79
C GLN U 38 13.25 23.07 43.72
N VAL U 39 12.55 24.07 44.24
CA VAL U 39 13.02 25.43 44.16
C VAL U 39 14.21 25.65 45.04
N LYS U 40 14.14 25.19 46.28
CA LYS U 40 15.31 25.28 47.13
C LYS U 40 16.49 24.54 46.57
N THR U 41 16.27 23.36 46.01
CA THR U 41 17.39 22.58 45.45
C THR U 41 18.10 23.36 44.37
N LEU U 42 17.35 23.97 43.48
CA LEU U 42 17.94 24.71 42.39
C LEU U 42 18.74 25.86 42.91
N HIS U 43 18.23 26.58 43.90
CA HIS U 43 18.95 27.75 44.37
C HIS U 43 20.30 27.37 44.91
N ASP U 44 20.38 26.30 45.69
CA ASP U 44 21.66 25.84 46.20
C ASP U 44 22.59 25.29 45.14
N TRP U 45 22.05 24.57 44.17
CA TRP U 45 22.83 24.05 43.07
C TRP U 45 23.41 25.14 42.19
N LEU U 46 22.61 26.10 41.80
CA LEU U 46 23.07 27.17 40.99
C LEU U 46 24.05 27.95 41.75
N ASP U 47 23.86 28.18 43.04
CA ASP U 47 24.82 29.01 43.75
C ASP U 47 26.12 28.36 43.87
N GLY U 48 26.12 27.05 43.92
CA GLY U 48 27.36 26.34 43.96
C GLY U 48 28.03 26.71 42.65
N LYS U 49 27.34 26.48 41.55
CA LYS U 49 27.89 26.72 40.30
C LYS U 49 28.30 28.10 40.08
N ARG U 50 27.58 29.07 40.56
CA ARG U 50 28.03 30.41 40.37
C ARG U 50 29.33 30.78 40.93
N LYS U 51 29.73 30.22 42.03
CA LYS U 51 30.95 30.66 42.70
C LYS U 51 32.12 29.90 42.18
N ALA U 52 31.87 28.85 41.43
CA ALA U 52 32.90 28.01 40.90
C ALA U 52 33.06 28.44 39.49
N ARG U 53 32.23 29.36 39.04
CA ARG U 53 32.17 29.80 37.67
C ARG U 53 32.04 28.68 36.69
N LYS U 54 31.15 27.73 36.86
CA LYS U 54 31.01 26.69 35.86
C LYS U 54 29.69 26.77 35.13
N SER U 55 29.58 26.46 33.83
CA SER U 55 28.36 26.46 33.04
C SER U 55 27.66 25.12 33.23
N CYS U 56 26.36 25.11 33.01
CA CYS U 56 25.53 23.93 33.22
C CYS U 56 24.19 24.13 32.58
N ARG U 57 23.33 23.14 32.60
CA ARG U 57 22.00 23.34 32.07
C ARG U 57 20.92 22.79 32.97
N VAL U 58 19.70 23.30 32.83
CA VAL U 58 18.58 22.80 33.62
C VAL U 58 17.49 22.33 32.70
N VAL U 59 17.00 21.11 32.88
CA VAL U 59 15.98 20.57 31.99
C VAL U 59 14.82 20.09 32.82
N GLY U 60 13.67 19.94 32.19
CA GLY U 60 12.53 19.32 32.81
C GLY U 60 11.29 19.55 31.98
N GLU U 61 10.18 18.93 32.38
CA GLU U 61 8.95 18.95 31.60
C GLU U 61 8.29 20.33 31.62
N SER U 62 7.44 20.59 30.64
CA SER U 62 6.97 21.96 30.43
C SER U 62 6.15 22.68 31.48
N ARG U 63 5.59 21.99 32.46
CA ARG U 63 4.89 22.69 33.53
C ARG U 63 5.39 22.46 34.94
N THR U 64 6.66 22.15 35.11
CA THR U 64 7.23 21.95 36.43
C THR U 64 7.62 23.20 37.19
N GLY U 65 7.67 24.36 36.54
CA GLY U 65 7.89 25.60 37.27
C GLY U 65 9.34 26.00 37.28
N LYS U 66 9.99 25.79 36.14
CA LYS U 66 11.39 26.13 35.90
C LYS U 66 11.64 27.61 35.83
N THR U 67 10.88 28.33 35.02
CA THR U 67 11.05 29.78 34.89
C THR U 67 10.89 30.51 36.21
N VAL U 68 9.85 30.21 36.94
CA VAL U 68 9.61 30.73 38.28
C VAL U 68 10.69 30.42 39.30
N ALA U 69 11.21 29.20 39.33
CA ALA U 69 12.34 28.89 40.21
C ALA U 69 13.57 29.77 39.99
N CYS U 70 13.81 30.10 38.74
CA CYS U 70 14.89 30.98 38.22
C CYS U 70 14.65 32.44 38.63
N ASP U 71 13.41 32.92 38.49
CA ASP U 71 13.04 34.29 38.95
C ASP U 71 13.23 34.39 40.47
N ALA U 72 12.84 33.36 41.19
CA ALA U 72 12.92 33.38 42.61
C ALA U 72 14.36 33.57 42.94
N TYR U 73 15.25 32.92 42.19
CA TYR U 73 16.66 33.12 42.42
C TYR U 73 17.15 34.51 42.04
N ARG U 74 16.79 34.99 40.87
CA ARG U 74 17.25 36.29 40.44
C ARG U 74 16.94 37.34 41.49
N TYR U 75 15.73 37.28 42.03
CA TYR U 75 15.25 38.26 42.98
C TYR U 75 15.93 38.24 44.33
N ARG U 76 16.73 37.24 44.61
CA ARG U 76 17.39 37.24 45.88
C ARG U 76 18.75 37.93 45.75
N HIS U 77 19.11 38.35 44.54
CA HIS U 77 20.41 38.97 44.29
C HIS U 77 20.28 40.28 43.53
N LYS U 78 19.86 41.33 44.22
CA LYS U 78 19.53 42.56 43.53
C LYS U 78 20.77 43.30 43.09
N PRO U 79 20.65 44.07 42.01
CA PRO U 79 21.72 44.92 41.51
C PRO U 79 22.22 45.80 42.62
N GLN U 80 23.50 46.08 42.74
CA GLN U 80 23.91 47.03 43.78
C GLN U 80 24.43 48.36 43.28
N GLN U 81 24.24 49.42 44.04
CA GLN U 81 24.60 50.75 43.55
C GLN U 81 25.29 51.69 44.49
N GLU U 82 26.39 52.24 44.00
CA GLU U 82 27.24 53.19 44.72
C GLU U 82 26.97 54.59 44.20
N ALA U 83 27.63 55.59 44.73
CA ALA U 83 27.40 56.93 44.22
C ALA U 83 27.84 57.18 42.76
N GLY U 84 28.87 56.51 42.28
CA GLY U 84 29.33 56.83 40.96
C GLY U 84 29.13 55.83 39.83
N ARG U 85 29.84 54.72 39.90
CA ARG U 85 29.87 53.71 38.86
C ARG U 85 28.58 52.95 38.64
N PRO U 86 28.43 52.33 37.49
CA PRO U 86 27.31 51.49 37.04
C PRO U 86 26.95 50.45 38.09
N PRO U 87 25.72 49.95 38.08
CA PRO U 87 25.16 48.95 38.94
C PRO U 87 25.99 47.75 38.91
N THR U 88 26.17 47.04 40.01
CA THR U 88 26.86 45.79 39.96
C THR U 88 25.74 44.82 39.80
N VAL U 89 25.82 43.89 38.86
CA VAL U 89 24.70 43.00 38.58
C VAL U 89 25.12 41.55 38.52
N PRO U 90 25.20 40.90 39.67
CA PRO U 90 25.61 39.51 39.76
C PRO U 90 24.88 38.55 38.84
N VAL U 91 23.56 38.66 38.65
CA VAL U 91 22.85 37.72 37.79
C VAL U 91 22.08 38.38 36.65
N VAL U 92 22.30 37.95 35.42
CA VAL U 92 21.54 38.46 34.28
C VAL U 92 20.60 37.41 33.72
N TYR U 93 19.33 37.73 33.55
CA TYR U 93 18.36 36.76 33.06
C TYR U 93 17.72 37.25 31.80
N ILE U 94 17.80 36.48 30.71
CA ILE U 94 17.19 36.89 29.45
C ILE U 94 16.33 35.79 28.83
N ARG U 95 15.41 36.13 27.93
CA ARG U 95 14.72 35.10 27.17
C ARG U 95 14.78 35.51 25.71
N PRO U 96 15.37 34.66 24.85
CA PRO U 96 15.47 34.95 23.42
C PRO U 96 14.16 34.80 22.67
N HIS U 97 14.01 35.51 21.55
CA HIS U 97 12.86 35.36 20.62
C HIS U 97 13.10 34.14 19.73
N GLN U 98 12.14 33.82 18.86
CA GLN U 98 12.27 32.62 17.99
C GLN U 98 13.34 32.83 16.93
N LYS U 99 14.12 31.77 16.65
CA LYS U 99 15.23 31.84 15.67
C LYS U 99 16.08 33.07 15.99
N CYS U 100 16.55 33.15 17.24
CA CYS U 100 17.35 34.28 17.75
C CYS U 100 18.74 34.31 17.10
N GLY U 101 19.22 35.43 16.61
CA GLY U 101 20.53 35.40 15.98
C GLY U 101 21.52 36.09 16.84
N PRO U 102 22.76 36.19 16.39
CA PRO U 102 23.86 36.83 17.08
C PRO U 102 23.65 38.27 17.25
N LYS U 103 22.86 38.95 16.46
CA LYS U 103 22.72 40.37 16.69
C LYS U 103 21.78 40.65 17.79
N ASP U 104 20.92 39.68 18.08
CA ASP U 104 19.78 39.82 18.99
C ASP U 104 20.03 39.65 20.43
N LEU U 105 20.92 38.74 20.71
CA LEU U 105 21.54 38.51 21.99
C LEU U 105 22.36 39.59 22.56
N PHE U 106 23.13 40.30 21.79
CA PHE U 106 23.91 41.37 22.33
C PHE U 106 22.99 42.50 22.71
N LYS U 107 21.93 42.73 21.94
CA LYS U 107 21.04 43.79 22.23
C LYS U 107 20.41 43.48 23.57
N LYS U 108 19.91 42.25 23.81
CA LYS U 108 19.18 42.01 25.08
C LYS U 108 20.13 42.11 26.27
N ILE U 109 21.37 41.64 26.14
CA ILE U 109 22.33 41.71 27.29
C ILE U 109 22.58 43.17 27.67
N THR U 110 22.77 44.01 26.64
CA THR U 110 23.05 45.46 26.78
C THR U 110 21.85 46.18 27.40
N GLU U 111 20.62 45.85 26.98
CA GLU U 111 19.40 46.50 27.53
C GLU U 111 19.22 46.08 29.01
N TYR U 112 19.44 44.81 29.23
CA TYR U 112 19.24 44.31 30.54
C TYR U 112 20.09 45.11 31.47
N LEU U 113 21.33 45.38 31.13
CA LEU U 113 22.16 46.13 32.06
C LEU U 113 21.98 47.61 32.08
N LYS U 114 20.94 48.06 31.39
CA LYS U 114 20.53 49.45 31.25
C LYS U 114 21.42 50.39 30.51
N TYR U 115 21.99 49.94 29.40
CA TYR U 115 22.76 50.81 28.54
C TYR U 115 21.95 51.03 27.28
N ARG U 116 22.10 52.18 26.63
CA ARG U 116 21.46 52.34 25.34
C ARG U 116 22.15 51.63 24.20
N VAL U 117 21.36 50.94 23.39
CA VAL U 117 21.88 50.31 22.21
C VAL U 117 21.83 51.19 20.97
N THR U 118 22.98 51.46 20.36
CA THR U 118 23.00 52.34 19.19
C THR U 118 23.19 51.52 17.92
N LYS U 119 22.99 52.14 16.76
CA LYS U 119 23.19 51.46 15.49
C LYS U 119 24.64 51.14 15.12
N GLY U 120 24.87 49.92 14.60
CA GLY U 120 26.16 49.45 14.13
C GLY U 120 26.00 48.07 13.51
N THR U 121 27.09 47.31 13.34
CA THR U 121 26.98 45.94 12.82
C THR U 121 27.27 44.92 13.93
N VAL U 122 27.31 43.60 13.64
CA VAL U 122 27.50 42.59 14.68
C VAL U 122 28.73 42.73 15.46
N SER U 123 29.83 43.05 14.83
CA SER U 123 31.02 43.23 15.59
C SER U 123 30.91 44.41 16.47
N ASP U 124 30.04 45.35 16.18
CA ASP U 124 29.97 46.45 17.11
C ASP U 124 29.12 46.10 18.27
N PHE U 125 28.06 45.31 18.09
CA PHE U 125 27.32 44.98 19.29
C PHE U 125 28.18 44.11 20.21
N ARG U 126 28.95 43.20 19.61
CA ARG U 126 29.84 42.33 20.38
C ARG U 126 30.89 43.05 21.15
N ASP U 127 31.57 44.01 20.56
CA ASP U 127 32.62 44.69 21.27
C ASP U 127 32.02 45.43 22.44
N ARG U 128 30.85 46.03 22.25
CA ARG U 128 30.10 46.75 23.29
C ARG U 128 29.55 45.89 24.39
N THR U 129 29.06 44.71 24.04
CA THR U 129 28.61 43.74 25.04
C THR U 129 29.71 43.33 25.94
N ILE U 130 30.90 43.01 25.47
CA ILE U 130 31.97 42.69 26.33
C ILE U 130 32.36 43.92 27.17
N GLU U 131 32.44 45.15 26.66
CA GLU U 131 32.65 46.27 27.57
C GLU U 131 31.58 46.43 28.67
N VAL U 132 30.28 46.18 28.44
CA VAL U 132 29.38 46.43 29.58
C VAL U 132 29.41 45.25 30.55
N LEU U 133 29.70 44.04 30.05
CA LEU U 133 29.81 42.85 30.89
C LEU U 133 31.00 42.98 31.84
N LYS U 134 32.07 43.65 31.37
CA LYS U 134 33.22 43.98 32.22
C LYS U 134 32.90 45.26 33.01
N GLY U 135 33.55 45.38 34.16
CA GLY U 135 33.43 46.56 35.00
C GLY U 135 32.20 46.34 35.85
N CYS U 136 31.07 46.21 35.17
CA CYS U 136 29.84 45.87 35.83
C CYS U 136 29.99 44.42 36.27
N GLY U 137 30.00 44.11 37.55
CA GLY U 137 30.31 42.75 37.93
C GLY U 137 29.13 41.97 37.40
N VAL U 138 29.40 40.95 36.60
CA VAL U 138 28.38 39.98 36.22
C VAL U 138 29.08 38.66 36.47
N GLU U 139 28.39 37.81 37.22
CA GLU U 139 28.88 36.49 37.57
C GLU U 139 28.13 35.37 36.87
N MET U 140 26.82 35.51 36.67
CA MET U 140 26.07 34.47 36.00
C MET U 140 25.07 34.98 34.96
N LEU U 141 24.97 34.28 33.83
CA LEU U 141 24.00 34.60 32.78
C LEU U 141 23.01 33.43 32.69
N ILE U 142 21.71 33.67 32.81
CA ILE U 142 20.74 32.60 32.64
C ILE U 142 19.93 32.74 31.38
N ILE U 143 19.94 31.76 30.50
CA ILE U 143 19.20 31.88 29.27
C ILE U 143 17.99 30.98 29.29
N ASP U 144 16.81 31.55 29.32
CA ASP U 144 15.57 30.78 29.32
C ASP U 144 15.25 30.35 27.93
N GLU U 145 14.38 29.33 27.80
CA GLU U 145 14.05 28.76 26.50
C GLU U 145 15.27 28.64 25.63
N ALA U 146 16.31 27.96 26.09
CA ALA U 146 17.59 27.98 25.40
C ALA U 146 17.51 27.53 23.97
N ASP U 147 16.60 26.62 23.67
CA ASP U 147 16.47 26.11 22.31
C ASP U 147 15.85 27.06 21.27
N ARG U 148 15.60 28.32 21.59
CA ARG U 148 15.25 29.21 20.56
C ARG U 148 16.43 29.75 19.80
N LEU U 149 17.64 29.47 20.28
CA LEU U 149 18.85 30.03 19.69
C LEU U 149 19.14 29.33 18.39
N LYS U 150 19.62 30.09 17.41
CA LYS U 150 20.14 29.56 16.19
C LYS U 150 21.44 28.95 16.54
N PRO U 151 21.81 27.81 15.92
CA PRO U 151 23.13 27.23 16.10
C PRO U 151 24.30 28.14 15.94
N GLU U 152 24.29 29.13 15.09
CA GLU U 152 25.45 29.97 15.01
C GLU U 152 25.67 30.80 16.24
N THR U 153 24.70 30.94 17.12
CA THR U 153 24.90 31.84 18.25
C THR U 153 25.71 31.21 19.29
N PHE U 154 25.79 29.89 19.23
CA PHE U 154 26.43 29.16 20.29
C PHE U 154 27.91 29.46 20.28
N ALA U 155 28.44 29.85 19.14
CA ALA U 155 29.83 30.24 19.09
C ALA U 155 30.06 31.44 19.99
N ASP U 156 29.11 32.36 20.00
CA ASP U 156 29.26 33.59 20.78
C ASP U 156 28.99 33.36 22.25
N VAL U 157 28.05 32.48 22.57
CA VAL U 157 27.82 32.07 23.95
C VAL U 157 29.01 31.35 24.58
N ARG U 158 29.64 30.43 23.88
CA ARG U 158 30.79 29.71 24.42
C ARG U 158 31.95 30.64 24.65
N ASP U 159 32.19 31.53 23.71
CA ASP U 159 33.30 32.46 23.76
C ASP U 159 33.23 33.35 24.98
N ILE U 160 32.05 33.84 25.29
CA ILE U 160 31.80 34.63 26.50
C ILE U 160 32.06 33.80 27.74
N ALA U 161 31.55 32.58 27.78
CA ALA U 161 31.70 31.73 28.91
C ALA U 161 33.16 31.49 29.09
N GLU U 162 33.94 31.39 28.03
CA GLU U 162 35.38 31.07 28.24
C GLU U 162 36.19 32.33 28.56
N ASP U 163 35.88 33.44 27.88
CA ASP U 163 36.68 34.69 27.91
C ASP U 163 36.47 35.45 29.22
N LEU U 164 35.23 35.47 29.72
CA LEU U 164 34.87 36.21 30.95
C LEU U 164 34.53 35.23 32.07
N GLY U 165 34.76 35.56 33.32
CA GLY U 165 34.46 34.62 34.38
C GLY U 165 32.97 34.63 34.62
N ILE U 166 32.22 34.18 33.64
CA ILE U 166 30.78 34.17 33.71
C ILE U 166 30.26 32.76 33.56
N ALA U 167 29.41 32.32 34.46
CA ALA U 167 28.79 31.01 34.34
C ALA U 167 27.60 31.22 33.45
N VAL U 168 27.36 30.32 32.51
CA VAL U 168 26.21 30.42 31.66
C VAL U 168 25.34 29.23 31.93
N VAL U 169 24.07 29.46 32.20
CA VAL U 169 23.11 28.39 32.47
C VAL U 169 22.08 28.32 31.37
N LEU U 170 21.89 27.17 30.76
CA LEU U 170 20.86 26.99 29.74
C LEU U 170 19.65 26.29 30.32
N VAL U 171 18.47 26.91 30.23
CA VAL U 171 17.26 26.34 30.81
C VAL U 171 16.34 25.86 29.72
N GLY U 172 15.80 24.66 29.81
CA GLY U 172 14.82 24.25 28.79
C GLY U 172 14.11 22.89 28.93
N THR U 173 13.39 22.46 27.90
CA THR U 173 12.71 21.17 27.81
C THR U 173 13.59 20.08 27.16
N ASP U 174 13.07 18.86 27.02
CA ASP U 174 13.82 17.72 26.47
C ASP U 174 14.26 17.91 25.02
N ARG U 175 13.61 18.77 24.30
CA ARG U 175 14.10 19.08 23.02
C ARG U 175 15.43 19.74 23.11
N LEU U 176 15.75 20.40 24.21
CA LEU U 176 17.02 21.14 24.27
C LEU U 176 18.11 20.17 24.11
N ASP U 177 18.05 19.05 24.80
CA ASP U 177 19.10 18.09 24.64
C ASP U 177 19.18 17.51 23.27
N ALA U 178 18.08 17.32 22.60
CA ALA U 178 18.18 16.92 21.24
C ALA U 178 18.93 17.97 20.44
N VAL U 179 18.77 19.25 20.70
CA VAL U 179 19.54 20.20 19.93
C VAL U 179 20.98 20.22 20.36
N ILE U 180 21.23 20.25 21.65
CA ILE U 180 22.60 20.33 22.13
C ILE U 180 23.48 19.20 21.68
N LYS U 181 22.98 17.97 21.65
CA LYS U 181 23.80 16.84 21.24
C LYS U 181 24.16 16.81 19.78
N ARG U 182 23.72 17.81 19.05
CA ARG U 182 24.09 17.92 17.66
C ARG U 182 25.49 18.46 17.52
N ASP U 183 26.05 19.05 18.58
CA ASP U 183 27.37 19.66 18.44
C ASP U 183 28.28 19.32 19.56
N GLU U 184 29.34 18.61 19.28
CA GLU U 184 30.22 18.21 20.34
C GLU U 184 30.76 19.32 21.14
N GLN U 185 31.09 20.45 20.59
CA GLN U 185 31.74 21.46 21.39
C GLN U 185 30.86 22.00 22.42
N VAL U 186 29.61 22.21 22.13
CA VAL U 186 28.63 22.69 23.09
C VAL U 186 28.22 21.67 24.06
N LEU U 187 28.02 20.45 23.65
CA LEU U 187 27.62 19.44 24.58
C LEU U 187 28.56 19.35 25.70
N GLU U 188 29.85 19.44 25.47
CA GLU U 188 30.90 19.49 26.46
C GLU U 188 31.02 20.68 27.33
N ARG U 189 30.71 21.88 26.87
CA ARG U 189 30.78 23.00 27.81
C ARG U 189 29.68 22.78 28.83
N PHE U 190 28.52 22.30 28.38
CA PHE U 190 27.32 22.27 29.21
C PHE U 190 26.92 20.87 29.66
N ARG U 191 27.90 20.03 29.92
CA ARG U 191 27.66 18.67 30.36
C ARG U 191 26.89 18.42 31.66
N ALA U 192 27.19 19.15 32.73
CA ALA U 192 26.46 19.01 33.99
C ALA U 192 25.06 19.52 33.94
N HIS U 193 24.13 18.87 34.62
CA HIS U 193 22.73 19.25 34.48
C HIS U 193 21.95 18.98 35.73
N LEU U 194 20.84 19.68 35.92
CA LEU U 194 19.89 19.34 36.97
C LEU U 194 18.54 19.15 36.30
N ARG U 195 17.74 18.21 36.78
CA ARG U 195 16.42 17.96 36.20
C ARG U 195 15.24 18.15 37.12
N PHE U 196 14.20 18.83 36.61
CA PHE U 196 12.93 19.00 37.31
C PHE U 196 11.95 17.95 36.84
N GLY U 197 11.13 17.44 37.73
CA GLY U 197 10.10 16.51 37.32
C GLY U 197 8.76 16.70 37.99
N LYS U 198 7.89 15.70 37.85
CA LYS U 198 6.55 15.76 38.39
C LYS U 198 6.53 15.48 39.88
N LEU U 199 5.47 15.92 40.55
CA LEU U 199 5.17 15.56 41.94
C LEU U 199 4.43 14.25 42.07
N SER U 200 4.68 13.53 43.16
CA SER U 200 3.97 12.29 43.40
C SER U 200 3.88 11.91 44.85
N GLY U 201 3.05 10.92 45.15
CA GLY U 201 2.99 10.35 46.47
C GLY U 201 2.80 11.33 47.58
N GLU U 202 3.65 11.27 48.59
CA GLU U 202 3.60 12.21 49.70
C GLU U 202 3.88 13.64 49.33
N ASP U 203 4.69 13.85 48.32
CA ASP U 203 5.06 15.18 47.93
C ASP U 203 3.96 15.95 47.27
N PHE U 204 3.23 15.30 46.40
CA PHE U 204 2.07 15.89 45.84
C PHE U 204 1.00 16.16 46.89
N LYS U 205 0.65 15.18 47.71
CA LYS U 205 -0.26 15.44 48.82
C LYS U 205 0.05 16.53 49.83
N ASN U 206 1.28 16.64 50.26
CA ASN U 206 1.74 17.72 51.19
C ASN U 206 1.66 19.07 50.48
N THR U 207 1.92 19.09 49.17
CA THR U 207 1.88 20.35 48.37
C THR U 207 0.45 20.92 48.34
N VAL U 208 -0.47 19.99 48.16
CA VAL U 208 -1.85 20.28 48.02
C VAL U 208 -2.18 20.93 49.32
N GLU U 209 -1.80 20.30 50.42
CA GLU U 209 -2.08 20.88 51.71
C GLU U 209 -1.40 22.22 51.85
N MET U 210 -0.16 22.38 51.39
CA MET U 210 0.47 23.68 51.52
C MET U 210 -0.39 24.69 50.83
N TRP U 211 -0.91 24.38 49.65
CA TRP U 211 -1.55 25.35 48.80
C TRP U 211 -2.81 25.80 49.36
N GLU U 212 -3.45 24.93 50.10
CA GLU U 212 -4.67 25.29 50.73
C GLU U 212 -4.47 26.26 51.89
N GLN U 213 -3.50 25.97 52.75
CA GLN U 213 -3.27 26.81 53.92
C GLN U 213 -2.46 28.02 53.57
N MET U 214 -1.50 27.85 52.68
CA MET U 214 -0.60 28.95 52.36
C MET U 214 -1.07 29.88 51.23
N VAL U 215 -1.87 29.38 50.29
CA VAL U 215 -2.35 30.23 49.19
C VAL U 215 -3.85 30.55 49.13
N LEU U 216 -4.71 29.54 49.21
CA LEU U 216 -6.15 29.78 49.08
C LEU U 216 -6.81 30.52 50.24
N LYS U 217 -6.54 30.06 51.46
CA LYS U 217 -7.03 30.70 52.68
C LYS U 217 -8.51 31.05 52.77
N LEU U 218 -9.39 30.11 52.46
CA LEU U 218 -10.82 30.39 52.47
C LEU U 218 -11.31 30.39 53.91
N PRO U 219 -12.43 31.06 54.19
CA PRO U 219 -12.92 31.24 55.57
C PRO U 219 -13.05 29.94 56.35
N VAL U 220 -13.46 28.89 55.67
CA VAL U 220 -13.63 27.57 56.28
C VAL U 220 -12.56 26.53 55.94
N SER U 221 -12.23 26.47 54.65
CA SER U 221 -11.23 25.64 53.92
C SER U 221 -11.88 24.30 53.57
N SER U 222 -11.19 23.48 52.78
CA SER U 222 -11.84 22.31 52.21
C SER U 222 -11.33 20.95 52.68
N ASN U 223 -10.18 20.94 53.35
CA ASN U 223 -9.49 19.71 53.72
C ASN U 223 -9.10 18.86 52.51
N LEU U 224 -8.35 19.44 51.57
CA LEU U 224 -8.01 18.73 50.35
C LEU U 224 -7.04 17.55 50.44
N LYS U 225 -6.60 17.17 51.63
CA LYS U 225 -5.73 16.01 51.72
C LYS U 225 -6.50 14.76 52.03
N SER U 226 -7.81 14.87 52.03
CA SER U 226 -8.67 13.71 52.20
C SER U 226 -8.64 12.84 51.00
N LYS U 227 -8.94 11.56 51.15
CA LYS U 227 -8.81 10.65 50.03
C LYS U 227 -9.68 11.03 48.85
N GLU U 228 -10.89 11.47 49.12
CA GLU U 228 -11.84 11.79 48.07
C GLU U 228 -11.46 12.96 47.18
N MET U 229 -10.83 13.96 47.76
CA MET U 229 -10.42 15.14 47.02
C MET U 229 -9.09 14.93 46.34
N LEU U 230 -8.20 14.19 46.95
CA LEU U 230 -6.95 13.98 46.29
C LEU U 230 -7.15 13.18 45.05
N ARG U 231 -8.06 12.22 45.04
CA ARG U 231 -8.30 11.51 43.80
C ARG U 231 -8.72 12.43 42.70
N ILE U 232 -9.53 13.42 42.99
CA ILE U 232 -9.98 14.30 41.95
C ILE U 232 -8.83 15.09 41.42
N LEU U 233 -8.04 15.70 42.30
CA LEU U 233 -6.88 16.48 41.93
C LEU U 233 -5.78 15.70 41.27
N THR U 234 -5.54 14.48 41.72
CA THR U 234 -4.50 13.69 41.10
C THR U 234 -4.83 13.40 39.68
N SER U 235 -6.05 12.99 39.41
CA SER U 235 -6.42 12.68 38.05
C SER U 235 -6.43 13.94 37.21
N ALA U 236 -6.90 15.04 37.77
CA ALA U 236 -6.90 16.30 37.05
C ALA U 236 -5.54 16.92 36.77
N THR U 237 -4.59 16.78 37.67
CA THR U 237 -3.31 17.49 37.55
C THR U 237 -2.06 16.71 37.15
N GLU U 238 -2.09 15.40 37.35
CA GLU U 238 -1.01 14.46 37.02
C GLU U 238 0.37 14.89 37.53
N GLY U 239 0.40 15.56 38.68
CA GLY U 239 1.62 16.02 39.29
C GLY U 239 2.31 17.28 38.80
N TYR U 240 1.71 18.03 37.90
CA TYR U 240 2.41 19.20 37.41
C TYR U 240 2.01 20.30 38.34
N ILE U 241 2.96 21.10 38.80
CA ILE U 241 2.62 22.19 39.69
C ILE U 241 1.82 23.22 38.97
N GLY U 242 2.06 23.43 37.72
CA GLY U 242 1.29 24.36 36.86
C GLY U 242 -0.17 23.99 36.75
N ARG U 243 -0.48 22.73 36.70
CA ARG U 243 -1.86 22.38 36.66
C ARG U 243 -2.49 22.49 37.98
N LEU U 244 -1.81 22.09 39.04
CA LEU U 244 -2.42 22.20 40.35
C LEU U 244 -2.74 23.59 40.69
N ASP U 245 -1.89 24.54 40.45
CA ASP U 245 -2.21 25.89 40.77
C ASP U 245 -3.38 26.39 40.02
N GLU U 246 -3.46 26.22 38.72
CA GLU U 246 -4.57 26.78 37.98
C GLU U 246 -5.86 26.23 38.42
N ILE U 247 -5.92 24.93 38.58
CA ILE U 247 -7.14 24.32 38.99
C ILE U 247 -7.59 24.71 40.35
N LEU U 248 -6.77 24.79 41.37
CA LEU U 248 -7.30 25.22 42.66
C LEU U 248 -7.71 26.65 42.66
N ARG U 249 -7.01 27.52 41.97
CA ARG U 249 -7.46 28.88 41.94
C ARG U 249 -8.75 29.07 41.16
N GLU U 250 -8.95 28.36 40.07
CA GLU U 250 -10.18 28.52 39.28
C GLU U 250 -11.32 28.03 40.18
N ALA U 251 -11.16 26.91 40.88
CA ALA U 251 -12.14 26.47 41.86
C ALA U 251 -12.36 27.37 43.06
N ALA U 252 -11.36 27.99 43.66
CA ALA U 252 -11.70 28.93 44.74
C ALA U 252 -12.46 30.16 44.26
N ILE U 253 -12.14 30.77 43.14
CA ILE U 253 -12.85 31.99 42.78
C ILE U 253 -14.25 31.65 42.29
N ARG U 254 -14.44 30.48 41.68
CA ARG U 254 -15.79 30.11 41.21
C ARG U 254 -16.64 29.95 42.40
N SER U 255 -16.08 29.26 43.35
CA SER U 255 -16.76 28.95 44.64
C SER U 255 -17.13 30.23 45.40
N LEU U 256 -16.21 31.16 45.52
CA LEU U 256 -16.61 32.40 46.17
C LEU U 256 -17.65 33.20 45.46
N SER U 257 -17.64 33.14 44.16
CA SER U 257 -18.58 33.99 43.44
C SER U 257 -20.01 33.54 43.74
N ARG U 258 -20.12 32.29 44.20
CA ARG U 258 -21.39 31.63 44.51
C ARG U 258 -21.71 31.62 45.99
N GLY U 259 -20.94 32.37 46.77
CA GLY U 259 -21.24 32.54 48.17
C GLY U 259 -20.79 31.41 49.09
N LEU U 260 -19.84 30.61 48.64
CA LEU U 260 -19.36 29.49 49.46
C LEU U 260 -18.15 29.93 50.26
N LYS U 261 -17.91 29.25 51.37
CA LYS U 261 -16.69 29.43 52.15
C LYS U 261 -15.65 28.33 52.01
N LYS U 262 -15.89 27.39 51.11
CA LYS U 262 -14.92 26.33 50.84
C LYS U 262 -15.13 25.71 49.45
N ILE U 263 -14.12 25.00 48.96
CA ILE U 263 -14.27 24.20 47.74
C ILE U 263 -14.85 22.82 48.05
N ASP U 264 -15.97 22.49 47.42
CA ASP U 264 -16.55 21.16 47.52
C ASP U 264 -16.20 20.31 46.32
N LYS U 265 -16.60 19.04 46.36
CA LYS U 265 -16.53 18.14 45.22
C LYS U 265 -17.24 18.48 43.92
N ALA U 266 -18.49 18.90 43.94
CA ALA U 266 -19.10 19.24 42.67
C ALA U 266 -18.45 20.42 41.95
N VAL U 267 -18.04 21.46 42.67
CA VAL U 267 -17.43 22.62 41.97
C VAL U 267 -16.06 22.21 41.42
N LEU U 268 -15.30 21.46 42.22
CA LEU U 268 -13.92 21.05 41.83
C LEU U 268 -14.02 20.17 40.58
N GLN U 269 -14.96 19.22 40.56
CA GLN U 269 -15.17 18.33 39.39
C GLN U 269 -15.69 19.17 38.21
N GLU U 270 -16.57 20.12 38.49
CA GLU U 270 -17.12 21.04 37.46
C GLU U 270 -15.96 21.74 36.75
N VAL U 271 -14.97 22.23 37.50
CA VAL U 271 -13.77 22.90 36.90
C VAL U 271 -12.89 21.84 36.20
N ALA U 272 -12.60 20.73 36.88
CA ALA U 272 -11.65 19.74 36.35
C ALA U 272 -12.12 19.24 34.98
N LYS U 273 -13.44 19.08 34.82
CA LYS U 273 -14.03 18.51 33.57
C LYS U 273 -13.85 19.49 32.39
N GLU U 274 -13.48 20.73 32.68
CA GLU U 274 -13.30 21.76 31.61
C GLU U 274 -11.87 21.68 31.06
N TYR U 275 -11.04 20.79 31.61
CA TYR U 275 -9.64 20.64 31.16
C TYR U 275 -9.41 19.20 30.66
N ILE V 1 4.88 28.91 56.60
CA ILE V 1 5.91 29.16 55.62
C ILE V 1 5.52 30.44 54.89
N GLU V 2 6.47 31.32 54.70
CA GLU V 2 6.21 32.58 54.03
C GLU V 2 6.04 32.33 52.55
N VAL V 3 5.11 33.05 51.93
CA VAL V 3 4.96 32.98 50.49
C VAL V 3 5.19 34.37 49.90
N TRP V 4 5.90 34.45 48.79
CA TRP V 4 6.16 35.77 48.21
C TRP V 4 5.18 36.17 47.17
N ASP V 5 4.68 37.38 47.27
CA ASP V 5 3.79 37.86 46.26
C ASP V 5 4.67 38.12 45.05
N TYR V 6 4.27 37.64 43.88
CA TYR V 6 5.09 37.81 42.70
C TYR V 6 5.23 39.27 42.33
N GLU V 7 4.17 40.03 42.39
CA GLU V 7 4.23 41.40 41.93
C GLU V 7 5.10 42.20 42.88
N GLN V 8 5.02 41.87 44.17
CA GLN V 8 5.91 42.47 45.13
C GLN V 8 7.40 42.31 44.83
N LEU V 9 7.80 41.10 44.47
CA LEU V 9 9.23 40.86 44.25
C LEU V 9 9.66 41.76 43.10
N ARG V 10 8.79 41.87 42.10
CA ARG V 10 8.97 42.76 40.95
C ARG V 10 8.98 44.27 41.22
N GLU V 11 8.03 44.75 42.00
CA GLU V 11 7.99 46.16 42.43
C GLU V 11 9.17 46.58 43.27
N GLU V 12 9.70 45.65 44.06
CA GLU V 12 10.89 45.91 44.83
C GLU V 12 12.20 45.71 44.04
N TYR V 13 12.12 45.41 42.74
CA TYR V 13 13.35 45.19 41.99
C TYR V 13 14.26 46.36 41.65
N GLY V 14 15.56 46.07 41.60
CA GLY V 14 16.59 47.05 41.36
C GLY V 14 16.39 47.63 39.97
#